data_9MK5
#
_entry.id   9MK5
#
_cell.length_a   97.435
_cell.length_b   127.304
_cell.length_c   119.091
_cell.angle_alpha   90.00
_cell.angle_beta   90.26
_cell.angle_gamma   90.00
#
_symmetry.space_group_name_H-M   'P 1 21 1'
#
loop_
_entity.id
_entity.type
_entity.pdbx_description
1 polymer 'ATP-dependent Clp protease proteolytic subunit'
2 non-polymer N-{(3S)-3-[(3S)-3-aminooctanamido]octanoyl}glycine
3 water water
#
_entity_poly.entity_id   1
_entity_poly.type   'polypeptide(L)'
_entity_poly.pdbx_seq_one_letter_code
;HHHHHHENLYFQSNMSFDNYLVPTVIEQSGRGERAFDIYSRLLKERIVFLVGPVTDESANLVVAQLLFLESENPDKDIFF
YINSPGGSVTAGMSIYDTMNFIKPDVSTLCLGQAASMGAFLLSAGEKGKRFALPNSRIMIHQPLISGGLGGQASDIEIHA
RELLKIKEKLNRLMAKHCDRDLADLERDTDRDNFMSAEEAKEYGLIDQILENRASLRL
;
_entity_poly.pdbx_strand_id   A,B,C,D,E,F,G,H,I,J,K,L,M,N
#
loop_
_chem_comp.id
_chem_comp.type
_chem_comp.name
_chem_comp.formula
A1BMH non-polymer N-{(3S)-3-[(3S)-3-aminooctanamido]octanoyl}glycine 'C18 H35 N3 O4'
#
# COMPACT_ATOMS: atom_id res chain seq x y z
N LEU A 21 -13.74 -18.95 -17.67
CA LEU A 21 -14.38 -19.28 -18.93
C LEU A 21 -14.08 -20.74 -19.32
N VAL A 22 -15.07 -21.61 -19.20
CA VAL A 22 -14.90 -23.04 -19.44
C VAL A 22 -15.90 -23.49 -20.49
N PRO A 23 -15.46 -24.10 -21.59
CA PRO A 23 -16.43 -24.55 -22.61
C PRO A 23 -17.40 -25.57 -22.03
N THR A 24 -18.52 -25.74 -22.73
CA THR A 24 -19.61 -26.59 -22.29
C THR A 24 -20.16 -27.38 -23.46
N VAL A 25 -20.19 -28.71 -23.32
CA VAL A 25 -20.76 -29.59 -24.34
C VAL A 25 -22.14 -30.12 -23.91
N PHE A 36 -23.44 -29.20 -19.19
CA PHE A 36 -22.26 -30.05 -19.15
C PHE A 36 -21.00 -29.32 -19.63
N ASP A 37 -20.02 -29.10 -18.74
CA ASP A 37 -18.77 -28.43 -19.08
C ASP A 37 -17.70 -29.44 -19.50
N ILE A 38 -16.56 -28.91 -19.99
CA ILE A 38 -15.56 -29.76 -20.64
C ILE A 38 -14.95 -30.76 -19.66
N TYR A 39 -14.71 -30.34 -18.43
CA TYR A 39 -14.13 -31.27 -17.48
C TYR A 39 -15.17 -32.30 -17.03
N SER A 40 -16.42 -31.88 -16.92
CA SER A 40 -17.49 -32.83 -16.65
C SER A 40 -17.61 -33.85 -17.77
N ARG A 41 -17.40 -33.40 -19.02
CA ARG A 41 -17.47 -34.29 -20.17
C ARG A 41 -16.38 -35.35 -20.13
N LEU A 42 -15.15 -34.95 -19.81
CA LEU A 42 -14.07 -35.94 -19.75
C LEU A 42 -14.23 -36.86 -18.55
N LEU A 43 -14.89 -36.38 -17.51
CA LEU A 43 -15.20 -37.27 -16.40
C LEU A 43 -16.10 -38.41 -16.85
N LYS A 44 -16.93 -38.18 -17.88
CA LYS A 44 -17.67 -39.30 -18.47
C LYS A 44 -16.73 -40.34 -19.08
N GLU A 45 -15.51 -39.94 -19.45
CA GLU A 45 -14.48 -40.84 -19.94
C GLU A 45 -13.60 -41.37 -18.83
N ARG A 46 -13.95 -41.10 -17.57
CA ARG A 46 -13.18 -41.49 -16.40
C ARG A 46 -11.80 -40.81 -16.35
N ILE A 47 -11.73 -39.60 -16.88
CA ILE A 47 -10.52 -38.78 -16.85
C ILE A 47 -10.63 -37.80 -15.68
N VAL A 48 -9.64 -37.81 -14.78
CA VAL A 48 -9.56 -36.86 -13.67
C VAL A 48 -8.24 -36.11 -13.77
N PHE A 49 -8.28 -34.78 -13.66
CA PHE A 49 -7.09 -33.95 -13.76
C PHE A 49 -6.63 -33.43 -12.40
N LEU A 50 -5.33 -33.42 -12.20
CA LEU A 50 -4.69 -32.62 -11.15
C LEU A 50 -3.80 -31.62 -11.87
N VAL A 51 -4.18 -30.35 -11.82
CA VAL A 51 -3.48 -29.28 -12.52
C VAL A 51 -3.10 -28.18 -11.53
N GLY A 52 -1.82 -27.81 -11.48
CA GLY A 52 -1.35 -26.76 -10.62
C GLY A 52 -1.05 -27.21 -9.20
N PRO A 53 -0.83 -26.26 -8.29
CA PRO A 53 -0.44 -26.62 -6.92
C PRO A 53 -1.50 -27.45 -6.22
N VAL A 54 -1.04 -28.47 -5.50
CA VAL A 54 -1.93 -29.31 -4.68
C VAL A 54 -2.25 -28.55 -3.40
N THR A 55 -3.51 -28.17 -3.24
CA THR A 55 -4.06 -27.56 -2.04
C THR A 55 -5.13 -28.50 -1.49
N ASP A 56 -5.62 -28.20 -0.28
CA ASP A 56 -6.74 -28.96 0.27
C ASP A 56 -7.93 -28.99 -0.67
N GLU A 57 -8.25 -27.84 -1.26
CA GLU A 57 -9.43 -27.74 -2.12
C GLU A 57 -9.21 -28.48 -3.45
N SER A 58 -8.06 -28.28 -4.08
CA SER A 58 -7.83 -28.94 -5.36
C SER A 58 -7.67 -30.44 -5.17
N ALA A 59 -7.04 -30.85 -4.05
CA ALA A 59 -6.89 -32.27 -3.76
C ALA A 59 -8.23 -32.91 -3.44
N ASN A 60 -9.05 -32.24 -2.64
CA ASN A 60 -10.34 -32.84 -2.30
C ASN A 60 -11.27 -32.93 -3.50
N LEU A 61 -11.15 -32.00 -4.45
CA LEU A 61 -11.91 -32.12 -5.70
C LEU A 61 -11.52 -33.39 -6.46
N VAL A 62 -10.23 -33.72 -6.48
CA VAL A 62 -9.78 -34.99 -7.05
C VAL A 62 -10.36 -36.16 -6.28
N VAL A 63 -10.30 -36.12 -4.95
CA VAL A 63 -10.84 -37.19 -4.12
C VAL A 63 -12.31 -37.42 -4.47
N ALA A 64 -13.06 -36.32 -4.58
CA ALA A 64 -14.48 -36.42 -4.88
C ALA A 64 -14.71 -37.06 -6.24
N GLN A 65 -13.92 -36.70 -7.25
CA GLN A 65 -14.07 -37.30 -8.57
C GLN A 65 -13.73 -38.79 -8.52
N LEU A 66 -12.69 -39.17 -7.78
CA LEU A 66 -12.33 -40.57 -7.68
C LEU A 66 -13.45 -41.39 -7.04
N LEU A 67 -14.02 -40.89 -5.93
CA LEU A 67 -15.13 -41.59 -5.29
C LEU A 67 -16.34 -41.67 -6.22
N PHE A 68 -16.65 -40.57 -6.92
CA PHE A 68 -17.77 -40.57 -7.85
C PHE A 68 -17.57 -41.62 -8.93
N LEU A 69 -16.38 -41.64 -9.53
CA LEU A 69 -16.14 -42.61 -10.59
C LEU A 69 -16.26 -44.04 -10.08
N GLU A 70 -15.80 -44.30 -8.85
CA GLU A 70 -15.95 -45.63 -8.25
C GLU A 70 -17.42 -45.99 -8.09
N SER A 71 -18.26 -45.04 -7.65
CA SER A 71 -19.70 -45.31 -7.56
C SER A 71 -20.32 -45.53 -8.94
N GLU A 72 -19.84 -44.83 -9.97
CA GLU A 72 -20.38 -45.04 -11.31
C GLU A 72 -20.05 -46.44 -11.81
N ASN A 73 -18.84 -46.89 -11.60
CA ASN A 73 -18.45 -48.23 -12.02
C ASN A 73 -17.17 -48.59 -11.28
N PRO A 74 -17.24 -49.44 -10.25
CA PRO A 74 -16.04 -49.76 -9.46
C PRO A 74 -15.08 -50.66 -10.19
N ASP A 75 -15.42 -51.09 -11.40
CA ASP A 75 -14.65 -52.11 -12.10
C ASP A 75 -13.84 -51.54 -13.26
N LYS A 76 -14.11 -50.31 -13.69
CA LYS A 76 -13.39 -49.73 -14.81
C LYS A 76 -12.23 -48.86 -14.30
N ASP A 77 -11.11 -48.91 -15.03
CA ASP A 77 -9.95 -48.10 -14.73
C ASP A 77 -10.32 -46.62 -14.70
N ILE A 78 -9.57 -45.86 -13.88
CA ILE A 78 -9.63 -44.40 -13.86
C ILE A 78 -8.31 -43.86 -14.42
N PHE A 79 -8.40 -42.77 -15.18
CA PHE A 79 -7.23 -42.17 -15.79
C PHE A 79 -6.98 -40.82 -15.12
N PHE A 80 -5.91 -40.76 -14.34
CA PHE A 80 -5.58 -39.62 -13.48
C PHE A 80 -4.41 -38.88 -14.16
N TYR A 81 -4.72 -37.74 -14.77
CA TYR A 81 -3.76 -36.94 -15.52
C TYR A 81 -3.18 -35.86 -14.61
N ILE A 82 -1.86 -35.82 -14.50
CA ILE A 82 -1.20 -34.99 -13.51
C ILE A 82 -0.30 -34.00 -14.23
N ASN A 83 -0.56 -32.70 -14.03
CA ASN A 83 0.34 -31.62 -14.44
C ASN A 83 0.49 -30.71 -13.23
N SER A 84 1.46 -31.01 -12.36
CA SER A 84 1.50 -30.28 -11.11
C SER A 84 2.90 -30.07 -10.59
N PRO A 85 3.19 -28.91 -9.99
CA PRO A 85 4.48 -28.71 -9.32
C PRO A 85 4.52 -29.22 -7.88
N GLY A 86 3.46 -29.85 -7.38
CA GLY A 86 3.41 -30.28 -5.99
C GLY A 86 2.60 -29.32 -5.15
N GLY A 87 2.82 -29.40 -3.85
CA GLY A 87 2.07 -28.57 -2.93
C GLY A 87 1.97 -29.28 -1.58
N SER A 88 0.79 -29.17 -0.96
CA SER A 88 0.63 -29.66 0.40
C SER A 88 0.77 -31.17 0.49
N VAL A 89 1.60 -31.62 1.45
CA VAL A 89 1.84 -33.06 1.59
C VAL A 89 0.57 -33.76 2.08
N THR A 90 -0.10 -33.19 3.10
CA THR A 90 -1.30 -33.85 3.63
C THR A 90 -2.43 -33.82 2.61
N ALA A 91 -2.54 -32.73 1.83
CA ALA A 91 -3.53 -32.73 0.76
C ALA A 91 -3.23 -33.82 -0.25
N GLY A 92 -1.95 -33.98 -0.61
CA GLY A 92 -1.57 -35.04 -1.51
C GLY A 92 -1.84 -36.43 -0.96
N MET A 93 -1.63 -36.61 0.35
CA MET A 93 -1.91 -37.90 0.97
C MET A 93 -3.38 -38.26 0.90
N SER A 94 -4.26 -37.25 0.91
CA SER A 94 -5.68 -37.53 0.80
C SER A 94 -5.99 -38.14 -0.56
N ILE A 95 -5.33 -37.66 -1.62
CA ILE A 95 -5.49 -38.28 -2.94
C ILE A 95 -4.86 -39.67 -2.94
N TYR A 96 -3.62 -39.76 -2.46
CA TYR A 96 -2.89 -41.02 -2.43
C TYR A 96 -3.69 -42.12 -1.73
N ASP A 97 -4.16 -41.83 -0.52
CA ASP A 97 -4.91 -42.86 0.19
C ASP A 97 -6.23 -43.18 -0.51
N THR A 98 -6.85 -42.20 -1.18
CA THR A 98 -8.07 -42.48 -1.93
C THR A 98 -7.80 -43.35 -3.15
N MET A 99 -6.70 -43.07 -3.88
CA MET A 99 -6.29 -43.93 -4.99
C MET A 99 -6.15 -45.38 -4.53
N ASN A 100 -5.53 -45.60 -3.37
CA ASN A 100 -5.33 -46.97 -2.89
C ASN A 100 -6.60 -47.58 -2.32
N PHE A 101 -7.52 -46.75 -1.82
CA PHE A 101 -8.72 -47.25 -1.17
C PHE A 101 -9.71 -47.78 -2.20
N ILE A 102 -9.94 -47.01 -3.27
CA ILE A 102 -11.02 -47.36 -4.19
C ILE A 102 -10.69 -48.63 -4.95
N LYS A 103 -11.75 -49.29 -5.43
CA LYS A 103 -11.58 -50.55 -6.13
C LYS A 103 -10.95 -50.38 -7.50
N PRO A 104 -11.36 -49.42 -8.34
CA PRO A 104 -10.78 -49.33 -9.68
C PRO A 104 -9.28 -49.04 -9.67
N ASP A 105 -8.57 -49.61 -10.65
CA ASP A 105 -7.19 -49.23 -10.89
C ASP A 105 -7.12 -47.75 -11.24
N VAL A 106 -6.18 -47.02 -10.64
CA VAL A 106 -5.97 -45.64 -11.03
C VAL A 106 -4.70 -45.59 -11.86
N SER A 107 -4.89 -45.45 -13.17
CA SER A 107 -3.77 -45.21 -14.06
C SER A 107 -3.37 -43.73 -13.97
N THR A 108 -2.07 -43.47 -13.96
CA THR A 108 -1.58 -42.10 -13.90
C THR A 108 -0.89 -41.75 -15.21
N LEU A 109 -0.99 -40.47 -15.60
CA LEU A 109 -0.31 -39.96 -16.79
C LEU A 109 0.30 -38.61 -16.45
N CYS A 110 1.60 -38.47 -16.67
CA CYS A 110 2.25 -37.16 -16.47
C CYS A 110 2.19 -36.39 -17.78
N LEU A 111 1.58 -35.21 -17.76
CA LEU A 111 1.71 -34.27 -18.86
C LEU A 111 2.24 -32.94 -18.35
N GLY A 112 3.21 -32.40 -19.07
CA GLY A 112 3.88 -31.20 -18.60
C GLY A 112 4.88 -31.57 -17.53
N GLN A 113 4.41 -31.64 -16.29
CA GLN A 113 5.33 -31.98 -15.21
C GLN A 113 4.60 -32.65 -14.05
N ALA A 114 5.36 -33.45 -13.32
CA ALA A 114 4.92 -34.01 -12.05
C ALA A 114 6.12 -33.81 -11.11
N ALA A 115 6.02 -32.80 -10.26
CA ALA A 115 7.10 -32.45 -9.35
C ALA A 115 6.66 -32.60 -7.91
N SER A 116 7.56 -33.10 -7.06
CA SER A 116 7.35 -33.19 -5.62
C SER A 116 6.09 -34.02 -5.40
N MET A 117 5.06 -33.51 -4.72
CA MET A 117 3.85 -34.30 -4.47
C MET A 117 3.22 -34.75 -5.77
N GLY A 118 3.38 -33.98 -6.85
CA GLY A 118 2.90 -34.43 -8.15
C GLY A 118 3.58 -35.70 -8.62
N ALA A 119 4.92 -35.78 -8.46
CA ALA A 119 5.64 -37.00 -8.82
C ALA A 119 5.31 -38.16 -7.87
N PHE A 120 5.09 -37.84 -6.60
CA PHE A 120 4.67 -38.89 -5.65
C PHE A 120 3.40 -39.55 -6.14
N LEU A 121 2.40 -38.75 -6.52
CA LEU A 121 1.11 -39.30 -6.95
C LEU A 121 1.26 -40.05 -8.27
N LEU A 122 2.01 -39.49 -9.22
CA LEU A 122 2.26 -40.15 -10.50
C LEU A 122 2.81 -41.55 -10.25
N SER A 123 3.80 -41.65 -9.39
CA SER A 123 4.43 -42.93 -9.09
C SER A 123 3.50 -43.87 -8.30
N ALA A 124 2.40 -43.36 -7.77
CA ALA A 124 1.44 -44.14 -6.98
C ALA A 124 0.39 -44.82 -7.83
N GLY A 125 0.33 -44.53 -9.13
CA GLY A 125 -0.63 -45.20 -9.98
C GLY A 125 -0.46 -46.70 -9.96
N GLU A 126 -1.52 -47.41 -10.37
CA GLU A 126 -1.46 -48.87 -10.43
C GLU A 126 -0.23 -49.30 -11.21
N LYS A 127 0.58 -50.15 -10.59
CA LYS A 127 1.84 -50.52 -11.22
C LYS A 127 1.57 -51.22 -12.53
N GLY A 128 2.31 -50.85 -13.57
CA GLY A 128 2.00 -51.23 -14.93
C GLY A 128 1.15 -50.24 -15.71
N LYS A 129 0.52 -49.28 -15.03
CA LYS A 129 -0.36 -48.31 -15.68
C LYS A 129 0.08 -46.88 -15.34
N ARG A 130 1.37 -46.67 -15.12
CA ARG A 130 1.92 -45.34 -14.86
C ARG A 130 2.65 -44.87 -16.11
N PHE A 131 2.22 -43.73 -16.65
CA PHE A 131 2.69 -43.28 -17.94
C PHE A 131 3.21 -41.84 -17.86
N ALA A 132 4.04 -41.50 -18.84
CA ALA A 132 4.44 -40.12 -19.08
C ALA A 132 4.42 -39.86 -20.57
N LEU A 133 4.05 -38.65 -20.94
CA LEU A 133 4.20 -38.19 -22.29
C LEU A 133 5.66 -37.83 -22.56
N PRO A 134 6.09 -37.81 -23.83
CA PRO A 134 7.55 -37.84 -24.11
C PRO A 134 8.36 -36.69 -23.56
N ASN A 135 7.80 -35.48 -23.48
CA ASN A 135 8.54 -34.32 -23.04
C ASN A 135 8.09 -33.87 -21.66
N SER A 136 7.47 -34.77 -20.90
CA SER A 136 7.16 -34.51 -19.49
C SER A 136 8.44 -34.42 -18.69
N ARG A 137 8.37 -33.71 -17.59
CA ARG A 137 9.50 -33.74 -16.68
C ARG A 137 8.99 -34.08 -15.29
N ILE A 138 9.78 -34.86 -14.60
CA ILE A 138 9.55 -35.30 -13.23
C ILE A 138 10.60 -34.62 -12.36
N MET A 139 10.23 -34.30 -11.11
CA MET A 139 11.22 -33.84 -10.15
C MET A 139 10.84 -34.38 -8.78
N ILE A 140 11.84 -34.88 -8.03
CA ILE A 140 11.61 -35.34 -6.67
C ILE A 140 12.60 -34.60 -5.77
N HIS A 141 12.24 -34.43 -4.50
CA HIS A 141 13.10 -33.76 -3.53
C HIS A 141 12.53 -34.00 -2.15
N GLN A 142 13.30 -33.64 -1.14
CA GLN A 142 12.82 -33.78 0.22
C GLN A 142 11.82 -32.66 0.53
N PRO A 143 11.02 -32.83 1.59
CA PRO A 143 10.02 -31.78 1.91
C PRO A 143 10.67 -30.46 2.28
N LEU A 144 9.93 -29.38 2.01
CA LEU A 144 10.30 -28.02 2.41
C LEU A 144 9.09 -27.33 3.02
N ILE A 145 9.36 -26.25 3.75
CA ILE A 145 8.29 -25.39 4.24
C ILE A 145 8.54 -23.99 3.71
N SER A 146 7.48 -23.18 3.70
CA SER A 146 7.58 -21.80 3.23
C SER A 146 8.37 -20.96 4.22
N GLY A 147 7.82 -20.75 5.42
CA GLY A 147 8.47 -19.97 6.45
C GLY A 147 7.66 -19.96 7.74
N LEU A 149 9.40 -21.47 10.06
CA LEU A 149 8.77 -21.83 11.34
C LEU A 149 8.87 -20.69 12.34
N GLY A 150 8.04 -20.74 13.38
CA GLY A 150 7.99 -19.68 14.36
C GLY A 150 7.35 -20.07 15.68
N GLY A 151 7.89 -19.54 16.76
CA GLY A 151 7.38 -19.72 18.09
C GLY A 151 8.49 -20.07 19.05
N GLN A 152 8.12 -20.71 20.15
CA GLN A 152 9.08 -21.11 21.15
C GLN A 152 9.92 -22.27 20.64
N ALA A 153 11.14 -22.39 21.19
CA ALA A 153 12.02 -23.49 20.81
C ALA A 153 11.34 -24.85 20.96
N SER A 154 10.52 -25.03 22.02
CA SER A 154 9.77 -26.27 22.19
C SER A 154 8.88 -26.55 20.98
N ASP A 155 8.18 -25.54 20.47
CA ASP A 155 7.27 -25.72 19.34
C ASP A 155 8.04 -25.97 18.05
N ILE A 156 9.14 -25.27 17.85
CA ILE A 156 9.98 -25.51 16.69
C ILE A 156 10.48 -26.94 16.69
N GLU A 157 10.88 -27.43 17.86
CA GLU A 157 11.34 -28.81 17.95
C GLU A 157 10.25 -29.79 17.54
N ILE A 158 9.04 -29.57 18.05
CA ILE A 158 7.91 -30.47 17.73
C ILE A 158 7.67 -30.49 16.23
N HIS A 159 7.67 -29.31 15.60
CA HIS A 159 7.36 -29.28 14.18
C HIS A 159 8.52 -29.79 13.31
N ALA A 160 9.76 -29.54 13.70
CA ALA A 160 10.88 -30.11 12.95
C ALA A 160 10.86 -31.63 13.01
N ARG A 161 10.57 -32.20 14.18
CA ARG A 161 10.46 -33.65 14.31
C ARG A 161 9.37 -34.19 13.40
N GLU A 162 8.24 -33.50 13.31
CA GLU A 162 7.18 -33.96 12.41
C GLU A 162 7.62 -33.88 10.96
N LEU A 163 8.35 -32.82 10.61
CA LEU A 163 8.85 -32.67 9.24
C LEU A 163 9.79 -33.80 8.87
N LEU A 164 10.67 -34.19 9.79
CA LEU A 164 11.59 -35.29 9.51
C LEU A 164 10.88 -36.63 9.42
N LYS A 165 9.82 -36.85 10.21
CA LYS A 165 9.02 -38.06 10.04
C LYS A 165 8.36 -38.10 8.66
N ILE A 166 7.80 -36.96 8.23
CA ILE A 166 7.26 -36.85 6.88
C ILE A 166 8.33 -37.18 5.86
N LYS A 167 9.53 -36.63 6.06
CA LYS A 167 10.63 -36.91 5.14
C LYS A 167 10.90 -38.40 5.05
N GLU A 168 10.99 -39.07 6.20
CA GLU A 168 11.27 -40.50 6.20
C GLU A 168 10.14 -41.28 5.56
N LYS A 169 8.90 -40.94 5.88
CA LYS A 169 7.77 -41.67 5.31
C LYS A 169 7.74 -41.54 3.80
N LEU A 170 7.94 -40.33 3.27
CA LEU A 170 7.89 -40.13 1.82
C LEU A 170 9.00 -40.90 1.12
N ASN A 171 10.20 -40.95 1.73
CA ASN A 171 11.28 -41.75 1.16
C ASN A 171 10.93 -43.24 1.17
N ARG A 172 10.34 -43.72 2.27
CA ARG A 172 9.98 -45.13 2.34
C ARG A 172 8.92 -45.47 1.32
N LEU A 173 7.88 -44.64 1.20
CA LEU A 173 6.83 -44.93 0.23
C LEU A 173 7.32 -44.82 -1.21
N MET A 174 8.13 -43.79 -1.49
CA MET A 174 8.65 -43.64 -2.83
C MET A 174 9.52 -44.82 -3.22
N ALA A 175 10.31 -45.34 -2.29
CA ALA A 175 11.13 -46.51 -2.58
C ALA A 175 10.24 -47.70 -2.95
N LYS A 176 9.13 -47.86 -2.25
CA LYS A 176 8.19 -48.91 -2.59
C LYS A 176 7.57 -48.69 -3.96
N HIS A 177 7.13 -47.45 -4.25
CA HIS A 177 6.57 -47.18 -5.58
C HIS A 177 7.58 -47.48 -6.68
N CYS A 178 8.84 -47.11 -6.46
CA CYS A 178 9.89 -47.19 -7.46
C CYS A 178 10.62 -48.52 -7.45
N ASP A 179 10.26 -49.42 -6.53
CA ASP A 179 10.94 -50.71 -6.41
C ASP A 179 12.45 -50.53 -6.23
N ARG A 180 12.82 -49.64 -5.30
CA ARG A 180 14.20 -49.26 -5.06
C ARG A 180 14.52 -49.34 -3.58
N ASP A 181 15.80 -49.22 -3.27
CA ASP A 181 16.23 -49.21 -1.88
C ASP A 181 15.92 -47.86 -1.24
N LEU A 182 15.61 -47.90 0.06
CA LEU A 182 15.37 -46.68 0.81
C LEU A 182 16.57 -45.74 0.70
N ALA A 183 17.78 -46.29 0.82
CA ALA A 183 18.99 -45.48 0.76
C ALA A 183 19.11 -44.76 -0.57
N ASP A 184 18.62 -45.39 -1.65
CA ASP A 184 18.61 -44.72 -2.96
C ASP A 184 17.81 -43.44 -2.91
N LEU A 185 16.57 -43.52 -2.40
CA LEU A 185 15.69 -42.36 -2.36
C LEU A 185 16.22 -41.28 -1.43
N GLU A 186 16.81 -41.67 -0.29
CA GLU A 186 17.42 -40.69 0.60
C GLU A 186 18.49 -39.89 -0.14
N ARG A 187 19.38 -40.61 -0.83
CA ARG A 187 20.42 -39.95 -1.63
C ARG A 187 19.83 -39.09 -2.74
N ASP A 188 18.82 -39.60 -3.44
CA ASP A 188 18.39 -38.98 -4.69
C ASP A 188 17.38 -37.87 -4.51
N THR A 189 16.91 -37.64 -3.28
CA THR A 189 15.97 -36.55 -3.03
C THR A 189 16.58 -35.46 -2.14
N ASP A 190 17.87 -35.56 -1.81
CA ASP A 190 18.46 -34.56 -0.92
C ASP A 190 18.35 -33.14 -1.47
N ARG A 191 18.49 -32.99 -2.79
CA ARG A 191 18.21 -31.74 -3.47
C ARG A 191 17.32 -32.04 -4.67
N ASP A 192 16.79 -30.99 -5.29
CA ASP A 192 15.94 -31.15 -6.47
C ASP A 192 16.59 -32.07 -7.49
N ASN A 193 15.84 -33.09 -7.90
CA ASN A 193 16.33 -34.10 -8.82
C ASN A 193 15.38 -34.12 -10.02
N PHE A 194 15.77 -33.47 -11.12
CA PHE A 194 14.95 -33.47 -12.33
C PHE A 194 15.21 -34.72 -13.14
N MET A 195 14.16 -35.27 -13.73
CA MET A 195 14.26 -36.46 -14.56
C MET A 195 13.44 -36.26 -15.81
N SER A 196 14.00 -36.65 -16.95
CA SER A 196 13.23 -36.81 -18.16
C SER A 196 12.27 -37.99 -18.01
N ALA A 197 11.36 -38.13 -18.97
CA ALA A 197 10.46 -39.28 -18.97
C ALA A 197 11.24 -40.59 -18.97
N GLU A 198 12.30 -40.68 -19.80
CA GLU A 198 13.13 -41.88 -19.86
C GLU A 198 13.81 -42.15 -18.52
N GLU A 199 14.34 -41.10 -17.90
CA GLU A 199 14.99 -41.25 -16.60
C GLU A 199 13.99 -41.70 -15.55
N ALA A 200 12.76 -41.15 -15.57
CA ALA A 200 11.75 -41.54 -14.61
C ALA A 200 11.36 -43.01 -14.78
N LYS A 201 11.31 -43.47 -16.02
CA LYS A 201 11.01 -44.89 -16.28
C LYS A 201 12.12 -45.79 -15.76
N GLU A 202 13.38 -45.44 -16.08
CA GLU A 202 14.53 -46.19 -15.57
C GLU A 202 14.58 -46.16 -14.04
N TYR A 203 14.19 -45.05 -13.43
CA TYR A 203 14.20 -44.96 -11.98
C TYR A 203 13.17 -45.90 -11.34
N GLY A 204 12.08 -46.20 -12.05
CA GLY A 204 10.97 -46.97 -11.49
C GLY A 204 9.76 -46.14 -11.13
N LEU A 205 9.76 -44.86 -11.48
CA LEU A 205 8.67 -43.98 -11.14
C LEU A 205 7.47 -44.17 -12.05
N ILE A 206 7.71 -44.47 -13.33
CA ILE A 206 6.66 -44.79 -14.28
C ILE A 206 7.00 -46.10 -14.98
N ASP A 207 6.03 -46.63 -15.70
CA ASP A 207 6.15 -47.89 -16.42
C ASP A 207 6.44 -47.74 -17.90
N GLN A 208 5.83 -46.76 -18.56
CA GLN A 208 5.97 -46.61 -20.00
C GLN A 208 5.88 -45.14 -20.37
N ILE A 209 6.58 -44.78 -21.44
CA ILE A 209 6.44 -43.50 -22.10
C ILE A 209 5.54 -43.70 -23.32
N LEU A 210 4.48 -42.92 -23.42
CA LEU A 210 3.51 -43.04 -24.51
C LEU A 210 3.69 -41.89 -25.49
N GLU A 211 4.06 -42.23 -26.73
CA GLU A 211 4.14 -41.20 -27.77
C GLU A 211 2.78 -40.90 -28.38
N ASN A 212 1.98 -41.92 -28.63
CA ASN A 212 0.65 -41.80 -29.21
C ASN A 212 -0.11 -43.08 -28.87
N ARG A 213 -1.30 -43.25 -29.44
CA ARG A 213 -2.10 -44.45 -29.17
C ARG A 213 -1.50 -45.60 -29.99
N ALA A 214 -0.43 -46.18 -29.46
CA ALA A 214 0.22 -47.35 -30.06
C ALA A 214 1.27 -47.89 -29.10
N LEU B 21 -16.91 -23.48 -10.36
CA LEU B 21 -15.54 -23.98 -10.18
C LEU B 21 -15.53 -25.51 -10.04
N VAL B 22 -16.71 -26.10 -9.86
CA VAL B 22 -16.86 -27.51 -9.52
C VAL B 22 -17.54 -28.22 -10.69
N PRO B 23 -16.99 -29.33 -11.19
CA PRO B 23 -17.62 -30.03 -12.32
C PRO B 23 -19.08 -30.33 -12.05
N THR B 24 -19.93 -30.03 -13.04
CA THR B 24 -21.38 -30.18 -12.91
C THR B 24 -21.81 -31.46 -13.63
N VAL B 25 -21.63 -32.58 -12.95
CA VAL B 25 -21.97 -33.89 -13.49
C VAL B 25 -23.48 -34.01 -13.73
N PHE B 36 -25.23 -29.71 -11.97
CA PHE B 36 -25.29 -30.57 -10.78
C PHE B 36 -23.88 -30.99 -10.39
N ASP B 37 -23.29 -30.29 -9.42
CA ASP B 37 -21.88 -30.45 -9.15
C ASP B 37 -21.58 -31.76 -8.40
N ILE B 38 -20.29 -32.05 -8.31
CA ILE B 38 -19.84 -33.34 -7.77
C ILE B 38 -20.13 -33.45 -6.28
N TYR B 39 -20.05 -32.34 -5.53
CA TYR B 39 -20.32 -32.43 -4.09
C TYR B 39 -21.82 -32.64 -3.85
N SER B 40 -22.67 -31.99 -4.65
CA SER B 40 -24.10 -32.29 -4.57
C SER B 40 -24.37 -33.75 -4.94
N ARG B 41 -23.62 -34.29 -5.89
CA ARG B 41 -23.78 -35.69 -6.25
C ARG B 41 -23.39 -36.62 -5.09
N LEU B 42 -22.25 -36.34 -4.44
CA LEU B 42 -21.82 -37.20 -3.34
C LEU B 42 -22.72 -37.06 -2.12
N LEU B 43 -23.41 -35.94 -1.99
CA LEU B 43 -24.39 -35.80 -0.94
C LEU B 43 -25.53 -36.80 -1.12
N LYS B 44 -25.80 -37.22 -2.36
CA LYS B 44 -26.77 -38.30 -2.58
C LYS B 44 -26.28 -39.63 -2.02
N GLU B 45 -24.98 -39.80 -1.82
CA GLU B 45 -24.44 -40.97 -1.14
C GLU B 45 -24.28 -40.72 0.36
N ARG B 46 -24.83 -39.62 0.87
CA ARG B 46 -24.79 -39.24 2.28
C ARG B 46 -23.36 -38.95 2.76
N ILE B 47 -22.51 -38.46 1.86
CA ILE B 47 -21.15 -38.03 2.19
C ILE B 47 -21.12 -36.51 2.31
N VAL B 48 -20.62 -36.03 3.45
CA VAL B 48 -20.43 -34.61 3.72
C VAL B 48 -18.94 -34.36 3.93
N PHE B 49 -18.41 -33.31 3.30
CA PHE B 49 -17.00 -32.96 3.43
C PHE B 49 -16.82 -31.75 4.33
N LEU B 50 -15.78 -31.80 5.15
CA LEU B 50 -15.23 -30.61 5.81
C LEU B 50 -13.80 -30.48 5.28
N VAL B 51 -13.55 -29.44 4.50
CA VAL B 51 -12.26 -29.26 3.84
C VAL B 51 -11.75 -27.85 4.17
N GLY B 52 -10.55 -27.76 4.71
CA GLY B 52 -9.97 -26.47 5.04
C GLY B 52 -10.44 -25.94 6.39
N PRO B 53 -10.13 -24.70 6.68
CA PRO B 53 -10.45 -24.05 7.94
C PRO B 53 -11.90 -24.09 8.28
N VAL B 54 -12.17 -24.27 9.55
CA VAL B 54 -13.51 -24.30 10.07
C VAL B 54 -13.88 -22.89 10.40
N THR B 55 -14.82 -22.35 9.69
CA THR B 55 -15.31 -21.03 9.93
C THR B 55 -16.80 -21.08 10.15
N ASP B 56 -17.37 -19.98 10.59
CA ASP B 56 -18.82 -19.95 10.72
C ASP B 56 -19.50 -20.41 9.42
N GLU B 57 -19.02 -19.91 8.29
CA GLU B 57 -19.68 -20.24 7.03
C GLU B 57 -19.46 -21.71 6.66
N SER B 58 -18.22 -22.21 6.77
CA SER B 58 -17.98 -23.59 6.36
C SER B 58 -18.62 -24.57 7.34
N ALA B 59 -18.63 -24.24 8.64
CA ALA B 59 -19.28 -25.11 9.61
C ALA B 59 -20.79 -25.17 9.39
N ASN B 60 -21.42 -24.02 9.15
CA ASN B 60 -22.87 -24.03 8.98
C ASN B 60 -23.28 -24.74 7.70
N LEU B 61 -22.44 -24.65 6.66
CA LEU B 61 -22.68 -25.44 5.46
C LEU B 61 -22.67 -26.93 5.79
N VAL B 62 -21.78 -27.36 6.69
CA VAL B 62 -21.79 -28.74 7.14
C VAL B 62 -23.08 -29.01 7.93
N VAL B 63 -23.45 -28.10 8.84
CA VAL B 63 -24.66 -28.26 9.64
C VAL B 63 -25.88 -28.47 8.75
N ALA B 64 -26.01 -27.63 7.73
CA ALA B 64 -27.16 -27.70 6.83
C ALA B 64 -27.19 -29.04 6.10
N GLN B 65 -26.04 -29.53 5.66
CA GLN B 65 -26.03 -30.84 5.00
C GLN B 65 -26.43 -31.93 5.96
N LEU B 66 -25.97 -31.85 7.21
CA LEU B 66 -26.34 -32.85 8.20
C LEU B 66 -27.84 -32.84 8.44
N LEU B 67 -28.43 -31.64 8.61
CA LEU B 67 -29.87 -31.57 8.79
C LEU B 67 -30.61 -32.06 7.55
N PHE B 68 -30.12 -31.70 6.36
CA PHE B 68 -30.75 -32.14 5.12
C PHE B 68 -30.77 -33.65 5.01
N LEU B 69 -29.62 -34.30 5.25
CA LEU B 69 -29.57 -35.75 5.14
C LEU B 69 -30.49 -36.42 6.15
N GLU B 70 -30.56 -35.91 7.37
CA GLU B 70 -31.50 -36.45 8.35
C GLU B 70 -32.94 -36.29 7.87
N SER B 71 -33.27 -35.15 7.29
CA SER B 71 -34.62 -34.96 6.77
C SER B 71 -34.93 -35.97 5.66
N GLU B 72 -33.94 -36.27 4.82
CA GLU B 72 -34.14 -37.24 3.75
C GLU B 72 -34.32 -38.65 4.29
N ASN B 73 -33.53 -39.03 5.29
CA ASN B 73 -33.65 -40.33 5.95
C ASN B 73 -32.99 -40.29 7.32
N PRO B 74 -33.80 -40.30 8.39
CA PRO B 74 -33.25 -40.17 9.75
C PRO B 74 -32.55 -41.41 10.26
N ASP B 75 -32.58 -42.53 9.54
CA ASP B 75 -32.04 -43.77 10.08
C ASP B 75 -30.74 -44.22 9.44
N LYS B 76 -30.38 -43.69 8.28
CA LYS B 76 -29.22 -44.15 7.53
C LYS B 76 -27.97 -43.39 7.95
N ASP B 77 -26.85 -44.11 8.05
CA ASP B 77 -25.58 -43.49 8.41
C ASP B 77 -25.24 -42.33 7.49
N ILE B 78 -24.53 -41.34 8.04
CA ILE B 78 -23.93 -40.25 7.29
C ILE B 78 -22.42 -40.43 7.35
N PHE B 79 -21.74 -40.11 6.26
CA PHE B 79 -20.29 -40.25 6.16
C PHE B 79 -19.67 -38.87 6.09
N PHE B 80 -18.96 -38.49 7.17
CA PHE B 80 -18.40 -37.15 7.34
C PHE B 80 -16.89 -37.22 7.11
N TYR B 81 -16.45 -36.75 5.95
CA TYR B 81 -15.03 -36.82 5.55
C TYR B 81 -14.36 -35.50 5.95
N ILE B 82 -13.29 -35.60 6.72
CA ILE B 82 -12.66 -34.44 7.32
C ILE B 82 -11.24 -34.34 6.80
N ASN B 83 -10.92 -33.22 6.17
CA ASN B 83 -9.54 -32.85 5.85
C ASN B 83 -9.41 -31.39 6.24
N SER B 84 -9.01 -31.13 7.48
CA SER B 84 -9.09 -29.76 7.99
C SER B 84 -7.94 -29.48 8.96
N PRO B 85 -7.38 -28.28 8.92
CA PRO B 85 -6.39 -27.89 9.93
C PRO B 85 -7.01 -27.31 11.20
N GLY B 86 -8.33 -27.30 11.34
CA GLY B 86 -9.02 -26.69 12.48
C GLY B 86 -9.61 -25.34 12.15
N GLY B 87 -9.88 -24.57 13.18
CA GLY B 87 -10.45 -23.25 13.01
C GLY B 87 -11.23 -22.81 14.26
N SER B 88 -12.34 -22.13 14.01
CA SER B 88 -13.12 -21.50 15.06
C SER B 88 -13.73 -22.55 15.99
N VAL B 89 -13.56 -22.36 17.30
CA VAL B 89 -14.07 -23.33 18.24
C VAL B 89 -15.58 -23.33 18.25
N THR B 90 -16.22 -22.15 18.30
CA THR B 90 -17.68 -22.12 18.35
C THR B 90 -18.28 -22.63 17.04
N ALA B 91 -17.64 -22.32 15.91
CA ALA B 91 -18.10 -22.88 14.63
C ALA B 91 -18.04 -24.38 14.64
N GLY B 92 -16.93 -24.94 15.15
CA GLY B 92 -16.82 -26.38 15.26
C GLY B 92 -17.85 -26.98 16.20
N MET B 93 -18.15 -26.28 17.32
CA MET B 93 -19.16 -26.80 18.25
C MET B 93 -20.53 -26.88 17.61
N SER B 94 -20.84 -25.99 16.66
CA SER B 94 -22.12 -26.12 15.98
C SER B 94 -22.18 -27.41 15.18
N ILE B 95 -21.07 -27.82 14.56
CA ILE B 95 -21.05 -29.12 13.88
C ILE B 95 -21.17 -30.25 14.89
N TYR B 96 -20.33 -30.20 15.93
CA TYR B 96 -20.31 -31.24 16.96
C TYR B 96 -21.68 -31.47 17.54
N ASP B 97 -22.32 -30.39 17.99
CA ASP B 97 -23.64 -30.54 18.60
C ASP B 97 -24.67 -31.02 17.60
N THR B 98 -24.54 -30.63 16.32
CA THR B 98 -25.47 -31.15 15.32
C THR B 98 -25.25 -32.64 15.08
N MET B 99 -23.99 -33.08 14.95
CA MET B 99 -23.71 -34.50 14.80
C MET B 99 -24.40 -35.31 15.91
N ASN B 100 -24.30 -34.83 17.17
CA ASN B 100 -24.88 -35.56 18.30
C ASN B 100 -26.40 -35.40 18.37
N PHE B 101 -26.93 -34.32 17.85
CA PHE B 101 -28.36 -34.05 17.94
C PHE B 101 -29.16 -34.90 16.96
N ILE B 102 -28.69 -35.01 15.71
CA ILE B 102 -29.48 -35.66 14.66
C ILE B 102 -29.55 -37.18 14.93
N LYS B 103 -30.59 -37.80 14.37
CA LYS B 103 -30.79 -39.22 14.60
C LYS B 103 -29.74 -40.08 13.89
N PRO B 104 -29.38 -39.83 12.62
CA PRO B 104 -28.43 -40.72 11.95
C PRO B 104 -27.09 -40.76 12.67
N ASP B 105 -26.47 -41.94 12.69
CA ASP B 105 -25.07 -42.06 13.07
C ASP B 105 -24.23 -41.23 12.12
N VAL B 106 -23.27 -40.48 12.66
CA VAL B 106 -22.33 -39.77 11.81
C VAL B 106 -20.99 -40.50 11.91
N SER B 107 -20.66 -41.23 10.85
CA SER B 107 -19.35 -41.85 10.73
C SER B 107 -18.36 -40.78 10.27
N THR B 108 -17.16 -40.81 10.81
CA THR B 108 -16.14 -39.84 10.41
C THR B 108 -14.99 -40.56 9.72
N LEU B 109 -14.37 -39.86 8.78
CA LEU B 109 -13.19 -40.36 8.10
C LEU B 109 -12.17 -39.25 8.01
N CYS B 110 -10.96 -39.49 8.48
CA CYS B 110 -9.88 -38.53 8.28
C CYS B 110 -9.16 -38.85 6.97
N LEU B 111 -9.11 -37.88 6.05
CA LEU B 111 -8.29 -37.99 4.85
C LEU B 111 -7.38 -36.77 4.79
N GLY B 112 -6.11 -37.01 4.53
CA GLY B 112 -5.15 -35.93 4.62
C GLY B 112 -4.79 -35.63 6.07
N GLN B 113 -5.54 -34.74 6.71
CA GLN B 113 -5.26 -34.45 8.12
C GLN B 113 -6.53 -34.00 8.84
N ALA B 114 -6.52 -34.19 10.15
CA ALA B 114 -7.56 -33.64 11.02
C ALA B 114 -6.81 -33.08 12.22
N ALA B 115 -6.69 -31.75 12.26
CA ALA B 115 -5.92 -31.06 13.28
C ALA B 115 -6.86 -30.14 14.08
N SER B 116 -6.61 -30.05 15.39
CA SER B 116 -7.32 -29.12 16.29
C SER B 116 -8.81 -29.43 16.21
N MET B 117 -9.68 -28.46 15.90
CA MET B 117 -11.10 -28.74 15.81
C MET B 117 -11.41 -29.85 14.82
N GLY B 118 -10.60 -29.99 13.76
CA GLY B 118 -10.79 -31.10 12.85
C GLY B 118 -10.62 -32.45 13.53
N ALA B 119 -9.59 -32.59 14.38
CA ALA B 119 -9.40 -33.83 15.12
C ALA B 119 -10.51 -34.04 16.14
N PHE B 120 -10.99 -32.94 16.74
CA PHE B 120 -12.12 -33.02 17.66
C PHE B 120 -13.35 -33.60 16.96
N LEU B 121 -13.66 -33.09 15.78
CA LEU B 121 -14.82 -33.59 15.07
C LEU B 121 -14.62 -35.04 14.62
N LEU B 122 -13.43 -35.39 14.15
CA LEU B 122 -13.12 -36.77 13.82
C LEU B 122 -13.41 -37.70 15.00
N SER B 123 -12.95 -37.34 16.18
CA SER B 123 -13.11 -38.16 17.37
C SER B 123 -14.53 -38.20 17.86
N ALA B 124 -15.37 -37.28 17.37
CA ALA B 124 -16.76 -37.17 17.74
C ALA B 124 -17.68 -38.09 16.95
N GLY B 125 -17.16 -38.76 15.91
CA GLY B 125 -18.00 -39.65 15.13
C GLY B 125 -18.60 -40.75 15.98
N GLU B 126 -19.67 -41.37 15.47
CA GLU B 126 -20.30 -42.45 16.20
C GLU B 126 -19.25 -43.48 16.58
N LYS B 127 -19.22 -43.86 17.86
CA LYS B 127 -18.18 -44.77 18.31
C LYS B 127 -18.32 -46.10 17.57
N GLY B 128 -17.18 -46.62 17.10
CA GLY B 128 -17.16 -47.74 16.17
C GLY B 128 -17.12 -47.35 14.71
N LYS B 129 -17.43 -46.10 14.37
CA LYS B 129 -17.50 -45.70 12.98
C LYS B 129 -16.55 -44.52 12.70
N ARG B 130 -15.47 -44.41 13.46
CA ARG B 130 -14.47 -43.36 13.26
C ARG B 130 -13.24 -43.96 12.59
N PHE B 131 -12.88 -43.43 11.42
CA PHE B 131 -11.86 -44.05 10.59
C PHE B 131 -10.80 -43.02 10.17
N ALA B 132 -9.63 -43.53 9.79
CA ALA B 132 -8.62 -42.71 9.15
C ALA B 132 -8.02 -43.52 7.99
N LEU B 133 -7.62 -42.82 6.95
CA LEU B 133 -6.88 -43.45 5.88
C LEU B 133 -5.43 -43.66 6.32
N PRO B 134 -4.71 -44.58 5.68
CA PRO B 134 -3.44 -45.04 6.27
C PRO B 134 -2.40 -43.96 6.50
N ASN B 135 -2.33 -42.95 5.62
CA ASN B 135 -1.31 -41.91 5.75
C ASN B 135 -1.89 -40.58 6.20
N SER B 136 -3.08 -40.62 6.79
CA SER B 136 -3.66 -39.44 7.42
C SER B 136 -2.82 -39.02 8.61
N ARG B 137 -2.98 -37.77 8.99
CA ARG B 137 -2.30 -37.17 10.11
C ARG B 137 -3.31 -36.53 11.05
N ILE B 138 -3.15 -36.73 12.35
CA ILE B 138 -3.98 -36.11 13.38
C ILE B 138 -3.09 -35.20 14.21
N MET B 139 -3.64 -34.09 14.66
CA MET B 139 -2.91 -33.24 15.60
C MET B 139 -3.90 -32.65 16.59
N ILE B 140 -3.54 -32.67 17.87
CA ILE B 140 -4.37 -32.07 18.92
C ILE B 140 -3.51 -31.08 19.68
N HIS B 141 -4.14 -30.04 20.23
CA HIS B 141 -3.43 -29.02 21.00
C HIS B 141 -4.45 -28.17 21.74
N GLN B 142 -3.97 -27.32 22.63
CA GLN B 142 -4.86 -26.48 23.41
C GLN B 142 -5.31 -25.29 22.58
N PRO B 143 -6.35 -24.58 23.02
CA PRO B 143 -6.81 -23.43 22.24
C PRO B 143 -5.71 -22.38 22.15
N LEU B 144 -5.71 -21.67 21.03
CA LEU B 144 -4.82 -20.54 20.86
C LEU B 144 -5.68 -19.40 20.31
N ILE B 145 -5.21 -18.19 20.53
CA ILE B 145 -5.91 -17.00 20.03
C ILE B 145 -4.98 -16.28 19.07
N SER B 146 -5.56 -15.78 17.97
CA SER B 146 -4.83 -15.12 16.90
C SER B 146 -4.23 -13.79 17.35
N GLY B 147 -5.08 -12.79 17.52
CA GLY B 147 -4.60 -11.45 17.80
C GLY B 147 -3.99 -11.33 19.19
N LEU B 149 -5.18 -10.51 23.10
CA LEU B 149 -6.38 -9.84 23.60
C LEU B 149 -6.08 -8.36 23.74
N GLY B 150 -7.08 -7.51 23.56
CA GLY B 150 -6.86 -6.06 23.63
C GLY B 150 -7.99 -5.28 24.27
N GLY B 151 -7.79 -4.84 25.49
CA GLY B 151 -8.75 -4.00 26.17
C GLY B 151 -8.27 -3.69 27.57
N GLN B 152 -9.21 -3.40 28.46
CA GLN B 152 -8.86 -3.16 29.84
C GLN B 152 -8.52 -4.47 30.53
N ALA B 153 -7.73 -4.37 31.60
CA ALA B 153 -7.39 -5.56 32.39
C ALA B 153 -8.64 -6.33 32.81
N SER B 154 -9.73 -5.63 33.14
CA SER B 154 -11.00 -6.30 33.50
C SER B 154 -11.51 -7.19 32.37
N ASP B 155 -11.48 -6.67 31.14
CA ASP B 155 -11.99 -7.41 30.00
C ASP B 155 -11.06 -8.57 29.64
N ILE B 156 -9.75 -8.33 29.74
CA ILE B 156 -8.79 -9.39 29.47
C ILE B 156 -8.93 -10.53 30.47
N GLU B 157 -9.21 -10.21 31.73
CA GLU B 157 -9.48 -11.25 32.72
C GLU B 157 -10.71 -12.08 32.32
N ILE B 158 -11.78 -11.40 31.91
CA ILE B 158 -13.00 -12.08 31.50
C ILE B 158 -12.74 -13.00 30.31
N HIS B 159 -12.00 -12.51 29.32
CA HIS B 159 -11.78 -13.34 28.14
C HIS B 159 -10.76 -14.44 28.40
N ALA B 160 -9.78 -14.20 29.25
CA ALA B 160 -8.85 -15.25 29.61
C ALA B 160 -9.55 -16.38 30.35
N ARG B 161 -10.43 -16.03 31.28
CA ARG B 161 -11.21 -17.04 32.00
C ARG B 161 -12.07 -17.85 31.05
N GLU B 162 -12.70 -17.19 30.09
CA GLU B 162 -13.53 -17.92 29.14
C GLU B 162 -12.69 -18.89 28.33
N LEU B 163 -11.49 -18.47 27.92
CA LEU B 163 -10.62 -19.35 27.15
C LEU B 163 -10.20 -20.57 27.98
N LEU B 164 -9.94 -20.38 29.28
CA LEU B 164 -9.59 -21.52 30.14
C LEU B 164 -10.77 -22.46 30.33
N LYS B 165 -11.99 -21.91 30.41
CA LYS B 165 -13.18 -22.74 30.41
C LYS B 165 -13.32 -23.54 29.12
N ILE B 166 -13.08 -22.90 27.97
CA ILE B 166 -13.10 -23.60 26.69
C ILE B 166 -12.07 -24.73 26.69
N LYS B 167 -10.86 -24.42 27.13
CA LYS B 167 -9.78 -25.40 27.15
C LYS B 167 -10.15 -26.63 27.98
N GLU B 168 -10.71 -26.42 29.17
CA GLU B 168 -11.09 -27.56 30.00
C GLU B 168 -12.25 -28.35 29.38
N LYS B 169 -13.29 -27.67 28.90
CA LYS B 169 -14.43 -28.38 28.33
C LYS B 169 -14.02 -29.24 27.14
N LEU B 170 -13.16 -28.70 26.25
CA LEU B 170 -12.70 -29.45 25.10
C LEU B 170 -11.86 -30.66 25.51
N ASN B 171 -11.03 -30.51 26.53
CA ASN B 171 -10.27 -31.65 27.04
C ASN B 171 -11.19 -32.71 27.65
N ARG B 172 -12.22 -32.28 28.39
CA ARG B 172 -13.17 -33.21 28.97
C ARG B 172 -13.96 -33.96 27.89
N LEU B 173 -14.44 -33.21 26.88
CA LEU B 173 -15.18 -33.85 25.79
C LEU B 173 -14.28 -34.78 24.99
N MET B 174 -13.06 -34.34 24.69
CA MET B 174 -12.11 -35.18 23.96
C MET B 174 -11.78 -36.43 24.75
N ALA B 175 -11.57 -36.29 26.07
CA ALA B 175 -11.31 -37.45 26.92
C ALA B 175 -12.45 -38.46 26.84
N LYS B 176 -13.68 -37.96 26.81
CA LYS B 176 -14.83 -38.85 26.64
C LYS B 176 -14.79 -39.57 25.29
N HIS B 177 -14.55 -38.83 24.19
CA HIS B 177 -14.48 -39.47 22.87
C HIS B 177 -13.44 -40.58 22.83
N CYS B 178 -12.29 -40.35 23.46
CA CYS B 178 -11.12 -41.22 23.40
C CYS B 178 -11.09 -42.26 24.51
N ASP B 179 -12.05 -42.23 25.42
CA ASP B 179 -12.07 -43.13 26.57
C ASP B 179 -10.78 -42.98 27.38
N ARG B 180 -10.45 -41.72 27.68
CA ARG B 180 -9.25 -41.25 28.37
C ARG B 180 -9.65 -40.34 29.52
N ASP B 181 -8.67 -39.98 30.32
CA ASP B 181 -8.89 -39.03 31.40
C ASP B 181 -8.65 -37.59 30.97
N LEU B 182 -9.39 -36.68 31.61
CA LEU B 182 -9.16 -35.26 31.41
C LEU B 182 -7.69 -34.89 31.62
N ALA B 183 -7.04 -35.46 32.64
CA ALA B 183 -5.63 -35.15 32.90
C ALA B 183 -4.73 -35.61 31.76
N ASP B 184 -5.07 -36.76 31.14
CA ASP B 184 -4.34 -37.24 29.97
C ASP B 184 -4.38 -36.20 28.86
N LEU B 185 -5.59 -35.71 28.56
CA LEU B 185 -5.75 -34.76 27.47
C LEU B 185 -5.06 -33.45 27.78
N GLU B 186 -5.14 -32.98 29.03
CA GLU B 186 -4.43 -31.74 29.38
C GLU B 186 -2.93 -31.90 29.17
N ARG B 187 -2.37 -33.03 29.62
CA ARG B 187 -0.96 -33.31 29.41
C ARG B 187 -0.63 -33.36 27.92
N ASP B 188 -1.48 -34.03 27.14
CA ASP B 188 -1.15 -34.37 25.76
C ASP B 188 -1.51 -33.29 24.75
N THR B 189 -2.16 -32.22 25.19
CA THR B 189 -2.48 -31.10 24.31
C THR B 189 -1.71 -29.84 24.65
N ASP B 190 -0.78 -29.90 25.61
CA ASP B 190 -0.11 -28.68 26.06
C ASP B 190 0.62 -27.99 24.92
N ARG B 191 1.26 -28.77 24.05
CA ARG B 191 1.79 -28.26 22.79
C ARG B 191 1.32 -29.18 21.68
N ASP B 192 1.50 -28.73 20.43
CA ASP B 192 1.05 -29.49 19.25
C ASP B 192 1.49 -30.95 19.35
N ASN B 193 0.53 -31.86 19.23
CA ASN B 193 0.78 -33.29 19.39
C ASN B 193 0.34 -33.96 18.10
N PHE B 194 1.31 -34.28 17.24
CA PHE B 194 1.04 -34.94 15.98
C PHE B 194 0.93 -36.45 16.16
N MET B 195 -0.03 -37.07 15.47
CA MET B 195 -0.21 -38.50 15.60
C MET B 195 -0.42 -39.10 14.22
N SER B 196 0.25 -40.22 13.97
CA SER B 196 -0.08 -41.04 12.83
C SER B 196 -1.47 -41.67 13.04
N ALA B 197 -1.96 -42.31 11.99
CA ALA B 197 -3.23 -43.02 12.08
C ALA B 197 -3.20 -44.08 13.17
N GLU B 198 -2.13 -44.89 13.22
CA GLU B 198 -2.01 -45.91 14.26
C GLU B 198 -1.94 -45.29 15.64
N GLU B 199 -1.17 -44.21 15.79
CA GLU B 199 -1.12 -43.55 17.09
C GLU B 199 -2.48 -43.01 17.48
N ALA B 200 -3.24 -42.47 16.53
CA ALA B 200 -4.57 -41.97 16.83
C ALA B 200 -5.50 -43.10 17.25
N LYS B 201 -5.37 -44.28 16.63
CA LYS B 201 -6.18 -45.42 17.04
C LYS B 201 -5.81 -45.87 18.45
N GLU B 202 -4.50 -46.00 18.73
CA GLU B 202 -4.10 -46.36 20.09
C GLU B 202 -4.59 -45.33 21.11
N TYR B 203 -4.60 -44.05 20.74
CA TYR B 203 -5.06 -43.02 21.67
C TYR B 203 -6.55 -43.13 21.95
N GLY B 204 -7.33 -43.66 21.01
CA GLY B 204 -8.78 -43.69 21.14
C GLY B 204 -9.51 -42.64 20.31
N LEU B 205 -8.80 -41.92 19.46
CA LEU B 205 -9.44 -40.88 18.66
C LEU B 205 -10.22 -41.48 17.49
N ILE B 206 -9.75 -42.59 16.94
CA ILE B 206 -10.47 -43.30 15.89
C ILE B 206 -10.56 -44.76 16.27
N ASP B 207 -11.42 -45.48 15.55
CA ASP B 207 -11.68 -46.88 15.77
C ASP B 207 -10.87 -47.78 14.86
N GLN B 208 -10.74 -47.41 13.59
CA GLN B 208 -10.05 -48.27 12.64
C GLN B 208 -9.35 -47.44 11.59
N ILE B 209 -8.27 -47.99 11.08
CA ILE B 209 -7.58 -47.48 9.92
C ILE B 209 -8.05 -48.30 8.73
N LEU B 210 -8.52 -47.63 7.69
CA LEU B 210 -9.03 -48.30 6.49
C LEU B 210 -8.03 -48.09 5.35
N GLU B 211 -7.40 -49.18 4.89
CA GLU B 211 -6.63 -49.15 3.65
C GLU B 211 -7.53 -49.25 2.45
N ASN B 212 -8.58 -50.06 2.56
CA ASN B 212 -9.61 -50.29 1.56
C ASN B 212 -10.82 -50.87 2.30
N ARG B 213 -11.85 -51.28 1.57
CA ARG B 213 -13.04 -51.75 2.27
C ARG B 213 -12.79 -53.06 3.01
N ALA B 214 -11.89 -53.91 2.50
CA ALA B 214 -11.53 -55.14 3.19
C ALA B 214 -10.96 -54.89 4.59
N SER B 215 -10.49 -53.68 4.89
CA SER B 215 -10.09 -53.41 6.26
C SER B 215 -11.27 -53.49 7.22
N LEU B 216 -12.50 -53.37 6.74
CA LEU B 216 -13.66 -53.44 7.62
C LEU B 216 -14.36 -54.81 7.57
N PHE C 36 -32.22 -27.31 -6.14
CA PHE C 36 -32.12 -26.24 -5.14
C PHE C 36 -30.82 -26.36 -4.35
N ASP C 37 -30.31 -25.23 -3.88
CA ASP C 37 -29.20 -25.28 -2.94
C ASP C 37 -29.70 -25.69 -1.55
N ILE C 38 -28.74 -26.00 -0.67
CA ILE C 38 -29.04 -26.64 0.60
C ILE C 38 -29.87 -25.73 1.49
N TYR C 39 -29.62 -24.42 1.45
CA TYR C 39 -30.36 -23.52 2.34
C TYR C 39 -31.80 -23.32 1.88
N SER C 40 -32.01 -23.22 0.55
CA SER C 40 -33.38 -23.17 0.03
C SER C 40 -34.15 -24.45 0.34
N ARG C 41 -33.48 -25.59 0.28
CA ARG C 41 -34.13 -26.85 0.64
C ARG C 41 -34.54 -26.88 2.11
N LEU C 42 -33.67 -26.39 3.02
CA LEU C 42 -34.08 -26.35 4.43
C LEU C 42 -35.14 -25.29 4.69
N LEU C 43 -35.19 -24.24 3.87
CA LEU C 43 -36.27 -23.26 3.96
C LEU C 43 -37.64 -23.91 3.73
N LYS C 44 -37.70 -25.00 2.96
CA LYS C 44 -38.94 -25.75 2.78
C LYS C 44 -39.40 -26.37 4.07
N GLU C 45 -38.47 -26.65 4.97
CA GLU C 45 -38.75 -27.15 6.31
C GLU C 45 -38.92 -26.03 7.32
N ARG C 46 -39.02 -24.78 6.84
CA ARG C 46 -39.23 -23.60 7.69
C ARG C 46 -38.02 -23.34 8.61
N ILE C 47 -36.82 -23.70 8.16
CA ILE C 47 -35.58 -23.43 8.86
C ILE C 47 -34.95 -22.17 8.26
N VAL C 48 -34.69 -21.18 9.10
CA VAL C 48 -34.02 -19.94 8.70
C VAL C 48 -32.74 -19.82 9.53
N PHE C 49 -31.63 -19.52 8.89
CA PHE C 49 -30.35 -19.34 9.58
C PHE C 49 -29.95 -17.88 9.66
N LEU C 50 -29.37 -17.50 10.79
CA LEU C 50 -28.60 -16.27 10.95
C LEU C 50 -27.18 -16.69 11.29
N VAL C 51 -26.24 -16.49 10.35
CA VAL C 51 -24.89 -16.98 10.50
C VAL C 51 -23.92 -15.82 10.26
N GLY C 52 -23.03 -15.57 11.24
CA GLY C 52 -22.06 -14.51 11.11
C GLY C 52 -22.62 -13.15 11.50
N PRO C 53 -21.86 -12.09 11.24
CA PRO C 53 -22.24 -10.76 11.73
C PRO C 53 -23.61 -10.33 11.24
N VAL C 54 -24.32 -9.60 12.09
CA VAL C 54 -25.62 -9.04 11.77
C VAL C 54 -25.41 -7.73 11.02
N THR C 55 -25.69 -7.72 9.72
CA THR C 55 -25.60 -6.54 8.87
C THR C 55 -26.98 -6.22 8.30
N ASP C 56 -27.10 -5.03 7.69
CA ASP C 56 -28.35 -4.68 7.02
C ASP C 56 -28.73 -5.76 6.00
N GLU C 57 -27.74 -6.26 5.24
CA GLU C 57 -28.00 -7.27 4.22
C GLU C 57 -28.35 -8.63 4.83
N SER C 58 -27.60 -9.07 5.82
CA SER C 58 -27.85 -10.40 6.38
C SER C 58 -29.18 -10.39 7.14
N ALA C 59 -29.47 -9.30 7.83
CA ALA C 59 -30.71 -9.21 8.58
C ALA C 59 -31.91 -9.16 7.65
N ASN C 60 -31.84 -8.35 6.59
CA ASN C 60 -33.00 -8.25 5.71
C ASN C 60 -33.26 -9.56 5.01
N LEU C 61 -32.20 -10.32 4.72
CA LEU C 61 -32.41 -11.65 4.15
C LEU C 61 -33.19 -12.53 5.12
N VAL C 62 -32.90 -12.41 6.41
CA VAL C 62 -33.68 -13.12 7.42
C VAL C 62 -35.13 -12.63 7.40
N VAL C 63 -35.31 -11.31 7.41
CA VAL C 63 -36.65 -10.73 7.37
C VAL C 63 -37.41 -11.29 6.17
N ALA C 64 -36.75 -11.33 5.01
CA ALA C 64 -37.42 -11.80 3.80
C ALA C 64 -37.87 -13.24 3.94
N GLN C 65 -37.02 -14.10 4.51
CA GLN C 65 -37.39 -15.49 4.68
C GLN C 65 -38.52 -15.65 5.68
N LEU C 66 -38.50 -14.87 6.76
CA LEU C 66 -39.58 -14.90 7.76
C LEU C 66 -40.92 -14.51 7.14
N LEU C 67 -40.93 -13.45 6.33
CA LEU C 67 -42.15 -13.05 5.63
C LEU C 67 -42.61 -14.10 4.65
N PHE C 68 -41.67 -14.69 3.90
CA PHE C 68 -42.01 -15.76 2.98
C PHE C 68 -42.66 -16.93 3.71
N LEU C 69 -42.06 -17.38 4.80
CA LEU C 69 -42.58 -18.54 5.50
C LEU C 69 -43.98 -18.27 6.05
N GLU C 70 -44.21 -17.06 6.58
CA GLU C 70 -45.54 -16.68 7.03
C GLU C 70 -46.54 -16.74 5.88
N SER C 71 -46.15 -16.24 4.72
CA SER C 71 -47.02 -16.30 3.55
C SER C 71 -47.32 -17.75 3.15
N GLU C 72 -46.34 -18.63 3.29
CA GLU C 72 -46.53 -20.03 2.93
C GLU C 72 -47.49 -20.73 3.89
N ASN C 73 -47.37 -20.43 5.17
CA ASN C 73 -48.29 -20.98 6.16
C ASN C 73 -48.21 -20.13 7.42
N PRO C 74 -49.21 -19.29 7.68
CA PRO C 74 -49.14 -18.37 8.83
C PRO C 74 -49.30 -19.03 10.18
N ASP C 75 -49.55 -20.35 10.24
CA ASP C 75 -49.83 -21.04 11.48
C ASP C 75 -48.72 -21.97 11.96
N LYS C 76 -47.76 -22.32 11.12
CA LYS C 76 -46.74 -23.27 11.49
C LYS C 76 -45.54 -22.54 12.07
N ASP C 77 -44.96 -23.12 13.11
CA ASP C 77 -43.77 -22.56 13.71
C ASP C 77 -42.68 -22.40 12.65
N ILE C 78 -41.81 -21.42 12.87
CA ILE C 78 -40.60 -21.22 12.08
C ILE C 78 -39.44 -21.53 13.01
N PHE C 79 -38.40 -22.14 12.48
CA PHE C 79 -37.24 -22.53 13.27
C PHE C 79 -36.07 -21.64 12.85
N PHE C 80 -35.65 -20.76 13.77
CA PHE C 80 -34.64 -19.72 13.51
C PHE C 80 -33.34 -20.14 14.19
N TYR C 81 -32.39 -20.61 13.39
CA TYR C 81 -31.11 -21.12 13.89
C TYR C 81 -30.07 -20.00 13.89
N ILE C 82 -29.49 -19.72 15.05
CA ILE C 82 -28.62 -18.55 15.22
C ILE C 82 -27.22 -19.01 15.60
N ASN C 83 -26.22 -18.65 14.77
CA ASN C 83 -24.79 -18.77 15.06
C ASN C 83 -24.18 -17.45 14.66
N SER C 84 -24.14 -16.49 15.58
CA SER C 84 -23.77 -15.13 15.26
C SER C 84 -23.03 -14.46 16.41
N PRO C 85 -21.99 -13.67 16.10
CA PRO C 85 -21.34 -12.87 17.15
C PRO C 85 -22.03 -11.54 17.42
N GLY C 86 -23.15 -11.25 16.79
CA GLY C 86 -23.79 -9.95 16.89
C GLY C 86 -23.52 -9.08 15.67
N GLY C 87 -23.74 -7.78 15.84
CA GLY C 87 -23.55 -6.82 14.78
C GLY C 87 -24.44 -5.60 14.98
N SER C 88 -24.98 -5.09 13.88
CA SER C 88 -25.71 -3.83 13.91
C SER C 88 -27.00 -3.93 14.73
N VAL C 89 -27.19 -2.99 15.65
CA VAL C 89 -28.38 -3.03 16.49
C VAL C 89 -29.64 -2.78 15.64
N THR C 90 -29.61 -1.75 14.77
CA THR C 90 -30.82 -1.47 14.00
C THR C 90 -31.11 -2.59 13.00
N ALA C 91 -30.08 -3.21 12.44
CA ALA C 91 -30.30 -4.38 11.61
C ALA C 91 -30.95 -5.50 12.42
N GLY C 92 -30.41 -5.74 13.62
CA GLY C 92 -31.00 -6.76 14.48
C GLY C 92 -32.44 -6.45 14.86
N MET C 93 -32.75 -5.17 15.07
CA MET C 93 -34.11 -4.79 15.41
C MET C 93 -35.07 -5.09 14.28
N SER C 94 -34.61 -5.01 13.02
CA SER C 94 -35.50 -5.34 11.92
C SER C 94 -35.90 -6.80 11.99
N ILE C 95 -34.97 -7.69 12.38
CA ILE C 95 -35.31 -9.09 12.58
C ILE C 95 -36.24 -9.25 13.77
N TYR C 96 -35.87 -8.63 14.90
CA TYR C 96 -36.66 -8.72 16.13
C TYR C 96 -38.11 -8.31 15.92
N ASP C 97 -38.33 -7.13 15.35
CA ASP C 97 -39.70 -6.65 15.15
C ASP C 97 -40.44 -7.52 14.15
N THR C 98 -39.74 -8.07 13.15
CA THR C 98 -40.40 -8.97 12.21
C THR C 98 -40.79 -10.29 12.90
N MET C 99 -39.90 -10.84 13.76
CA MET C 99 -40.26 -12.02 14.55
C MET C 99 -41.54 -11.79 15.37
N ASN C 100 -41.67 -10.63 16.00
CA ASN C 100 -42.85 -10.36 16.82
C ASN C 100 -44.08 -10.02 15.97
N PHE C 101 -43.87 -9.52 14.77
CA PHE C 101 -44.97 -9.07 13.93
C PHE C 101 -45.70 -10.24 13.26
N ILE C 102 -44.95 -11.19 12.69
CA ILE C 102 -45.58 -12.23 11.89
C ILE C 102 -46.40 -13.16 12.77
N LYS C 103 -47.36 -13.86 12.14
CA LYS C 103 -48.26 -14.72 12.90
C LYS C 103 -47.56 -15.97 13.46
N PRO C 104 -46.72 -16.68 12.70
CA PRO C 104 -46.12 -17.90 13.26
C PRO C 104 -45.28 -17.64 14.51
N ASP C 105 -45.29 -18.61 15.43
CA ASP C 105 -44.28 -18.62 16.47
C ASP C 105 -42.91 -18.78 15.81
N VAL C 106 -41.95 -17.98 16.24
CA VAL C 106 -40.57 -18.15 15.80
C VAL C 106 -39.81 -18.81 16.94
N SER C 107 -39.50 -20.08 16.75
CA SER C 107 -38.64 -20.80 17.66
C SER C 107 -37.18 -20.49 17.34
N THR C 108 -36.37 -20.31 18.38
CA THR C 108 -34.96 -20.01 18.18
C THR C 108 -34.11 -21.16 18.69
N LEU C 109 -32.97 -21.37 18.04
CA LEU C 109 -31.98 -22.37 18.44
C LEU C 109 -30.59 -21.75 18.35
N CYS C 110 -29.84 -21.77 19.44
CA CYS C 110 -28.45 -21.36 19.39
C CYS C 110 -27.59 -22.58 19.02
N LEU C 111 -26.84 -22.47 17.93
CA LEU C 111 -25.79 -23.43 17.63
C LEU C 111 -24.47 -22.68 17.46
N GLY C 112 -23.40 -23.23 18.04
CA GLY C 112 -22.13 -22.52 18.05
C GLY C 112 -22.14 -21.42 19.09
N GLN C 113 -22.62 -20.24 18.72
CA GLN C 113 -22.72 -19.15 19.68
C GLN C 113 -23.83 -18.20 19.27
N ALA C 114 -24.34 -17.48 20.27
CA ALA C 114 -25.23 -16.34 20.08
C ALA C 114 -24.71 -15.27 21.03
N ALA C 115 -24.02 -14.27 20.48
CA ALA C 115 -23.39 -13.20 21.24
C ALA C 115 -23.99 -11.85 20.87
N SER C 116 -24.16 -10.99 21.86
CA SER C 116 -24.62 -9.61 21.68
C SER C 116 -25.96 -9.63 20.96
N MET C 117 -26.12 -8.98 19.80
CA MET C 117 -27.42 -9.01 19.13
C MET C 117 -27.86 -10.43 18.80
N GLY C 118 -26.92 -11.35 18.61
CA GLY C 118 -27.29 -12.74 18.45
C GLY C 118 -28.00 -13.31 19.67
N ALA C 119 -27.50 -13.01 20.87
CA ALA C 119 -28.15 -13.44 22.10
C ALA C 119 -29.49 -12.75 22.31
N PHE C 120 -29.58 -11.47 21.93
CA PHE C 120 -30.86 -10.77 21.98
C PHE C 120 -31.92 -11.47 21.14
N LEU C 121 -31.57 -11.83 19.89
CA LEU C 121 -32.54 -12.50 19.02
C LEU C 121 -32.86 -13.89 19.55
N LEU C 122 -31.86 -14.63 20.02
CA LEU C 122 -32.13 -15.94 20.61
C LEU C 122 -33.15 -15.82 21.72
N SER C 123 -32.97 -14.86 22.63
CA SER C 123 -33.85 -14.69 23.76
C SER C 123 -35.23 -14.19 23.36
N ALA C 124 -35.39 -13.72 22.12
CA ALA C 124 -36.63 -13.17 21.59
C ALA C 124 -37.56 -14.20 20.97
N GLY C 125 -37.12 -15.44 20.78
CA GLY C 125 -38.01 -16.44 20.26
C GLY C 125 -39.21 -16.65 21.16
N GLU C 126 -40.26 -17.23 20.59
CA GLU C 126 -41.49 -17.49 21.35
C GLU C 126 -41.17 -18.22 22.65
N LYS C 127 -41.65 -17.67 23.76
CA LYS C 127 -41.32 -18.21 25.06
C LYS C 127 -41.84 -19.64 25.18
N GLY C 128 -41.00 -20.52 25.69
CA GLY C 128 -41.21 -21.95 25.63
C GLY C 128 -40.51 -22.64 24.46
N LYS C 129 -40.11 -21.89 23.42
CA LYS C 129 -39.53 -22.48 22.23
C LYS C 129 -38.15 -21.89 21.90
N ARG C 130 -37.41 -21.46 22.93
CA ARG C 130 -36.04 -20.96 22.77
C ARG C 130 -35.09 -22.04 23.27
N PHE C 131 -34.19 -22.49 22.42
CA PHE C 131 -33.34 -23.63 22.73
C PHE C 131 -31.87 -23.31 22.47
N ALA C 132 -31.00 -24.11 23.08
CA ALA C 132 -29.60 -24.10 22.75
C ALA C 132 -29.12 -25.55 22.68
N LEU C 133 -28.14 -25.80 21.83
CA LEU C 133 -27.43 -27.07 21.85
C LEU C 133 -26.45 -27.09 23.02
N PRO C 134 -26.04 -28.28 23.49
CA PRO C 134 -25.39 -28.36 24.82
C PRO C 134 -24.11 -27.57 24.95
N ASN C 135 -23.34 -27.45 23.87
CA ASN C 135 -22.05 -26.78 23.93
C ASN C 135 -22.09 -25.40 23.29
N SER C 136 -23.29 -24.85 23.12
CA SER C 136 -23.45 -23.48 22.66
C SER C 136 -22.90 -22.51 23.70
N ARG C 137 -22.56 -21.32 23.26
CA ARG C 137 -22.20 -20.32 24.24
C ARG C 137 -22.95 -19.05 23.92
N ILE C 138 -23.41 -18.38 24.96
CA ILE C 138 -24.11 -17.12 24.83
C ILE C 138 -23.20 -16.06 25.43
N MET C 139 -23.26 -14.84 24.90
CA MET C 139 -22.56 -13.73 25.55
C MET C 139 -23.42 -12.47 25.41
N ILE C 140 -23.53 -11.70 26.49
CA ILE C 140 -24.29 -10.46 26.48
C ILE C 140 -23.39 -9.34 26.98
N HIS C 141 -23.65 -8.12 26.51
CA HIS C 141 -22.86 -6.97 26.91
C HIS C 141 -23.57 -5.71 26.47
N GLN C 142 -23.06 -4.59 26.96
CA GLN C 142 -23.66 -3.32 26.59
C GLN C 142 -23.23 -2.95 25.19
N PRO C 143 -23.93 -2.02 24.54
CA PRO C 143 -23.55 -1.69 23.17
C PRO C 143 -22.16 -1.08 23.11
N LEU C 144 -21.47 -1.31 21.99
CA LEU C 144 -20.19 -0.70 21.74
C LEU C 144 -20.21 -0.10 20.34
N ILE C 145 -19.34 0.88 20.13
CA ILE C 145 -19.17 1.52 18.84
C ILE C 145 -17.73 1.27 18.39
N SER C 146 -17.56 0.84 17.15
CA SER C 146 -16.23 0.47 16.67
C SER C 146 -15.29 1.68 16.73
N GLY C 147 -15.59 2.72 15.96
CA GLY C 147 -14.75 3.91 15.94
C GLY C 147 -15.52 5.17 16.28
N GLY C 148 -15.99 5.23 17.52
CA GLY C 148 -16.84 6.31 17.97
C GLY C 148 -16.12 7.63 18.07
N LEU C 149 -16.90 8.65 18.43
CA LEU C 149 -16.40 10.01 18.60
C LEU C 149 -15.91 10.56 17.26
N GLY C 150 -16.69 11.41 16.62
CA GLY C 150 -16.25 12.05 15.39
C GLY C 150 -17.01 13.30 14.97
N GLY C 151 -16.55 14.47 15.40
CA GLY C 151 -17.11 15.72 14.93
C GLY C 151 -17.16 16.73 16.06
N GLN C 152 -18.08 17.69 15.93
CA GLN C 152 -18.22 18.71 16.96
C GLN C 152 -18.80 18.11 18.23
N ALA C 153 -18.50 18.76 19.36
CA ALA C 153 -19.03 18.33 20.64
C ALA C 153 -20.55 18.19 20.62
N SER C 154 -21.25 19.11 19.93
CA SER C 154 -22.71 19.01 19.79
C SER C 154 -23.13 17.70 19.14
N ASP C 155 -22.44 17.30 18.07
CA ASP C 155 -22.79 16.06 17.40
C ASP C 155 -22.42 14.86 18.25
N ILE C 156 -21.30 14.94 18.95
CA ILE C 156 -20.90 13.84 19.82
C ILE C 156 -21.92 13.66 20.92
N GLU C 157 -22.43 14.78 21.46
CA GLU C 157 -23.47 14.73 22.48
C GLU C 157 -24.74 14.05 21.96
N ILE C 158 -25.16 14.44 20.76
CA ILE C 158 -26.36 13.85 20.17
C ILE C 158 -26.19 12.33 20.02
N HIS C 159 -25.03 11.90 19.53
CA HIS C 159 -24.86 10.47 19.29
C HIS C 159 -24.60 9.68 20.56
N ALA C 160 -23.93 10.29 21.54
CA ALA C 160 -23.77 9.63 22.83
C ALA C 160 -25.12 9.40 23.50
N ARG C 161 -26.00 10.40 23.48
CA ARG C 161 -27.33 10.24 24.07
C ARG C 161 -28.13 9.15 23.37
N GLU C 162 -28.04 9.07 22.04
CA GLU C 162 -28.74 8.00 21.32
C GLU C 162 -28.19 6.64 21.70
N LEU C 163 -26.87 6.53 21.88
CA LEU C 163 -26.27 5.28 22.30
C LEU C 163 -26.74 4.89 23.70
N LEU C 164 -26.88 5.85 24.60
CA LEU C 164 -27.36 5.50 25.95
C LEU C 164 -28.83 5.09 25.94
N LYS C 165 -29.66 5.70 25.08
CA LYS C 165 -31.03 5.24 24.91
C LYS C 165 -31.07 3.82 24.36
N ILE C 166 -30.23 3.52 23.37
CA ILE C 166 -30.13 2.16 22.86
C ILE C 166 -29.76 1.21 23.98
N LYS C 167 -28.76 1.59 24.78
CA LYS C 167 -28.32 0.76 25.90
C LYS C 167 -29.47 0.50 26.88
N GLU C 168 -30.23 1.55 27.22
CA GLU C 168 -31.36 1.38 28.13
C GLU C 168 -32.45 0.50 27.51
N LYS C 169 -32.78 0.74 26.24
CA LYS C 169 -33.81 -0.06 25.60
C LYS C 169 -33.43 -1.53 25.55
N LEU C 170 -32.18 -1.84 25.17
CA LEU C 170 -31.78 -3.25 25.07
C LEU C 170 -31.84 -3.93 26.45
N ASN C 171 -31.43 -3.22 27.50
CA ASN C 171 -31.54 -3.78 28.86
C ASN C 171 -32.99 -4.00 29.26
N ARG C 172 -33.86 -3.04 28.96
CA ARG C 172 -35.26 -3.18 29.31
C ARG C 172 -35.90 -4.34 28.55
N LEU C 173 -35.66 -4.42 27.23
CA LEU C 173 -36.25 -5.50 26.43
C LEU C 173 -35.66 -6.86 26.81
N MET C 174 -34.36 -6.91 27.04
CA MET C 174 -33.73 -8.16 27.44
C MET C 174 -34.28 -8.64 28.78
N ALA C 175 -34.51 -7.70 29.72
CA ALA C 175 -35.06 -8.08 31.02
C ALA C 175 -36.44 -8.71 30.85
N LYS C 176 -37.25 -8.15 29.95
CA LYS C 176 -38.53 -8.77 29.62
C LYS C 176 -38.34 -10.16 29.04
N HIS C 177 -37.42 -10.33 28.08
CA HIS C 177 -37.20 -11.66 27.50
C HIS C 177 -36.83 -12.66 28.59
N CYS C 178 -35.96 -12.28 29.50
CA CYS C 178 -35.39 -13.18 30.47
C CYS C 178 -36.23 -13.28 31.74
N ASP C 179 -37.32 -12.53 31.83
CA ASP C 179 -38.14 -12.51 33.04
C ASP C 179 -37.27 -12.12 34.23
N ARG C 180 -36.49 -11.05 34.04
CA ARG C 180 -35.51 -10.55 34.99
C ARG C 180 -35.71 -9.05 35.14
N ASP C 181 -35.03 -8.47 36.13
CA ASP C 181 -35.08 -7.03 36.36
C ASP C 181 -34.18 -6.26 35.41
N LEU C 182 -34.63 -5.04 35.09
CA LEU C 182 -33.79 -4.13 34.34
C LEU C 182 -32.43 -3.95 35.02
N ALA C 183 -32.43 -3.87 36.36
CA ALA C 183 -31.19 -3.67 37.12
C ALA C 183 -30.24 -4.86 36.97
N ASP C 184 -30.77 -6.08 36.94
CA ASP C 184 -29.90 -7.24 36.72
C ASP C 184 -29.23 -7.17 35.36
N LEU C 185 -29.99 -6.84 34.31
CA LEU C 185 -29.38 -6.79 32.99
C LEU C 185 -28.33 -5.69 32.92
N GLU C 186 -28.60 -4.54 33.56
CA GLU C 186 -27.59 -3.48 33.63
C GLU C 186 -26.31 -3.99 34.30
N ARG C 187 -26.44 -4.65 35.42
CA ARG C 187 -25.27 -5.17 36.12
C ARG C 187 -24.52 -6.21 35.29
N ASP C 188 -25.26 -7.14 34.67
CA ASP C 188 -24.65 -8.32 34.03
C ASP C 188 -24.19 -8.07 32.60
N THR C 189 -24.45 -6.88 32.04
CA THR C 189 -23.96 -6.54 30.70
C THR C 189 -22.91 -5.43 30.72
N ASP C 190 -22.46 -5.00 31.90
CA ASP C 190 -21.51 -3.90 31.96
C ASP C 190 -20.22 -4.24 31.24
N ARG C 191 -19.79 -5.50 31.34
CA ARG C 191 -18.69 -6.05 30.57
C ARG C 191 -19.14 -7.38 29.96
N ASP C 192 -18.34 -7.92 29.04
CA ASP C 192 -18.68 -9.18 28.38
C ASP C 192 -19.03 -10.25 29.40
N ASN C 193 -20.19 -10.86 29.21
CA ASN C 193 -20.69 -11.86 30.15
C ASN C 193 -21.00 -13.12 29.34
N PHE C 194 -20.07 -14.09 29.37
CA PHE C 194 -20.23 -15.36 28.68
C PHE C 194 -21.04 -16.32 29.53
N MET C 195 -21.93 -17.08 28.89
CA MET C 195 -22.77 -18.04 29.59
C MET C 195 -22.77 -19.35 28.81
N SER C 196 -22.61 -20.45 29.54
CA SER C 196 -22.88 -21.76 28.99
C SER C 196 -24.38 -21.90 28.72
N ALA C 197 -24.75 -22.97 28.03
CA ALA C 197 -26.17 -23.22 27.78
C ALA C 197 -26.96 -23.33 29.09
N GLU C 198 -26.43 -24.09 30.06
CA GLU C 198 -27.15 -24.20 31.34
C GLU C 198 -27.25 -22.84 32.03
N GLU C 199 -26.18 -22.03 31.99
CA GLU C 199 -26.25 -20.71 32.59
C GLU C 199 -27.28 -19.83 31.88
N ALA C 200 -27.33 -19.92 30.54
CA ALA C 200 -28.32 -19.13 29.82
C ALA C 200 -29.72 -19.57 30.20
N LYS C 201 -29.93 -20.87 30.39
CA LYS C 201 -31.23 -21.35 30.81
C LYS C 201 -31.60 -20.83 32.19
N GLU C 202 -30.66 -20.93 33.15
CA GLU C 202 -30.94 -20.39 34.48
C GLU C 202 -31.20 -18.90 34.45
N TYR C 203 -30.47 -18.17 33.60
CA TYR C 203 -30.64 -16.73 33.50
C TYR C 203 -32.00 -16.34 32.94
N GLY C 204 -32.62 -17.21 32.16
CA GLY C 204 -33.89 -16.91 31.53
C GLY C 204 -33.82 -16.57 30.06
N LEU C 205 -32.64 -16.71 29.44
CA LEU C 205 -32.46 -16.38 28.03
C LEU C 205 -33.04 -17.45 27.11
N ILE C 206 -32.96 -18.72 27.50
CA ILE C 206 -33.53 -19.83 26.74
C ILE C 206 -34.38 -20.67 27.69
N ASP C 207 -35.18 -21.56 27.09
CA ASP C 207 -36.09 -22.44 27.81
C ASP C 207 -35.54 -23.84 28.05
N GLN C 208 -34.86 -24.43 27.08
CA GLN C 208 -34.34 -25.79 27.23
C GLN C 208 -33.05 -25.96 26.44
N ILE C 209 -32.21 -26.88 26.92
CA ILE C 209 -31.05 -27.37 26.18
C ILE C 209 -31.43 -28.70 25.54
N LEU C 210 -31.16 -28.83 24.24
CA LEU C 210 -31.51 -30.03 23.50
C LEU C 210 -30.23 -30.77 23.13
N GLU C 211 -30.03 -31.94 23.72
CA GLU C 211 -28.91 -32.75 23.26
C GLU C 211 -29.29 -33.56 22.03
N ASN C 212 -30.55 -33.99 21.94
CA ASN C 212 -31.09 -34.68 20.77
C ASN C 212 -32.60 -34.53 20.81
N ARG C 213 -33.29 -35.26 19.94
CA ARG C 213 -34.74 -35.08 19.83
C ARG C 213 -35.51 -35.62 21.03
N ALA C 214 -34.87 -36.40 21.91
CA ALA C 214 -35.53 -36.89 23.11
C ALA C 214 -35.31 -36.00 24.31
N SER C 215 -34.41 -35.03 24.24
CA SER C 215 -34.30 -34.12 25.37
C SER C 215 -35.45 -33.12 25.42
N LEU C 216 -36.33 -33.12 24.43
CA LEU C 216 -37.49 -32.23 24.46
C LEU C 216 -38.49 -32.73 25.50
N VAL D 22 -28.53 -15.93 -1.22
CA VAL D 22 -29.91 -15.54 -1.55
C VAL D 22 -30.78 -16.77 -1.87
N PRO D 23 -31.67 -17.14 -0.95
CA PRO D 23 -32.44 -18.38 -1.13
C PRO D 23 -33.36 -18.34 -2.35
N THR D 24 -33.70 -19.54 -2.81
CA THR D 24 -34.57 -19.76 -3.96
C THR D 24 -35.85 -20.44 -3.49
N VAL D 25 -36.98 -20.00 -4.03
CA VAL D 25 -38.28 -20.53 -3.71
C VAL D 25 -39.10 -20.57 -4.99
N ALA D 35 -39.80 -21.28 -8.39
CA ALA D 35 -38.76 -20.96 -9.35
C ALA D 35 -38.38 -19.46 -9.34
N PHE D 36 -37.99 -18.95 -8.17
CA PHE D 36 -37.63 -17.54 -8.00
C PHE D 36 -36.64 -17.42 -6.84
N ASP D 37 -35.86 -16.32 -6.84
CA ASP D 37 -35.15 -16.01 -5.61
C ASP D 37 -36.12 -15.35 -4.62
N ILE D 38 -35.69 -15.26 -3.35
CA ILE D 38 -36.63 -14.87 -2.28
C ILE D 38 -37.13 -13.46 -2.50
N TYR D 39 -36.27 -12.56 -3.00
CA TYR D 39 -36.74 -11.19 -3.21
C TYR D 39 -37.69 -11.11 -4.41
N SER D 40 -37.42 -11.87 -5.48
CA SER D 40 -38.39 -11.93 -6.57
C SER D 40 -39.71 -12.50 -6.08
N ARG D 41 -39.64 -13.49 -5.18
CA ARG D 41 -40.87 -14.08 -4.64
C ARG D 41 -41.68 -13.05 -3.86
N LEU D 42 -41.05 -12.23 -3.02
CA LEU D 42 -41.80 -11.22 -2.28
C LEU D 42 -42.23 -10.08 -3.19
N LEU D 43 -41.52 -9.86 -4.31
CA LEU D 43 -42.00 -8.90 -5.32
C LEU D 43 -43.35 -9.33 -5.91
N LYS D 44 -43.65 -10.63 -5.93
CA LYS D 44 -45.00 -11.11 -6.26
C LYS D 44 -46.07 -10.65 -5.27
N GLU D 45 -45.71 -10.43 -4.01
CA GLU D 45 -46.61 -9.88 -3.01
C GLU D 45 -46.60 -8.36 -3.01
N ARG D 46 -45.95 -7.75 -4.00
CA ARG D 46 -45.86 -6.28 -4.15
C ARG D 46 -45.03 -5.64 -3.05
N ILE D 47 -44.05 -6.37 -2.51
CA ILE D 47 -43.11 -5.86 -1.53
C ILE D 47 -41.80 -5.53 -2.25
N VAL D 48 -41.37 -4.27 -2.08
CA VAL D 48 -40.13 -3.73 -2.61
C VAL D 48 -39.26 -3.29 -1.44
N PHE D 49 -37.98 -3.66 -1.45
CA PHE D 49 -37.07 -3.28 -0.36
C PHE D 49 -36.10 -2.20 -0.80
N LEU D 50 -35.81 -1.27 0.12
CA LEU D 50 -34.64 -0.40 0.06
C LEU D 50 -33.80 -0.71 1.29
N VAL D 51 -32.63 -1.30 1.09
CA VAL D 51 -31.79 -1.75 2.19
C VAL D 51 -30.39 -1.19 1.98
N GLY D 52 -29.86 -0.51 2.99
CA GLY D 52 -28.54 0.05 2.87
C GLY D 52 -28.54 1.38 2.15
N PRO D 53 -27.36 1.88 1.80
CA PRO D 53 -27.24 3.25 1.25
C PRO D 53 -27.99 3.43 -0.07
N VAL D 54 -28.55 4.62 -0.22
CA VAL D 54 -29.21 4.98 -1.46
C VAL D 54 -28.14 5.42 -2.46
N THR D 55 -28.02 4.69 -3.55
CA THR D 55 -27.12 5.04 -4.65
C THR D 55 -27.93 5.14 -5.92
N ASP D 56 -27.31 5.66 -6.98
CA ASP D 56 -27.98 5.64 -8.27
C ASP D 56 -28.45 4.24 -8.60
N GLU D 57 -27.60 3.25 -8.33
CA GLU D 57 -27.90 1.87 -8.72
C GLU D 57 -29.00 1.28 -7.85
N SER D 58 -28.93 1.46 -6.54
CA SER D 58 -29.95 0.88 -5.67
C SER D 58 -31.27 1.60 -5.82
N ALA D 59 -31.22 2.92 -6.03
CA ALA D 59 -32.44 3.69 -6.19
C ALA D 59 -33.14 3.35 -7.50
N ASN D 60 -32.39 3.20 -8.59
CA ASN D 60 -33.04 2.88 -9.87
C ASN D 60 -33.63 1.48 -9.86
N LEU D 61 -33.03 0.56 -9.11
CA LEU D 61 -33.60 -0.77 -8.96
C LEU D 61 -34.96 -0.70 -8.28
N VAL D 62 -35.09 0.17 -7.27
CA VAL D 62 -36.38 0.41 -6.64
C VAL D 62 -37.35 1.01 -7.64
N VAL D 63 -36.90 2.01 -8.40
CA VAL D 63 -37.75 2.63 -9.42
C VAL D 63 -38.26 1.56 -10.40
N ALA D 64 -37.36 0.70 -10.88
CA ALA D 64 -37.76 -0.32 -11.83
C ALA D 64 -38.82 -1.24 -11.23
N GLN D 65 -38.66 -1.58 -9.95
CA GLN D 65 -39.66 -2.42 -9.27
C GLN D 65 -41.00 -1.70 -9.14
N LEU D 66 -40.98 -0.41 -8.83
CA LEU D 66 -42.22 0.36 -8.73
C LEU D 66 -42.95 0.38 -10.07
N LEU D 67 -42.23 0.69 -11.15
CA LEU D 67 -42.81 0.71 -12.48
C LEU D 67 -43.30 -0.69 -12.89
N PHE D 68 -42.51 -1.73 -12.61
CA PHE D 68 -42.94 -3.09 -12.91
C PHE D 68 -44.24 -3.44 -12.21
N LEU D 69 -44.32 -3.13 -10.92
CA LEU D 69 -45.53 -3.45 -10.17
C LEU D 69 -46.73 -2.70 -10.70
N GLU D 70 -46.53 -1.44 -11.10
CA GLU D 70 -47.64 -0.66 -11.64
C GLU D 70 -48.21 -1.29 -12.90
N SER D 71 -47.34 -1.71 -13.81
CA SER D 71 -47.80 -2.34 -15.05
C SER D 71 -48.49 -3.67 -14.77
N GLU D 72 -48.04 -4.40 -13.73
CA GLU D 72 -48.70 -5.67 -13.40
C GLU D 72 -50.11 -5.43 -12.88
N ASN D 73 -50.30 -4.42 -12.04
CA ASN D 73 -51.63 -4.08 -11.55
C ASN D 73 -51.58 -2.67 -10.95
N PRO D 74 -52.06 -1.64 -11.66
CA PRO D 74 -51.99 -0.27 -11.11
C PRO D 74 -52.97 -0.03 -9.97
N ASP D 75 -53.80 -1.01 -9.61
CA ASP D 75 -54.91 -0.87 -8.69
C ASP D 75 -54.61 -1.43 -7.31
N LYS D 76 -53.49 -2.09 -7.14
CA LYS D 76 -53.08 -2.67 -5.87
C LYS D 76 -51.98 -1.83 -5.22
N ASP D 77 -52.04 -1.69 -3.90
CA ASP D 77 -50.98 -1.03 -3.16
C ASP D 77 -49.63 -1.70 -3.42
N ILE D 78 -48.57 -0.91 -3.26
CA ILE D 78 -47.20 -1.41 -3.22
C ILE D 78 -46.71 -1.22 -1.80
N PHE D 79 -45.91 -2.17 -1.31
CA PHE D 79 -45.37 -2.09 0.06
C PHE D 79 -43.87 -1.89 -0.03
N PHE D 80 -43.43 -0.72 0.36
CA PHE D 80 -42.05 -0.27 0.19
C PHE D 80 -41.41 -0.35 1.58
N TYR D 81 -40.59 -1.38 1.79
CA TYR D 81 -39.95 -1.63 3.08
C TYR D 81 -38.58 -0.96 3.07
N ILE D 82 -38.33 -0.12 4.07
CA ILE D 82 -37.15 0.74 4.09
C ILE D 82 -36.30 0.41 5.30
N ASN D 83 -35.06 0.02 5.07
CA ASN D 83 -34.05 -0.06 6.12
C ASN D 83 -32.78 0.55 5.55
N SER D 84 -32.64 1.86 5.71
CA SER D 84 -31.58 2.56 5.02
C SER D 84 -31.02 3.68 5.88
N PRO D 85 -29.70 3.88 5.84
CA PRO D 85 -29.11 5.06 6.49
C PRO D 85 -29.13 6.31 5.63
N GLY D 86 -29.73 6.26 4.45
CA GLY D 86 -29.73 7.41 3.54
C GLY D 86 -28.71 7.24 2.42
N GLY D 87 -28.38 8.36 1.79
CA GLY D 87 -27.42 8.35 0.71
C GLY D 87 -27.66 9.53 -0.24
N SER D 88 -27.55 9.25 -1.54
CA SER D 88 -27.57 10.33 -2.52
C SER D 88 -28.94 11.00 -2.58
N VAL D 89 -28.94 12.33 -2.49
CA VAL D 89 -30.20 13.07 -2.56
C VAL D 89 -30.85 12.90 -3.94
N THR D 90 -30.06 13.05 -5.03
CA THR D 90 -30.68 12.95 -6.34
C THR D 90 -31.18 11.54 -6.62
N ALA D 91 -30.44 10.52 -6.18
CA ALA D 91 -30.92 9.15 -6.31
C ALA D 91 -32.21 8.96 -5.53
N GLY D 92 -32.27 9.52 -4.32
CA GLY D 92 -33.51 9.45 -3.56
C GLY D 92 -34.67 10.15 -4.25
N MET D 93 -34.40 11.30 -4.89
CA MET D 93 -35.49 11.99 -5.58
C MET D 93 -36.04 11.17 -6.72
N SER D 94 -35.20 10.35 -7.36
CA SER D 94 -35.71 9.51 -8.45
C SER D 94 -36.74 8.51 -7.93
N ILE D 95 -36.53 7.98 -6.71
CA ILE D 95 -37.52 7.13 -6.06
C ILE D 95 -38.73 7.95 -5.67
N TYR D 96 -38.50 9.09 -4.99
CA TYR D 96 -39.58 9.95 -4.53
C TYR D 96 -40.55 10.32 -5.64
N ASP D 97 -40.01 10.81 -6.76
CA ASP D 97 -40.82 11.26 -7.88
C ASP D 97 -41.55 10.09 -8.54
N THR D 98 -40.94 8.91 -8.57
CA THR D 98 -41.62 7.74 -9.10
C THR D 98 -42.76 7.29 -8.18
N MET D 99 -42.55 7.29 -6.86
CA MET D 99 -43.64 7.00 -5.92
C MET D 99 -44.83 7.91 -6.18
N ASN D 100 -44.56 9.20 -6.42
CA ASN D 100 -45.64 10.15 -6.63
C ASN D 100 -46.23 10.04 -8.03
N PHE D 101 -45.44 9.56 -8.98
CA PHE D 101 -45.91 9.52 -10.37
C PHE D 101 -46.86 8.36 -10.63
N ILE D 102 -46.51 7.16 -10.13
CA ILE D 102 -47.27 5.95 -10.44
C ILE D 102 -48.63 5.97 -9.77
N LYS D 103 -49.55 5.18 -10.34
CA LYS D 103 -50.91 5.14 -9.81
C LYS D 103 -51.03 4.48 -8.43
N PRO D 104 -50.47 3.29 -8.20
CA PRO D 104 -50.70 2.63 -6.90
C PRO D 104 -50.21 3.47 -5.73
N ASP D 105 -50.93 3.37 -4.61
CA ASP D 105 -50.44 3.86 -3.34
C ASP D 105 -49.16 3.14 -2.97
N VAL D 106 -48.15 3.88 -2.55
CA VAL D 106 -46.92 3.29 -2.05
C VAL D 106 -46.97 3.44 -0.54
N SER D 107 -47.30 2.33 0.12
CA SER D 107 -47.22 2.24 1.56
C SER D 107 -45.77 2.05 1.96
N THR D 108 -45.35 2.72 3.02
CA THR D 108 -43.97 2.62 3.48
C THR D 108 -43.91 2.00 4.87
N LEU D 109 -42.86 1.25 5.11
CA LEU D 109 -42.66 0.61 6.40
C LEU D 109 -41.20 0.75 6.75
N CYS D 110 -40.94 1.32 7.93
CA CYS D 110 -39.59 1.38 8.46
C CYS D 110 -39.35 0.12 9.27
N LEU D 111 -38.34 -0.64 8.88
CA LEU D 111 -37.83 -1.73 9.70
C LEU D 111 -36.35 -1.48 9.94
N GLY D 112 -35.93 -1.61 11.19
CA GLY D 112 -34.58 -1.23 11.54
C GLY D 112 -34.46 0.27 11.62
N GLN D 113 -34.15 0.96 10.51
CA GLN D 113 -34.05 2.40 10.59
C GLN D 113 -34.32 3.03 9.23
N ALA D 114 -34.78 4.27 9.27
CA ALA D 114 -34.91 5.13 8.10
C ALA D 114 -34.29 6.46 8.49
N ALA D 115 -33.08 6.71 7.99
CA ALA D 115 -32.30 7.88 8.33
C ALA D 115 -32.05 8.69 7.06
N SER D 116 -32.10 10.02 7.20
CA SER D 116 -31.78 10.97 6.14
C SER D 116 -32.66 10.70 4.94
N MET D 117 -32.13 10.44 3.75
CA MET D 117 -32.99 10.21 2.59
C MET D 117 -33.91 9.01 2.82
N GLY D 118 -33.49 8.05 3.66
CA GLY D 118 -34.38 6.95 4.02
C GLY D 118 -35.61 7.42 4.78
N ALA D 119 -35.43 8.35 5.72
CA ALA D 119 -36.57 8.92 6.43
C ALA D 119 -37.43 9.78 5.50
N PHE D 120 -36.79 10.49 4.56
CA PHE D 120 -37.54 11.27 3.59
C PHE D 120 -38.50 10.37 2.79
N LEU D 121 -37.99 9.26 2.27
CA LEU D 121 -38.81 8.34 1.49
C LEU D 121 -39.91 7.71 2.34
N LEU D 122 -39.57 7.35 3.57
CA LEU D 122 -40.56 6.82 4.51
C LEU D 122 -41.72 7.78 4.65
N SER D 123 -41.40 9.04 4.93
CA SER D 123 -42.42 10.07 5.13
C SER D 123 -43.14 10.43 3.84
N ALA D 124 -42.64 9.99 2.70
CA ALA D 124 -43.25 10.25 1.40
C ALA D 124 -44.31 9.24 1.02
N GLY D 125 -44.46 8.16 1.80
CA GLY D 125 -45.48 7.17 1.49
C GLY D 125 -46.87 7.77 1.50
N GLU D 126 -47.80 7.07 0.84
CA GLU D 126 -49.18 7.52 0.80
C GLU D 126 -49.63 7.79 2.23
N LYS D 127 -50.12 9.00 2.49
CA LYS D 127 -50.53 9.34 3.85
C LYS D 127 -51.68 8.45 4.27
N GLY D 128 -51.63 7.99 5.53
CA GLY D 128 -52.48 6.96 6.03
C GLY D 128 -51.86 5.57 5.96
N LYS D 129 -50.81 5.40 5.16
CA LYS D 129 -50.19 4.09 4.93
C LYS D 129 -48.69 4.12 5.17
N ARG D 130 -48.24 4.99 6.08
CA ARG D 130 -46.84 5.09 6.48
C ARG D 130 -46.68 4.48 7.86
N PHE D 131 -45.84 3.46 7.96
CA PHE D 131 -45.75 2.66 9.17
C PHE D 131 -44.31 2.52 9.63
N ALA D 132 -44.15 2.19 10.91
CA ALA D 132 -42.88 1.75 11.45
C ALA D 132 -43.13 0.59 12.39
N LEU D 133 -42.17 -0.32 12.45
CA LEU D 133 -42.19 -1.35 13.47
C LEU D 133 -41.77 -0.76 14.82
N PRO D 134 -42.13 -1.41 15.93
CA PRO D 134 -42.03 -0.73 17.24
C PRO D 134 -40.63 -0.24 17.60
N ASN D 135 -39.56 -0.94 17.22
CA ASN D 135 -38.23 -0.55 17.64
C ASN D 135 -37.41 0.05 16.50
N SER D 136 -38.05 0.43 15.41
CA SER D 136 -37.40 1.18 14.37
C SER D 136 -36.99 2.54 14.91
N ARG D 137 -36.01 3.15 14.26
CA ARG D 137 -35.64 4.51 14.59
C ARG D 137 -35.53 5.33 13.32
N ILE D 138 -35.91 6.59 13.43
CA ILE D 138 -35.86 7.56 12.35
C ILE D 138 -34.78 8.57 12.70
N MET D 139 -34.14 9.11 11.66
CA MET D 139 -33.21 10.20 11.88
C MET D 139 -33.31 11.15 10.70
N ILE D 140 -33.36 12.45 11.00
CA ILE D 140 -33.42 13.49 10.00
C ILE D 140 -32.31 14.50 10.29
N HIS D 141 -31.83 15.16 9.22
CA HIS D 141 -30.78 16.18 9.34
C HIS D 141 -30.70 16.94 8.02
N GLN D 142 -29.91 18.02 8.01
CA GLN D 142 -29.70 18.81 6.80
C GLN D 142 -28.72 18.09 5.89
N PRO D 143 -28.63 18.50 4.61
CA PRO D 143 -27.72 17.79 3.71
C PRO D 143 -26.29 17.95 4.17
N LEU D 144 -25.47 16.92 3.94
CA LEU D 144 -24.04 16.98 4.24
C LEU D 144 -23.28 16.46 3.04
N ILE D 145 -22.03 16.88 2.92
CA ILE D 145 -21.13 16.41 1.86
C ILE D 145 -19.90 15.81 2.52
N SER D 146 -19.50 14.62 2.04
CA SER D 146 -18.34 13.94 2.61
C SER D 146 -17.04 14.51 2.05
N GLY D 147 -16.92 14.60 0.74
CA GLY D 147 -15.68 15.01 0.09
C GLY D 147 -15.33 16.47 0.27
N GLY D 150 -13.88 20.92 -3.99
CA GLY D 150 -12.66 21.63 -4.30
C GLY D 150 -12.70 22.35 -5.63
N GLY D 151 -12.01 23.47 -5.69
CA GLY D 151 -11.83 24.18 -6.93
C GLY D 151 -11.69 25.66 -6.67
N GLN D 152 -12.03 26.43 -7.69
CA GLN D 152 -11.95 27.87 -7.56
C GLN D 152 -13.10 28.37 -6.69
N ALA D 153 -12.88 29.54 -6.09
CA ALA D 153 -13.92 30.17 -5.28
C ALA D 153 -15.23 30.30 -6.06
N SER D 154 -15.15 30.63 -7.36
CA SER D 154 -16.35 30.70 -8.18
C SER D 154 -17.10 29.36 -8.18
N ASP D 155 -16.36 28.25 -8.35
CA ASP D 155 -16.98 26.94 -8.40
C ASP D 155 -17.51 26.53 -7.03
N ILE D 156 -16.77 26.86 -5.98
CA ILE D 156 -17.23 26.54 -4.63
C ILE D 156 -18.52 27.31 -4.31
N GLU D 157 -18.61 28.55 -4.79
CA GLU D 157 -19.83 29.32 -4.59
C GLU D 157 -21.01 28.65 -5.30
N ILE D 158 -20.81 28.21 -6.53
CA ILE D 158 -21.88 27.56 -7.28
C ILE D 158 -22.39 26.33 -6.53
N HIS D 159 -21.48 25.48 -6.07
CA HIS D 159 -21.91 24.23 -5.47
C HIS D 159 -22.49 24.43 -4.07
N ALA D 160 -21.96 25.39 -3.30
CA ALA D 160 -22.54 25.73 -2.00
C ALA D 160 -23.96 26.27 -2.16
N ARG D 161 -24.19 27.12 -3.17
CA ARG D 161 -25.54 27.61 -3.40
C ARG D 161 -26.50 26.47 -3.76
N GLU D 162 -26.04 25.53 -4.59
CA GLU D 162 -26.87 24.37 -4.91
C GLU D 162 -27.15 23.54 -3.67
N LEU D 163 -26.15 23.39 -2.78
CA LEU D 163 -26.38 22.60 -1.58
C LEU D 163 -27.43 23.26 -0.68
N LEU D 164 -27.41 24.58 -0.59
CA LEU D 164 -28.43 25.28 0.20
C LEU D 164 -29.80 25.21 -0.47
N LYS D 165 -29.85 25.21 -1.80
CA LYS D 165 -31.14 25.01 -2.46
C LYS D 165 -31.72 23.64 -2.15
N ILE D 166 -30.88 22.59 -2.15
CA ILE D 166 -31.34 21.27 -1.75
C ILE D 166 -31.86 21.30 -0.32
N LYS D 167 -31.09 21.91 0.58
CA LYS D 167 -31.48 21.99 1.98
C LYS D 167 -32.83 22.65 2.15
N GLU D 168 -33.08 23.74 1.41
CA GLU D 168 -34.37 24.41 1.47
C GLU D 168 -35.49 23.53 0.91
N LYS D 169 -35.25 22.87 -0.22
CA LYS D 169 -36.29 22.04 -0.83
C LYS D 169 -36.66 20.88 0.09
N LEU D 170 -35.66 20.21 0.68
CA LEU D 170 -35.94 19.09 1.56
C LEU D 170 -36.69 19.53 2.82
N ASN D 171 -36.38 20.70 3.35
CA ASN D 171 -37.16 21.21 4.48
C ASN D 171 -38.61 21.49 4.07
N ARG D 172 -38.82 22.11 2.91
CA ARG D 172 -40.17 22.38 2.45
C ARG D 172 -40.93 21.08 2.20
N LEU D 173 -40.31 20.12 1.51
CA LEU D 173 -41.00 18.87 1.24
C LEU D 173 -41.22 18.06 2.52
N MET D 174 -40.23 18.01 3.41
CA MET D 174 -40.43 17.29 4.68
C MET D 174 -41.55 17.91 5.51
N ALA D 175 -41.61 19.24 5.55
CA ALA D 175 -42.67 19.92 6.29
C ALA D 175 -44.05 19.56 5.74
N LYS D 176 -44.18 19.49 4.41
CA LYS D 176 -45.43 19.05 3.81
C LYS D 176 -45.73 17.60 4.15
N HIS D 177 -44.74 16.71 4.04
CA HIS D 177 -44.97 15.32 4.41
C HIS D 177 -45.45 15.20 5.84
N CYS D 178 -44.87 15.97 6.75
CA CYS D 178 -45.14 15.86 8.17
C CYS D 178 -46.27 16.74 8.64
N ASP D 179 -46.87 17.56 7.76
CA ASP D 179 -47.94 18.46 8.16
C ASP D 179 -47.49 19.35 9.33
N ARG D 180 -46.31 19.96 9.18
CA ARG D 180 -45.76 20.82 10.22
C ARG D 180 -45.33 22.12 9.57
N ASP D 181 -45.02 23.11 10.40
CA ASP D 181 -44.56 24.39 9.88
C ASP D 181 -43.12 24.23 9.39
N LEU D 182 -42.78 24.97 8.33
CA LEU D 182 -41.43 24.94 7.79
C LEU D 182 -40.40 25.26 8.87
N ALA D 183 -40.70 26.23 9.74
CA ALA D 183 -39.75 26.60 10.79
C ALA D 183 -39.45 25.42 11.70
N ASP D 184 -40.44 24.56 11.93
CA ASP D 184 -40.20 23.35 12.70
C ASP D 184 -39.13 22.48 12.06
N LEU D 185 -39.25 22.22 10.75
CA LEU D 185 -38.27 21.35 10.09
C LEU D 185 -36.89 21.99 10.06
N GLU D 186 -36.80 23.30 9.82
CA GLU D 186 -35.50 23.97 9.83
C GLU D 186 -34.81 23.80 11.18
N ARG D 187 -35.54 24.02 12.26
CA ARG D 187 -34.97 23.87 13.60
C ARG D 187 -34.54 22.43 13.85
N ASP D 188 -35.40 21.47 13.50
CA ASP D 188 -35.21 20.10 13.96
C ASP D 188 -34.29 19.28 13.08
N THR D 189 -33.84 19.82 11.95
CA THR D 189 -32.89 19.13 11.09
C THR D 189 -31.51 19.78 11.12
N ASP D 190 -31.31 20.78 11.97
CA ASP D 190 -30.02 21.48 11.97
C ASP D 190 -28.87 20.54 12.30
N ARG D 191 -29.08 19.62 13.26
CA ARG D 191 -28.16 18.52 13.55
C ARG D 191 -28.95 17.21 13.58
N ASP D 192 -28.22 16.09 13.60
CA ASP D 192 -28.83 14.77 13.60
C ASP D 192 -29.90 14.69 14.67
N ASN D 193 -31.09 14.29 14.26
CA ASN D 193 -32.27 14.25 15.14
C ASN D 193 -32.83 12.83 15.10
N PHE D 194 -32.52 12.05 16.13
CA PHE D 194 -33.02 10.68 16.21
C PHE D 194 -34.42 10.68 16.83
N MET D 195 -35.29 9.84 16.28
CA MET D 195 -36.64 9.71 16.78
C MET D 195 -36.97 8.23 16.90
N SER D 196 -37.60 7.87 18.01
CA SER D 196 -38.22 6.57 18.14
C SER D 196 -39.46 6.49 17.23
N ALA D 197 -40.00 5.28 17.11
CA ALA D 197 -41.20 5.10 16.31
C ALA D 197 -42.33 6.01 16.79
N GLU D 198 -42.57 6.03 18.11
CA GLU D 198 -43.62 6.90 18.66
C GLU D 198 -43.31 8.37 18.42
N GLU D 199 -42.06 8.80 18.60
CA GLU D 199 -41.75 10.19 18.32
C GLU D 199 -41.97 10.51 16.85
N ALA D 200 -41.62 9.58 15.95
CA ALA D 200 -41.84 9.83 14.53
C ALA D 200 -43.32 9.97 14.21
N LYS D 201 -44.15 9.18 14.88
CA LYS D 201 -45.59 9.32 14.68
C LYS D 201 -46.09 10.66 15.17
N GLU D 202 -45.68 11.05 16.39
CA GLU D 202 -46.08 12.36 16.88
C GLU D 202 -45.56 13.48 15.96
N TYR D 203 -44.36 13.30 15.40
CA TYR D 203 -43.83 14.34 14.52
C TYR D 203 -44.60 14.46 13.21
N GLY D 204 -45.22 13.38 12.76
CA GLY D 204 -45.91 13.39 11.48
C GLY D 204 -45.21 12.67 10.35
N LEU D 205 -44.09 11.98 10.63
CA LEU D 205 -43.35 11.26 9.60
C LEU D 205 -44.02 9.97 9.21
N ILE D 206 -44.68 9.32 10.16
CA ILE D 206 -45.46 8.11 9.91
C ILE D 206 -46.84 8.28 10.52
N ASP D 207 -47.72 7.36 10.15
CA ASP D 207 -49.11 7.38 10.61
C ASP D 207 -49.36 6.42 11.76
N GLN D 208 -48.79 5.22 11.73
CA GLN D 208 -49.06 4.23 12.76
C GLN D 208 -47.85 3.34 12.98
N ILE D 209 -47.72 2.85 14.20
CA ILE D 209 -46.74 1.83 14.57
C ILE D 209 -47.45 0.49 14.58
N LEU D 210 -46.88 -0.49 13.88
CA LEU D 210 -47.49 -1.82 13.75
C LEU D 210 -46.72 -2.80 14.62
N GLU D 211 -47.37 -3.28 15.69
CA GLU D 211 -46.77 -4.31 16.53
C GLU D 211 -46.90 -5.70 15.95
N ASN D 212 -48.07 -6.03 15.40
CA ASN D 212 -48.27 -7.33 14.76
C ASN D 212 -49.43 -7.19 13.79
N ARG D 213 -49.87 -8.31 13.21
CA ARG D 213 -50.95 -8.22 12.23
C ARG D 213 -52.32 -8.02 12.85
N ALA D 214 -52.42 -7.79 14.16
CA ALA D 214 -53.71 -7.53 14.79
C ALA D 214 -53.98 -6.03 14.80
N VAL E 22 -30.67 -8.40 -8.96
CA VAL E 22 -31.73 -7.97 -9.86
C VAL E 22 -32.94 -8.91 -9.78
N PRO E 23 -34.07 -8.38 -9.30
CA PRO E 23 -35.29 -9.19 -9.25
C PRO E 23 -35.66 -9.73 -10.63
N THR E 24 -36.21 -10.94 -10.63
CA THR E 24 -36.69 -11.62 -11.82
C THR E 24 -38.21 -11.77 -11.76
N VAL E 25 -38.80 -11.90 -12.94
CA VAL E 25 -40.24 -12.07 -13.09
C VAL E 25 -40.48 -13.18 -14.10
N ILE E 26 -41.74 -13.62 -14.20
CA ILE E 26 -42.12 -14.69 -15.12
C ILE E 26 -42.04 -14.17 -16.56
N PHE E 36 -37.56 -13.57 -16.85
CA PHE E 36 -36.87 -12.36 -17.27
C PHE E 36 -36.58 -11.47 -16.05
N ASP E 37 -35.38 -10.90 -15.99
CA ASP E 37 -35.09 -9.93 -14.94
C ASP E 37 -35.87 -8.64 -15.17
N ILE E 38 -35.85 -7.77 -14.16
CA ILE E 38 -36.76 -6.62 -14.15
C ILE E 38 -36.41 -5.63 -15.26
N TYR E 39 -35.12 -5.48 -15.59
CA TYR E 39 -34.74 -4.55 -16.64
C TYR E 39 -35.12 -5.09 -18.01
N SER E 40 -34.95 -6.40 -18.22
CA SER E 40 -35.42 -7.01 -19.47
C SER E 40 -36.92 -6.88 -19.58
N ARG E 41 -37.62 -7.04 -18.44
CA ARG E 41 -39.06 -6.91 -18.41
C ARG E 41 -39.50 -5.50 -18.80
N LEU E 42 -38.82 -4.48 -18.27
CA LEU E 42 -39.18 -3.13 -18.64
C LEU E 42 -38.75 -2.81 -20.05
N LEU E 43 -37.70 -3.47 -20.53
CA LEU E 43 -37.32 -3.35 -21.93
C LEU E 43 -38.44 -3.83 -22.86
N LYS E 44 -39.27 -4.77 -22.38
CA LYS E 44 -40.43 -5.23 -23.14
C LYS E 44 -41.42 -4.09 -23.35
N GLU E 45 -41.46 -3.12 -22.45
CA GLU E 45 -42.25 -1.92 -22.59
C GLU E 45 -41.50 -0.79 -23.29
N ARG E 46 -40.35 -1.10 -23.90
CA ARG E 46 -39.54 -0.13 -24.65
C ARG E 46 -38.95 0.95 -23.76
N ILE E 47 -38.68 0.62 -22.49
CA ILE E 47 -37.98 1.50 -21.55
C ILE E 47 -36.51 1.08 -21.51
N VAL E 48 -35.62 2.05 -21.75
CA VAL E 48 -34.18 1.86 -21.69
C VAL E 48 -33.65 2.82 -20.63
N PHE E 49 -32.79 2.33 -19.75
CA PHE E 49 -32.21 3.15 -18.69
C PHE E 49 -30.76 3.50 -18.97
N LEU E 50 -30.38 4.75 -18.66
CA LEU E 50 -29.00 5.15 -18.51
C LEU E 50 -28.84 5.63 -17.07
N VAL E 51 -28.11 4.85 -16.27
CA VAL E 51 -27.98 5.10 -14.84
C VAL E 51 -26.50 5.15 -14.48
N GLY E 52 -26.06 6.24 -13.87
CA GLY E 52 -24.70 6.39 -13.47
C GLY E 52 -23.81 6.90 -14.60
N PRO E 53 -22.49 6.88 -14.37
CA PRO E 53 -21.57 7.49 -15.34
C PRO E 53 -21.65 6.87 -16.73
N VAL E 54 -21.54 7.72 -17.74
CA VAL E 54 -21.52 7.27 -19.13
C VAL E 54 -20.11 6.76 -19.45
N THR E 55 -19.98 5.46 -19.68
CA THR E 55 -18.74 4.85 -20.13
C THR E 55 -18.98 4.19 -21.49
N ASP E 56 -17.90 3.75 -22.14
CA ASP E 56 -18.04 3.04 -23.41
C ASP E 56 -18.99 1.87 -23.28
N GLU E 57 -18.88 1.14 -22.17
CA GLU E 57 -19.68 -0.06 -21.93
C GLU E 57 -21.13 0.33 -21.63
N SER E 58 -21.32 1.32 -20.75
CA SER E 58 -22.70 1.65 -20.39
C SER E 58 -23.40 2.28 -21.58
N ALA E 59 -22.69 3.09 -22.34
CA ALA E 59 -23.27 3.72 -23.53
C ALA E 59 -23.62 2.69 -24.58
N ASN E 60 -22.73 1.74 -24.83
CA ASN E 60 -23.02 0.77 -25.89
C ASN E 60 -24.15 -0.17 -25.51
N LEU E 61 -24.32 -0.47 -24.22
CA LEU E 61 -25.49 -1.24 -23.79
C LEU E 61 -26.79 -0.52 -24.12
N VAL E 62 -26.80 0.81 -23.93
CA VAL E 62 -27.97 1.59 -24.35
C VAL E 62 -28.15 1.51 -25.86
N VAL E 63 -27.05 1.69 -26.61
CA VAL E 63 -27.11 1.60 -28.08
C VAL E 63 -27.70 0.26 -28.51
N ALA E 64 -27.21 -0.82 -27.90
CA ALA E 64 -27.71 -2.15 -28.22
C ALA E 64 -29.20 -2.26 -27.95
N GLN E 65 -29.66 -1.69 -26.83
CA GLN E 65 -31.09 -1.71 -26.53
C GLN E 65 -31.87 -0.90 -27.54
N LEU E 66 -31.34 0.25 -27.96
CA LEU E 66 -32.04 1.06 -28.96
C LEU E 66 -32.16 0.32 -30.28
N LEU E 67 -31.07 -0.30 -30.74
CA LEU E 67 -31.13 -1.07 -31.98
C LEU E 67 -32.06 -2.27 -31.86
N PHE E 68 -32.04 -2.94 -30.71
CA PHE E 68 -32.97 -4.06 -30.49
C PHE E 68 -34.41 -3.59 -30.58
N LEU E 69 -34.74 -2.49 -29.89
CA LEU E 69 -36.13 -2.05 -29.90
C LEU E 69 -36.58 -1.64 -31.30
N GLU E 70 -35.70 -0.98 -32.05
CA GLU E 70 -36.01 -0.63 -33.44
C GLU E 70 -36.27 -1.90 -34.25
N SER E 71 -35.45 -2.93 -34.07
CA SER E 71 -35.67 -4.18 -34.80
C SER E 71 -37.02 -4.80 -34.45
N GLU E 72 -37.41 -4.71 -33.18
CA GLU E 72 -38.69 -5.27 -32.71
C GLU E 72 -39.87 -4.52 -33.31
N ASN E 73 -39.79 -3.21 -33.38
CA ASN E 73 -40.83 -2.38 -33.96
C ASN E 73 -40.27 -1.02 -34.30
N PRO E 74 -40.01 -0.74 -35.59
CA PRO E 74 -39.29 0.50 -35.95
C PRO E 74 -40.11 1.77 -35.82
N ASP E 75 -41.41 1.69 -35.54
CA ASP E 75 -42.23 2.90 -35.53
C ASP E 75 -42.72 3.33 -34.16
N LYS E 76 -42.63 2.48 -33.13
CA LYS E 76 -43.12 2.86 -31.83
C LYS E 76 -42.04 3.61 -31.06
N ASP E 77 -42.47 4.62 -30.32
CA ASP E 77 -41.59 5.44 -29.50
C ASP E 77 -40.78 4.56 -28.55
N ILE E 78 -39.59 5.04 -28.21
CA ILE E 78 -38.77 4.46 -27.16
C ILE E 78 -38.69 5.47 -26.02
N PHE E 79 -38.72 4.98 -24.78
CA PHE E 79 -38.66 5.82 -23.58
C PHE E 79 -37.32 5.60 -22.88
N PHE E 80 -36.48 6.64 -22.94
CA PHE E 80 -35.09 6.60 -22.50
C PHE E 80 -35.00 7.36 -21.18
N TYR E 81 -34.85 6.60 -20.10
CA TYR E 81 -34.81 7.12 -18.75
C TYR E 81 -33.35 7.38 -18.33
N ILE E 82 -33.08 8.60 -17.91
CA ILE E 82 -31.71 9.05 -17.66
C ILE E 82 -31.57 9.50 -16.23
N ASN E 83 -30.67 8.85 -15.48
CA ASN E 83 -30.23 9.31 -14.16
C ASN E 83 -28.70 9.19 -14.14
N SER E 84 -28.02 10.27 -14.55
CA SER E 84 -26.60 10.11 -14.81
C SER E 84 -25.86 11.40 -14.48
N PRO E 85 -24.66 11.29 -13.91
CA PRO E 85 -23.82 12.49 -13.71
C PRO E 85 -22.98 12.87 -14.92
N GLY E 86 -23.13 12.18 -16.04
CA GLY E 86 -22.30 12.42 -17.19
C GLY E 86 -21.22 11.39 -17.32
N GLY E 87 -20.20 11.73 -18.10
CA GLY E 87 -19.11 10.83 -18.33
C GLY E 87 -18.45 11.12 -19.67
N SER E 88 -18.06 10.06 -20.37
CA SER E 88 -17.25 10.21 -21.57
C SER E 88 -18.03 10.86 -22.70
N VAL E 89 -17.41 11.87 -23.33
CA VAL E 89 -18.06 12.57 -24.43
C VAL E 89 -18.25 11.66 -25.64
N THR E 90 -17.21 10.90 -26.02
CA THR E 90 -17.37 10.05 -27.19
C THR E 90 -18.37 8.93 -26.92
N ALA E 91 -18.39 8.40 -25.69
CA ALA E 91 -19.40 7.40 -25.36
C ALA E 91 -20.81 7.99 -25.46
N GLY E 92 -21.02 9.19 -24.92
CA GLY E 92 -22.32 9.82 -25.03
C GLY E 92 -22.71 10.08 -26.47
N MET E 93 -21.74 10.48 -27.32
CA MET E 93 -22.03 10.69 -28.74
C MET E 93 -22.49 9.42 -29.43
N SER E 94 -22.00 8.26 -29.02
CA SER E 94 -22.49 7.02 -29.64
C SER E 94 -23.98 6.80 -29.35
N ILE E 95 -24.43 7.17 -28.14
CA ILE E 95 -25.85 7.14 -27.82
C ILE E 95 -26.60 8.19 -28.63
N TYR E 96 -26.10 9.42 -28.61
CA TYR E 96 -26.74 10.52 -29.32
C TYR E 96 -26.95 10.21 -30.79
N ASP E 97 -25.89 9.80 -31.49
CA ASP E 97 -26.02 9.52 -32.91
C ASP E 97 -26.94 8.33 -33.17
N THR E 98 -26.98 7.36 -32.24
CA THR E 98 -27.91 6.24 -32.38
C THR E 98 -29.34 6.70 -32.20
N MET E 99 -29.58 7.54 -31.19
CA MET E 99 -30.90 8.12 -31.01
C MET E 99 -31.40 8.79 -32.28
N ASN E 100 -30.53 9.55 -32.95
CA ASN E 100 -30.95 10.23 -34.18
C ASN E 100 -30.97 9.29 -35.38
N PHE E 101 -30.20 8.20 -35.36
CA PHE E 101 -30.11 7.30 -36.52
C PHE E 101 -31.34 6.41 -36.66
N ILE E 102 -31.80 5.82 -35.55
CA ILE E 102 -32.86 4.82 -35.61
C ILE E 102 -34.18 5.49 -36.00
N LYS E 103 -35.09 4.65 -36.53
CA LYS E 103 -36.36 5.18 -37.01
C LYS E 103 -37.26 5.66 -35.87
N PRO E 104 -37.43 4.92 -34.76
CA PRO E 104 -38.34 5.39 -33.72
C PRO E 104 -37.91 6.72 -33.13
N ASP E 105 -38.90 7.52 -32.72
CA ASP E 105 -38.63 8.63 -31.85
C ASP E 105 -38.09 8.14 -30.50
N VAL E 106 -37.08 8.81 -29.98
CA VAL E 106 -36.60 8.53 -28.62
C VAL E 106 -37.05 9.65 -27.70
N SER E 107 -38.01 9.32 -26.84
CA SER E 107 -38.44 10.18 -25.76
C SER E 107 -37.47 10.05 -24.59
N THR E 108 -37.14 11.17 -23.95
CA THR E 108 -36.22 11.11 -22.84
C THR E 108 -36.93 11.57 -21.58
N LEU E 109 -36.53 10.98 -20.45
CA LEU E 109 -37.07 11.34 -19.15
C LEU E 109 -35.93 11.44 -18.17
N CYS E 110 -35.81 12.60 -17.52
CA CYS E 110 -34.84 12.80 -16.45
C CYS E 110 -35.47 12.42 -15.11
N LEU E 111 -34.91 11.44 -14.44
CA LEU E 111 -35.23 11.10 -13.07
C LEU E 111 -33.97 11.17 -12.23
N GLY E 112 -34.07 11.80 -11.07
CA GLY E 112 -32.87 12.02 -10.29
C GLY E 112 -32.08 13.17 -10.88
N GLN E 113 -31.20 12.87 -11.84
CA GLN E 113 -30.42 13.95 -12.42
C GLN E 113 -29.97 13.61 -13.84
N ALA E 114 -29.72 14.67 -14.59
CA ALA E 114 -29.08 14.57 -15.89
C ALA E 114 -28.06 15.70 -15.92
N ALA E 115 -26.79 15.36 -15.73
CA ALA E 115 -25.72 16.36 -15.67
C ALA E 115 -24.71 16.09 -16.78
N SER E 116 -24.17 17.16 -17.36
CA SER E 116 -23.10 17.09 -18.36
C SER E 116 -23.59 16.25 -19.52
N MET E 117 -22.90 15.18 -19.91
CA MET E 117 -23.35 14.35 -21.01
C MET E 117 -24.76 13.80 -20.77
N GLY E 118 -25.14 13.59 -19.51
CA GLY E 118 -26.50 13.19 -19.19
C GLY E 118 -27.53 14.23 -19.59
N ALA E 119 -27.23 15.51 -19.31
CA ALA E 119 -28.11 16.60 -19.74
C ALA E 119 -28.13 16.74 -21.25
N PHE E 120 -26.98 16.51 -21.90
CA PHE E 120 -26.93 16.57 -23.36
C PHE E 120 -27.88 15.55 -23.98
N LEU E 121 -27.83 14.30 -23.48
CA LEU E 121 -28.71 13.27 -24.00
C LEU E 121 -30.16 13.56 -23.68
N LEU E 122 -30.43 14.05 -22.47
CA LEU E 122 -31.80 14.46 -22.13
C LEU E 122 -32.35 15.44 -23.16
N SER E 123 -31.55 16.46 -23.51
CA SER E 123 -31.98 17.49 -24.45
C SER E 123 -32.04 16.98 -25.88
N ALA E 124 -31.46 15.82 -26.18
CA ALA E 124 -31.44 15.29 -27.53
C ALA E 124 -32.66 14.44 -27.86
N GLY E 125 -33.52 14.16 -26.89
CA GLY E 125 -34.74 13.43 -27.18
C GLY E 125 -35.60 14.16 -28.20
N GLU E 126 -36.51 13.41 -28.82
CA GLU E 126 -37.42 13.98 -29.80
C GLU E 126 -38.12 15.19 -29.22
N LYS E 127 -38.05 16.32 -29.93
CA LYS E 127 -38.62 17.54 -29.40
C LYS E 127 -40.13 17.38 -29.23
N GLY E 128 -40.63 17.84 -28.09
CA GLY E 128 -41.96 17.56 -27.62
C GLY E 128 -42.05 16.39 -26.67
N LYS E 129 -41.05 15.53 -26.63
CA LYS E 129 -41.08 14.31 -25.83
C LYS E 129 -39.89 14.23 -24.87
N ARG E 130 -39.38 15.39 -24.44
CA ARG E 130 -38.32 15.46 -23.44
C ARG E 130 -38.95 15.89 -22.11
N PHE E 131 -38.81 15.05 -21.10
CA PHE E 131 -39.51 15.26 -19.85
C PHE E 131 -38.53 15.18 -18.69
N ALA E 132 -38.94 15.79 -17.58
CA ALA E 132 -38.27 15.61 -16.30
C ALA E 132 -39.34 15.37 -15.25
N LEU E 133 -39.00 14.58 -14.24
CA LEU E 133 -39.83 14.44 -13.06
C LEU E 133 -39.64 15.67 -12.18
N PRO E 134 -40.59 15.95 -11.27
CA PRO E 134 -40.64 17.30 -10.67
C PRO E 134 -39.41 17.73 -9.90
N ASN E 135 -38.72 16.81 -9.22
CA ASN E 135 -37.56 17.17 -8.41
C ASN E 135 -36.27 16.71 -9.04
N SER E 136 -36.30 16.41 -10.34
CA SER E 136 -35.11 16.12 -11.10
C SER E 136 -34.23 17.35 -11.17
N ARG E 137 -32.95 17.12 -11.39
CA ARG E 137 -31.96 18.19 -11.49
C ARG E 137 -31.16 18.04 -12.77
N ILE E 138 -30.89 19.17 -13.42
CA ILE E 138 -30.10 19.26 -14.64
C ILE E 138 -28.85 20.04 -14.33
N MET E 139 -27.73 19.68 -14.97
CA MET E 139 -26.55 20.52 -14.87
C MET E 139 -25.80 20.48 -16.19
N ILE E 140 -25.38 21.64 -16.67
CA ILE E 140 -24.61 21.75 -17.90
C ILE E 140 -23.30 22.46 -17.59
N HIS E 141 -22.29 22.15 -18.38
CA HIS E 141 -20.99 22.78 -18.20
C HIS E 141 -20.12 22.48 -19.41
N GLN E 142 -18.96 23.11 -19.45
CA GLN E 142 -18.02 22.87 -20.52
C GLN E 142 -17.25 21.59 -20.25
N PRO E 143 -16.59 21.03 -21.26
CA PRO E 143 -15.85 19.77 -21.08
C PRO E 143 -14.76 19.90 -20.02
N LEU E 144 -14.49 18.76 -19.38
CA LEU E 144 -13.48 18.56 -18.36
C LEU E 144 -12.63 17.34 -18.69
N ILE E 145 -11.36 17.37 -18.25
CA ILE E 145 -10.50 16.19 -18.26
C ILE E 145 -9.76 16.15 -16.93
N SER E 146 -9.18 14.99 -16.64
CA SER E 146 -8.34 14.84 -15.45
C SER E 146 -6.96 14.27 -15.81
N GLY E 150 -0.43 15.60 -20.60
CA GLY E 150 0.23 15.10 -21.80
C GLY E 150 1.74 15.27 -21.76
N GLY E 151 2.42 14.87 -22.82
CA GLY E 151 3.86 14.99 -22.89
C GLY E 151 4.42 16.24 -23.56
N GLN E 152 4.83 16.13 -24.82
CA GLN E 152 5.46 17.26 -25.48
C GLN E 152 4.44 18.35 -25.78
N ALA E 153 4.93 19.59 -25.85
CA ALA E 153 4.08 20.74 -26.19
C ALA E 153 3.32 20.54 -27.50
N SER E 154 3.94 19.91 -28.50
CA SER E 154 3.25 19.64 -29.77
C SER E 154 2.00 18.80 -29.55
N ASP E 155 2.10 17.78 -28.69
CA ASP E 155 0.96 16.89 -28.42
C ASP E 155 -0.09 17.57 -27.56
N ILE E 156 0.35 18.39 -26.59
CA ILE E 156 -0.61 19.12 -25.77
C ILE E 156 -1.39 20.11 -26.62
N GLU E 157 -0.72 20.74 -27.58
CA GLU E 157 -1.40 21.62 -28.52
C GLU E 157 -2.44 20.85 -29.32
N ILE E 158 -2.06 19.67 -29.82
CA ILE E 158 -2.99 18.87 -30.60
C ILE E 158 -4.23 18.53 -29.78
N HIS E 159 -4.05 18.11 -28.52
CA HIS E 159 -5.18 17.68 -27.73
C HIS E 159 -6.00 18.84 -27.17
N ALA E 160 -5.35 19.98 -26.87
CA ALA E 160 -6.09 21.18 -26.46
C ALA E 160 -6.94 21.71 -27.61
N ARG E 161 -6.41 21.72 -28.85
CA ARG E 161 -7.24 22.13 -29.97
C ARG E 161 -8.42 21.17 -30.18
N GLU E 162 -8.20 19.86 -30.03
CA GLU E 162 -9.32 18.93 -30.16
C GLU E 162 -10.36 19.17 -29.06
N LEU E 163 -9.90 19.42 -27.83
CA LEU E 163 -10.83 19.68 -26.73
C LEU E 163 -11.66 20.93 -26.99
N LEU E 164 -11.04 21.97 -27.56
CA LEU E 164 -11.79 23.20 -27.81
C LEU E 164 -12.81 23.02 -28.93
N LYS E 165 -12.47 22.23 -29.95
CA LYS E 165 -13.45 21.89 -30.98
C LYS E 165 -14.62 21.10 -30.38
N ILE E 166 -14.33 20.17 -29.46
CA ILE E 166 -15.41 19.47 -28.76
C ILE E 166 -16.28 20.47 -28.02
N LYS E 167 -15.66 21.42 -27.31
CA LYS E 167 -16.41 22.42 -26.58
C LYS E 167 -17.32 23.22 -27.51
N GLU E 168 -16.79 23.67 -28.65
CA GLU E 168 -17.64 24.41 -29.60
C GLU E 168 -18.74 23.51 -30.18
N LYS E 169 -18.40 22.28 -30.57
CA LYS E 169 -19.42 21.39 -31.13
C LYS E 169 -20.55 21.14 -30.13
N LEU E 170 -20.21 20.86 -28.88
CA LEU E 170 -21.25 20.58 -27.91
C LEU E 170 -22.12 21.80 -27.66
N ASN E 171 -21.52 23.00 -27.62
CA ASN E 171 -22.33 24.21 -27.45
C ASN E 171 -23.24 24.42 -28.66
N ARG E 172 -22.74 24.20 -29.87
CA ARG E 172 -23.56 24.38 -31.06
C ARG E 172 -24.72 23.39 -31.04
N LEU E 173 -24.43 22.13 -30.74
CA LEU E 173 -25.49 21.11 -30.69
C LEU E 173 -26.48 21.39 -29.57
N MET E 174 -25.99 21.82 -28.39
CA MET E 174 -26.88 22.15 -27.28
C MET E 174 -27.79 23.33 -27.61
N ALA E 175 -27.23 24.34 -28.28
CA ALA E 175 -28.04 25.48 -28.69
C ALA E 175 -29.16 25.06 -29.64
N LYS E 176 -28.87 24.15 -30.57
CA LYS E 176 -29.91 23.63 -31.45
C LYS E 176 -30.97 22.87 -30.63
N HIS E 177 -30.53 22.00 -29.71
CA HIS E 177 -31.47 21.26 -28.85
C HIS E 177 -32.37 22.22 -28.06
N CYS E 178 -31.81 23.29 -27.54
CA CYS E 178 -32.54 24.19 -26.66
C CYS E 178 -33.23 25.32 -27.39
N ASP E 179 -33.08 25.41 -28.72
CA ASP E 179 -33.65 26.52 -29.50
C ASP E 179 -33.16 27.86 -28.95
N ARG E 180 -31.85 27.96 -28.79
CA ARG E 180 -31.20 29.13 -28.20
C ARG E 180 -30.00 29.54 -29.03
N ASP E 181 -29.48 30.73 -28.71
CA ASP E 181 -28.29 31.28 -29.36
C ASP E 181 -27.04 30.58 -28.86
N LEU E 182 -26.05 30.44 -29.76
CA LEU E 182 -24.77 29.88 -29.36
C LEU E 182 -24.14 30.65 -28.20
N ALA E 183 -24.23 31.99 -28.25
CA ALA E 183 -23.62 32.82 -27.23
C ALA E 183 -24.24 32.56 -25.86
N ASP E 184 -25.54 32.28 -25.81
CA ASP E 184 -26.17 31.90 -24.54
C ASP E 184 -25.55 30.63 -23.98
N LEU E 185 -25.42 29.60 -24.80
CA LEU E 185 -24.88 28.33 -24.30
C LEU E 185 -23.43 28.52 -23.85
N GLU E 186 -22.66 29.33 -24.57
CA GLU E 186 -21.29 29.59 -24.17
C GLU E 186 -21.22 30.22 -22.78
N ARG E 187 -21.99 31.28 -22.54
CA ARG E 187 -21.94 31.89 -21.20
C ARG E 187 -22.46 30.94 -20.14
N ASP E 188 -23.51 30.17 -20.45
CA ASP E 188 -24.19 29.40 -19.41
C ASP E 188 -23.51 28.06 -19.12
N THR E 189 -22.49 27.68 -19.88
CA THR E 189 -21.76 26.46 -19.59
C THR E 189 -20.34 26.74 -19.14
N ASP E 190 -19.97 28.01 -18.96
CA ASP E 190 -18.60 28.34 -18.58
C ASP E 190 -18.22 27.70 -17.26
N ARG E 191 -19.16 27.65 -16.32
CA ARG E 191 -19.02 26.91 -15.08
C ARG E 191 -20.25 26.06 -14.87
N ASP E 192 -20.18 25.15 -13.90
CA ASP E 192 -21.30 24.28 -13.56
C ASP E 192 -22.57 25.12 -13.39
N ASN E 193 -23.61 24.74 -14.13
CA ASN E 193 -24.87 25.49 -14.13
C ASN E 193 -25.98 24.51 -13.78
N PHE E 194 -26.40 24.54 -12.52
CA PHE E 194 -27.47 23.68 -12.03
C PHE E 194 -28.83 24.29 -12.36
N MET E 195 -29.78 23.44 -12.76
CA MET E 195 -31.12 23.88 -13.10
C MET E 195 -32.15 22.94 -12.48
N SER E 196 -33.19 23.53 -11.93
CA SER E 196 -34.38 22.79 -11.54
C SER E 196 -35.07 22.27 -12.80
N ALA E 197 -36.06 21.42 -12.60
CA ALA E 197 -36.86 20.97 -13.74
C ALA E 197 -37.52 22.15 -14.42
N GLU E 198 -38.08 23.07 -13.62
CA GLU E 198 -38.75 24.23 -14.19
C GLU E 198 -37.76 25.08 -14.98
N GLU E 199 -36.57 25.30 -14.42
CA GLU E 199 -35.56 26.08 -15.14
C GLU E 199 -35.13 25.38 -16.42
N ALA E 200 -34.97 24.06 -16.37
CA ALA E 200 -34.57 23.35 -17.58
C ALA E 200 -35.64 23.49 -18.65
N LYS E 201 -36.91 23.51 -18.25
CA LYS E 201 -38.00 23.76 -19.20
C LYS E 201 -37.92 25.20 -19.72
N GLU E 202 -37.73 26.17 -18.82
CA GLU E 202 -37.59 27.55 -19.26
C GLU E 202 -36.41 27.69 -20.23
N TYR E 203 -35.31 26.98 -19.95
CA TYR E 203 -34.12 27.08 -20.79
C TYR E 203 -34.38 26.53 -22.20
N GLY E 204 -35.31 25.60 -22.34
CA GLY E 204 -35.51 24.94 -23.61
C GLY E 204 -34.88 23.56 -23.66
N LEU E 205 -34.35 23.08 -22.54
CA LEU E 205 -33.68 21.79 -22.53
C LEU E 205 -34.68 20.63 -22.51
N ILE E 206 -35.83 20.82 -21.88
CA ILE E 206 -36.90 19.82 -21.86
C ILE E 206 -38.17 20.52 -22.29
N ASP E 207 -39.18 19.71 -22.61
CA ASP E 207 -40.48 20.20 -23.07
C ASP E 207 -41.50 20.26 -21.96
N GLN E 208 -41.54 19.27 -21.06
CA GLN E 208 -42.56 19.26 -20.03
C GLN E 208 -42.05 18.56 -18.78
N ILE E 209 -42.59 19.00 -17.63
CA ILE E 209 -42.39 18.35 -16.34
C ILE E 209 -43.61 17.46 -16.07
N LEU E 210 -43.38 16.18 -15.78
CA LEU E 210 -44.45 15.23 -15.52
C LEU E 210 -44.53 14.93 -14.02
N GLU E 211 -45.61 15.35 -13.40
CA GLU E 211 -45.88 14.98 -12.01
C GLU E 211 -46.51 13.60 -11.92
N ASN E 212 -47.41 13.26 -12.85
CA ASN E 212 -48.03 11.95 -12.96
C ASN E 212 -48.58 11.84 -14.38
N ARG E 213 -49.34 10.79 -14.67
CA ARG E 213 -49.82 10.68 -16.04
C ARG E 213 -50.94 11.64 -16.39
N ALA E 214 -51.32 12.55 -15.50
CA ALA E 214 -52.34 13.53 -15.84
C ALA E 214 -51.76 14.84 -16.34
N SER E 215 -50.44 15.02 -16.24
CA SER E 215 -49.81 16.20 -16.82
C SER E 215 -49.04 15.82 -18.10
N LEU F 21 -26.45 -7.07 -15.68
CA LEU F 21 -25.54 -6.16 -16.37
C LEU F 21 -25.72 -6.24 -17.88
N VAL F 22 -26.71 -6.99 -18.33
CA VAL F 22 -26.99 -7.16 -19.75
C VAL F 22 -28.39 -7.73 -19.92
N PRO F 23 -29.33 -6.98 -20.49
CA PRO F 23 -30.72 -7.47 -20.57
C PRO F 23 -30.87 -8.58 -21.61
N THR F 24 -31.73 -9.54 -21.29
CA THR F 24 -32.13 -10.63 -22.18
C THR F 24 -33.46 -10.31 -22.86
N VAL F 25 -33.71 -10.97 -23.98
CA VAL F 25 -34.93 -10.72 -24.75
C VAL F 25 -35.64 -12.03 -25.15
N PHE F 36 -31.94 -15.15 -24.86
CA PHE F 36 -30.61 -14.68 -25.23
C PHE F 36 -30.43 -13.21 -24.81
N ASP F 37 -29.25 -12.87 -24.29
CA ASP F 37 -28.99 -11.50 -23.90
C ASP F 37 -28.93 -10.62 -25.16
N ILE F 38 -28.87 -9.31 -24.95
CA ILE F 38 -29.07 -8.36 -26.03
C ILE F 38 -27.99 -8.47 -27.09
N TYR F 39 -26.75 -8.77 -26.70
CA TYR F 39 -25.68 -8.87 -27.71
C TYR F 39 -25.81 -10.15 -28.51
N SER F 40 -26.21 -11.25 -27.86
CA SER F 40 -26.53 -12.45 -28.62
C SER F 40 -27.71 -12.22 -29.55
N ARG F 41 -28.68 -11.44 -29.10
CA ARG F 41 -29.84 -11.13 -29.95
C ARG F 41 -29.42 -10.34 -31.19
N LEU F 42 -28.56 -9.33 -31.03
CA LEU F 42 -28.11 -8.55 -32.18
C LEU F 42 -27.13 -9.34 -33.03
N LEU F 43 -26.42 -10.30 -32.42
CA LEU F 43 -25.58 -11.21 -33.18
C LEU F 43 -26.38 -12.01 -34.18
N LYS F 44 -27.65 -12.29 -33.87
CA LYS F 44 -28.54 -12.90 -34.86
C LYS F 44 -28.85 -11.98 -36.03
N GLU F 45 -28.73 -10.66 -35.85
CA GLU F 45 -28.83 -9.71 -36.96
C GLU F 45 -27.48 -9.52 -37.65
N ARG F 46 -26.48 -10.33 -37.29
CA ARG F 46 -25.12 -10.27 -37.86
C ARG F 46 -24.40 -8.99 -37.46
N ILE F 47 -24.71 -8.44 -36.29
CA ILE F 47 -24.04 -7.27 -35.73
C ILE F 47 -23.01 -7.71 -34.67
N VAL F 48 -21.76 -7.29 -34.84
CA VAL F 48 -20.68 -7.56 -33.90
C VAL F 48 -20.15 -6.23 -33.39
N PHE F 49 -19.92 -6.13 -32.07
CA PHE F 49 -19.41 -4.90 -31.48
C PHE F 49 -17.95 -5.06 -31.09
N LEU F 50 -17.16 -4.00 -31.32
CA LEU F 50 -15.86 -3.82 -30.69
C LEU F 50 -15.97 -2.56 -29.86
N VAL F 51 -15.97 -2.71 -28.53
CA VAL F 51 -16.23 -1.62 -27.61
C VAL F 51 -15.10 -1.56 -26.59
N GLY F 52 -14.49 -0.39 -26.46
CA GLY F 52 -13.44 -0.22 -25.49
C GLY F 52 -12.10 -0.73 -26.00
N PRO F 53 -11.13 -0.82 -25.09
CA PRO F 53 -9.76 -1.15 -25.49
C PRO F 53 -9.67 -2.50 -26.18
N VAL F 54 -8.76 -2.58 -27.15
CA VAL F 54 -8.54 -3.81 -27.91
C VAL F 54 -7.49 -4.64 -27.19
N THR F 55 -7.92 -5.75 -26.60
CA THR F 55 -7.05 -6.70 -25.93
C THR F 55 -7.12 -8.05 -26.64
N ASP F 56 -6.21 -8.95 -26.27
CA ASP F 56 -6.26 -10.31 -26.81
C ASP F 56 -7.63 -10.92 -26.65
N GLU F 57 -8.23 -10.76 -25.46
CA GLU F 57 -9.51 -11.37 -25.15
C GLU F 57 -10.65 -10.70 -25.89
N SER F 58 -10.67 -9.36 -25.92
CA SER F 58 -11.76 -8.71 -26.62
C SER F 58 -11.63 -8.90 -28.13
N ALA F 59 -10.40 -8.91 -28.66
CA ALA F 59 -10.24 -9.13 -30.09
C ALA F 59 -10.62 -10.56 -30.49
N ASN F 60 -10.19 -11.57 -29.72
CA ASN F 60 -10.52 -12.93 -30.13
C ASN F 60 -12.01 -13.20 -30.04
N LEU F 61 -12.70 -12.53 -29.11
CA LEU F 61 -14.15 -12.61 -29.05
C LEU F 61 -14.78 -12.07 -30.34
N VAL F 62 -14.21 -10.99 -30.88
CA VAL F 62 -14.67 -10.52 -32.18
C VAL F 62 -14.40 -11.57 -33.26
N VAL F 63 -13.19 -12.12 -33.25
CA VAL F 63 -12.81 -13.16 -34.22
C VAL F 63 -13.83 -14.30 -34.19
N ALA F 64 -14.15 -14.75 -32.98
CA ALA F 64 -15.07 -15.87 -32.81
C ALA F 64 -16.43 -15.57 -33.40
N GLN F 65 -16.92 -14.35 -33.17
CA GLN F 65 -18.21 -13.97 -33.71
C GLN F 65 -18.15 -13.90 -35.23
N LEU F 66 -17.03 -13.44 -35.78
CA LEU F 66 -16.87 -13.38 -37.23
C LEU F 66 -16.92 -14.76 -37.85
N LEU F 67 -16.17 -15.71 -37.27
CA LEU F 67 -16.19 -17.08 -37.78
C LEU F 67 -17.55 -17.70 -37.61
N PHE F 68 -18.20 -17.43 -36.48
CA PHE F 68 -19.54 -17.97 -36.26
C PHE F 68 -20.51 -17.47 -37.33
N LEU F 69 -20.52 -16.16 -37.60
CA LEU F 69 -21.47 -15.62 -38.58
C LEU F 69 -21.19 -16.16 -39.97
N GLU F 70 -19.91 -16.30 -40.33
CA GLU F 70 -19.58 -16.91 -41.63
C GLU F 70 -20.13 -18.32 -41.71
N SER F 71 -19.98 -19.10 -40.64
CA SER F 71 -20.52 -20.45 -40.60
C SER F 71 -22.02 -20.45 -40.73
N GLU F 72 -22.68 -19.45 -40.12
CA GLU F 72 -24.14 -19.34 -40.22
C GLU F 72 -24.58 -18.99 -41.64
N ASN F 73 -23.86 -18.09 -42.27
CA ASN F 73 -24.19 -17.74 -43.66
C ASN F 73 -22.98 -17.09 -44.30
N PRO F 74 -22.25 -17.80 -45.17
CA PRO F 74 -21.00 -17.25 -45.72
C PRO F 74 -21.19 -16.14 -46.74
N ASP F 75 -22.44 -15.84 -47.12
CA ASP F 75 -22.73 -14.90 -48.19
C ASP F 75 -23.31 -13.56 -47.73
N LYS F 76 -23.81 -13.48 -46.50
CA LYS F 76 -24.48 -12.28 -46.05
C LYS F 76 -23.49 -11.35 -45.36
N ASP F 77 -23.67 -10.05 -45.59
CA ASP F 77 -22.82 -9.04 -44.95
C ASP F 77 -22.87 -9.17 -43.43
N ILE F 78 -21.75 -8.77 -42.79
CA ILE F 78 -21.63 -8.66 -41.35
C ILE F 78 -21.45 -7.18 -41.03
N PHE F 79 -22.05 -6.74 -39.93
CA PHE F 79 -22.02 -5.33 -39.54
C PHE F 79 -21.21 -5.21 -38.26
N PHE F 80 -20.03 -4.61 -38.39
CA PHE F 80 -19.03 -4.56 -37.34
C PHE F 80 -19.03 -3.13 -36.77
N TYR F 81 -19.59 -2.98 -35.58
CA TYR F 81 -19.73 -1.68 -34.94
C TYR F 81 -18.54 -1.45 -34.00
N ILE F 82 -17.83 -0.36 -34.21
CA ILE F 82 -16.57 -0.09 -33.53
C ILE F 82 -16.75 1.18 -32.73
N ASN F 83 -16.56 1.09 -31.41
CA ASN F 83 -16.41 2.25 -30.53
C ASN F 83 -15.20 1.96 -29.65
N SER F 84 -14.00 2.33 -30.11
CA SER F 84 -12.80 1.87 -29.42
C SER F 84 -11.69 2.91 -29.45
N PRO F 85 -10.92 3.03 -28.37
CA PRO F 85 -9.74 3.91 -28.41
C PRO F 85 -8.50 3.22 -28.96
N GLY F 86 -8.61 1.99 -29.41
CA GLY F 86 -7.45 1.24 -29.83
C GLY F 86 -7.00 0.25 -28.77
N GLY F 87 -5.76 -0.16 -28.89
CA GLY F 87 -5.20 -1.13 -27.99
C GLY F 87 -4.08 -1.92 -28.67
N SER F 88 -4.02 -3.21 -28.35
CA SER F 88 -2.91 -4.03 -28.80
C SER F 88 -2.92 -4.18 -30.32
N VAL F 89 -1.77 -3.95 -30.95
CA VAL F 89 -1.67 -4.06 -32.40
C VAL F 89 -1.81 -5.51 -32.83
N THR F 90 -1.15 -6.45 -32.15
CA THR F 90 -1.26 -7.83 -32.58
C THR F 90 -2.69 -8.34 -32.38
N ALA F 91 -3.35 -7.92 -31.29
CA ALA F 91 -4.76 -8.28 -31.12
C ALA F 91 -5.63 -7.70 -32.21
N GLY F 92 -5.42 -6.43 -32.56
CA GLY F 92 -6.18 -5.84 -33.65
C GLY F 92 -5.90 -6.52 -34.97
N MET F 93 -4.66 -6.94 -35.19
CA MET F 93 -4.34 -7.64 -36.42
C MET F 93 -5.08 -8.98 -36.50
N SER F 94 -5.34 -9.64 -35.38
CA SER F 94 -6.11 -10.88 -35.46
C SER F 94 -7.51 -10.61 -35.98
N ILE F 95 -8.10 -9.47 -35.61
CA ILE F 95 -9.39 -9.08 -36.17
C ILE F 95 -9.28 -8.74 -37.65
N TYR F 96 -8.30 -7.90 -37.99
CA TYR F 96 -8.10 -7.47 -39.37
C TYR F 96 -7.97 -8.64 -40.32
N ASP F 97 -7.07 -9.58 -39.99
CA ASP F 97 -6.86 -10.70 -40.90
C ASP F 97 -8.10 -11.58 -40.99
N THR F 98 -8.84 -11.70 -39.90
CA THR F 98 -10.08 -12.49 -39.97
C THR F 98 -11.13 -11.80 -40.83
N MET F 99 -11.27 -10.47 -40.69
CA MET F 99 -12.19 -9.73 -41.57
C MET F 99 -11.87 -9.99 -43.04
N ASN F 100 -10.58 -10.01 -43.40
CA ASN F 100 -10.23 -10.25 -44.80
C ASN F 100 -10.29 -11.71 -45.16
N PHE F 101 -10.13 -12.60 -44.18
CA PHE F 101 -10.10 -14.02 -44.50
C PHE F 101 -11.49 -14.55 -44.82
N ILE F 102 -12.49 -14.16 -44.01
CA ILE F 102 -13.81 -14.79 -44.15
C ILE F 102 -14.47 -14.36 -45.45
N LYS F 103 -15.43 -15.18 -45.91
CA LYS F 103 -16.08 -14.89 -47.18
C LYS F 103 -17.02 -13.68 -47.11
N PRO F 104 -17.86 -13.52 -46.09
CA PRO F 104 -18.79 -12.37 -46.11
C PRO F 104 -18.07 -11.02 -46.07
N ASP F 105 -18.68 -10.03 -46.72
CA ASP F 105 -18.24 -8.65 -46.55
C ASP F 105 -18.43 -8.23 -45.10
N VAL F 106 -17.40 -7.59 -44.53
CA VAL F 106 -17.48 -7.01 -43.19
C VAL F 106 -17.63 -5.51 -43.38
N SER F 107 -18.86 -5.03 -43.19
CA SER F 107 -19.15 -3.60 -43.14
C SER F 107 -18.80 -3.04 -41.76
N THR F 108 -18.22 -1.84 -41.73
CA THR F 108 -17.83 -1.23 -40.47
C THR F 108 -18.61 0.06 -40.24
N LEU F 109 -18.88 0.35 -38.97
CA LEU F 109 -19.54 1.59 -38.57
C LEU F 109 -18.86 2.12 -37.32
N CYS F 110 -18.41 3.36 -37.40
CA CYS F 110 -17.86 4.04 -36.24
C CYS F 110 -18.99 4.71 -35.46
N LEU F 111 -19.15 4.36 -34.19
CA LEU F 111 -20.01 5.11 -33.27
C LEU F 111 -19.16 5.55 -32.09
N GLY F 112 -19.33 6.79 -31.68
CA GLY F 112 -18.45 7.31 -30.65
C GLY F 112 -17.08 7.68 -31.19
N GLN F 113 -16.18 6.70 -31.23
CA GLN F 113 -14.85 6.96 -31.74
C GLN F 113 -14.26 5.68 -32.29
N ALA F 114 -13.33 5.86 -33.22
CA ALA F 114 -12.43 4.82 -33.69
C ALA F 114 -11.05 5.46 -33.70
N ALA F 115 -10.24 5.14 -32.69
CA ALA F 115 -8.91 5.72 -32.55
C ALA F 115 -7.86 4.61 -32.63
N SER F 116 -6.75 4.93 -33.29
CA SER F 116 -5.62 4.02 -33.41
C SER F 116 -6.06 2.68 -34.01
N MET F 117 -5.83 1.57 -33.31
CA MET F 117 -6.23 0.30 -33.90
C MET F 117 -7.73 0.29 -34.19
N GLY F 118 -8.52 1.05 -33.44
CA GLY F 118 -9.92 1.19 -33.79
C GLY F 118 -10.14 1.82 -35.16
N ALA F 119 -9.36 2.86 -35.48
CA ALA F 119 -9.47 3.48 -36.80
C ALA F 119 -8.94 2.55 -37.89
N PHE F 120 -7.87 1.82 -37.60
CA PHE F 120 -7.36 0.86 -38.56
C PHE F 120 -8.43 -0.17 -38.92
N LEU F 121 -9.12 -0.72 -37.93
CA LEU F 121 -10.13 -1.73 -38.23
C LEU F 121 -11.31 -1.12 -38.98
N LEU F 122 -11.75 0.06 -38.57
CA LEU F 122 -12.81 0.78 -39.29
C LEU F 122 -12.46 0.95 -40.77
N SER F 123 -11.24 1.41 -41.05
CA SER F 123 -10.83 1.65 -42.43
C SER F 123 -10.64 0.35 -43.20
N ALA F 124 -10.62 -0.78 -42.50
CA ALA F 124 -10.40 -2.09 -43.08
C ALA F 124 -11.70 -2.74 -43.55
N GLY F 125 -12.85 -2.14 -43.26
CA GLY F 125 -14.10 -2.69 -43.73
C GLY F 125 -14.14 -2.78 -45.25
N GLU F 126 -15.05 -3.62 -45.75
CA GLU F 126 -15.19 -3.79 -47.19
C GLU F 126 -15.39 -2.44 -47.85
N LYS F 127 -14.57 -2.12 -48.84
CA LYS F 127 -14.65 -0.79 -49.43
C LYS F 127 -16.02 -0.57 -50.07
N GLY F 128 -16.59 0.62 -49.83
CA GLY F 128 -17.96 0.91 -50.12
C GLY F 128 -18.89 0.72 -48.94
N LYS F 129 -18.44 0.02 -47.89
CA LYS F 129 -19.31 -0.31 -46.77
C LYS F 129 -18.69 0.11 -45.43
N ARG F 130 -17.89 1.18 -45.43
CA ARG F 130 -17.31 1.76 -44.23
C ARG F 130 -18.06 3.05 -43.91
N PHE F 131 -18.63 3.14 -42.71
CA PHE F 131 -19.52 4.23 -42.34
C PHE F 131 -19.11 4.81 -41.00
N ALA F 132 -19.53 6.04 -40.75
CA ALA F 132 -19.42 6.63 -39.43
C ALA F 132 -20.71 7.39 -39.14
N LEU F 133 -21.08 7.44 -37.88
CA LEU F 133 -22.17 8.31 -37.49
C LEU F 133 -21.68 9.76 -37.43
N PRO F 134 -22.60 10.73 -37.53
CA PRO F 134 -22.18 12.12 -37.81
C PRO F 134 -21.22 12.71 -36.80
N ASN F 135 -21.34 12.36 -35.52
CA ASN F 135 -20.49 12.97 -34.51
C ASN F 135 -19.40 12.01 -34.03
N SER F 136 -19.14 10.97 -34.80
CA SER F 136 -18.04 10.08 -34.51
C SER F 136 -16.72 10.83 -34.61
N ARG F 137 -15.71 10.28 -33.95
CA ARG F 137 -14.36 10.83 -33.97
C ARG F 137 -13.40 9.74 -34.38
N ILE F 138 -12.52 10.06 -35.34
CA ILE F 138 -11.51 9.13 -35.81
C ILE F 138 -10.16 9.72 -35.37
N MET F 139 -9.21 8.85 -35.04
CA MET F 139 -7.88 9.36 -34.77
C MET F 139 -6.86 8.35 -35.24
N ILE F 140 -5.80 8.82 -35.87
CA ILE F 140 -4.72 7.94 -36.32
C ILE F 140 -3.42 8.49 -35.75
N HIS F 141 -2.44 7.61 -35.56
CA HIS F 141 -1.13 8.01 -35.08
C HIS F 141 -0.19 6.84 -35.29
N GLN F 142 1.10 7.10 -35.06
CA GLN F 142 2.12 6.06 -35.19
C GLN F 142 2.11 5.17 -33.95
N PRO F 143 2.74 4.01 -34.00
CA PRO F 143 2.73 3.13 -32.83
C PRO F 143 3.33 3.82 -31.62
N LEU F 144 2.80 3.47 -30.45
CA LEU F 144 3.18 4.04 -29.17
C LEU F 144 3.54 2.88 -28.26
N ILE F 145 4.51 3.07 -27.37
CA ILE F 145 4.84 2.01 -26.43
C ILE F 145 4.79 2.53 -25.00
N SER F 146 4.53 1.62 -24.07
CA SER F 146 4.68 1.87 -22.63
C SER F 146 5.97 1.25 -22.10
N GLY F 148 9.96 3.12 -24.00
CA GLY F 148 10.98 2.96 -22.97
C GLY F 148 11.21 1.52 -22.63
N LEU F 149 11.75 0.77 -23.60
CA LEU F 149 12.01 -0.65 -23.48
C LEU F 149 13.06 -0.91 -22.41
N GLY F 150 13.29 -2.19 -22.10
CA GLY F 150 14.22 -2.54 -21.04
C GLY F 150 15.11 -3.74 -21.29
N GLY F 151 16.40 -3.59 -20.98
CA GLY F 151 17.37 -4.67 -21.08
C GLY F 151 18.64 -4.19 -21.77
N GLN F 152 19.36 -5.15 -22.36
CA GLN F 152 20.63 -4.85 -23.01
C GLN F 152 20.40 -4.08 -24.32
N ALA F 153 21.40 -3.30 -24.71
CA ALA F 153 21.33 -2.53 -25.94
C ALA F 153 21.00 -3.41 -27.16
N SER F 154 21.57 -4.62 -27.21
CA SER F 154 21.22 -5.56 -28.29
C SER F 154 19.72 -5.84 -28.34
N ASP F 155 19.08 -6.02 -27.19
CA ASP F 155 17.64 -6.32 -27.17
C ASP F 155 16.82 -5.08 -27.51
N ILE F 156 17.24 -3.91 -27.03
CA ILE F 156 16.54 -2.67 -27.37
C ILE F 156 16.65 -2.40 -28.87
N GLU F 157 17.80 -2.69 -29.46
CA GLU F 157 17.95 -2.54 -30.90
C GLU F 157 16.94 -3.41 -31.65
N ILE F 158 16.80 -4.68 -31.22
CA ILE F 158 15.88 -5.61 -31.86
C ILE F 158 14.45 -5.11 -31.77
N HIS F 159 14.04 -4.67 -30.58
CA HIS F 159 12.65 -4.28 -30.41
C HIS F 159 12.36 -2.93 -31.06
N ALA F 160 13.34 -2.03 -31.07
CA ALA F 160 13.17 -0.77 -31.80
C ALA F 160 13.04 -1.03 -33.30
N ARG F 161 13.86 -1.92 -33.84
CA ARG F 161 13.76 -2.22 -35.28
C ARG F 161 12.39 -2.83 -35.60
N GLU F 162 11.90 -3.72 -34.74
CA GLU F 162 10.59 -4.30 -34.96
C GLU F 162 9.49 -3.24 -34.84
N LEU F 163 9.64 -2.31 -33.89
CA LEU F 163 8.62 -1.27 -33.72
C LEU F 163 8.53 -0.39 -34.96
N LEU F 164 9.68 -0.09 -35.59
CA LEU F 164 9.67 0.70 -36.80
C LEU F 164 9.07 -0.07 -37.97
N LYS F 165 9.35 -1.38 -38.02
CA LYS F 165 8.75 -2.23 -39.03
C LYS F 165 7.24 -2.25 -38.91
N ILE F 166 6.75 -2.36 -37.67
CA ILE F 166 5.30 -2.28 -37.43
C ILE F 166 4.76 -0.94 -37.91
N LYS F 167 5.46 0.15 -37.56
CA LYS F 167 5.06 1.49 -38.01
C LYS F 167 4.97 1.56 -39.53
N GLU F 168 5.99 1.05 -40.23
CA GLU F 168 5.96 1.08 -41.69
C GLU F 168 4.83 0.24 -42.26
N LYS F 169 4.63 -0.96 -41.71
CA LYS F 169 3.56 -1.84 -42.21
C LYS F 169 2.19 -1.20 -42.03
N LEU F 170 1.95 -0.60 -40.86
CA LEU F 170 0.65 0.03 -40.61
C LEU F 170 0.43 1.22 -41.54
N ASN F 171 1.47 2.02 -41.80
CA ASN F 171 1.32 3.11 -42.75
C ASN F 171 1.02 2.60 -44.15
N ARG F 172 1.70 1.53 -44.58
CA ARG F 172 1.44 0.96 -45.92
C ARG F 172 0.04 0.39 -46.02
N LEU F 173 -0.43 -0.33 -44.99
CA LEU F 173 -1.79 -0.88 -45.02
C LEU F 173 -2.82 0.23 -44.99
N MET F 174 -2.61 1.23 -44.14
CA MET F 174 -3.52 2.38 -44.08
C MET F 174 -3.55 3.12 -45.41
N ALA F 175 -2.39 3.26 -46.07
CA ALA F 175 -2.35 3.92 -47.37
C ALA F 175 -3.23 3.17 -48.38
N LYS F 176 -3.15 1.83 -48.35
CA LYS F 176 -4.02 1.02 -49.21
C LYS F 176 -5.49 1.22 -48.85
N HIS F 177 -5.84 1.15 -47.55
CA HIS F 177 -7.25 1.32 -47.16
C HIS F 177 -7.79 2.65 -47.60
N CYS F 178 -7.00 3.71 -47.46
CA CYS F 178 -7.45 5.07 -47.73
C CYS F 178 -7.27 5.45 -49.19
N ASP F 179 -6.68 4.58 -50.01
CA ASP F 179 -6.39 4.90 -51.42
C ASP F 179 -5.55 6.17 -51.52
N ARG F 180 -4.47 6.22 -50.74
CA ARG F 180 -3.57 7.36 -50.65
C ARG F 180 -2.13 6.91 -50.80
N ASP F 181 -1.26 7.87 -51.05
CA ASP F 181 0.15 7.58 -51.13
C ASP F 181 0.68 7.30 -49.74
N LEU F 182 1.66 6.39 -49.66
CA LEU F 182 2.32 6.08 -48.40
C LEU F 182 2.85 7.33 -47.72
N ALA F 183 3.40 8.26 -48.50
CA ALA F 183 3.97 9.48 -47.92
C ALA F 183 2.92 10.30 -47.17
N ASP F 184 1.68 10.27 -47.65
CA ASP F 184 0.60 10.96 -46.95
C ASP F 184 0.42 10.39 -45.55
N LEU F 185 0.34 9.06 -45.46
CA LEU F 185 0.12 8.42 -44.16
C LEU F 185 1.29 8.66 -43.22
N GLU F 186 2.52 8.63 -43.75
CA GLU F 186 3.69 8.91 -42.92
C GLU F 186 3.59 10.31 -42.32
N ARG F 187 3.25 11.30 -43.14
CA ARG F 187 3.04 12.66 -42.65
C ARG F 187 1.87 12.72 -41.66
N ASP F 188 0.79 12.02 -41.96
CA ASP F 188 -0.43 12.24 -41.21
C ASP F 188 -0.54 11.40 -39.94
N THR F 189 0.43 10.52 -39.65
CA THR F 189 0.42 9.77 -38.40
C THR F 189 1.57 10.15 -37.47
N ASP F 190 2.38 11.17 -37.79
CA ASP F 190 3.54 11.47 -36.96
C ASP F 190 3.14 11.82 -35.53
N ARG F 191 2.06 12.57 -35.38
CA ARG F 191 1.46 12.81 -34.07
C ARG F 191 -0.03 12.54 -34.19
N ASP F 192 -0.72 12.52 -33.05
CA ASP F 192 -2.14 12.23 -33.02
C ASP F 192 -2.89 13.08 -34.03
N ASN F 193 -3.65 12.44 -34.90
CA ASN F 193 -4.35 13.13 -35.97
C ASN F 193 -5.83 12.84 -35.81
N PHE F 194 -6.55 13.79 -35.21
CA PHE F 194 -8.00 13.65 -35.03
C PHE F 194 -8.74 14.08 -36.29
N MET F 195 -9.82 13.36 -36.60
CA MET F 195 -10.65 13.61 -37.78
C MET F 195 -12.13 13.55 -37.42
N SER F 196 -12.89 14.51 -37.90
CA SER F 196 -14.35 14.37 -37.91
C SER F 196 -14.75 13.31 -38.92
N ALA F 197 -16.04 12.97 -38.89
CA ALA F 197 -16.58 12.05 -39.88
C ALA F 197 -16.34 12.57 -41.29
N GLU F 198 -16.59 13.85 -41.51
CA GLU F 198 -16.35 14.44 -42.82
C GLU F 198 -14.88 14.35 -43.21
N GLU F 199 -13.98 14.66 -42.27
CA GLU F 199 -12.55 14.58 -42.58
C GLU F 199 -12.12 13.15 -42.88
N ALA F 200 -12.66 12.17 -42.13
CA ALA F 200 -12.32 10.77 -42.39
C ALA F 200 -12.83 10.31 -43.74
N LYS F 201 -14.01 10.77 -44.14
CA LYS F 201 -14.54 10.42 -45.46
C LYS F 201 -13.66 11.00 -46.57
N GLU F 202 -13.33 12.29 -46.47
CA GLU F 202 -12.47 12.93 -47.46
C GLU F 202 -11.08 12.30 -47.48
N TYR F 203 -10.58 11.87 -46.32
CA TYR F 203 -9.28 11.21 -46.27
C TYR F 203 -9.30 9.89 -47.03
N GLY F 204 -10.48 9.26 -47.15
CA GLY F 204 -10.59 7.94 -47.74
C GLY F 204 -10.70 6.82 -46.72
N LEU F 205 -10.80 7.16 -45.43
CA LEU F 205 -10.83 6.19 -44.33
C LEU F 205 -12.18 5.51 -44.17
N ILE F 206 -13.27 6.23 -44.44
CA ILE F 206 -14.60 5.66 -44.52
C ILE F 206 -15.19 6.06 -45.87
N ASP F 207 -16.33 5.45 -46.20
CA ASP F 207 -16.99 5.72 -47.46
C ASP F 207 -18.14 6.69 -47.31
N GLN F 208 -18.95 6.59 -46.26
CA GLN F 208 -20.14 7.40 -46.14
C GLN F 208 -20.41 7.72 -44.68
N ILE F 209 -20.99 8.88 -44.45
CA ILE F 209 -21.52 9.30 -43.17
C ILE F 209 -23.02 9.09 -43.20
N LEU F 210 -23.55 8.38 -42.20
CA LEU F 210 -24.96 8.07 -42.09
C LEU F 210 -25.56 8.80 -40.89
N GLU F 211 -26.44 9.77 -41.13
CA GLU F 211 -27.21 10.34 -40.03
C GLU F 211 -28.40 9.48 -39.67
N ASN F 212 -29.01 8.82 -40.66
CA ASN F 212 -30.13 7.91 -40.44
C ASN F 212 -30.15 6.92 -41.59
N ARG F 213 -31.20 6.10 -41.65
CA ARG F 213 -31.25 5.06 -42.66
C ARG F 213 -31.60 5.59 -44.05
N ALA F 214 -31.84 6.89 -44.19
CA ALA F 214 -32.08 7.48 -45.49
C ALA F 214 -30.81 8.04 -46.10
N SER F 215 -29.68 7.98 -45.39
CA SER F 215 -28.43 8.60 -45.83
C SER F 215 -27.67 7.74 -46.82
N LEU F 216 -27.98 6.45 -46.93
CA LEU F 216 -27.17 5.60 -47.78
C LEU F 216 -27.36 5.96 -49.25
N ARG F 217 -26.25 6.19 -49.92
CA ARG F 217 -26.23 6.56 -51.31
C ARG F 217 -25.27 5.73 -52.13
N LEU F 218 -25.15 6.13 -53.39
CA LEU F 218 -24.13 5.55 -54.28
C LEU F 218 -24.56 4.17 -54.75
N VAL G 22 -19.25 -13.25 -22.96
CA VAL G 22 -19.30 -14.21 -24.07
C VAL G 22 -20.73 -14.37 -24.58
N PRO G 23 -20.96 -14.09 -25.87
CA PRO G 23 -22.30 -14.25 -26.43
C PRO G 23 -22.68 -15.73 -26.54
N THR G 24 -24.00 -15.95 -26.58
CA THR G 24 -24.60 -17.29 -26.63
C THR G 24 -25.40 -17.43 -27.92
N VAL G 25 -25.14 -18.47 -28.68
CA VAL G 25 -25.85 -18.66 -29.95
C VAL G 25 -26.95 -19.71 -29.80
N PHE G 36 -25.59 -22.51 -25.66
CA PHE G 36 -24.24 -22.63 -26.20
C PHE G 36 -23.54 -21.28 -26.33
N ASP G 37 -22.50 -21.06 -25.54
CA ASP G 37 -21.67 -19.88 -25.73
C ASP G 37 -20.87 -20.00 -27.04
N ILE G 38 -20.30 -18.88 -27.46
CA ILE G 38 -19.70 -18.80 -28.80
C ILE G 38 -18.52 -19.75 -28.91
N TYR G 39 -17.73 -19.90 -27.85
CA TYR G 39 -16.55 -20.76 -27.95
C TYR G 39 -16.94 -22.24 -27.96
N SER G 40 -17.95 -22.62 -27.19
CA SER G 40 -18.49 -23.98 -27.28
C SER G 40 -19.07 -24.25 -28.65
N ARG G 41 -19.73 -23.25 -29.24
CA ARG G 41 -20.26 -23.38 -30.59
C ARG G 41 -19.13 -23.61 -31.60
N LEU G 42 -18.01 -22.89 -31.48
CA LEU G 42 -16.89 -23.11 -32.40
C LEU G 42 -16.16 -24.41 -32.11
N LEU G 43 -16.23 -24.86 -30.85
CA LEU G 43 -15.71 -26.18 -30.52
C LEU G 43 -16.44 -27.27 -31.28
N LYS G 44 -17.73 -27.04 -31.58
CA LYS G 44 -18.47 -27.99 -32.42
C LYS G 44 -17.92 -28.05 -33.83
N GLU G 45 -17.21 -27.01 -34.27
CA GLU G 45 -16.52 -27.02 -35.54
C GLU G 45 -15.08 -27.50 -35.41
N ARG G 46 -14.70 -28.01 -34.24
CA ARG G 46 -13.36 -28.51 -33.97
C ARG G 46 -12.30 -27.40 -33.98
N ILE G 47 -12.70 -26.18 -33.61
CA ILE G 47 -11.80 -25.05 -33.42
C ILE G 47 -11.51 -24.92 -31.93
N VAL G 48 -10.22 -24.91 -31.58
CA VAL G 48 -9.75 -24.71 -30.21
C VAL G 48 -8.86 -23.46 -30.23
N PHE G 49 -9.06 -22.58 -29.24
CA PHE G 49 -8.25 -21.37 -29.14
C PHE G 49 -7.24 -21.47 -28.01
N LEU G 50 -6.04 -20.97 -28.28
CA LEU G 50 -5.08 -20.65 -27.24
C LEU G 50 -4.87 -19.15 -27.36
N VAL G 51 -5.36 -18.40 -26.38
CA VAL G 51 -5.34 -16.93 -26.41
C VAL G 51 -4.71 -16.42 -25.12
N GLY G 52 -3.72 -15.55 -25.25
CA GLY G 52 -3.05 -14.98 -24.10
C GLY G 52 -1.98 -15.92 -23.59
N PRO G 53 -1.43 -15.63 -22.41
CA PRO G 53 -0.28 -16.40 -21.92
C PRO G 53 -0.62 -17.88 -21.72
N VAL G 54 0.39 -18.72 -21.92
CA VAL G 54 0.31 -20.14 -21.60
C VAL G 54 0.58 -20.33 -20.11
N THR G 55 -0.43 -20.79 -19.38
CA THR G 55 -0.31 -21.16 -17.98
C THR G 55 -0.75 -22.61 -17.81
N ASP G 56 -0.51 -23.19 -16.62
CA ASP G 56 -1.02 -24.53 -16.36
C ASP G 56 -2.50 -24.61 -16.64
N GLU G 57 -3.26 -23.59 -16.21
CA GLU G 57 -4.70 -23.61 -16.38
C GLU G 57 -5.09 -23.48 -17.85
N SER G 58 -4.52 -22.51 -18.57
CA SER G 58 -4.95 -22.30 -19.95
C SER G 58 -4.49 -23.45 -20.84
N ALA G 59 -3.29 -23.99 -20.56
CA ALA G 59 -2.83 -25.14 -21.34
C ALA G 59 -3.70 -26.36 -21.11
N ASN G 60 -4.07 -26.62 -19.85
CA ASN G 60 -4.86 -27.82 -19.63
C ASN G 60 -6.25 -27.69 -20.21
N LEU G 61 -6.83 -26.48 -20.22
CA LEU G 61 -8.11 -26.30 -20.90
C LEU G 61 -8.00 -26.66 -22.37
N VAL G 62 -6.89 -26.27 -23.01
CA VAL G 62 -6.63 -26.66 -24.39
C VAL G 62 -6.51 -28.18 -24.50
N VAL G 63 -5.70 -28.78 -23.61
CA VAL G 63 -5.55 -30.24 -23.58
C VAL G 63 -6.91 -30.91 -23.48
N ALA G 64 -7.75 -30.40 -22.57
CA ALA G 64 -9.07 -30.98 -22.37
C ALA G 64 -9.91 -30.93 -23.64
N GLN G 65 -9.87 -29.80 -24.35
CA GLN G 65 -10.61 -29.70 -25.61
C GLN G 65 -10.04 -30.63 -26.67
N LEU G 66 -8.72 -30.80 -26.71
CA LEU G 66 -8.11 -31.72 -27.65
C LEU G 66 -8.55 -33.16 -27.39
N LEU G 67 -8.52 -33.59 -26.13
CA LEU G 67 -8.99 -34.94 -25.81
C LEU G 67 -10.47 -35.09 -26.12
N PHE G 68 -11.25 -34.05 -25.83
CA PHE G 68 -12.69 -34.08 -26.12
C PHE G 68 -12.95 -34.25 -27.60
N LEU G 69 -12.25 -33.46 -28.43
CA LEU G 69 -12.47 -33.53 -29.87
C LEU G 69 -12.04 -34.89 -30.44
N GLU G 70 -10.94 -35.44 -29.94
CA GLU G 70 -10.52 -36.79 -30.32
C GLU G 70 -11.57 -37.83 -29.93
N SER G 71 -12.14 -37.70 -28.71
CA SER G 71 -13.19 -38.63 -28.29
C SER G 71 -14.43 -38.51 -29.17
N GLU G 72 -14.82 -37.28 -29.53
CA GLU G 72 -15.99 -37.08 -30.38
C GLU G 72 -15.74 -37.59 -31.78
N ASN G 73 -14.54 -37.36 -32.31
CA ASN G 73 -14.23 -37.81 -33.66
C ASN G 73 -12.73 -37.97 -33.84
N PRO G 74 -12.22 -39.21 -33.75
CA PRO G 74 -10.77 -39.42 -33.81
C PRO G 74 -10.18 -39.28 -35.19
N ASP G 75 -11.00 -39.08 -36.22
CA ASP G 75 -10.56 -39.12 -37.59
C ASP G 75 -10.56 -37.77 -38.29
N LYS G 76 -11.25 -36.77 -37.76
CA LYS G 76 -11.31 -35.46 -38.39
C LYS G 76 -10.27 -34.51 -37.80
N ASP G 77 -9.70 -33.66 -38.66
CA ASP G 77 -8.73 -32.66 -38.24
C ASP G 77 -9.29 -31.78 -37.14
N ILE G 78 -8.37 -31.28 -36.31
CA ILE G 78 -8.66 -30.25 -35.31
C ILE G 78 -7.92 -28.98 -35.70
N PHE G 79 -8.57 -27.82 -35.51
CA PHE G 79 -8.02 -26.54 -35.89
C PHE G 79 -7.67 -25.75 -34.62
N PHE G 80 -6.38 -25.58 -34.39
CA PHE G 80 -5.84 -24.99 -33.18
C PHE G 80 -5.40 -23.57 -33.54
N TYR G 81 -6.20 -22.59 -33.12
CA TYR G 81 -5.94 -21.18 -33.40
C TYR G 81 -5.14 -20.59 -32.24
N ILE G 82 -3.98 -20.01 -32.55
CA ILE G 82 -3.04 -19.57 -31.54
C ILE G 82 -2.85 -18.06 -31.68
N ASN G 83 -3.13 -17.34 -30.60
CA ASN G 83 -2.78 -15.92 -30.44
C ASN G 83 -2.19 -15.78 -29.02
N SER G 84 -0.89 -16.00 -28.89
CA SER G 84 -0.32 -16.11 -27.56
C SER G 84 1.10 -15.57 -27.53
N PRO G 85 1.49 -14.86 -26.47
CA PRO G 85 2.89 -14.46 -26.30
C PRO G 85 3.79 -15.52 -25.67
N GLY G 86 3.28 -16.73 -25.42
CA GLY G 86 4.05 -17.75 -24.76
C GLY G 86 3.68 -17.86 -23.29
N GLY G 87 4.57 -18.45 -22.53
CA GLY G 87 4.37 -18.65 -21.10
C GLY G 87 5.18 -19.84 -20.62
N SER G 88 4.55 -20.63 -19.77
CA SER G 88 5.23 -21.73 -19.09
C SER G 88 5.66 -22.80 -20.08
N VAL G 89 6.92 -23.24 -19.97
CA VAL G 89 7.45 -24.26 -20.86
C VAL G 89 6.75 -25.60 -20.62
N THR G 90 6.65 -26.04 -19.36
CA THR G 90 6.04 -27.34 -19.11
C THR G 90 4.55 -27.32 -19.45
N ALA G 91 3.89 -26.19 -19.22
CA ALA G 91 2.50 -26.08 -19.60
C ALA G 91 2.34 -26.23 -21.11
N GLY G 92 3.19 -25.55 -21.87
CA GLY G 92 3.16 -25.67 -23.32
C GLY G 92 3.50 -27.07 -23.78
N MET G 93 4.44 -27.72 -23.10
CA MET G 93 4.78 -29.10 -23.44
C MET G 93 3.61 -30.05 -23.21
N SER G 94 2.75 -29.77 -22.25
CA SER G 94 1.57 -30.63 -22.08
C SER G 94 0.66 -30.53 -23.29
N ILE G 95 0.52 -29.33 -23.87
CA ILE G 95 -0.24 -29.20 -25.11
C ILE G 95 0.47 -29.93 -26.25
N TYR G 96 1.77 -29.67 -26.41
CA TYR G 96 2.58 -30.26 -27.46
C TYR G 96 2.48 -31.77 -27.46
N ASP G 97 2.73 -32.41 -26.31
CA ASP G 97 2.67 -33.87 -26.26
C ASP G 97 1.26 -34.39 -26.53
N THR G 98 0.23 -33.62 -26.15
CA THR G 98 -1.14 -34.04 -26.45
C THR G 98 -1.46 -33.92 -27.95
N MET G 99 -0.99 -32.84 -28.59
CA MET G 99 -1.12 -32.72 -30.04
C MET G 99 -0.55 -33.92 -30.77
N ASN G 100 0.64 -34.38 -30.35
CA ASN G 100 1.28 -35.52 -31.01
C ASN G 100 0.67 -36.85 -30.58
N PHE G 101 0.05 -36.89 -29.41
CA PHE G 101 -0.50 -38.14 -28.89
C PHE G 101 -1.82 -38.49 -29.55
N ILE G 102 -2.74 -37.53 -29.67
CA ILE G 102 -4.08 -37.85 -30.13
C ILE G 102 -4.05 -38.22 -31.61
N LYS G 103 -5.07 -38.97 -32.02
CA LYS G 103 -5.19 -39.49 -33.37
C LYS G 103 -5.42 -38.38 -34.41
N PRO G 104 -6.32 -37.43 -34.19
CA PRO G 104 -6.56 -36.40 -35.22
C PRO G 104 -5.30 -35.60 -35.48
N ASP G 105 -5.11 -35.21 -36.75
CA ASP G 105 -4.14 -34.17 -37.09
C ASP G 105 -4.57 -32.86 -36.45
N VAL G 106 -3.64 -32.15 -35.82
CA VAL G 106 -3.92 -30.84 -35.27
C VAL G 106 -3.33 -29.80 -36.22
N SER G 107 -4.20 -29.15 -36.97
CA SER G 107 -3.79 -28.03 -37.80
C SER G 107 -3.67 -26.78 -36.93
N THR G 108 -2.61 -26.01 -37.15
CA THR G 108 -2.44 -24.80 -36.37
C THR G 108 -2.57 -23.56 -37.24
N LEU G 109 -3.10 -22.49 -36.65
CA LEU G 109 -3.25 -21.20 -37.31
C LEU G 109 -2.81 -20.10 -36.38
N CYS G 110 -1.87 -19.29 -36.82
CA CYS G 110 -1.48 -18.11 -36.07
C CYS G 110 -2.35 -16.92 -36.46
N LEU G 111 -3.03 -16.34 -35.49
CA LEU G 111 -3.67 -15.05 -35.70
C LEU G 111 -3.17 -14.09 -34.64
N GLY G 112 -2.82 -12.87 -35.06
CA GLY G 112 -2.25 -11.93 -34.12
C GLY G 112 -0.80 -12.26 -33.89
N GLN G 113 -0.51 -13.13 -32.94
CA GLN G 113 0.90 -13.47 -32.75
C GLN G 113 1.06 -14.88 -32.19
N ALA G 114 2.23 -15.45 -32.46
CA ALA G 114 2.68 -16.68 -31.80
C ALA G 114 4.13 -16.40 -31.43
N ALA G 115 4.37 -16.15 -30.15
CA ALA G 115 5.70 -15.84 -29.64
C ALA G 115 6.12 -16.90 -28.63
N SER G 116 7.40 -17.27 -28.66
CA SER G 116 8.00 -18.19 -27.69
C SER G 116 7.23 -19.51 -27.73
N MET G 117 6.69 -19.98 -26.60
CA MET G 117 5.96 -21.25 -26.62
C MET G 117 4.77 -21.23 -27.59
N GLY G 118 4.17 -20.07 -27.84
CA GLY G 118 3.15 -19.98 -28.86
C GLY G 118 3.68 -20.33 -30.25
N ALA G 119 4.87 -19.83 -30.57
CA ALA G 119 5.50 -20.18 -31.83
C ALA G 119 5.91 -21.65 -31.85
N PHE G 120 6.34 -22.18 -30.71
CA PHE G 120 6.67 -23.59 -30.65
C PHE G 120 5.45 -24.45 -30.99
N LEU G 121 4.29 -24.16 -30.37
CA LEU G 121 3.07 -24.92 -30.62
C LEU G 121 2.57 -24.75 -32.06
N LEU G 122 2.65 -23.52 -32.58
CA LEU G 122 2.32 -23.28 -33.98
C LEU G 122 3.13 -24.18 -34.90
N SER G 123 4.44 -24.25 -34.68
CA SER G 123 5.32 -25.04 -35.53
C SER G 123 5.13 -26.54 -35.33
N ALA G 124 4.45 -26.96 -34.26
CA ALA G 124 4.21 -28.35 -33.93
C ALA G 124 2.97 -28.92 -34.59
N GLY G 125 2.15 -28.09 -35.22
CA GLY G 125 1.00 -28.60 -35.93
C GLY G 125 1.39 -29.60 -37.00
N GLU G 126 0.42 -30.40 -37.42
CA GLU G 126 0.66 -31.43 -38.42
C GLU G 126 1.31 -30.80 -39.64
N LYS G 127 2.43 -31.37 -40.06
CA LYS G 127 3.18 -30.78 -41.14
C LYS G 127 2.36 -30.78 -42.42
N GLY G 128 2.36 -29.63 -43.11
CA GLY G 128 1.44 -29.38 -44.21
C GLY G 128 0.19 -28.63 -43.81
N LYS G 129 -0.11 -28.55 -42.52
CA LYS G 129 -1.33 -27.95 -42.00
C LYS G 129 -1.02 -26.87 -40.95
N ARG G 130 0.13 -26.21 -41.07
CA ARG G 130 0.48 -25.11 -40.19
C ARG G 130 0.34 -23.82 -40.98
N PHE G 131 -0.52 -22.92 -40.51
CA PHE G 131 -0.87 -21.74 -41.29
C PHE G 131 -0.67 -20.48 -40.45
N ALA G 132 -0.57 -19.35 -41.13
CA ALA G 132 -0.65 -18.05 -40.49
C ALA G 132 -1.48 -17.13 -41.35
N LEU G 133 -2.18 -16.22 -40.71
CA LEU G 133 -2.82 -15.12 -41.41
C LEU G 133 -1.75 -14.08 -41.79
N PRO G 134 -2.04 -13.23 -42.80
CA PRO G 134 -0.95 -12.47 -43.44
C PRO G 134 -0.19 -11.52 -42.52
N ASN G 135 -0.82 -10.91 -41.50
CA ASN G 135 -0.17 -9.90 -40.68
C ASN G 135 0.15 -10.41 -39.28
N SER G 136 0.17 -11.73 -39.12
CA SER G 136 0.58 -12.39 -37.90
C SER G 136 2.03 -12.10 -37.60
N ARG G 137 2.39 -12.20 -36.34
CA ARG G 137 3.78 -11.97 -35.96
C ARG G 137 4.24 -13.19 -35.18
N ILE G 138 5.40 -13.69 -35.57
CA ILE G 138 6.00 -14.85 -34.93
C ILE G 138 7.26 -14.35 -34.26
N MET G 139 7.57 -14.90 -33.09
CA MET G 139 8.83 -14.59 -32.46
C MET G 139 9.35 -15.82 -31.76
N ILE G 140 10.65 -16.06 -31.87
CA ILE G 140 11.29 -17.19 -31.19
C ILE G 140 12.45 -16.65 -30.37
N HIS G 141 12.77 -17.34 -29.27
CA HIS G 141 13.91 -16.96 -28.43
C HIS G 141 14.21 -18.12 -27.47
N GLN G 142 15.32 -18.00 -26.75
CA GLN G 142 15.71 -19.02 -25.79
C GLN G 142 14.90 -18.86 -24.52
N PRO G 143 14.88 -19.87 -23.66
CA PRO G 143 14.07 -19.79 -22.44
C PRO G 143 14.49 -18.63 -21.55
N LEU G 144 13.51 -18.12 -20.80
CA LEU G 144 13.65 -17.02 -19.85
C LEU G 144 13.17 -17.47 -18.49
N ILE G 145 13.70 -16.85 -17.43
CA ILE G 145 13.25 -17.07 -16.07
C ILE G 145 12.84 -15.73 -15.49
N SER G 146 11.63 -15.66 -14.93
CA SER G 146 11.16 -14.49 -14.17
C SER G 146 11.40 -13.14 -14.85
N GLY G 148 18.28 -15.14 -11.83
CA GLY G 148 17.24 -14.78 -10.88
C GLY G 148 16.63 -16.00 -10.23
N LEU G 149 17.52 -16.87 -9.77
CA LEU G 149 17.14 -18.01 -8.95
C LEU G 149 17.49 -17.70 -7.49
N GLY G 150 17.06 -18.57 -6.60
CA GLY G 150 17.21 -18.26 -5.18
C GLY G 150 17.50 -19.46 -4.30
N GLY G 151 18.71 -19.54 -3.78
CA GLY G 151 19.05 -20.60 -2.86
C GLY G 151 20.56 -20.77 -2.81
N GLN G 152 20.98 -21.98 -2.41
CA GLN G 152 22.39 -22.31 -2.30
C GLN G 152 22.99 -22.54 -3.69
N ALA G 153 24.30 -22.34 -3.79
CA ALA G 153 25.00 -22.57 -5.04
C ALA G 153 24.70 -23.97 -5.59
N SER G 154 24.61 -24.97 -4.71
CA SER G 154 24.25 -26.32 -5.18
C SER G 154 22.92 -26.33 -5.91
N ASP G 155 21.91 -25.65 -5.35
CA ASP G 155 20.58 -25.64 -5.96
C ASP G 155 20.55 -24.82 -7.24
N ILE G 156 21.26 -23.68 -7.23
CA ILE G 156 21.31 -22.85 -8.43
C ILE G 156 21.99 -23.63 -9.54
N GLU G 157 23.00 -24.42 -9.20
CA GLU G 157 23.65 -25.27 -10.18
C GLU G 157 22.67 -26.28 -10.79
N ILE G 158 21.87 -26.93 -9.94
CA ILE G 158 20.90 -27.92 -10.40
C ILE G 158 19.90 -27.28 -11.35
N HIS G 159 19.36 -26.12 -10.95
CA HIS G 159 18.34 -25.51 -11.77
C HIS G 159 18.90 -24.85 -13.03
N ALA G 160 20.12 -24.32 -12.98
CA ALA G 160 20.76 -23.81 -14.19
C ALA G 160 20.97 -24.94 -15.20
N ARG G 161 21.46 -26.09 -14.73
CA ARG G 161 21.66 -27.25 -15.60
C ARG G 161 20.35 -27.72 -16.23
N GLU G 162 19.27 -27.73 -15.44
CA GLU G 162 17.97 -28.12 -15.98
C GLU G 162 17.50 -27.13 -17.05
N LEU G 163 17.71 -25.83 -16.81
CA LEU G 163 17.32 -24.81 -17.76
C LEU G 163 18.06 -24.97 -19.08
N LEU G 164 19.34 -25.33 -19.01
CA LEU G 164 20.14 -25.54 -20.22
C LEU G 164 19.69 -26.79 -20.97
N LYS G 165 19.26 -27.83 -20.24
CA LYS G 165 18.66 -28.99 -20.89
C LYS G 165 17.39 -28.60 -21.62
N ILE G 166 16.55 -27.78 -20.99
CA ILE G 166 15.35 -27.29 -21.64
C ILE G 166 15.71 -26.51 -22.90
N LYS G 167 16.67 -25.60 -22.77
CA LYS G 167 17.10 -24.81 -23.92
C LYS G 167 17.55 -25.71 -25.07
N GLU G 168 18.35 -26.73 -24.77
CA GLU G 168 18.80 -27.60 -25.84
C GLU G 168 17.65 -28.40 -26.45
N LYS G 169 16.77 -28.97 -25.61
CA LYS G 169 15.66 -29.76 -26.15
C LYS G 169 14.76 -28.93 -27.02
N LEU G 170 14.41 -27.72 -26.57
CA LEU G 170 13.55 -26.87 -27.38
C LEU G 170 14.21 -26.52 -28.70
N ASN G 171 15.53 -26.28 -28.70
CA ASN G 171 16.21 -26.03 -29.97
C ASN G 171 16.16 -27.27 -30.87
N ARG G 172 16.38 -28.46 -30.30
CA ARG G 172 16.37 -29.69 -31.09
C ARG G 172 14.99 -29.94 -31.68
N LEU G 173 13.94 -29.77 -30.87
CA LEU G 173 12.58 -29.98 -31.35
C LEU G 173 12.18 -28.93 -32.38
N MET G 174 12.53 -27.67 -32.13
CA MET G 174 12.21 -26.64 -33.12
C MET G 174 12.93 -26.87 -34.44
N ALA G 175 14.20 -27.30 -34.39
CA ALA G 175 14.93 -27.56 -35.62
C ALA G 175 14.23 -28.65 -36.44
N LYS G 176 13.72 -29.68 -35.77
CA LYS G 176 12.93 -30.70 -36.46
C LYS G 176 11.65 -30.12 -37.04
N HIS G 177 10.90 -29.34 -36.24
CA HIS G 177 9.68 -28.72 -36.76
C HIS G 177 9.95 -27.87 -38.00
N CYS G 178 11.02 -27.09 -37.97
CA CYS G 178 11.28 -26.12 -39.03
C CYS G 178 12.05 -26.71 -40.19
N ASP G 179 12.46 -27.97 -40.10
CA ASP G 179 13.24 -28.61 -41.15
C ASP G 179 14.53 -27.87 -41.44
N ARG G 180 15.25 -27.49 -40.38
CA ARG G 180 16.53 -26.83 -40.54
C ARG G 180 17.51 -27.35 -39.50
N ASP G 181 18.77 -26.94 -39.63
CA ASP G 181 19.82 -27.45 -38.76
C ASP G 181 19.68 -26.93 -37.34
N LEU G 182 20.04 -27.78 -36.37
CA LEU G 182 20.10 -27.35 -34.98
C LEU G 182 20.96 -26.10 -34.84
N ALA G 183 22.06 -26.01 -35.59
CA ALA G 183 22.94 -24.85 -35.48
C ALA G 183 22.23 -23.54 -35.82
N ASP G 184 21.32 -23.58 -36.81
CA ASP G 184 20.51 -22.41 -37.12
C ASP G 184 19.65 -22.01 -35.93
N LEU G 185 18.95 -22.96 -35.33
CA LEU G 185 18.04 -22.62 -34.24
C LEU G 185 18.79 -22.07 -33.04
N GLU G 186 19.93 -22.66 -32.69
CA GLU G 186 20.70 -22.16 -31.56
C GLU G 186 21.13 -20.72 -31.81
N ARG G 187 21.64 -20.46 -33.02
CA ARG G 187 22.08 -19.13 -33.38
C ARG G 187 20.89 -18.15 -33.43
N ASP G 188 19.76 -18.59 -33.98
CA ASP G 188 18.66 -17.67 -34.28
C ASP G 188 17.74 -17.42 -33.09
N THR G 189 17.92 -18.14 -31.97
CA THR G 189 17.12 -17.90 -30.78
C THR G 189 17.94 -17.27 -29.65
N ASP G 190 19.20 -16.91 -29.90
CA ASP G 190 20.01 -16.35 -28.84
C ASP G 190 19.39 -15.07 -28.28
N ARG G 191 18.77 -14.27 -29.15
CA ARG G 191 17.97 -13.12 -28.73
C ARG G 191 16.62 -13.14 -29.44
N ASP G 192 15.72 -12.27 -28.97
CA ASP G 192 14.38 -12.20 -29.57
C ASP G 192 14.48 -12.09 -31.08
N ASN G 193 13.80 -12.97 -31.78
CA ASN G 193 13.86 -13.04 -33.24
C ASN G 193 12.41 -12.94 -33.75
N PHE G 194 12.05 -11.75 -34.20
CA PHE G 194 10.73 -11.52 -34.76
C PHE G 194 10.69 -11.92 -36.23
N MET G 195 9.58 -12.50 -36.65
CA MET G 195 9.39 -12.90 -38.04
C MET G 195 7.99 -12.52 -38.49
N SER G 196 7.89 -11.96 -39.70
CA SER G 196 6.60 -11.85 -40.36
C SER G 196 6.11 -13.25 -40.78
N ALA G 197 4.85 -13.31 -41.22
CA ALA G 197 4.29 -14.59 -41.68
C ALA G 197 5.11 -15.18 -42.83
N GLU G 198 5.44 -14.37 -43.81
CA GLU G 198 6.26 -14.88 -44.92
C GLU G 198 7.59 -15.37 -44.40
N GLU G 199 8.18 -14.62 -43.48
CA GLU G 199 9.47 -15.01 -42.92
C GLU G 199 9.35 -16.30 -42.15
N ALA G 200 8.29 -16.47 -41.38
CA ALA G 200 8.12 -17.72 -40.64
C ALA G 200 7.94 -18.89 -41.60
N LYS G 201 7.24 -18.66 -42.71
CA LYS G 201 7.14 -19.72 -43.73
C LYS G 201 8.50 -20.06 -44.33
N GLU G 202 9.28 -19.05 -44.71
CA GLU G 202 10.62 -19.31 -45.23
C GLU G 202 11.48 -20.00 -44.18
N TYR G 203 11.32 -19.61 -42.91
CA TYR G 203 12.09 -20.26 -41.87
C TYR G 203 11.66 -21.70 -41.70
N GLY G 204 10.41 -22.02 -42.02
CA GLY G 204 9.91 -23.37 -41.84
C GLY G 204 8.99 -23.59 -40.66
N LEU G 205 8.57 -22.54 -39.96
CA LEU G 205 7.68 -22.72 -38.82
C LEU G 205 6.27 -23.02 -39.23
N ILE G 206 5.84 -22.49 -40.38
CA ILE G 206 4.53 -22.77 -40.94
C ILE G 206 4.69 -23.21 -42.38
N ASP G 207 3.61 -23.74 -42.94
CA ASP G 207 3.62 -24.25 -44.31
C ASP G 207 3.06 -23.27 -45.31
N GLN G 208 2.01 -22.53 -44.97
CA GLN G 208 1.38 -21.64 -45.92
C GLN G 208 0.78 -20.44 -45.19
N ILE G 209 0.72 -19.33 -45.90
CA ILE G 209 0.00 -18.13 -45.46
C ILE G 209 -1.37 -18.12 -46.12
N LEU G 210 -2.41 -17.95 -45.32
CA LEU G 210 -3.79 -17.96 -45.81
C LEU G 210 -4.31 -16.53 -45.82
N GLU G 211 -4.56 -15.99 -47.02
CA GLU G 211 -5.21 -14.68 -47.05
C GLU G 211 -6.72 -14.79 -47.01
N ASN G 212 -7.28 -15.80 -47.68
CA ASN G 212 -8.70 -16.09 -47.65
C ASN G 212 -8.88 -17.58 -47.96
N ARG G 213 -10.13 -18.02 -48.10
CA ARG G 213 -10.33 -19.45 -48.24
C ARG G 213 -9.93 -19.98 -49.60
N ALA G 214 -9.51 -19.12 -50.51
CA ALA G 214 -9.01 -19.58 -51.79
C ALA G 214 -7.50 -19.80 -51.76
N SER G 215 -6.82 -19.25 -50.74
CA SER G 215 -5.42 -19.61 -50.47
C SER G 215 -5.28 -21.10 -50.19
N LEU G 216 -6.34 -21.76 -49.74
CA LEU G 216 -6.34 -23.20 -49.50
C LEU G 216 -6.11 -23.97 -50.80
N LEU H 21 27.19 12.86 4.05
CA LEU H 21 27.90 12.03 3.08
C LEU H 21 29.00 12.80 2.35
N VAL H 22 28.97 14.13 2.47
CA VAL H 22 29.91 15.01 1.77
C VAL H 22 31.15 15.17 2.64
N PRO H 23 32.35 14.90 2.12
CA PRO H 23 33.56 15.02 2.96
C PRO H 23 33.85 16.47 3.28
N THR H 24 34.64 16.65 4.35
CA THR H 24 34.99 17.96 4.87
C THR H 24 36.49 18.20 4.71
N VAL H 25 36.89 19.47 4.83
CA VAL H 25 38.30 19.83 5.02
C VAL H 25 38.40 21.27 5.51
N ASP H 37 32.67 21.36 4.13
CA ASP H 37 32.53 20.30 3.13
C ASP H 37 33.23 20.65 1.82
N ILE H 38 33.32 19.64 0.94
CA ILE H 38 34.12 19.76 -0.27
C ILE H 38 33.53 20.79 -1.23
N TYR H 39 32.21 20.91 -1.29
CA TYR H 39 31.61 21.86 -2.23
C TYR H 39 31.81 23.29 -1.75
N SER H 40 31.76 23.50 -0.43
CA SER H 40 32.11 24.81 0.12
C SER H 40 33.55 25.15 -0.17
N ARG H 41 34.45 24.17 -0.09
CA ARG H 41 35.85 24.41 -0.43
C ARG H 41 36.02 24.75 -1.90
N LEU H 42 35.30 24.06 -2.79
CA LEU H 42 35.44 24.40 -4.19
C LEU H 42 34.77 25.73 -4.51
N LEU H 43 33.76 26.11 -3.74
CA LEU H 43 33.16 27.43 -3.91
C LEU H 43 34.19 28.53 -3.67
N LYS H 44 35.20 28.29 -2.81
CA LYS H 44 36.26 29.26 -2.64
C LYS H 44 37.07 29.46 -3.91
N GLU H 45 37.05 28.47 -4.81
CA GLU H 45 37.65 28.57 -6.15
C GLU H 45 36.67 29.08 -7.19
N ARG H 46 35.52 29.59 -6.77
CA ARG H 46 34.48 30.14 -7.65
C ARG H 46 33.88 29.07 -8.57
N ILE H 47 33.83 27.81 -8.10
CA ILE H 47 33.16 26.72 -8.81
C ILE H 47 31.80 26.47 -8.16
N VAL H 48 30.75 26.48 -9.00
CA VAL H 48 29.38 26.20 -8.61
C VAL H 48 28.90 25.01 -9.45
N PHE H 49 28.30 24.02 -8.81
CA PHE H 49 27.77 22.84 -9.49
C PHE H 49 26.26 22.91 -9.57
N LEU H 50 25.72 22.47 -10.71
CA LEU H 50 24.30 22.13 -10.84
C LEU H 50 24.27 20.64 -11.21
N VAL H 51 23.79 19.81 -10.28
CA VAL H 51 23.81 18.37 -10.46
C VAL H 51 22.41 17.81 -10.23
N GLY H 52 21.91 17.07 -11.22
CA GLY H 52 20.61 16.44 -11.13
C GLY H 52 19.50 17.39 -11.51
N PRO H 53 18.25 16.99 -11.24
CA PRO H 53 17.10 17.76 -11.73
C PRO H 53 17.10 19.21 -11.24
N VAL H 54 16.70 20.10 -12.14
CA VAL H 54 16.56 21.52 -11.84
C VAL H 54 15.23 21.71 -11.14
N THR H 55 15.27 21.99 -9.83
CA THR H 55 14.10 22.29 -9.03
C THR H 55 14.21 23.70 -8.48
N ASP H 56 13.09 24.20 -7.92
CA ASP H 56 13.13 25.50 -7.26
C ASP H 56 14.23 25.53 -6.21
N GLU H 57 14.37 24.46 -5.45
CA GLU H 57 15.37 24.44 -4.39
C GLU H 57 16.78 24.38 -4.96
N SER H 58 17.02 23.48 -5.90
CA SER H 58 18.37 23.31 -6.42
C SER H 58 18.76 24.50 -7.27
N ALA H 59 17.81 25.08 -7.98
CA ALA H 59 18.10 26.28 -8.75
C ALA H 59 18.39 27.45 -7.82
N ASN H 60 17.59 27.60 -6.75
CA ASN H 60 17.86 28.76 -5.91
C ASN H 60 19.19 28.64 -5.20
N LEU H 61 19.61 27.41 -4.86
CA LEU H 61 20.94 27.23 -4.28
C LEU H 61 22.03 27.71 -5.25
N VAL H 62 21.86 27.45 -6.54
CA VAL H 62 22.82 27.96 -7.53
C VAL H 62 22.77 29.49 -7.54
N VAL H 63 21.57 30.06 -7.56
CA VAL H 63 21.43 31.52 -7.55
C VAL H 63 22.18 32.13 -6.37
N ALA H 64 21.99 31.55 -5.18
CA ALA H 64 22.64 32.07 -3.97
C ALA H 64 24.15 32.04 -4.10
N GLN H 65 24.69 30.95 -4.63
CA GLN H 65 26.13 30.85 -4.81
C GLN H 65 26.63 31.88 -5.82
N LEU H 66 25.88 32.10 -6.90
CA LEU H 66 26.27 33.11 -7.89
C LEU H 66 26.31 34.49 -7.25
N LEU H 67 25.27 34.84 -6.49
CA LEU H 67 25.25 36.13 -5.81
C LEU H 67 26.40 36.25 -4.83
N PHE H 68 26.68 35.18 -4.08
CA PHE H 68 27.79 35.17 -3.13
C PHE H 68 29.12 35.41 -3.83
N LEU H 69 29.37 34.70 -4.93
CA LEU H 69 30.65 34.84 -5.61
C LEU H 69 30.82 36.25 -6.19
N GLU H 70 29.75 36.82 -6.74
CA GLU H 70 29.80 38.22 -7.20
C GLU H 70 30.12 39.17 -6.05
N SER H 71 29.48 38.95 -4.90
CA SER H 71 29.74 39.78 -3.73
C SER H 71 31.20 39.69 -3.30
N GLU H 72 31.79 38.50 -3.38
CA GLU H 72 33.19 38.29 -2.98
C GLU H 72 34.17 38.97 -3.92
N ASN H 73 33.91 38.91 -5.23
CA ASN H 73 34.72 39.56 -6.23
C ASN H 73 33.87 39.71 -7.47
N PRO H 74 33.36 40.91 -7.76
CA PRO H 74 32.47 41.06 -8.90
C PRO H 74 33.19 40.99 -10.24
N ASP H 75 34.52 40.91 -10.25
CA ASP H 75 35.24 40.98 -11.52
C ASP H 75 35.82 39.65 -11.98
N LYS H 76 35.92 38.65 -11.13
CA LYS H 76 36.53 37.39 -11.51
C LYS H 76 35.49 36.42 -12.02
N ASP H 77 35.88 35.63 -13.03
CA ASP H 77 35.02 34.64 -13.63
C ASP H 77 34.50 33.64 -12.61
N ILE H 78 33.29 33.13 -12.86
CA ILE H 78 32.67 32.05 -12.11
C ILE H 78 32.61 30.83 -13.03
N PHE H 79 32.86 29.67 -12.46
CA PHE H 79 32.93 28.42 -13.21
C PHE H 79 31.73 27.57 -12.80
N PHE H 80 30.80 27.41 -13.73
CA PHE H 80 29.51 26.76 -13.49
C PHE H 80 29.53 25.39 -14.15
N TYR H 81 29.68 24.35 -13.33
CA TYR H 81 29.79 22.97 -13.82
C TYR H 81 28.40 22.34 -13.79
N ILE H 82 27.96 21.83 -14.95
CA ILE H 82 26.59 21.37 -15.15
C ILE H 82 26.60 19.89 -15.48
N ASN H 83 25.94 19.08 -14.65
CA ASN H 83 25.63 17.68 -14.94
C ASN H 83 24.16 17.49 -14.58
N SER H 84 23.28 17.74 -15.54
CA SER H 84 21.87 17.80 -15.21
C SER H 84 21.01 17.27 -16.35
N PRO H 85 19.94 16.54 -16.05
CA PRO H 85 18.98 16.16 -17.10
C PRO H 85 17.93 17.22 -17.38
N GLY H 86 18.01 18.39 -16.77
CA GLY H 86 16.98 19.39 -16.90
C GLY H 86 16.04 19.40 -15.71
N GLY H 87 14.87 19.98 -15.93
CA GLY H 87 13.89 20.10 -14.87
C GLY H 87 12.96 21.28 -15.16
N SER H 88 12.62 22.00 -14.10
CA SER H 88 11.63 23.07 -14.16
C SER H 88 12.11 24.25 -14.99
N VAL H 89 11.25 24.73 -15.89
CA VAL H 89 11.64 25.84 -16.76
C VAL H 89 11.82 27.12 -15.95
N THR H 90 10.87 27.42 -15.07
CA THR H 90 10.95 28.66 -14.30
C THR H 90 12.11 28.61 -13.31
N ALA H 91 12.37 27.44 -12.72
CA ALA H 91 13.54 27.30 -11.89
C ALA H 91 14.80 27.57 -12.69
N GLY H 92 14.85 27.01 -13.90
CA GLY H 92 16.00 27.21 -14.75
C GLY H 92 16.17 28.66 -15.14
N MET H 93 15.06 29.36 -15.38
CA MET H 93 15.13 30.77 -15.75
C MET H 93 15.69 31.61 -14.61
N SER H 94 15.42 31.22 -13.36
CA SER H 94 15.98 32.01 -12.27
C SER H 94 17.50 31.96 -12.29
N ILE H 95 18.08 30.80 -12.64
CA ILE H 95 19.53 30.71 -12.81
C ILE H 95 19.98 31.52 -14.01
N TYR H 96 19.33 31.31 -15.15
CA TYR H 96 19.67 31.99 -16.39
C TYR H 96 19.70 33.50 -16.20
N ASP H 97 18.63 34.08 -15.65
CA ASP H 97 18.59 35.52 -15.47
C ASP H 97 19.65 35.99 -14.46
N THR H 98 19.95 35.18 -13.45
CA THR H 98 20.99 35.56 -12.50
C THR H 98 22.36 35.53 -13.17
N MET H 99 22.62 34.50 -14.01
CA MET H 99 23.86 34.46 -14.77
C MET H 99 24.07 35.72 -15.58
N ASN H 100 23.01 36.19 -16.22
CA ASN H 100 23.12 37.38 -17.06
C ASN H 100 23.13 38.66 -16.26
N PHE H 101 22.55 38.63 -15.06
CA PHE H 101 22.44 39.83 -14.24
C PHE H 101 23.75 40.20 -13.58
N ILE H 102 24.42 39.20 -12.99
CA ILE H 102 25.59 39.50 -12.18
C ILE H 102 26.73 40.02 -13.06
N LYS H 103 27.65 40.74 -12.46
CA LYS H 103 28.75 41.31 -13.23
C LYS H 103 29.76 40.27 -13.74
N PRO H 104 30.19 39.30 -12.93
CA PRO H 104 31.21 38.36 -13.41
C PRO H 104 30.72 37.57 -14.62
N ASP H 105 31.66 37.28 -15.53
CA ASP H 105 31.42 36.28 -16.55
C ASP H 105 31.14 34.94 -15.89
N VAL H 106 30.11 34.24 -16.37
CA VAL H 106 29.82 32.89 -15.91
C VAL H 106 30.27 31.95 -17.02
N SER H 107 31.40 31.28 -16.80
CA SER H 107 31.85 30.21 -17.66
C SER H 107 31.09 28.93 -17.33
N THR H 108 30.66 28.18 -18.35
CA THR H 108 29.94 26.94 -18.12
C THR H 108 30.76 25.75 -18.58
N LEU H 109 30.56 24.63 -17.90
CA LEU H 109 31.25 23.40 -18.26
C LEU H 109 30.27 22.25 -18.17
N CYS H 110 30.11 21.52 -19.27
CA CYS H 110 29.30 20.33 -19.28
C CYS H 110 30.16 19.14 -18.86
N LEU H 111 29.78 18.46 -17.77
CA LEU H 111 30.39 17.18 -17.44
C LEU H 111 29.30 16.13 -17.26
N GLY H 112 29.50 14.96 -17.84
CA GLY H 112 28.43 13.98 -17.85
C GLY H 112 27.41 14.34 -18.91
N GLN H 113 26.42 15.16 -18.56
CA GLN H 113 25.42 15.57 -19.53
C GLN H 113 24.83 16.92 -19.15
N ALA H 114 24.32 17.61 -20.17
CA ALA H 114 23.50 18.81 -20.01
C ALA H 114 22.34 18.63 -20.98
N ALA H 115 21.19 18.29 -20.43
CA ALA H 115 20.00 18.00 -21.22
C ALA H 115 18.89 18.98 -20.87
N SER H 116 18.14 19.37 -21.88
CA SER H 116 16.95 20.22 -21.70
C SER H 116 17.39 21.49 -21.00
N MET H 117 16.79 21.86 -19.86
CA MET H 117 17.20 23.10 -19.20
C MET H 117 18.69 23.12 -18.86
N GLY H 118 19.30 21.95 -18.62
CA GLY H 118 20.74 21.90 -18.40
C GLY H 118 21.52 22.38 -19.62
N ALA H 119 21.10 21.94 -20.81
CA ALA H 119 21.71 22.36 -22.07
C ALA H 119 21.42 23.83 -22.35
N PHE H 120 20.22 24.29 -21.99
CA PHE H 120 19.93 25.72 -22.08
C PHE H 120 20.90 26.54 -21.24
N LEU H 121 21.12 26.13 -19.98
CA LEU H 121 22.04 26.87 -19.12
C LEU H 121 23.48 26.76 -19.61
N LEU H 122 23.88 25.59 -20.08
CA LEU H 122 25.22 25.42 -20.66
C LEU H 122 25.45 26.43 -21.78
N SER H 123 24.49 26.54 -22.70
CA SER H 123 24.63 27.42 -23.84
C SER H 123 24.54 28.89 -23.47
N ALA H 124 24.09 29.20 -22.25
CA ALA H 124 23.92 30.56 -21.78
C ALA H 124 25.17 31.12 -21.12
N GLY H 125 26.20 30.30 -20.93
CA GLY H 125 27.44 30.81 -20.38
C GLY H 125 28.03 31.92 -21.25
N GLU H 126 28.92 32.70 -20.65
CA GLU H 126 29.58 33.78 -21.38
C GLU H 126 30.18 33.25 -22.67
N LYS H 127 29.86 33.90 -23.77
CA LYS H 127 30.29 33.40 -25.06
C LYS H 127 31.82 33.46 -25.18
N GLY H 128 32.41 32.37 -25.64
CA GLY H 128 33.83 32.15 -25.57
C GLY H 128 34.27 31.33 -24.39
N LYS H 129 33.41 31.16 -23.37
CA LYS H 129 33.77 30.46 -22.14
C LYS H 129 32.79 29.33 -21.84
N ARG H 130 32.19 28.75 -22.86
CA ARG H 130 31.29 27.61 -22.70
C ARG H 130 32.04 26.36 -23.15
N PHE H 131 32.18 25.39 -22.26
CA PHE H 131 33.03 24.24 -22.50
C PHE H 131 32.26 22.94 -22.25
N ALA H 132 32.77 21.86 -22.83
CA ALA H 132 32.33 20.51 -22.50
C ALA H 132 33.54 19.61 -22.44
N LEU H 133 33.46 18.62 -21.56
CA LEU H 133 34.46 17.57 -21.55
C LEU H 133 34.22 16.63 -22.72
N PRO H 134 35.25 15.89 -23.16
CA PRO H 134 35.17 15.24 -24.48
C PRO H 134 34.02 14.24 -24.63
N ASN H 135 33.63 13.54 -23.56
CA ASN H 135 32.59 12.51 -23.62
C ASN H 135 31.29 12.95 -22.96
N SER H 136 31.12 14.25 -22.75
CA SER H 136 29.84 14.71 -22.25
C SER H 136 28.77 14.58 -23.34
N ARG H 137 27.53 14.63 -22.91
CA ARG H 137 26.40 14.53 -23.82
C ARG H 137 25.47 15.73 -23.64
N ILE H 138 25.02 16.30 -24.75
CA ILE H 138 24.05 17.39 -24.74
C ILE H 138 22.77 16.83 -25.34
N MET H 139 21.63 17.30 -24.86
CA MET H 139 20.37 16.96 -25.50
C MET H 139 19.43 18.16 -25.40
N ILE H 140 18.73 18.45 -26.50
CA ILE H 140 17.75 19.55 -26.52
C ILE H 140 16.43 19.02 -27.02
N HIS H 141 15.35 19.66 -26.59
CA HIS H 141 14.02 19.23 -27.00
C HIS H 141 13.03 20.33 -26.64
N GLN H 142 11.82 20.21 -27.15
CA GLN H 142 10.78 21.18 -26.82
C GLN H 142 10.23 20.89 -25.43
N PRO H 143 9.53 21.85 -24.82
CA PRO H 143 9.05 21.64 -23.46
C PRO H 143 8.05 20.49 -23.38
N LEU H 144 8.03 19.83 -22.21
CA LEU H 144 7.09 18.76 -21.96
C LEU H 144 6.44 18.96 -20.59
N ILE H 145 5.29 18.32 -20.40
CA ILE H 145 4.54 18.41 -19.14
C ILE H 145 4.46 17.01 -18.52
N SER H 146 4.51 16.95 -17.19
CA SER H 146 4.25 15.71 -16.47
C SER H 146 2.81 15.68 -15.96
N GLY H 150 -6.69 17.71 -16.10
CA GLY H 150 -6.19 19.08 -16.16
C GLY H 150 -7.18 20.11 -15.66
N GLY H 151 -8.47 19.83 -15.82
CA GLY H 151 -9.51 20.74 -15.39
C GLY H 151 -10.45 21.10 -16.53
N GLN H 152 -11.04 22.28 -16.43
CA GLN H 152 -11.95 22.74 -17.47
C GLN H 152 -11.20 23.09 -18.74
N ALA H 153 -11.90 22.95 -19.88
CA ALA H 153 -11.32 23.30 -21.17
C ALA H 153 -10.76 24.71 -21.16
N SER H 154 -11.46 25.65 -20.51
CA SER H 154 -10.95 27.02 -20.41
C SER H 154 -9.58 27.06 -19.75
N ASP H 155 -9.41 26.31 -18.65
CA ASP H 155 -8.12 26.30 -17.95
C ASP H 155 -7.06 25.56 -18.76
N ILE H 156 -7.45 24.48 -19.42
CA ILE H 156 -6.50 23.76 -20.25
C ILE H 156 -6.02 24.64 -21.40
N GLU H 157 -6.93 25.44 -21.96
CA GLU H 157 -6.56 26.36 -23.02
C GLU H 157 -5.52 27.36 -22.54
N ILE H 158 -5.74 27.92 -21.36
CA ILE H 158 -4.82 28.89 -20.80
C ILE H 158 -3.44 28.26 -20.63
N HIS H 159 -3.38 27.05 -20.07
CA HIS H 159 -2.09 26.46 -19.77
C HIS H 159 -1.39 25.95 -21.03
N ALA H 160 -2.15 25.48 -22.01
CA ALA H 160 -1.53 25.11 -23.28
C ALA H 160 -0.93 26.33 -23.96
N ARG H 161 -1.65 27.45 -23.94
CA ARG H 161 -1.14 28.68 -24.53
C ARG H 161 0.15 29.13 -23.83
N GLU H 162 0.19 29.02 -22.50
CA GLU H 162 1.40 29.37 -21.77
C GLU H 162 2.55 28.43 -22.15
N LEU H 163 2.26 27.14 -22.30
CA LEU H 163 3.31 26.20 -22.65
C LEU H 163 3.87 26.49 -24.05
N LEU H 164 3.00 26.90 -24.98
CA LEU H 164 3.45 27.24 -26.32
C LEU H 164 4.26 28.53 -26.34
N LYS H 165 3.94 29.51 -25.48
CA LYS H 165 4.78 30.70 -25.35
C LYS H 165 6.17 30.33 -24.84
N ILE H 166 6.22 29.45 -23.84
CA ILE H 166 7.49 28.96 -23.32
C ILE H 166 8.29 28.29 -24.44
N LYS H 167 7.63 27.42 -25.20
CA LYS H 167 8.31 26.76 -26.32
C LYS H 167 8.90 27.79 -27.27
N GLU H 168 8.13 28.82 -27.62
CA GLU H 168 8.58 29.86 -28.52
C GLU H 168 9.72 30.68 -27.92
N LYS H 169 9.58 31.07 -26.66
CA LYS H 169 10.64 31.83 -26.01
C LYS H 169 11.93 31.03 -25.93
N LEU H 170 11.83 29.76 -25.56
CA LEU H 170 13.04 28.94 -25.42
C LEU H 170 13.75 28.74 -26.75
N ASN H 171 12.99 28.57 -27.83
CA ASN H 171 13.60 28.46 -29.16
C ASN H 171 14.32 29.75 -29.54
N ARG H 172 13.72 30.91 -29.23
CA ARG H 172 14.34 32.17 -29.60
C ARG H 172 15.63 32.41 -28.81
N LEU H 173 15.58 32.16 -27.49
CA LEU H 173 16.77 32.35 -26.66
C LEU H 173 17.85 31.35 -27.01
N MET H 174 17.47 30.09 -27.24
CA MET H 174 18.43 29.09 -27.66
C MET H 174 19.07 29.45 -29.01
N ALA H 175 18.25 29.96 -29.95
CA ALA H 175 18.80 30.38 -31.25
C ALA H 175 19.82 31.50 -31.09
N LYS H 176 19.53 32.46 -30.21
CA LYS H 176 20.49 33.52 -29.87
C LYS H 176 21.78 32.97 -29.28
N HIS H 177 21.66 32.08 -28.29
CA HIS H 177 22.83 31.48 -27.66
C HIS H 177 23.71 30.77 -28.68
N CYS H 178 23.09 30.03 -29.58
CA CYS H 178 23.82 29.19 -30.52
C CYS H 178 24.19 29.92 -31.79
N ASP H 179 23.80 31.19 -31.93
CA ASP H 179 24.07 31.97 -33.13
C ASP H 179 23.53 31.23 -34.36
N ARG H 180 22.27 30.79 -34.25
CA ARG H 180 21.60 29.99 -35.26
C ARG H 180 20.24 30.58 -35.58
N ASP H 181 19.63 30.06 -36.64
CA ASP H 181 18.30 30.53 -37.06
C ASP H 181 17.26 29.98 -36.11
N LEU H 182 16.24 30.78 -35.85
CA LEU H 182 15.09 30.29 -35.10
C LEU H 182 14.48 29.06 -35.77
N ALA H 183 14.46 29.04 -37.11
CA ALA H 183 13.89 27.90 -37.83
C ALA H 183 14.68 26.62 -37.56
N ASP H 184 16.00 26.72 -37.44
CA ASP H 184 16.82 25.55 -37.08
C ASP H 184 16.43 25.00 -35.70
N LEU H 185 16.33 25.88 -34.70
CA LEU H 185 16.03 25.40 -33.35
C LEU H 185 14.66 24.74 -33.30
N GLU H 186 13.67 25.32 -33.98
CA GLU H 186 12.34 24.72 -34.04
C GLU H 186 12.40 23.31 -34.66
N ARG H 187 13.09 23.18 -35.78
CA ARG H 187 13.27 21.87 -36.40
C ARG H 187 14.00 20.90 -35.50
N ASP H 188 15.07 21.35 -34.86
CA ASP H 188 15.98 20.45 -34.19
C ASP H 188 15.57 20.13 -32.77
N THR H 189 14.50 20.73 -32.25
CA THR H 189 14.02 20.39 -30.91
C THR H 189 12.66 19.70 -30.94
N ASP H 190 12.14 19.37 -32.13
CA ASP H 190 10.81 18.77 -32.22
C ASP H 190 10.73 17.45 -31.44
N ARG H 191 11.80 16.68 -31.49
CA ARG H 191 11.98 15.50 -30.65
C ARG H 191 13.36 15.55 -30.02
N ASP H 192 13.58 14.67 -29.06
CA ASP H 192 14.87 14.60 -28.37
C ASP H 192 16.02 14.58 -29.36
N ASN H 193 16.97 15.49 -29.17
CA ASN H 193 18.08 15.66 -30.08
C ASN H 193 19.36 15.55 -29.25
N PHE H 194 19.99 14.38 -29.30
CA PHE H 194 21.24 14.15 -28.61
C PHE H 194 22.42 14.63 -29.45
N MET H 195 23.40 15.26 -28.81
CA MET H 195 24.60 15.73 -29.49
C MET H 195 25.82 15.36 -28.66
N SER H 196 26.85 14.88 -29.35
CA SER H 196 28.16 14.73 -28.76
C SER H 196 28.76 16.11 -28.48
N ALA H 197 29.90 16.11 -27.79
CA ALA H 197 30.59 17.38 -27.56
C ALA H 197 30.95 18.07 -28.87
N GLU H 198 31.53 17.34 -29.82
CA GLU H 198 31.87 17.94 -31.12
C GLU H 198 30.62 18.46 -31.83
N GLU H 199 29.54 17.69 -31.80
CA GLU H 199 28.29 18.15 -32.40
C GLU H 199 27.73 19.39 -31.73
N ALA H 200 27.79 19.44 -30.39
CA ALA H 200 27.32 20.63 -29.70
C ALA H 200 28.18 21.86 -30.05
N LYS H 201 29.48 21.66 -30.22
CA LYS H 201 30.34 22.78 -30.62
C LYS H 201 29.97 23.28 -32.02
N GLU H 202 29.80 22.35 -32.95
CA GLU H 202 29.41 22.72 -34.31
C GLU H 202 28.08 23.45 -34.32
N TYR H 203 27.14 23.00 -33.47
CA TYR H 203 25.82 23.61 -33.41
C TYR H 203 25.87 25.03 -32.90
N GLY H 204 26.89 25.36 -32.11
CA GLY H 204 27.00 26.65 -31.48
C GLY H 204 26.63 26.68 -30.02
N LEU H 205 26.35 25.52 -29.40
CA LEU H 205 25.95 25.52 -27.98
C LEU H 205 27.14 25.75 -27.07
N ILE H 206 28.32 25.28 -27.46
CA ILE H 206 29.53 25.49 -26.68
C ILE H 206 30.59 26.06 -27.60
N ASP H 207 31.65 26.56 -26.99
CA ASP H 207 32.75 27.16 -27.75
C ASP H 207 33.91 26.19 -27.94
N GLN H 208 34.25 25.42 -26.92
CA GLN H 208 35.43 24.55 -27.02
C GLN H 208 35.18 23.28 -26.21
N ILE H 209 35.83 22.21 -26.65
CA ILE H 209 35.92 20.95 -25.93
C ILE H 209 37.27 20.93 -25.24
N LEU H 210 37.27 20.66 -23.94
CA LEU H 210 38.51 20.63 -23.17
C LEU H 210 38.82 19.18 -22.83
N GLU H 211 39.92 18.65 -23.36
CA GLU H 211 40.39 17.34 -22.94
C GLU H 211 41.20 17.43 -21.66
N ASN H 212 42.04 18.45 -21.54
CA ASN H 212 42.84 18.65 -20.35
C ASN H 212 43.21 20.13 -20.31
N ARG H 213 44.06 20.51 -19.35
CA ARG H 213 44.34 21.94 -19.24
C ARG H 213 45.23 22.50 -20.40
N ALA H 214 45.56 21.74 -21.45
CA ALA H 214 46.26 22.25 -22.63
C ALA H 214 45.33 22.55 -23.79
N SER H 215 44.08 22.09 -23.74
CA SER H 215 43.15 22.25 -24.85
C SER H 215 42.75 23.70 -25.02
N LEU I 21 23.83 19.78 2.50
CA LEU I 21 22.89 20.23 1.50
C LEU I 21 23.16 21.69 1.11
N VAL I 22 23.64 22.50 2.05
CA VAL I 22 23.81 23.94 1.86
C VAL I 22 25.27 24.30 2.05
N PRO I 23 25.92 24.99 1.11
CA PRO I 23 27.33 25.35 1.29
C PRO I 23 27.55 26.31 2.44
N THR I 24 28.77 26.27 2.96
CA THR I 24 29.29 27.13 4.02
C THR I 24 30.31 28.09 3.43
N VAL I 25 30.41 29.28 4.02
CA VAL I 25 31.31 30.28 3.49
C VAL I 25 32.07 30.99 4.60
N ALA I 35 31.69 29.23 8.88
CA ALA I 35 31.11 30.23 9.76
C ALA I 35 29.63 30.46 9.43
N PHE I 36 29.24 30.39 8.17
CA PHE I 36 27.83 30.60 7.82
C PHE I 36 27.37 29.72 6.67
N ASP I 37 26.09 29.35 6.64
CA ASP I 37 25.58 28.70 5.47
C ASP I 37 25.35 29.84 4.44
N ILE I 38 25.24 29.50 3.20
CA ILE I 38 25.19 30.56 2.20
C ILE I 38 23.98 31.47 2.40
N TYR I 39 22.85 30.93 2.88
CA TYR I 39 21.68 31.77 3.06
C TYR I 39 21.85 32.72 4.24
N SER I 40 22.47 32.26 5.32
CA SER I 40 22.80 33.19 6.42
C SER I 40 23.74 34.28 5.94
N ARG I 41 24.70 33.93 5.09
CA ARG I 41 25.63 34.92 4.55
C ARG I 41 24.92 35.98 3.71
N LEU I 42 23.97 35.58 2.86
CA LEU I 42 23.24 36.57 2.06
C LEU I 42 22.27 37.37 2.92
N LEU I 43 21.80 36.79 4.02
CA LEU I 43 21.02 37.58 4.96
C LEU I 43 21.84 38.75 5.50
N LYS I 44 23.16 38.61 5.58
CA LYS I 44 24.02 39.74 5.94
C LYS I 44 23.97 40.86 4.90
N GLU I 45 23.63 40.53 3.65
CA GLU I 45 23.37 41.52 2.62
C GLU I 45 21.91 41.94 2.61
N ARG I 46 21.14 41.53 3.63
CA ARG I 46 19.73 41.88 3.78
C ARG I 46 18.88 41.26 2.66
N ILE I 47 19.29 40.11 2.15
CA ILE I 47 18.53 39.35 1.15
C ILE I 47 17.78 38.25 1.88
N VAL I 48 16.47 38.20 1.67
CA VAL I 48 15.59 37.16 2.21
C VAL I 48 14.92 36.46 1.04
N PHE I 49 14.90 35.13 1.08
CA PHE I 49 14.30 34.33 0.02
C PHE I 49 12.95 33.75 0.45
N LEU I 50 12.01 33.73 -0.49
CA LEU I 50 10.84 32.88 -0.40
C LEU I 50 10.88 31.96 -1.61
N VAL I 51 11.13 30.68 -1.38
CA VAL I 51 11.34 29.72 -2.45
C VAL I 51 10.39 28.57 -2.24
N GLY I 52 9.57 28.27 -3.24
CA GLY I 52 8.63 27.17 -3.13
C GLY I 52 7.34 27.56 -2.45
N PRO I 53 6.52 26.56 -2.11
CA PRO I 53 5.16 26.84 -1.60
C PRO I 53 5.20 27.68 -0.33
N VAL I 54 4.24 28.59 -0.21
CA VAL I 54 4.06 29.37 1.00
C VAL I 54 3.30 28.50 2.00
N THR I 55 3.96 28.14 3.09
CA THR I 55 3.36 27.40 4.21
C THR I 55 3.49 28.24 5.48
N ASP I 56 2.78 27.81 6.52
CA ASP I 56 2.92 28.46 7.82
C ASP I 56 4.39 28.54 8.23
N GLU I 57 5.12 27.44 8.04
CA GLU I 57 6.50 27.37 8.45
C GLU I 57 7.41 28.21 7.55
N SER I 58 7.24 28.13 6.22
CA SER I 58 8.12 28.89 5.35
C SER I 58 7.82 30.38 5.45
N ALA I 59 6.55 30.73 5.63
CA ALA I 59 6.17 32.13 5.79
C ALA I 59 6.71 32.72 7.08
N ASN I 60 6.63 31.97 8.18
CA ASN I 60 7.13 32.53 9.45
C ASN I 60 8.64 32.67 9.43
N LEU I 61 9.34 31.80 8.70
CA LEU I 61 10.78 31.96 8.56
C LEU I 61 11.11 33.27 7.87
N VAL I 62 10.33 33.64 6.85
CA VAL I 62 10.45 34.93 6.19
C VAL I 62 10.14 36.06 7.17
N VAL I 63 9.06 35.91 7.92
CA VAL I 63 8.70 36.90 8.95
C VAL I 63 9.85 37.11 9.92
N ALA I 64 10.44 36.00 10.40
CA ALA I 64 11.55 36.09 11.33
C ALA I 64 12.75 36.82 10.75
N GLN I 65 13.06 36.56 9.48
CA GLN I 65 14.18 37.27 8.88
C GLN I 65 13.86 38.75 8.72
N LEU I 66 12.61 39.07 8.38
CA LEU I 66 12.23 40.48 8.26
C LEU I 66 12.37 41.21 9.59
N LEU I 67 11.87 40.61 10.68
CA LEU I 67 12.02 41.24 11.98
C LEU I 67 13.49 41.35 12.38
N PHE I 68 14.29 40.32 12.12
CA PHE I 68 15.71 40.36 12.46
C PHE I 68 16.43 41.50 11.73
N LEU I 69 16.20 41.62 10.41
CA LEU I 69 16.88 42.67 9.66
C LEU I 69 16.43 44.05 10.12
N GLU I 70 15.15 44.20 10.46
CA GLU I 70 14.69 45.47 11.04
C GLU I 70 15.41 45.77 12.34
N SER I 71 15.56 44.76 13.19
CA SER I 71 16.27 44.93 14.44
C SER I 71 17.73 45.28 14.21
N GLU I 72 18.37 44.64 13.22
CA GLU I 72 19.78 44.91 12.99
C GLU I 72 19.99 46.32 12.47
N ASN I 73 19.12 46.77 11.59
CA ASN I 73 19.26 48.12 11.06
C ASN I 73 17.92 48.53 10.47
N PRO I 74 17.12 49.33 11.17
CA PRO I 74 15.81 49.73 10.64
C PRO I 74 15.90 50.72 9.50
N ASP I 75 17.11 51.14 9.14
CA ASP I 75 17.36 52.23 8.20
C ASP I 75 17.74 51.73 6.81
N LYS I 76 17.88 50.42 6.61
CA LYS I 76 18.29 49.91 5.31
C LYS I 76 17.20 49.04 4.69
N ASP I 77 17.05 49.17 3.38
CA ASP I 77 16.13 48.34 2.62
C ASP I 77 16.40 46.86 2.87
N ILE I 78 15.35 46.06 2.72
CA ILE I 78 15.44 44.61 2.70
C ILE I 78 15.11 44.15 1.29
N PHE I 79 15.81 43.15 0.82
CA PHE I 79 15.60 42.67 -0.55
C PHE I 79 14.98 41.28 -0.46
N PHE I 80 13.71 41.20 -0.88
CA PHE I 80 12.89 39.99 -0.74
C PHE I 80 12.80 39.33 -2.12
N TYR I 81 13.54 38.24 -2.29
CA TYR I 81 13.64 37.50 -3.54
C TYR I 81 12.59 36.40 -3.53
N ILE I 82 11.70 36.40 -4.51
CA ILE I 82 10.54 35.52 -4.51
C ILE I 82 10.64 34.61 -5.74
N ASN I 83 10.66 33.31 -5.49
CA ASN I 83 10.48 32.30 -6.53
C ASN I 83 9.48 31.30 -5.95
N SER I 84 8.19 31.54 -6.15
CA SER I 84 7.20 30.74 -5.45
C SER I 84 5.96 30.51 -6.31
N PRO I 85 5.38 29.32 -6.24
CA PRO I 85 4.10 29.09 -6.92
C PRO I 85 2.88 29.53 -6.12
N GLY I 86 3.06 30.15 -4.97
CA GLY I 86 1.95 30.48 -4.09
C GLY I 86 1.86 29.51 -2.93
N GLY I 87 0.69 29.47 -2.30
CA GLY I 87 0.44 28.61 -1.15
C GLY I 87 -0.67 29.16 -0.26
N SER I 88 -0.49 29.01 1.04
CA SER I 88 -1.55 29.35 1.98
C SER I 88 -1.79 30.87 2.01
N VAL I 89 -3.07 31.26 1.94
CA VAL I 89 -3.42 32.68 1.97
C VAL I 89 -3.07 33.29 3.34
N THR I 90 -3.43 32.63 4.45
CA THR I 90 -3.14 33.24 5.75
C THR I 90 -1.65 33.28 6.03
N ALA I 91 -0.92 32.24 5.64
CA ALA I 91 0.53 32.29 5.81
C ALA I 91 1.11 33.44 5.00
N GLY I 92 0.64 33.62 3.76
CA GLY I 92 1.10 34.74 2.97
C GLY I 92 0.73 36.07 3.61
N MET I 93 -0.47 36.16 4.20
CA MET I 93 -0.84 37.42 4.87
C MET I 93 0.09 37.73 6.05
N SER I 94 0.64 36.72 6.72
CA SER I 94 1.59 37.01 7.80
C SER I 94 2.82 37.73 7.25
N ILE I 95 3.29 37.33 6.06
CA ILE I 95 4.40 38.03 5.44
C ILE I 95 3.96 39.43 5.03
N TYR I 96 2.82 39.52 4.36
CA TYR I 96 2.32 40.79 3.83
C TYR I 96 2.22 41.84 4.93
N ASP I 97 1.51 41.49 6.02
CA ASP I 97 1.34 42.46 7.10
C ASP I 97 2.67 42.79 7.77
N THR I 98 3.60 41.85 7.83
CA THR I 98 4.90 42.14 8.41
C THR I 98 5.70 43.09 7.49
N MET I 99 5.67 42.87 6.18
CA MET I 99 6.34 43.78 5.26
C MET I 99 5.86 45.21 5.48
N ASN I 100 4.55 45.39 5.61
CA ASN I 100 3.97 46.72 5.78
C ASN I 100 4.18 47.27 7.19
N PHE I 101 4.38 46.38 8.17
CA PHE I 101 4.51 46.83 9.56
C PHE I 101 5.90 47.42 9.83
N ILE I 102 6.96 46.72 9.41
CA ILE I 102 8.32 47.10 9.79
C ILE I 102 8.73 48.40 9.12
N LYS I 103 9.76 49.04 9.70
CA LYS I 103 10.24 50.32 9.16
C LYS I 103 10.94 50.18 7.81
N PRO I 104 11.86 49.25 7.58
CA PRO I 104 12.56 49.20 6.29
C PRO I 104 11.61 49.00 5.13
N ASP I 105 11.95 49.64 4.00
CA ASP I 105 11.35 49.31 2.72
C ASP I 105 11.67 47.87 2.38
N VAL I 106 10.68 47.12 1.94
CA VAL I 106 10.90 45.77 1.47
C VAL I 106 10.85 45.84 -0.04
N SER I 107 12.02 45.80 -0.67
CA SER I 107 12.11 45.69 -2.11
C SER I 107 11.85 44.24 -2.50
N THR I 108 11.09 44.02 -3.56
CA THR I 108 10.79 42.67 -4.01
C THR I 108 11.42 42.42 -5.37
N LEU I 109 11.80 41.16 -5.59
CA LEU I 109 12.35 40.72 -6.86
C LEU I 109 11.74 39.37 -7.20
N CYS I 110 11.12 39.27 -8.37
CA CYS I 110 10.68 38.00 -8.88
C CYS I 110 11.84 37.36 -9.64
N LEU I 111 12.28 36.19 -9.20
CA LEU I 111 13.21 35.38 -9.96
C LEU I 111 12.54 34.04 -10.19
N GLY I 112 12.60 33.55 -11.40
CA GLY I 112 11.87 32.36 -11.74
C GLY I 112 10.41 32.67 -11.95
N GLN I 113 9.61 32.61 -10.88
CA GLN I 113 8.19 32.92 -11.01
C GLN I 113 7.66 33.41 -9.67
N ALA I 114 6.59 34.19 -9.76
CA ALA I 114 5.82 34.62 -8.59
C ALA I 114 4.38 34.38 -8.99
N ALA I 115 3.80 33.32 -8.45
CA ALA I 115 2.44 32.93 -8.81
C ALA I 115 1.56 33.00 -7.59
N SER I 116 0.32 33.46 -7.79
CA SER I 116 -0.71 33.45 -6.77
C SER I 116 -0.23 34.26 -5.57
N MET I 117 -0.18 33.68 -4.37
CA MET I 117 0.32 34.42 -3.22
C MET I 117 1.74 34.96 -3.47
N GLY I 118 2.54 34.26 -4.27
CA GLY I 118 3.85 34.76 -4.62
C GLY I 118 3.77 36.08 -5.38
N ALA I 119 2.85 36.16 -6.35
CA ALA I 119 2.66 37.40 -7.08
C ALA I 119 2.07 38.48 -6.17
N PHE I 120 1.18 38.09 -5.25
CA PHE I 120 0.63 39.05 -4.30
C PHE I 120 1.75 39.70 -3.49
N LEU I 121 2.67 38.89 -2.95
CA LEU I 121 3.77 39.44 -2.16
C LEU I 121 4.71 40.27 -3.04
N LEU I 122 4.99 39.78 -4.25
CA LEU I 122 5.80 40.57 -5.18
C LEU I 122 5.23 41.97 -5.37
N SER I 123 3.92 42.06 -5.63
CA SER I 123 3.29 43.35 -5.88
C SER I 123 3.17 44.20 -4.64
N ALA I 124 3.39 43.63 -3.45
CA ALA I 124 3.28 44.32 -2.19
C ALA I 124 4.57 45.01 -1.78
N GLY I 125 5.67 44.77 -2.49
CA GLY I 125 6.92 45.47 -2.18
C GLY I 125 6.75 46.97 -2.24
N GLU I 126 7.66 47.68 -1.57
CA GLU I 126 7.61 49.13 -1.56
C GLU I 126 7.51 49.63 -2.98
N LYS I 127 6.52 50.49 -3.25
CA LYS I 127 6.32 50.95 -4.63
C LYS I 127 7.54 51.75 -5.08
N GLY I 128 7.98 51.51 -6.31
CA GLY I 128 9.24 51.99 -6.79
C GLY I 128 10.38 51.02 -6.66
N LYS I 129 10.23 49.99 -5.82
CA LYS I 129 11.30 49.04 -5.56
C LYS I 129 10.83 47.60 -5.79
N ARG I 130 9.88 47.40 -6.70
CA ARG I 130 9.39 46.08 -7.09
C ARG I 130 9.97 45.73 -8.45
N PHE I 131 10.72 44.63 -8.49
CA PHE I 131 11.51 44.24 -9.65
C PHE I 131 11.18 42.82 -10.09
N ALA I 132 11.48 42.57 -11.36
CA ALA I 132 11.50 41.23 -11.92
C ALA I 132 12.71 41.12 -12.84
N LEU I 133 13.28 39.93 -12.91
CA LEU I 133 14.28 39.59 -13.89
C LEU I 133 13.59 39.32 -15.24
N PRO I 134 14.34 39.43 -16.35
CA PRO I 134 13.67 39.53 -17.67
C PRO I 134 12.81 38.33 -18.04
N ASN I 135 13.18 37.11 -17.65
CA ASN I 135 12.41 35.95 -18.04
C ASN I 135 11.59 35.36 -16.91
N SER I 136 11.45 36.08 -15.80
CA SER I 136 10.55 35.59 -14.77
C SER I 136 9.10 35.71 -15.23
N ARG I 137 8.21 34.94 -14.61
CA ARG I 137 6.82 35.05 -14.96
C ARG I 137 5.95 35.21 -13.71
N ILE I 138 4.88 35.96 -13.90
CA ILE I 138 3.90 36.24 -12.86
C ILE I 138 2.62 35.51 -13.24
N MET I 139 1.87 35.08 -12.23
CA MET I 139 0.54 34.54 -12.49
C MET I 139 -0.37 34.95 -11.36
N ILE I 140 -1.57 35.43 -11.70
CA ILE I 140 -2.56 35.80 -10.69
C ILE I 140 -3.85 35.06 -10.99
N HIS I 141 -4.62 34.78 -9.93
CA HIS I 141 -5.90 34.08 -10.05
C HIS I 141 -6.66 34.22 -8.73
N GLN I 142 -7.92 33.78 -8.74
CA GLN I 142 -8.77 33.82 -7.55
C GLN I 142 -8.43 32.68 -6.60
N PRO I 143 -8.86 32.76 -5.34
CA PRO I 143 -8.52 31.70 -4.40
C PRO I 143 -9.09 30.35 -4.83
N LEU I 144 -8.36 29.30 -4.51
CA LEU I 144 -8.82 27.94 -4.77
C LEU I 144 -8.56 27.08 -3.54
N ILE I 145 -9.34 25.99 -3.45
CA ILE I 145 -9.20 24.96 -2.43
C ILE I 145 -9.01 23.63 -3.13
N SER I 146 -8.10 22.81 -2.63
CA SER I 146 -7.87 21.48 -3.21
C SER I 146 -8.94 20.47 -2.76
N LEU I 149 -15.48 21.17 -0.39
CA LEU I 149 -15.45 21.25 1.08
C LEU I 149 -16.27 20.14 1.72
N GLY I 150 -16.13 19.92 3.03
CA GLY I 150 -16.86 18.85 3.73
C GLY I 150 -17.51 19.00 5.13
N GLY I 151 -18.74 18.54 5.22
CA GLY I 151 -19.54 18.57 6.43
C GLY I 151 -20.99 18.93 6.10
N GLN I 152 -21.66 19.48 7.11
CA GLN I 152 -23.04 19.90 6.92
C GLN I 152 -23.14 21.11 6.01
N ALA I 153 -24.32 21.25 5.39
CA ALA I 153 -24.60 22.40 4.54
C ALA I 153 -24.32 23.72 5.26
N SER I 154 -24.69 23.82 6.55
CA SER I 154 -24.38 25.03 7.30
C SER I 154 -22.89 25.34 7.29
N ASP I 155 -22.06 24.30 7.45
CA ASP I 155 -20.62 24.50 7.51
C ASP I 155 -20.06 24.86 6.15
N ILE I 156 -20.57 24.22 5.10
CA ILE I 156 -20.10 24.57 3.77
C ILE I 156 -20.46 26.02 3.47
N GLU I 157 -21.64 26.47 3.90
CA GLU I 157 -22.01 27.87 3.71
C GLU I 157 -21.03 28.81 4.43
N ILE I 158 -20.66 28.48 5.67
CA ILE I 158 -19.73 29.29 6.44
C ILE I 158 -18.38 29.39 5.74
N HIS I 159 -17.87 28.26 5.27
CA HIS I 159 -16.54 28.31 4.66
C HIS I 159 -16.59 28.89 3.25
N ALA I 160 -17.68 28.66 2.52
CA ALA I 160 -17.83 29.29 1.21
C ALA I 160 -17.86 30.81 1.34
N ARG I 161 -18.60 31.31 2.34
CA ARG I 161 -18.63 32.76 2.59
C ARG I 161 -17.25 33.29 2.95
N GLU I 162 -16.50 32.55 3.78
CA GLU I 162 -15.15 33.00 4.14
C GLU I 162 -14.24 32.99 2.91
N LEU I 163 -14.40 31.99 2.04
CA LEU I 163 -13.58 31.96 0.84
C LEU I 163 -13.88 33.12 -0.10
N LEU I 164 -15.17 33.47 -0.23
CA LEU I 164 -15.52 34.61 -1.09
C LEU I 164 -15.04 35.94 -0.50
N LYS I 165 -15.05 36.07 0.82
CA LYS I 165 -14.48 37.26 1.45
C LYS I 165 -12.99 37.36 1.18
N ILE I 166 -12.28 36.24 1.24
CA ILE I 166 -10.86 36.25 0.87
C ILE I 166 -10.69 36.71 -0.58
N LYS I 167 -11.50 36.15 -1.50
CA LYS I 167 -11.42 36.53 -2.93
C LYS I 167 -11.63 38.04 -3.12
N GLU I 168 -12.64 38.59 -2.45
CA GLU I 168 -12.94 40.01 -2.57
C GLU I 168 -11.83 40.86 -1.98
N LYS I 169 -11.33 40.48 -0.81
CA LYS I 169 -10.25 41.24 -0.18
C LYS I 169 -8.99 41.23 -1.04
N LEU I 170 -8.62 40.05 -1.54
CA LEU I 170 -7.40 39.96 -2.35
C LEU I 170 -7.53 40.78 -3.63
N ASN I 171 -8.72 40.81 -4.23
CA ASN I 171 -8.90 41.67 -5.41
C ASN I 171 -8.74 43.14 -5.05
N ARG I 172 -9.34 43.55 -3.92
CA ARG I 172 -9.24 44.95 -3.50
C ARG I 172 -7.81 45.34 -3.20
N LEU I 173 -7.07 44.48 -2.49
CA LEU I 173 -5.68 44.78 -2.18
C LEU I 173 -4.80 44.77 -3.43
N MET I 174 -5.00 43.78 -4.32
CA MET I 174 -4.23 43.70 -5.57
C MET I 174 -4.47 44.90 -6.47
N ALA I 175 -5.73 45.33 -6.58
CA ALA I 175 -6.02 46.53 -7.35
C ALA I 175 -5.26 47.73 -6.78
N LYS I 176 -5.15 47.80 -5.44
CA LYS I 176 -4.37 48.86 -4.79
C LYS I 176 -2.88 48.76 -5.13
N HIS I 177 -2.29 47.56 -5.02
CA HIS I 177 -0.88 47.40 -5.36
C HIS I 177 -0.62 47.80 -6.80
N CYS I 178 -1.54 47.44 -7.69
CA CYS I 178 -1.36 47.67 -9.11
C CYS I 178 -1.86 49.03 -9.56
N ASP I 179 -2.46 49.81 -8.66
CA ASP I 179 -2.99 51.11 -9.07
C ASP I 179 -3.95 50.93 -10.26
N ARG I 180 -4.88 49.98 -10.14
CA ARG I 180 -5.82 49.62 -11.18
C ARG I 180 -7.22 49.61 -10.59
N ASP I 181 -8.22 49.56 -11.45
CA ASP I 181 -9.60 49.45 -10.96
C ASP I 181 -9.85 48.06 -10.44
N LEU I 182 -10.68 47.99 -9.39
CA LEU I 182 -11.10 46.71 -8.84
C LEU I 182 -11.74 45.83 -9.91
N ALA I 183 -12.55 46.42 -10.80
CA ALA I 183 -13.17 45.63 -11.85
C ALA I 183 -12.14 44.99 -12.75
N ASP I 184 -11.01 45.67 -12.99
CA ASP I 184 -9.93 45.07 -13.78
C ASP I 184 -9.41 43.80 -13.12
N LEU I 185 -9.14 43.84 -11.81
CA LEU I 185 -8.61 42.66 -11.12
C LEU I 185 -9.65 41.55 -11.07
N GLU I 186 -10.92 41.90 -10.84
CA GLU I 186 -11.97 40.89 -10.85
C GLU I 186 -12.02 40.17 -12.19
N ARG I 187 -11.97 40.93 -13.29
CA ARG I 187 -11.95 40.32 -14.62
C ARG I 187 -10.71 39.47 -14.83
N ASP I 188 -9.55 39.96 -14.42
CA ASP I 188 -8.29 39.35 -14.83
C ASP I 188 -7.81 38.23 -13.92
N THR I 189 -8.49 37.96 -12.82
CA THR I 189 -8.12 36.85 -11.96
C THR I 189 -9.16 35.73 -11.96
N ASP I 190 -10.18 35.83 -12.83
CA ASP I 190 -11.23 34.81 -12.81
C ASP I 190 -10.64 33.43 -13.07
N ARG I 191 -9.66 33.34 -13.95
CA ARG I 191 -8.89 32.14 -14.22
C ARG I 191 -7.41 32.49 -14.24
N ASP I 192 -6.57 31.46 -14.25
CA ASP I 192 -5.13 31.62 -14.27
C ASP I 192 -4.71 32.59 -15.36
N ASN I 193 -3.98 33.63 -14.97
CA ASN I 193 -3.57 34.73 -15.84
C ASN I 193 -2.06 34.88 -15.72
N PHE I 194 -1.34 34.32 -16.70
CA PHE I 194 0.11 34.40 -16.75
C PHE I 194 0.54 35.71 -17.39
N MET I 195 1.62 36.30 -16.87
CA MET I 195 2.16 37.53 -17.41
C MET I 195 3.67 37.44 -17.53
N SER I 196 4.20 37.90 -18.66
CA SER I 196 5.63 38.11 -18.74
C SER I 196 6.03 39.27 -17.82
N ALA I 197 7.34 39.42 -17.63
CA ALA I 197 7.83 40.54 -16.82
C ALA I 197 7.36 41.87 -17.38
N GLU I 198 7.46 42.06 -18.72
CA GLU I 198 6.98 43.30 -19.31
C GLU I 198 5.49 43.49 -19.09
N GLU I 199 4.70 42.42 -19.23
CA GLU I 199 3.27 42.54 -18.99
C GLU I 199 2.98 42.88 -17.53
N ALA I 200 3.72 42.27 -16.61
CA ALA I 200 3.52 42.56 -15.19
C ALA I 200 3.84 44.02 -14.88
N LYS I 201 4.87 44.57 -15.51
CA LYS I 201 5.19 45.99 -15.31
C LYS I 201 4.07 46.88 -15.82
N GLU I 202 3.58 46.60 -17.03
CA GLU I 202 2.46 47.38 -17.56
C GLU I 202 1.22 47.23 -16.69
N TYR I 203 1.00 46.04 -16.12
CA TYR I 203 -0.19 45.86 -15.30
C TYR I 203 -0.13 46.68 -14.01
N GLY I 204 1.07 46.99 -13.52
CA GLY I 204 1.26 47.65 -12.24
C GLY I 204 1.75 46.76 -11.11
N LEU I 205 2.09 45.50 -11.37
CA LEU I 205 2.54 44.61 -10.30
C LEU I 205 3.98 44.87 -9.90
N ILE I 206 4.81 45.26 -10.86
CA ILE I 206 6.20 45.60 -10.60
C ILE I 206 6.47 46.96 -11.21
N ASP I 207 7.61 47.53 -10.83
CA ASP I 207 8.06 48.84 -11.26
C ASP I 207 9.09 48.79 -12.37
N GLN I 208 10.04 47.84 -12.30
CA GLN I 208 11.12 47.80 -13.27
C GLN I 208 11.55 46.36 -13.49
N ILE I 209 12.04 46.12 -14.70
CA ILE I 209 12.70 44.87 -15.07
C ILE I 209 14.20 45.10 -15.06
N LEU I 210 14.94 44.24 -14.39
CA LEU I 210 16.39 44.39 -14.24
C LEU I 210 17.11 43.41 -15.16
N GLU I 211 17.90 43.96 -16.09
CA GLU I 211 18.74 43.15 -16.97
C GLU I 211 20.08 42.77 -16.35
N ASN I 212 20.80 43.77 -15.83
CA ASN I 212 22.07 43.50 -15.17
C ASN I 212 22.40 44.69 -14.30
N ARG I 213 23.56 44.65 -13.65
CA ARG I 213 23.97 45.77 -12.80
C ARG I 213 24.46 46.90 -13.71
N ALA I 214 23.49 47.57 -14.31
CA ALA I 214 23.59 48.97 -14.72
C ALA I 214 22.99 49.85 -13.64
N SER I 215 22.77 49.28 -12.45
CA SER I 215 22.04 49.88 -11.36
C SER I 215 22.87 50.91 -10.63
N LEU I 216 22.17 51.78 -9.90
CA LEU I 216 22.80 52.72 -8.99
C LEU I 216 23.48 51.99 -7.83
N LEU J 21 16.10 24.35 6.95
CA LEU J 21 17.23 25.18 7.37
C LEU J 21 16.71 26.47 7.99
N VAL J 22 17.19 26.79 9.19
CA VAL J 22 16.95 28.07 9.82
C VAL J 22 18.20 28.92 9.68
N PRO J 23 18.09 30.17 9.22
CA PRO J 23 19.27 31.04 9.12
C PRO J 23 19.95 31.21 10.47
N THR J 24 21.25 31.49 10.41
CA THR J 24 22.11 31.69 11.57
C THR J 24 22.67 33.11 11.54
N VAL J 25 22.75 33.73 12.71
CA VAL J 25 23.15 35.13 12.79
C VAL J 25 24.17 35.38 13.90
N PHE J 36 23.95 32.39 16.77
CA PHE J 36 22.57 32.01 17.07
C PHE J 36 21.75 31.73 15.80
N ASP J 37 20.81 30.77 15.86
CA ASP J 37 19.78 30.68 14.84
C ASP J 37 18.80 31.85 14.98
N ILE J 38 18.00 32.06 13.92
CA ILE J 38 17.21 33.29 13.82
C ILE J 38 16.15 33.35 14.92
N TYR J 39 15.59 32.19 15.30
CA TYR J 39 14.55 32.16 16.33
C TYR J 39 15.13 32.41 17.73
N SER J 40 16.32 31.87 18.01
CA SER J 40 17.02 32.20 19.25
C SER J 40 17.38 33.68 19.33
N ARG J 41 17.77 34.25 18.20
CA ARG J 41 18.09 35.67 18.15
C ARG J 41 16.87 36.51 18.48
N LEU J 42 15.72 36.15 17.93
CA LEU J 42 14.51 36.91 18.25
C LEU J 42 14.04 36.63 19.68
N LEU J 43 14.37 35.46 20.20
CA LEU J 43 14.06 35.18 21.60
C LEU J 43 14.80 36.13 22.54
N LYS J 44 15.99 36.56 22.16
CA LYS J 44 16.71 37.49 23.03
C LYS J 44 15.97 38.82 23.12
N GLU J 45 15.12 39.14 22.13
CA GLU J 45 14.23 40.29 22.22
C GLU J 45 12.85 39.95 22.78
N ARG J 46 12.71 38.80 23.43
CA ARG J 46 11.49 38.39 24.11
C ARG J 46 10.33 38.11 23.15
N ILE J 47 10.64 37.67 21.93
CA ILE J 47 9.65 37.23 20.94
C ILE J 47 9.59 35.71 20.95
N VAL J 48 8.40 35.17 21.15
CA VAL J 48 8.13 33.73 21.12
C VAL J 48 7.07 33.47 20.06
N PHE J 49 7.28 32.46 19.22
CA PHE J 49 6.35 32.12 18.16
C PHE J 49 5.57 30.87 18.51
N LEU J 50 4.29 30.87 18.14
CA LEU J 50 3.50 29.64 18.06
C LEU J 50 3.05 29.50 16.60
N VAL J 51 3.60 28.53 15.90
CA VAL J 51 3.38 28.42 14.47
C VAL J 51 2.89 27.02 14.13
N GLY J 52 1.75 26.94 13.45
CA GLY J 52 1.20 25.65 13.07
C GLY J 52 0.44 25.01 14.21
N PRO J 53 0.10 23.74 14.07
CA PRO J 53 -0.76 23.07 15.04
C PRO J 53 -0.18 23.06 16.46
N VAL J 54 -1.03 23.28 17.45
CA VAL J 54 -0.65 23.16 18.84
C VAL J 54 -0.58 21.68 19.21
N THR J 55 0.62 21.19 19.48
CA THR J 55 0.84 19.82 19.94
C THR J 55 1.48 19.88 21.32
N ASP J 56 1.57 18.71 21.99
CA ASP J 56 2.30 18.65 23.25
C ASP J 56 3.70 19.21 23.09
N GLU J 57 4.38 18.84 22.01
CA GLU J 57 5.76 19.25 21.81
C GLU J 57 5.85 20.74 21.48
N SER J 58 4.99 21.24 20.59
CA SER J 58 5.10 22.66 20.23
C SER J 58 4.67 23.55 21.38
N ALA J 59 3.67 23.13 22.15
CA ALA J 59 3.23 23.92 23.29
C ALA J 59 4.29 23.97 24.39
N ASN J 60 4.93 22.82 24.67
CA ASN J 60 5.92 22.83 25.74
C ASN J 60 7.14 23.66 25.36
N LEU J 61 7.47 23.73 24.07
CA LEU J 61 8.55 24.60 23.66
C LEU J 61 8.24 26.05 23.95
N VAL J 62 6.98 26.47 23.74
CA VAL J 62 6.56 27.81 24.12
C VAL J 62 6.65 27.99 25.63
N VAL J 63 6.15 27.00 26.39
CA VAL J 63 6.23 27.05 27.85
C VAL J 63 7.67 27.26 28.30
N ALA J 64 8.60 26.49 27.72
CA ALA J 64 10.00 26.60 28.10
C ALA J 64 10.55 28.01 27.82
N GLN J 65 10.18 28.59 26.68
CA GLN J 65 10.62 29.94 26.36
C GLN J 65 10.02 30.97 27.31
N LEU J 66 8.74 30.81 27.67
CA LEU J 66 8.13 31.74 28.62
C LEU J 66 8.83 31.69 29.97
N LEU J 67 9.14 30.48 30.47
CA LEU J 67 9.85 30.35 31.74
C LEU J 67 11.25 30.94 31.64
N PHE J 68 11.94 30.69 30.53
CA PHE J 68 13.26 31.26 30.32
C PHE J 68 13.21 32.77 30.32
N LEU J 69 12.25 33.35 29.58
CA LEU J 69 12.17 34.81 29.50
C LEU J 69 11.80 35.44 30.84
N GLU J 70 10.89 34.81 31.58
CA GLU J 70 10.59 35.30 32.92
C GLU J 70 11.85 35.27 33.78
N SER J 71 12.63 34.20 33.66
CA SER J 71 13.88 34.08 34.40
C SER J 71 14.89 35.16 33.99
N GLU J 72 14.92 35.54 32.70
CA GLU J 72 15.85 36.57 32.24
C GLU J 72 15.47 37.95 32.78
N ASN J 73 14.18 38.25 32.84
CA ASN J 73 13.70 39.52 33.37
C ASN J 73 12.22 39.37 33.70
N PRO J 74 11.86 39.28 34.99
CA PRO J 74 10.46 39.00 35.34
C PRO J 74 9.52 40.18 35.13
N ASP J 75 10.02 41.36 34.77
CA ASP J 75 9.20 42.56 34.67
C ASP J 75 8.92 43.01 33.23
N LYS J 76 9.68 42.53 32.24
CA LYS J 76 9.55 43.06 30.89
C LYS J 76 8.52 42.23 30.12
N ASP J 77 7.70 42.92 29.32
CA ASP J 77 6.69 42.26 28.51
C ASP J 77 7.32 41.18 27.62
N ILE J 78 6.54 40.15 27.33
CA ILE J 78 6.89 39.10 26.38
C ILE J 78 5.93 39.26 25.21
N PHE J 79 6.43 39.05 24.00
CA PHE J 79 5.65 39.23 22.79
C PHE J 79 5.41 37.86 22.17
N PHE J 80 4.18 37.41 22.22
CA PHE J 80 3.81 36.04 21.85
C PHE J 80 3.10 36.14 20.51
N TYR J 81 3.81 35.75 19.45
CA TYR J 81 3.32 35.83 18.08
C TYR J 81 2.68 34.50 17.70
N ILE J 82 1.43 34.55 17.28
CA ILE J 82 0.61 33.37 17.06
C ILE J 82 0.18 33.32 15.61
N ASN J 83 0.58 32.28 14.89
CA ASN J 83 0.06 31.94 13.55
C ASN J 83 -0.28 30.45 13.61
N SER J 84 -1.52 30.13 14.01
CA SER J 84 -1.84 28.73 14.34
C SER J 84 -3.28 28.42 13.98
N PRO J 85 -3.55 27.22 13.45
CA PRO J 85 -4.93 26.77 13.23
C PRO J 85 -5.57 26.11 14.44
N GLY J 86 -4.90 26.07 15.58
CA GLY J 86 -5.40 25.38 16.74
C GLY J 86 -4.74 24.02 16.94
N GLY J 87 -5.38 23.19 17.75
CA GLY J 87 -4.82 21.88 18.00
C GLY J 87 -5.29 21.36 19.36
N SER J 88 -4.38 20.69 20.05
CA SER J 88 -4.73 20.00 21.28
C SER J 88 -5.14 20.97 22.40
N VAL J 89 -6.29 20.68 23.03
CA VAL J 89 -6.80 21.55 24.09
C VAL J 89 -5.89 21.51 25.32
N THR J 90 -5.47 20.32 25.75
CA THR J 90 -4.62 20.27 26.93
C THR J 90 -3.25 20.89 26.63
N ALA J 91 -2.74 20.71 25.41
CA ALA J 91 -1.50 21.36 25.03
C ALA J 91 -1.62 22.88 25.15
N GLY J 92 -2.73 23.42 24.66
CA GLY J 92 -2.95 24.86 24.76
C GLY J 92 -3.10 25.31 26.20
N MET J 93 -3.77 24.51 27.03
CA MET J 93 -3.93 24.90 28.43
C MET J 93 -2.61 24.99 29.15
N SER J 94 -1.62 24.19 28.76
CA SER J 94 -0.31 24.34 29.39
C SER J 94 0.29 25.69 29.04
N ILE J 95 0.10 26.16 27.80
CA ILE J 95 0.53 27.51 27.45
C ILE J 95 -0.28 28.55 28.22
N TYR J 96 -1.60 28.42 28.19
CA TYR J 96 -2.49 29.37 28.86
C TYR J 96 -2.12 29.55 30.33
N ASP J 97 -2.01 28.43 31.06
CA ASP J 97 -1.72 28.52 32.48
C ASP J 97 -0.32 29.08 32.73
N THR J 98 0.64 28.81 31.85
CA THR J 98 1.96 29.43 32.01
C THR J 98 1.90 30.94 31.76
N MET J 99 1.21 31.36 30.71
CA MET J 99 1.02 32.80 30.49
C MET J 99 0.45 33.46 31.74
N ASN J 100 -0.53 32.83 32.39
CA ASN J 100 -1.11 33.46 33.56
C ASN J 100 -0.23 33.33 34.80
N PHE J 101 0.63 32.31 34.86
CA PHE J 101 1.45 32.06 36.04
C PHE J 101 2.64 33.02 36.16
N ILE J 102 3.38 33.22 35.07
CA ILE J 102 4.63 33.97 35.13
C ILE J 102 4.34 35.44 35.44
N LYS J 103 5.37 36.12 35.93
CA LYS J 103 5.19 37.52 36.28
C LYS J 103 5.05 38.41 35.05
N PRO J 104 5.87 38.29 34.00
CA PRO J 104 5.75 39.23 32.88
C PRO J 104 4.39 39.20 32.23
N ASP J 105 3.92 40.36 31.78
CA ASP J 105 2.78 40.41 30.88
C ASP J 105 3.13 39.68 29.59
N VAL J 106 2.21 38.85 29.11
CA VAL J 106 2.39 38.23 27.80
C VAL J 106 1.48 38.95 26.82
N SER J 107 2.09 39.78 25.98
CA SER J 107 1.39 40.41 24.88
C SER J 107 1.24 39.41 23.74
N THR J 108 0.09 39.41 23.11
CA THR J 108 -0.15 38.49 22.00
C THR J 108 -0.33 39.25 20.71
N LEU J 109 0.11 38.62 19.62
CA LEU J 109 -0.02 39.17 18.29
C LEU J 109 -0.45 38.07 17.34
N CYS J 110 -1.56 38.29 16.66
CA CYS J 110 -2.02 37.39 15.61
C CYS J 110 -1.42 37.83 14.28
N LEU J 111 -0.62 36.98 13.67
CA LEU J 111 -0.20 37.19 12.29
C LEU J 111 -0.62 35.97 11.48
N GLY J 112 -1.21 36.23 10.32
CA GLY J 112 -1.78 35.14 9.55
C GLY J 112 -3.12 34.73 10.13
N GLN J 113 -3.13 33.83 11.11
CA GLN J 113 -4.41 33.44 11.67
C GLN J 113 -4.24 32.95 13.10
N ALA J 114 -5.29 33.08 13.89
CA ALA J 114 -5.37 32.46 15.20
C ALA J 114 -6.74 31.77 15.22
N ALA J 115 -6.74 30.46 15.07
CA ALA J 115 -7.99 29.71 15.01
C ALA J 115 -8.06 28.73 16.16
N SER J 116 -9.27 28.58 16.70
CA SER J 116 -9.59 27.59 17.74
C SER J 116 -8.64 27.84 18.90
N MET J 117 -7.84 26.85 19.32
CA MET J 117 -6.94 27.05 20.44
C MET J 117 -5.99 28.22 20.18
N GLY J 118 -5.66 28.48 18.92
CA GLY J 118 -4.87 29.65 18.60
C GLY J 118 -5.56 30.94 18.97
N ALA J 119 -6.86 31.04 18.67
CA ALA J 119 -7.64 32.21 19.05
C ALA J 119 -7.83 32.29 20.55
N PHE J 120 -7.99 31.14 21.21
CA PHE J 120 -8.09 31.15 22.67
C PHE J 120 -6.87 31.80 23.29
N LEU J 121 -5.67 31.35 22.90
CA LEU J 121 -4.45 31.91 23.47
C LEU J 121 -4.26 33.37 23.08
N LEU J 122 -4.59 33.73 21.84
CA LEU J 122 -4.54 35.14 21.44
C LEU J 122 -5.36 36.01 22.40
N SER J 123 -6.58 35.57 22.68
CA SER J 123 -7.49 36.30 23.55
C SER J 123 -7.05 36.25 25.01
N ALA J 124 -6.10 35.39 25.36
CA ALA J 124 -5.60 35.24 26.73
C ALA J 124 -4.47 36.19 27.05
N GLY J 125 -3.95 36.90 26.06
CA GLY J 125 -2.89 37.87 26.32
C GLY J 125 -3.33 38.90 27.33
N GLU J 126 -2.34 39.55 27.94
CA GLU J 126 -2.63 40.61 28.91
C GLU J 126 -3.61 41.61 28.31
N LYS J 127 -4.69 41.89 29.05
CA LYS J 127 -5.70 42.78 28.51
C LYS J 127 -5.08 44.15 28.29
N GLY J 128 -5.37 44.75 27.14
CA GLY J 128 -4.67 45.94 26.70
C GLY J 128 -3.49 45.69 25.79
N LYS J 129 -2.98 44.45 25.72
CA LYS J 129 -1.79 44.11 24.95
C LYS J 129 -2.07 42.94 23.99
N ARG J 130 -3.31 42.81 23.55
CA ARG J 130 -3.70 41.79 22.57
C ARG J 130 -3.87 42.46 21.22
N PHE J 131 -3.08 42.05 20.24
CA PHE J 131 -3.01 42.74 18.97
C PHE J 131 -3.21 41.78 17.80
N ALA J 132 -3.59 42.35 16.67
CA ALA J 132 -3.63 41.63 15.40
C ALA J 132 -3.10 42.52 14.31
N LEU J 133 -2.48 41.90 13.32
CA LEU J 133 -2.11 42.62 12.11
C LEU J 133 -3.35 42.80 11.22
N PRO J 134 -3.35 43.80 10.34
CA PRO J 134 -4.60 44.19 9.69
C PRO J 134 -5.29 43.10 8.88
N ASN J 135 -4.56 42.17 8.25
CA ASN J 135 -5.20 41.16 7.42
C ASN J 135 -5.14 39.76 8.04
N SER J 136 -4.85 39.68 9.34
CA SER J 136 -4.96 38.42 10.04
C SER J 136 -6.43 38.06 10.24
N ARG J 137 -6.68 36.78 10.48
CA ARG J 137 -8.04 36.33 10.74
C ARG J 137 -8.09 35.46 11.98
N ILE J 138 -9.21 35.56 12.67
CA ILE J 138 -9.49 34.79 13.88
C ILE J 138 -10.62 33.83 13.54
N MET J 139 -10.60 32.66 14.18
CA MET J 139 -11.73 31.75 14.07
C MET J 139 -11.93 31.08 15.43
N ILE J 140 -13.18 31.02 15.89
CA ILE J 140 -13.55 30.37 17.14
C ILE J 140 -14.63 29.33 16.83
N HIS J 141 -14.67 28.27 17.63
CA HIS J 141 -15.68 27.23 17.46
C HIS J 141 -15.64 26.34 18.69
N GLN J 142 -16.61 25.44 18.78
CA GLN J 142 -16.64 24.51 19.91
C GLN J 142 -15.64 23.38 19.68
N PRO J 143 -15.30 22.63 20.73
CA PRO J 143 -14.30 21.56 20.58
C PRO J 143 -14.74 20.48 19.59
N LEU J 144 -13.74 19.87 18.95
CA LEU J 144 -13.91 18.73 18.06
C LEU J 144 -12.91 17.67 18.45
N ILE J 145 -13.19 16.42 18.09
CA ILE J 145 -12.20 15.38 18.24
C ILE J 145 -12.02 14.67 16.90
N SER J 146 -10.88 14.00 16.76
CA SER J 146 -10.56 13.24 15.56
C SER J 146 -10.53 11.75 15.87
N GLY J 150 -14.92 5.55 20.62
CA GLY J 150 -14.71 4.16 20.30
C GLY J 150 -14.59 3.26 21.52
N GLY J 151 -15.62 2.47 21.79
CA GLY J 151 -15.56 1.55 22.91
C GLY J 151 -16.96 1.24 23.41
N GLN J 152 -17.02 0.84 24.67
CA GLN J 152 -18.31 0.55 25.27
C GLN J 152 -19.08 1.83 25.51
N ALA J 153 -20.41 1.72 25.54
CA ALA J 153 -21.26 2.87 25.79
C ALA J 153 -20.85 3.61 27.07
N SER J 154 -20.48 2.86 28.12
CA SER J 154 -20.03 3.48 29.37
C SER J 154 -18.82 4.38 29.16
N ASP J 155 -17.85 3.93 28.34
CA ASP J 155 -16.65 4.73 28.12
C ASP J 155 -16.95 5.93 27.23
N ILE J 156 -17.80 5.74 26.22
CA ILE J 156 -18.21 6.85 25.38
C ILE J 156 -18.96 7.89 26.21
N GLU J 157 -19.78 7.45 27.16
CA GLU J 157 -20.47 8.38 28.05
C GLU J 157 -19.47 9.22 28.85
N ILE J 158 -18.46 8.56 29.41
CA ILE J 158 -17.44 9.26 30.18
C ILE J 158 -16.72 10.29 29.31
N HIS J 159 -16.35 9.91 28.09
CA HIS J 159 -15.58 10.84 27.28
C HIS J 159 -16.44 11.95 26.70
N ALA J 160 -17.71 11.68 26.40
CA ALA J 160 -18.61 12.73 25.96
C ALA J 160 -18.86 13.76 27.05
N ARG J 161 -19.05 13.30 28.30
CA ARG J 161 -19.20 14.22 29.42
C ARG J 161 -17.95 15.07 29.61
N GLU J 162 -16.75 14.47 29.51
CA GLU J 162 -15.53 15.26 29.62
C GLU J 162 -15.43 16.28 28.49
N LEU J 163 -15.84 15.89 27.27
CA LEU J 163 -15.80 16.81 26.14
C LEU J 163 -16.74 17.99 26.35
N LEU J 164 -17.93 17.74 26.90
CA LEU J 164 -18.89 18.79 27.17
C LEU J 164 -18.43 19.69 28.32
N LYS J 165 -17.73 19.15 29.33
CA LYS J 165 -17.13 20.00 30.35
C LYS J 165 -16.08 20.94 29.74
N ILE J 166 -15.24 20.42 28.85
CA ILE J 166 -14.25 21.24 28.17
C ILE J 166 -14.94 22.34 27.38
N LYS J 167 -16.00 21.98 26.64
CA LYS J 167 -16.76 22.96 25.88
C LYS J 167 -17.29 24.06 26.79
N GLU J 168 -17.87 23.69 27.93
CA GLU J 168 -18.41 24.72 28.80
C GLU J 168 -17.28 25.55 29.42
N LYS J 169 -16.19 24.90 29.84
CA LYS J 169 -15.07 25.64 30.43
C LYS J 169 -14.46 26.63 29.43
N LEU J 170 -14.24 26.20 28.19
CA LEU J 170 -13.66 27.10 27.21
C LEU J 170 -14.60 28.27 26.94
N ASN J 171 -15.91 28.01 26.88
CA ASN J 171 -16.86 29.10 26.71
C ASN J 171 -16.81 30.07 27.89
N ARG J 172 -16.68 29.55 29.11
CA ARG J 172 -16.60 30.43 30.27
C ARG J 172 -15.33 31.26 30.25
N LEU J 173 -14.18 30.65 29.98
CA LEU J 173 -12.94 31.41 29.90
C LEU J 173 -12.94 32.38 28.72
N MET J 174 -13.46 31.95 27.56
CA MET J 174 -13.53 32.88 26.42
C MET J 174 -14.40 34.09 26.75
N ALA J 175 -15.54 33.87 27.44
CA ALA J 175 -16.42 34.98 27.81
C ALA J 175 -15.68 35.97 28.71
N LYS J 176 -14.87 35.46 29.64
CA LYS J 176 -14.08 36.35 30.48
C LYS J 176 -13.06 37.13 29.67
N HIS J 177 -12.29 36.42 28.82
CA HIS J 177 -11.31 37.12 28.00
C HIS J 177 -11.95 38.23 27.20
N CYS J 178 -13.12 37.97 26.61
CA CYS J 178 -13.75 38.91 25.70
C CYS J 178 -14.66 39.91 26.40
N ASP J 179 -14.83 39.80 27.72
CA ASP J 179 -15.74 40.67 28.46
C ASP J 179 -17.16 40.63 27.90
N ARG J 180 -17.65 39.40 27.68
CA ARG J 180 -18.97 39.15 27.09
C ARG J 180 -19.73 38.15 27.94
N ASP J 181 -21.02 38.02 27.64
CA ASP J 181 -21.84 37.04 28.33
C ASP J 181 -21.49 35.65 27.82
N LEU J 182 -21.52 34.68 28.72
CA LEU J 182 -21.32 33.29 28.32
C LEU J 182 -22.27 32.89 27.20
N ALA J 183 -23.53 33.30 27.28
CA ALA J 183 -24.50 32.92 26.26
C ALA J 183 -24.07 33.45 24.90
N ASP J 184 -23.43 34.62 24.85
CA ASP J 184 -22.88 35.12 23.60
C ASP J 184 -21.87 34.13 23.03
N LEU J 185 -20.96 33.64 23.88
CA LEU J 185 -19.92 32.73 23.41
C LEU J 185 -20.50 31.38 22.98
N GLU J 186 -21.47 30.85 23.72
CA GLU J 186 -22.10 29.59 23.32
C GLU J 186 -22.76 29.73 21.96
N ARG J 187 -23.49 30.82 21.74
CA ARG J 187 -24.09 31.10 20.44
C ARG J 187 -23.04 31.24 19.35
N ASP J 188 -21.97 31.96 19.64
CA ASP J 188 -21.02 32.37 18.62
C ASP J 188 -19.93 31.34 18.34
N THR J 189 -19.89 30.23 19.07
CA THR J 189 -18.95 29.16 18.79
C THR J 189 -19.63 27.87 18.34
N ASP J 190 -20.95 27.87 18.15
CA ASP J 190 -21.66 26.64 17.78
C ASP J 190 -21.15 26.06 16.46
N ARG J 191 -20.79 26.93 15.50
CA ARG J 191 -20.13 26.52 14.29
C ARG J 191 -18.92 27.43 14.06
N ASP J 192 -18.08 27.07 13.09
CA ASP J 192 -16.92 27.89 12.76
C ASP J 192 -17.33 29.34 12.57
N ASN J 193 -16.69 30.23 13.30
CA ASN J 193 -17.01 31.65 13.29
C ASN J 193 -15.74 32.41 12.93
N PHE J 194 -15.61 32.78 11.66
CA PHE J 194 -14.45 33.54 11.20
C PHE J 194 -14.61 35.02 11.49
N MET J 195 -13.51 35.66 11.87
CA MET J 195 -13.55 37.09 12.16
C MET J 195 -12.36 37.78 11.52
N SER J 196 -12.63 38.92 10.91
CA SER J 196 -11.55 39.82 10.55
C SER J 196 -10.91 40.37 11.82
N ALA J 197 -9.80 41.09 11.65
CA ALA J 197 -9.14 41.71 12.79
C ALA J 197 -10.09 42.69 13.48
N GLU J 198 -10.77 43.53 12.69
CA GLU J 198 -11.72 44.51 13.24
C GLU J 198 -12.90 43.84 13.93
N GLU J 199 -13.44 42.76 13.35
CA GLU J 199 -14.50 42.04 14.04
C GLU J 199 -14.00 41.46 15.35
N ALA J 200 -12.78 40.92 15.35
CA ALA J 200 -12.23 40.38 16.58
C ALA J 200 -12.05 41.46 17.63
N LYS J 201 -11.65 42.67 17.22
CA LYS J 201 -11.57 43.77 18.17
C LYS J 201 -12.94 44.14 18.68
N GLU J 202 -13.91 44.28 17.77
CA GLU J 202 -15.29 44.58 18.19
C GLU J 202 -15.82 43.51 19.14
N TYR J 203 -15.46 42.26 18.92
CA TYR J 203 -15.94 41.16 19.76
C TYR J 203 -15.39 41.25 21.18
N GLY J 204 -14.21 41.84 21.35
CA GLY J 204 -13.54 41.84 22.63
C GLY J 204 -12.42 40.82 22.73
N LEU J 205 -12.08 40.16 21.63
CA LEU J 205 -11.03 39.15 21.64
C LEU J 205 -9.63 39.76 21.57
N ILE J 206 -9.48 40.90 20.89
CA ILE J 206 -8.22 41.62 20.89
C ILE J 206 -8.51 43.06 21.24
N ASP J 207 -7.43 43.81 21.48
CA ASP J 207 -7.52 45.19 21.90
C ASP J 207 -7.31 46.18 20.76
N GLN J 208 -6.36 45.93 19.88
CA GLN J 208 -6.02 46.87 18.81
C GLN J 208 -5.52 46.13 17.58
N ILE J 209 -5.73 46.74 16.41
CA ILE J 209 -5.10 46.33 15.17
C ILE J 209 -3.92 47.24 14.91
N LEU J 210 -2.75 46.66 14.66
CA LEU J 210 -1.51 47.37 14.43
C LEU J 210 -1.14 47.31 12.95
N GLU J 211 -1.17 48.46 12.27
CA GLU J 211 -0.62 48.52 10.92
C GLU J 211 0.90 48.64 10.97
N ASN J 212 1.41 49.37 11.96
CA ASN J 212 2.82 49.56 12.24
C ASN J 212 2.96 49.99 13.70
N ARG J 213 4.17 50.37 14.11
CA ARG J 213 4.36 50.75 15.52
C ARG J 213 3.72 52.08 15.88
N ALA J 214 3.30 52.87 14.89
CA ALA J 214 2.62 54.12 15.19
C ALA J 214 1.12 53.92 15.37
N SER J 215 0.61 52.70 15.16
CA SER J 215 -0.77 52.37 15.50
C SER J 215 -1.02 52.39 17.01
N LEU J 216 0.02 52.23 17.81
CA LEU J 216 -0.14 52.24 19.26
C LEU J 216 -0.91 53.47 19.74
N LEU K 21 15.23 23.19 15.91
CA LEU K 21 13.96 22.79 16.52
C LEU K 21 13.81 23.33 17.94
N VAL K 22 14.93 23.58 18.63
CA VAL K 22 14.92 24.01 20.01
C VAL K 22 15.86 25.22 20.16
N PRO K 23 15.35 26.39 20.54
CA PRO K 23 16.21 27.59 20.54
C PRO K 23 17.36 27.47 21.54
N THR K 24 18.46 28.12 21.20
CA THR K 24 19.64 28.24 22.04
C THR K 24 19.62 29.55 22.80
N VAL K 25 20.17 29.54 24.01
CA VAL K 25 20.18 30.72 24.85
C VAL K 25 21.55 30.97 25.47
N PHE K 36 23.51 26.88 25.63
CA PHE K 36 22.60 25.76 25.85
C PHE K 36 21.38 25.88 24.95
N ASP K 37 20.84 24.76 24.49
CA ASP K 37 19.47 24.77 24.01
C ASP K 37 18.54 25.09 25.19
N ILE K 38 17.27 25.39 24.88
CA ILE K 38 16.37 25.93 25.90
C ILE K 38 16.12 24.89 27.01
N TYR K 39 16.05 23.61 26.64
CA TYR K 39 15.80 22.58 27.65
C TYR K 39 17.03 22.34 28.51
N SER K 40 18.22 22.34 27.91
CA SER K 40 19.44 22.26 28.72
C SER K 40 19.56 23.47 29.64
N ARG K 41 19.13 24.64 29.16
CA ARG K 41 19.16 25.84 30.00
C ARG K 41 18.24 25.69 31.21
N LEU K 42 17.04 25.13 31.02
CA LEU K 42 16.13 24.96 32.13
C LEU K 42 16.58 23.80 33.03
N LEU K 43 17.28 22.81 32.47
CA LEU K 43 17.88 21.78 33.30
C LEU K 43 18.88 22.37 34.29
N LYS K 44 19.53 23.48 33.91
CA LYS K 44 20.44 24.18 34.81
C LYS K 44 19.72 24.70 36.05
N GLU K 45 18.43 25.03 35.93
CA GLU K 45 17.62 25.39 37.08
C GLU K 45 16.92 24.20 37.73
N ARG K 46 17.37 22.98 37.44
CA ARG K 46 16.84 21.73 38.02
C ARG K 46 15.40 21.43 37.57
N ILE K 47 15.05 21.87 36.36
CA ILE K 47 13.74 21.58 35.76
C ILE K 47 13.89 20.45 34.75
N VAL K 48 13.08 19.40 34.95
CA VAL K 48 13.03 18.25 34.06
C VAL K 48 11.61 18.13 33.52
N PHE K 49 11.49 17.95 32.20
CA PHE K 49 10.20 17.78 31.55
C PHE K 49 9.96 16.33 31.17
N LEU K 50 8.72 15.89 31.34
CA LEU K 50 8.14 14.69 30.72
C LEU K 50 6.99 15.20 29.86
N VAL K 51 7.14 15.09 28.54
CA VAL K 51 6.18 15.63 27.57
C VAL K 51 5.80 14.53 26.59
N GLY K 52 4.49 14.31 26.41
CA GLY K 52 4.03 13.33 25.46
C GLY K 52 4.12 11.93 26.03
N PRO K 53 3.94 10.92 25.17
CA PRO K 53 3.87 9.53 25.65
C PRO K 53 5.14 9.09 26.37
N VAL K 54 4.93 8.31 27.43
CA VAL K 54 6.01 7.67 28.18
C VAL K 54 6.46 6.43 27.40
N THR K 55 7.68 6.46 26.90
CA THR K 55 8.31 5.34 26.22
C THR K 55 9.59 4.99 26.94
N ASP K 56 10.17 3.84 26.58
CA ASP K 56 11.47 3.48 27.14
C ASP K 56 12.47 4.61 26.94
N GLU K 57 12.48 5.21 25.75
CA GLU K 57 13.46 6.22 25.43
C GLU K 57 13.19 7.51 26.20
N SER K 58 11.93 7.95 26.24
CA SER K 58 11.61 9.23 26.89
C SER K 58 11.76 9.13 28.41
N ALA K 59 11.35 7.98 28.98
CA ALA K 59 11.49 7.77 30.42
C ALA K 59 12.95 7.69 30.84
N ASN K 60 13.77 6.97 30.07
CA ASN K 60 15.17 6.87 30.45
C ASN K 60 15.87 8.23 30.33
N LEU K 61 15.48 9.08 29.39
CA LEU K 61 16.03 10.44 29.34
C LEU K 61 15.70 11.20 30.62
N VAL K 62 14.48 11.01 31.14
CA VAL K 62 14.12 11.60 32.42
C VAL K 62 14.98 10.99 33.53
N VAL K 63 15.13 9.67 33.53
CA VAL K 63 15.99 9.00 34.52
C VAL K 63 17.38 9.62 34.49
N ALA K 64 17.93 9.80 33.28
CA ALA K 64 19.28 10.34 33.11
C ALA K 64 19.40 11.73 33.69
N GLN K 65 18.38 12.57 33.48
CA GLN K 65 18.40 13.92 34.03
C GLN K 65 18.31 13.93 35.55
N LEU K 66 17.46 13.07 36.11
CA LEU K 66 17.32 12.99 37.57
C LEU K 66 18.64 12.60 38.23
N LEU K 67 19.30 11.57 37.70
CA LEU K 67 20.59 11.17 38.23
C LEU K 67 21.62 12.28 38.07
N PHE K 68 21.61 12.97 36.93
CA PHE K 68 22.54 14.09 36.73
C PHE K 68 22.30 15.20 37.75
N LEU K 69 21.04 15.58 37.97
CA LEU K 69 20.78 16.67 38.90
C LEU K 69 21.20 16.29 40.32
N GLU K 70 20.96 15.04 40.69
CA GLU K 70 21.40 14.56 42.00
C GLU K 70 22.92 14.66 42.13
N SER K 71 23.64 14.28 41.07
CA SER K 71 25.10 14.38 41.08
C SER K 71 25.56 15.82 41.17
N GLU K 72 24.87 16.75 40.50
CA GLU K 72 25.23 18.16 40.55
C GLU K 72 25.03 18.74 41.95
N ASN K 73 23.96 18.34 42.62
CA ASN K 73 23.65 18.78 43.97
C ASN K 73 22.64 17.81 44.59
N PRO K 74 23.06 16.92 45.50
CA PRO K 74 22.12 15.90 45.99
C PRO K 74 21.07 16.43 46.96
N ASP K 75 21.12 17.71 47.35
CA ASP K 75 20.27 18.24 48.39
C ASP K 75 19.18 19.21 47.92
N LYS K 76 19.26 19.73 46.71
CA LYS K 76 18.30 20.71 46.22
C LYS K 76 17.14 20.03 45.51
N ASP K 77 15.94 20.59 45.68
CA ASP K 77 14.75 20.06 45.01
C ASP K 77 14.96 20.01 43.50
N ILE K 78 14.30 19.04 42.89
CA ILE K 78 14.18 18.91 41.45
C ILE K 78 12.74 19.21 41.07
N PHE K 79 12.55 19.89 39.97
CA PHE K 79 11.21 20.27 39.53
C PHE K 79 10.89 19.49 38.26
N PHE K 80 9.97 18.54 38.38
CA PHE K 80 9.62 17.59 37.33
C PHE K 80 8.27 18.00 36.77
N TYR K 81 8.28 18.60 35.58
CA TYR K 81 7.09 19.12 34.93
C TYR K 81 6.52 18.06 34.00
N ILE K 82 5.25 17.74 34.17
CA ILE K 82 4.63 16.62 33.48
C ILE K 82 3.50 17.13 32.63
N ASN K 83 3.58 16.88 31.33
CA ASN K 83 2.44 17.04 30.42
C ASN K 83 2.41 15.75 29.61
N SER K 84 1.68 14.74 30.09
CA SER K 84 1.79 13.45 29.43
C SER K 84 0.47 12.70 29.44
N PRO K 85 0.15 12.00 28.36
CA PRO K 85 -1.03 11.13 28.35
C PRO K 85 -0.79 9.74 28.90
N GLY K 86 0.40 9.46 29.41
CA GLY K 86 0.74 8.12 29.82
C GLY K 86 1.63 7.42 28.80
N GLY K 87 1.66 6.10 28.89
CA GLY K 87 2.46 5.27 28.03
C GLY K 87 2.84 3.97 28.72
N SER K 88 4.08 3.55 28.50
CA SER K 88 4.53 2.25 29.00
C SER K 88 4.62 2.22 30.52
N VAL K 89 4.05 1.18 31.13
CA VAL K 89 4.07 1.08 32.59
C VAL K 89 5.48 0.82 33.09
N THR K 90 6.20 -0.11 32.46
CA THR K 90 7.55 -0.38 32.92
C THR K 90 8.46 0.82 32.71
N ALA K 91 8.30 1.53 31.60
CA ALA K 91 9.06 2.77 31.42
C ALA K 91 8.72 3.78 32.51
N GLY K 92 7.44 3.93 32.81
CA GLY K 92 7.04 4.84 33.87
C GLY K 92 7.58 4.43 35.22
N MET K 93 7.62 3.12 35.49
CA MET K 93 8.16 2.65 36.76
C MET K 93 9.65 2.96 36.89
N SER K 94 10.39 2.99 35.77
CA SER K 94 11.81 3.33 35.90
C SER K 94 11.97 4.77 36.39
N ILE K 95 11.10 5.68 35.94
CA ILE K 95 11.11 7.04 36.47
C ILE K 95 10.71 7.04 37.95
N TYR K 96 9.60 6.36 38.26
CA TYR K 96 9.08 6.32 39.63
C TYR K 96 10.14 5.86 40.62
N ASP K 97 10.77 4.72 40.34
CA ASP K 97 11.78 4.23 41.26
C ASP K 97 12.99 5.15 41.33
N THR K 98 13.32 5.82 40.23
CA THR K 98 14.43 6.76 40.30
C THR K 98 14.06 7.97 41.14
N MET K 99 12.83 8.49 41.00
CA MET K 99 12.37 9.57 41.85
C MET K 99 12.51 9.24 43.33
N ASN K 100 12.14 8.02 43.72
CA ASN K 100 12.22 7.64 45.13
C ASN K 100 13.64 7.31 45.57
N PHE K 101 14.49 6.89 44.63
CA PHE K 101 15.84 6.43 44.97
C PHE K 101 16.78 7.60 45.29
N ILE K 102 16.77 8.63 44.46
CA ILE K 102 17.74 9.71 44.61
C ILE K 102 17.48 10.52 45.88
N LYS K 103 18.52 11.25 46.32
CA LYS K 103 18.41 12.02 47.55
C LYS K 103 17.48 13.23 47.42
N PRO K 104 17.56 14.04 46.36
CA PRO K 104 16.71 15.26 46.32
C PRO K 104 15.22 14.94 46.29
N ASP K 105 14.45 15.81 46.93
CA ASP K 105 13.01 15.81 46.74
C ASP K 105 12.70 16.10 45.28
N VAL K 106 11.77 15.33 44.71
CA VAL K 106 11.31 15.61 43.35
C VAL K 106 9.92 16.23 43.46
N SER K 107 9.84 17.53 43.24
CA SER K 107 8.57 18.23 43.14
C SER K 107 7.95 17.98 41.76
N THR K 108 6.63 17.76 41.72
CA THR K 108 5.97 17.53 40.43
C THR K 108 4.97 18.64 40.15
N LEU K 109 4.83 18.95 38.87
CA LEU K 109 3.86 19.95 38.42
C LEU K 109 3.17 19.40 37.19
N CYS K 110 1.84 19.36 37.22
CA CYS K 110 1.06 19.01 36.05
C CYS K 110 0.78 20.28 35.25
N LEU K 111 1.21 20.31 33.99
CA LEU K 111 0.80 21.36 33.08
C LEU K 111 0.17 20.71 31.86
N GLY K 112 -0.99 21.22 31.45
CA GLY K 112 -1.73 20.57 30.40
C GLY K 112 -2.49 19.38 30.96
N GLN K 113 -1.86 18.21 31.01
CA GLN K 113 -2.53 17.04 31.55
C GLN K 113 -1.51 16.05 32.09
N ALA K 114 -1.97 15.23 33.03
CA ALA K 114 -1.23 14.08 33.52
C ALA K 114 -2.24 12.94 33.54
N ALA K 115 -2.18 12.07 32.54
CA ALA K 115 -3.14 10.97 32.43
C ALA K 115 -2.38 9.65 32.52
N SER K 116 -2.99 8.69 33.21
CA SER K 116 -2.49 7.30 33.36
C SER K 116 -1.11 7.35 34.00
N MET K 117 -0.08 6.77 33.39
CA MET K 117 1.25 6.82 33.99
C MET K 117 1.70 8.25 34.27
N GLY K 118 1.21 9.21 33.49
CA GLY K 118 1.49 10.61 33.79
C GLY K 118 0.93 11.03 35.15
N ALA K 119 -0.32 10.62 35.43
CA ALA K 119 -0.95 10.91 36.70
C ALA K 119 -0.27 10.16 37.84
N PHE K 120 0.15 8.93 37.58
CA PHE K 120 0.89 8.16 38.58
C PHE K 120 2.17 8.88 39.00
N LEU K 121 2.97 9.34 38.04
CA LEU K 121 4.21 10.03 38.36
C LEU K 121 3.95 11.36 39.05
N LEU K 122 2.94 12.09 38.59
CA LEU K 122 2.54 13.33 39.26
C LEU K 122 2.25 13.07 40.73
N SER K 123 1.47 12.03 41.02
CA SER K 123 1.12 11.70 42.39
C SER K 123 2.31 11.17 43.19
N ALA K 124 3.39 10.82 42.53
CA ALA K 124 4.59 10.29 43.16
C ALA K 124 5.55 11.38 43.62
N GLY K 125 5.29 12.65 43.31
CA GLY K 125 6.16 13.71 43.77
C GLY K 125 6.23 13.76 45.29
N GLU K 126 7.29 14.41 45.78
CA GLU K 126 7.43 14.55 47.23
C GLU K 126 6.16 15.14 47.81
N LYS K 127 5.62 14.47 48.83
CA LYS K 127 4.38 14.94 49.41
C LYS K 127 4.55 16.34 49.99
N GLY K 128 3.60 17.22 49.70
CA GLY K 128 3.73 18.64 49.94
C GLY K 128 4.23 19.44 48.75
N LYS K 129 4.83 18.78 47.75
CA LYS K 129 5.44 19.45 46.60
C LYS K 129 4.89 18.95 45.27
N ARG K 130 3.65 18.51 45.28
CA ARG K 130 2.96 18.05 44.08
C ARG K 130 1.95 19.11 43.70
N PHE K 131 2.09 19.68 42.51
CA PHE K 131 1.31 20.84 42.11
C PHE K 131 0.64 20.60 40.77
N ALA K 132 -0.39 21.39 40.50
CA ALA K 132 -1.00 21.47 39.17
C ALA K 132 -1.32 22.92 38.86
N LEU K 133 -1.27 23.26 37.59
CA LEU K 133 -1.77 24.55 37.12
C LEU K 133 -3.30 24.52 37.07
N PRO K 134 -3.94 25.69 37.10
CA PRO K 134 -5.39 25.72 37.36
C PRO K 134 -6.24 24.98 36.35
N ASN K 135 -5.86 24.92 35.08
CA ASN K 135 -6.69 24.27 34.08
C ASN K 135 -6.09 22.95 33.63
N SER K 136 -5.17 22.41 34.41
CA SER K 136 -4.66 21.07 34.16
C SER K 136 -5.78 20.05 34.31
N ARG K 137 -5.54 18.90 33.71
CA ARG K 137 -6.45 17.76 33.73
C ARG K 137 -5.69 16.53 34.17
N ILE K 138 -6.30 15.75 35.06
CA ILE K 138 -5.74 14.50 35.55
C ILE K 138 -6.69 13.38 35.10
N MET K 139 -6.14 12.23 34.78
CA MET K 139 -7.02 11.10 34.49
C MET K 139 -6.36 9.84 35.00
N ILE K 140 -7.14 8.97 35.66
CA ILE K 140 -6.61 7.70 36.15
C ILE K 140 -7.50 6.59 35.61
N HIS K 141 -6.94 5.40 35.46
CA HIS K 141 -7.70 4.26 34.98
C HIS K 141 -6.90 2.99 35.21
N GLN K 142 -7.53 1.85 34.97
CA GLN K 142 -6.86 0.57 35.15
C GLN K 142 -5.98 0.29 33.94
N PRO K 143 -5.08 -0.69 34.04
CA PRO K 143 -4.21 -0.99 32.90
C PRO K 143 -4.96 -1.34 31.61
N LEU K 144 -4.31 -1.03 30.49
CA LEU K 144 -4.79 -1.31 29.14
C LEU K 144 -3.76 -2.07 28.33
N ILE K 145 -4.29 -2.84 27.39
CA ILE K 145 -3.51 -3.56 26.40
C ILE K 145 -4.07 -3.19 25.03
N SER K 146 -3.18 -2.86 24.09
CA SER K 146 -3.62 -2.54 22.74
C SER K 146 -3.92 -3.80 21.92
N GLY K 150 -1.36 -13.40 20.19
CA GLY K 150 -2.01 -13.87 21.41
C GLY K 150 -1.26 -15.06 21.98
N GLY K 151 -1.50 -16.22 21.39
CA GLY K 151 -0.79 -17.43 21.75
C GLY K 151 -1.68 -18.51 22.32
N GLN K 152 -1.06 -19.49 22.98
CA GLN K 152 -1.78 -20.59 23.58
C GLN K 152 -2.51 -20.12 24.83
N ALA K 153 -3.58 -20.85 25.18
CA ALA K 153 -4.33 -20.53 26.39
C ALA K 153 -3.42 -20.45 27.61
N SER K 154 -2.43 -21.35 27.72
CA SER K 154 -1.48 -21.29 28.82
C SER K 154 -0.75 -19.95 28.86
N ASP K 155 -0.39 -19.42 27.69
CA ASP K 155 0.32 -18.15 27.64
C ASP K 155 -0.59 -16.98 27.96
N ILE K 156 -1.84 -17.03 27.50
CA ILE K 156 -2.80 -15.97 27.82
C ILE K 156 -3.05 -15.96 29.33
N GLU K 157 -3.14 -17.14 29.95
CA GLU K 157 -3.34 -17.21 31.40
C GLU K 157 -2.21 -16.52 32.14
N ILE K 158 -0.96 -16.81 31.74
CA ILE K 158 0.21 -16.22 32.38
C ILE K 158 0.19 -14.70 32.26
N HIS K 159 -0.09 -14.18 31.07
CA HIS K 159 -0.05 -12.73 30.88
C HIS K 159 -1.26 -12.04 31.48
N ALA K 160 -2.42 -12.71 31.48
CA ALA K 160 -3.59 -12.15 32.13
C ALA K 160 -3.36 -12.01 33.62
N ARG K 161 -2.78 -13.05 34.24
CA ARG K 161 -2.48 -13.01 35.66
C ARG K 161 -1.47 -11.89 35.98
N GLU K 162 -0.47 -11.74 35.13
CA GLU K 162 0.52 -10.67 35.33
C GLU K 162 -0.11 -9.29 35.19
N LEU K 163 -1.01 -9.13 34.22
CA LEU K 163 -1.69 -7.84 34.05
C LEU K 163 -2.53 -7.52 35.27
N LEU K 164 -3.17 -8.52 35.86
CA LEU K 164 -3.95 -8.29 37.07
C LEU K 164 -3.05 -7.93 38.25
N LYS K 165 -1.87 -8.55 38.32
CA LYS K 165 -0.89 -8.17 39.33
C LYS K 165 -0.49 -6.71 39.18
N ILE K 166 -0.24 -6.29 37.93
CA ILE K 166 0.08 -4.90 37.65
C ILE K 166 -1.05 -4.00 38.12
N LYS K 167 -2.29 -4.38 37.79
CA LYS K 167 -3.45 -3.60 38.17
C LYS K 167 -3.52 -3.44 39.68
N GLU K 168 -3.31 -4.53 40.42
CA GLU K 168 -3.38 -4.49 41.87
C GLU K 168 -2.25 -3.65 42.47
N LYS K 169 -1.03 -3.86 41.98
CA LYS K 169 0.13 -3.13 42.47
C LYS K 169 -0.02 -1.62 42.23
N LEU K 170 -0.49 -1.24 41.04
CA LEU K 170 -0.69 0.17 40.73
C LEU K 170 -1.77 0.79 41.60
N ASN K 171 -2.85 0.06 41.87
CA ASN K 171 -3.87 0.58 42.78
C ASN K 171 -3.33 0.76 44.20
N ARG K 172 -2.52 -0.20 44.66
CA ARG K 172 -1.94 -0.11 45.99
C ARG K 172 -0.99 1.07 46.11
N LEU K 173 -0.14 1.29 45.10
CA LEU K 173 0.79 2.41 45.18
C LEU K 173 0.04 3.73 45.09
N MET K 174 -0.95 3.80 44.21
CA MET K 174 -1.74 5.00 44.08
C MET K 174 -2.50 5.32 45.36
N ALA K 175 -3.07 4.29 46.01
CA ALA K 175 -3.75 4.54 47.27
C ALA K 175 -2.80 5.12 48.30
N LYS K 176 -1.56 4.63 48.35
CA LYS K 176 -0.54 5.20 49.24
C LYS K 176 -0.25 6.66 48.90
N HIS K 177 0.00 6.95 47.60
CA HIS K 177 0.27 8.34 47.17
C HIS K 177 -0.88 9.27 47.54
N CYS K 178 -2.11 8.82 47.37
CA CYS K 178 -3.27 9.66 47.59
C CYS K 178 -3.75 9.60 49.05
N ASP K 179 -3.10 8.83 49.93
CA ASP K 179 -3.52 8.74 51.34
C ASP K 179 -4.98 8.33 51.42
N ARG K 180 -5.30 7.28 50.70
CA ARG K 180 -6.68 6.87 50.51
C ARG K 180 -6.79 5.36 50.69
N ASP K 181 -8.00 4.86 50.88
CA ASP K 181 -8.17 3.41 51.01
C ASP K 181 -7.99 2.74 49.65
N LEU K 182 -7.43 1.53 49.69
CA LEU K 182 -7.27 0.75 48.47
C LEU K 182 -8.60 0.56 47.73
N ALA K 183 -9.69 0.34 48.47
CA ALA K 183 -10.99 0.15 47.82
C ALA K 183 -11.41 1.38 47.02
N ASP K 184 -11.05 2.58 47.49
CA ASP K 184 -11.35 3.78 46.70
C ASP K 184 -10.68 3.69 45.33
N LEU K 185 -9.39 3.35 45.30
CA LEU K 185 -8.69 3.32 44.01
C LEU K 185 -9.24 2.22 43.10
N GLU K 186 -9.57 1.06 43.66
CA GLU K 186 -10.17 0.00 42.85
C GLU K 186 -11.48 0.50 42.22
N ARG K 187 -12.30 1.19 42.99
CA ARG K 187 -13.53 1.76 42.46
C ARG K 187 -13.25 2.82 41.40
N ASP K 188 -12.30 3.71 41.66
CA ASP K 188 -12.14 4.94 40.90
C ASP K 188 -11.25 4.81 39.68
N THR K 189 -10.62 3.66 39.46
CA THR K 189 -9.87 3.40 38.24
C THR K 189 -10.55 2.39 37.33
N ASP K 190 -11.76 1.93 37.66
CA ASP K 190 -12.39 0.89 36.83
C ASP K 190 -12.57 1.34 35.39
N ARG K 191 -12.94 2.60 35.17
CA ARG K 191 -12.97 3.21 33.84
C ARG K 191 -12.26 4.55 33.90
N ASP K 192 -12.06 5.14 32.74
CA ASP K 192 -11.38 6.44 32.67
C ASP K 192 -12.03 7.44 33.61
N ASN K 193 -11.23 8.02 34.48
CA ASN K 193 -11.68 8.90 35.54
C ASN K 193 -10.94 10.23 35.41
N PHE K 194 -11.59 11.22 34.80
CA PHE K 194 -11.01 12.53 34.62
C PHE K 194 -11.21 13.41 35.86
N MET K 195 -10.19 14.18 36.20
CA MET K 195 -10.26 15.06 37.35
C MET K 195 -9.74 16.45 36.98
N SER K 196 -10.48 17.47 37.39
CA SER K 196 -9.95 18.81 37.38
C SER K 196 -8.83 18.91 38.41
N ALA K 197 -8.09 20.02 38.38
CA ALA K 197 -7.04 20.23 39.37
C ALA K 197 -7.61 20.17 40.79
N GLU K 198 -8.74 20.85 41.02
CA GLU K 198 -9.35 20.83 42.34
C GLU K 198 -9.75 19.43 42.76
N GLU K 199 -10.34 18.66 41.84
CA GLU K 199 -10.73 17.29 42.19
C GLU K 199 -9.51 16.43 42.51
N ALA K 200 -8.41 16.61 41.75
CA ALA K 200 -7.18 15.86 42.02
C ALA K 200 -6.58 16.23 43.38
N LYS K 201 -6.69 17.51 43.78
CA LYS K 201 -6.21 17.89 45.11
C LYS K 201 -7.02 17.24 46.22
N GLU K 202 -8.36 17.33 46.11
CA GLU K 202 -9.20 16.62 47.07
C GLU K 202 -8.95 15.13 47.05
N TYR K 203 -8.68 14.56 45.88
CA TYR K 203 -8.44 13.11 45.83
C TYR K 203 -7.18 12.73 46.60
N GLY K 204 -6.24 13.66 46.75
CA GLY K 204 -4.97 13.37 47.37
C GLY K 204 -3.87 13.14 46.35
N LEU K 205 -4.16 13.39 45.07
CA LEU K 205 -3.19 13.16 44.01
C LEU K 205 -2.17 14.28 43.94
N ILE K 206 -2.59 15.51 44.22
CA ILE K 206 -1.68 16.65 44.30
C ILE K 206 -1.91 17.36 45.63
N ASP K 207 -1.01 18.27 45.96
CA ASP K 207 -1.09 19.03 47.20
C ASP K 207 -1.67 20.43 47.06
N GLN K 208 -1.29 21.15 46.01
CA GLN K 208 -1.73 22.53 45.87
C GLN K 208 -1.90 22.83 44.39
N ILE K 209 -2.82 23.74 44.10
CA ILE K 209 -3.00 24.31 42.77
C ILE K 209 -2.31 25.67 42.73
N LEU K 210 -1.46 25.88 41.73
CA LEU K 210 -0.68 27.12 41.62
C LEU K 210 -1.26 27.97 40.50
N GLU K 211 -1.86 29.11 40.89
CA GLU K 211 -2.37 30.11 39.97
C GLU K 211 -1.23 30.97 39.45
N ASN K 212 -0.35 31.36 40.35
CA ASN K 212 0.87 32.10 40.05
C ASN K 212 1.81 31.89 41.23
N ARG K 213 2.89 32.65 41.27
CA ARG K 213 3.92 32.38 42.24
C ARG K 213 3.53 32.74 43.67
N ALA K 214 2.38 33.35 43.89
CA ALA K 214 1.93 33.65 45.23
C ALA K 214 1.03 32.58 45.80
N SER K 215 0.73 31.54 45.01
CA SER K 215 -0.20 30.49 45.44
C SER K 215 0.39 29.51 46.44
N LEU K 216 1.70 29.50 46.60
CA LEU K 216 2.33 28.54 47.49
C LEU K 216 2.15 28.81 48.98
N ARG K 217 2.21 27.74 49.76
CA ARG K 217 2.12 27.80 51.21
C ARG K 217 3.21 28.73 51.67
N ARG L 34 34.32 20.67 28.37
CA ARG L 34 33.48 21.11 29.48
C ARG L 34 32.02 20.71 29.30
N ALA L 35 31.55 20.72 28.05
CA ALA L 35 30.16 20.40 27.71
C ALA L 35 30.00 18.95 27.26
N PHE L 36 28.83 18.38 27.55
CA PHE L 36 28.54 16.99 27.20
C PHE L 36 27.03 16.78 27.06
N ASP L 37 26.63 15.86 26.17
CA ASP L 37 25.26 15.39 26.23
C ASP L 37 25.08 14.56 27.51
N ILE L 38 23.83 14.36 27.92
CA ILE L 38 23.65 13.84 29.28
C ILE L 38 24.16 12.40 29.39
N TYR L 39 24.03 11.60 28.32
CA TYR L 39 24.49 10.23 28.40
C TYR L 39 26.01 10.14 28.40
N SER L 40 26.69 10.97 27.61
CA SER L 40 28.15 11.01 27.69
C SER L 40 28.59 11.48 29.07
N ARG L 41 27.84 12.41 29.66
CA ARG L 41 28.13 12.91 30.99
C ARG L 41 28.04 11.79 32.02
N LEU L 42 27.01 10.93 31.93
CA LEU L 42 26.89 9.82 32.86
C LEU L 42 27.90 8.71 32.56
N LEU L 43 28.34 8.59 31.30
CA LEU L 43 29.40 7.65 30.97
C LEU L 43 30.68 7.99 31.73
N LYS L 44 30.87 9.28 32.07
CA LYS L 44 32.00 9.70 32.88
C LYS L 44 31.95 9.17 34.28
N GLU L 45 30.75 8.89 34.75
CA GLU L 45 30.53 8.24 36.02
C GLU L 45 30.48 6.75 35.89
N ARG L 46 30.88 6.23 34.74
CA ARG L 46 30.95 4.80 34.48
C ARG L 46 29.58 4.14 34.49
N ILE L 47 28.54 4.89 34.14
CA ILE L 47 27.20 4.34 33.97
C ILE L 47 26.97 4.10 32.47
N VAL L 48 26.61 2.88 32.11
CA VAL L 48 26.29 2.47 30.75
C VAL L 48 24.84 2.01 30.74
N PHE L 49 24.08 2.44 29.73
CA PHE L 49 22.67 2.06 29.60
C PHE L 49 22.45 1.06 28.46
N LEU L 50 21.57 0.10 28.71
CA LEU L 50 20.93 -0.71 27.68
C LEU L 50 19.44 -0.46 27.80
N VAL L 51 18.87 0.24 26.82
CA VAL L 51 17.47 0.66 26.83
C VAL L 51 16.82 0.19 25.54
N GLY L 52 15.70 -0.51 25.68
CA GLY L 52 14.99 -1.00 24.53
C GLY L 52 15.59 -2.30 24.04
N PRO L 53 15.15 -2.75 22.87
CA PRO L 53 15.54 -4.08 22.37
C PRO L 53 17.04 -4.22 22.18
N VAL L 54 17.51 -5.44 22.46
CA VAL L 54 18.88 -5.82 22.14
C VAL L 54 18.97 -6.13 20.64
N THR L 55 19.69 -5.30 19.90
CA THR L 55 20.07 -5.55 18.52
C THR L 55 21.58 -5.59 18.42
N ASP L 56 22.07 -6.01 17.25
CA ASP L 56 23.50 -5.95 16.98
C ASP L 56 24.06 -4.56 17.25
N GLU L 57 23.35 -3.50 16.80
CA GLU L 57 23.86 -2.15 17.01
C GLU L 57 23.72 -1.67 18.45
N SER L 58 22.60 -1.93 19.10
CA SER L 58 22.48 -1.47 20.49
C SER L 58 23.43 -2.23 21.41
N ALA L 59 23.62 -3.53 21.14
CA ALA L 59 24.55 -4.34 21.92
C ALA L 59 26.00 -3.92 21.68
N ASN L 60 26.39 -3.68 20.43
CA ASN L 60 27.78 -3.32 20.22
C ASN L 60 28.09 -1.94 20.80
N LEU L 61 27.12 -1.02 20.82
CA LEU L 61 27.34 0.24 21.49
C LEU L 61 27.64 0.05 22.99
N VAL L 62 26.93 -0.89 23.64
CA VAL L 62 27.24 -1.24 25.02
C VAL L 62 28.64 -1.82 25.12
N VAL L 63 28.97 -2.75 24.24
CA VAL L 63 30.31 -3.35 24.23
C VAL L 63 31.38 -2.25 24.14
N ALA L 64 31.17 -1.30 23.23
CA ALA L 64 32.14 -0.22 23.02
C ALA L 64 32.32 0.61 24.29
N GLN L 65 31.22 0.92 24.98
CA GLN L 65 31.32 1.65 26.23
C GLN L 65 32.02 0.84 27.30
N LEU L 66 31.75 -0.47 27.35
CA LEU L 66 32.42 -1.33 28.33
C LEU L 66 33.93 -1.33 28.11
N LEU L 67 34.35 -1.48 26.85
CA LEU L 67 35.77 -1.43 26.52
C LEU L 67 36.38 -0.06 26.81
N PHE L 68 35.66 1.01 26.48
CA PHE L 68 36.15 2.35 26.79
C PHE L 68 36.38 2.50 28.28
N LEU L 69 35.39 2.08 29.09
CA LEU L 69 35.49 2.25 30.53
C LEU L 69 36.64 1.43 31.10
N GLU L 70 36.83 0.21 30.60
CA GLU L 70 37.97 -0.59 31.03
C GLU L 70 39.29 0.09 30.67
N SER L 71 39.35 0.65 29.45
CA SER L 71 40.57 1.34 29.03
C SER L 71 40.87 2.55 29.91
N GLU L 72 39.83 3.30 30.30
CA GLU L 72 40.02 4.46 31.17
C GLU L 72 40.44 4.04 32.57
N ASN L 73 39.84 2.97 33.09
CA ASN L 73 40.16 2.49 34.43
C ASN L 73 39.76 1.02 34.56
N PRO L 74 40.70 0.09 34.46
CA PRO L 74 40.34 -1.33 34.51
C PRO L 74 40.01 -1.84 35.89
N ASP L 75 40.13 -0.99 36.92
CA ASP L 75 40.02 -1.39 38.31
C ASP L 75 38.77 -0.87 39.02
N LYS L 76 38.05 0.10 38.47
CA LYS L 76 36.83 0.62 39.08
C LYS L 76 35.61 -0.07 38.50
N ASP L 77 34.61 -0.31 39.36
CA ASP L 77 33.35 -0.91 38.92
C ASP L 77 32.70 -0.11 37.80
N ILE L 78 31.95 -0.82 36.95
CA ILE L 78 31.08 -0.24 35.93
C ILE L 78 29.64 -0.53 36.33
N PHE L 79 28.77 0.43 36.10
CA PHE L 79 27.36 0.31 36.46
C PHE L 79 26.56 0.22 35.17
N PHE L 80 25.99 -0.95 34.94
CA PHE L 80 25.26 -1.28 33.71
C PHE L 80 23.78 -1.25 34.06
N TYR L 81 23.09 -0.19 33.62
CA TYR L 81 21.69 0.02 33.88
C TYR L 81 20.87 -0.57 32.73
N ILE L 82 19.94 -1.46 33.04
CA ILE L 82 19.23 -2.25 32.05
C ILE L 82 17.74 -1.97 32.13
N ASN L 83 17.16 -1.50 31.04
CA ASN L 83 15.72 -1.42 30.85
C ASN L 83 15.45 -1.98 29.46
N SER L 84 15.22 -3.29 29.36
CA SER L 84 15.15 -3.89 28.04
C SER L 84 14.16 -5.05 27.99
N PRO L 85 13.41 -5.20 26.89
CA PRO L 85 12.59 -6.40 26.71
C PRO L 85 13.35 -7.57 26.13
N GLY L 86 14.65 -7.45 25.93
CA GLY L 86 15.43 -8.50 25.31
C GLY L 86 15.63 -8.23 23.83
N GLY L 87 15.97 -9.28 23.10
CA GLY L 87 16.23 -9.16 21.68
C GLY L 87 17.12 -10.28 21.18
N SER L 88 18.06 -9.93 20.30
CA SER L 88 18.89 -10.92 19.63
C SER L 88 19.75 -11.66 20.63
N VAL L 89 19.76 -12.98 20.53
CA VAL L 89 20.53 -13.79 21.47
C VAL L 89 22.03 -13.59 21.22
N THR L 90 22.47 -13.66 19.96
CA THR L 90 23.90 -13.52 19.71
C THR L 90 24.38 -12.12 20.08
N ALA L 91 23.56 -11.10 19.83
CA ALA L 91 23.92 -9.75 20.24
C ALA L 91 24.03 -9.65 21.75
N GLY L 92 23.09 -10.27 22.47
CA GLY L 92 23.18 -10.28 23.91
C GLY L 92 24.42 -11.01 24.42
N MET L 93 24.79 -12.13 23.76
CA MET L 93 26.00 -12.83 24.17
C MET L 93 27.24 -11.99 23.95
N SER L 94 27.23 -11.10 22.95
CA SER L 94 28.41 -10.25 22.78
C SER L 94 28.59 -9.33 23.99
N ILE L 95 27.48 -8.81 24.55
CA ILE L 95 27.57 -8.04 25.80
C ILE L 95 28.02 -8.93 26.94
N TYR L 96 27.36 -10.09 27.09
CA TYR L 96 27.68 -11.02 28.16
C TYR L 96 29.15 -11.37 28.17
N ASP L 97 29.70 -11.82 27.04
CA ASP L 97 31.08 -12.23 27.04
C ASP L 97 32.01 -11.05 27.31
N THR L 98 31.61 -9.85 26.88
CA THR L 98 32.42 -8.67 27.18
C THR L 98 32.37 -8.33 28.66
N MET L 99 31.18 -8.40 29.28
CA MET L 99 31.08 -8.18 30.72
C MET L 99 32.05 -9.08 31.48
N ASN L 100 32.13 -10.35 31.10
CA ASN L 100 32.97 -11.31 31.81
C ASN L 100 34.44 -11.16 31.44
N PHE L 101 34.72 -10.66 30.24
CA PHE L 101 36.08 -10.55 29.75
C PHE L 101 36.80 -9.35 30.37
N ILE L 102 36.14 -8.19 30.45
CA ILE L 102 36.83 -7.00 30.88
C ILE L 102 37.21 -7.10 32.36
N LYS L 103 38.23 -6.34 32.74
CA LYS L 103 38.71 -6.40 34.12
C LYS L 103 37.73 -5.83 35.14
N PRO L 104 37.11 -4.66 34.93
CA PRO L 104 36.21 -4.14 35.96
C PRO L 104 35.05 -5.08 36.25
N ASP L 105 34.65 -5.14 37.51
CA ASP L 105 33.36 -5.72 37.86
C ASP L 105 32.27 -4.93 37.17
N VAL L 106 31.32 -5.61 36.55
CA VAL L 106 30.16 -4.95 35.96
C VAL L 106 28.99 -5.17 36.91
N SER L 107 28.63 -4.13 37.65
CA SER L 107 27.42 -4.14 38.45
C SER L 107 26.23 -3.92 37.52
N THR L 108 25.14 -4.63 37.75
CA THR L 108 23.94 -4.47 36.94
C THR L 108 22.80 -3.91 37.79
N LEU L 109 21.95 -3.10 37.15
CA LEU L 109 20.79 -2.51 37.80
C LEU L 109 19.62 -2.60 36.84
N CYS L 110 18.54 -3.25 37.27
CA CYS L 110 17.31 -3.27 36.48
C CYS L 110 16.45 -2.07 36.83
N LEU L 111 16.14 -1.25 35.84
CA LEU L 111 15.14 -0.20 36.00
C LEU L 111 14.08 -0.37 34.93
N GLY L 112 12.81 -0.29 35.31
CA GLY L 112 11.73 -0.58 34.40
C GLY L 112 11.55 -2.07 34.23
N GLN L 113 12.28 -2.67 33.31
CA GLN L 113 12.15 -4.11 33.13
C GLN L 113 13.46 -4.68 32.63
N ALA L 114 13.65 -5.97 32.90
CA ALA L 114 14.71 -6.78 32.29
C ALA L 114 14.04 -8.09 31.91
N ALA L 115 13.74 -8.27 30.62
CA ALA L 115 13.04 -9.46 30.14
C ALA L 115 13.90 -10.19 29.11
N SER L 116 13.85 -11.53 29.16
CA SER L 116 14.51 -12.42 28.21
C SER L 116 16.00 -12.10 28.24
N MET L 117 16.66 -11.76 27.12
CA MET L 117 18.09 -11.46 27.18
C MET L 117 18.40 -10.31 28.15
N GLY L 118 17.46 -9.39 28.35
CA GLY L 118 17.69 -8.34 29.33
C GLY L 118 17.85 -8.91 30.74
N ALA L 119 17.02 -9.88 31.09
CA ALA L 119 17.11 -10.55 32.39
C ALA L 119 18.37 -11.39 32.48
N PHE L 120 18.74 -12.03 31.36
CA PHE L 120 19.99 -12.78 31.32
C PHE L 120 21.18 -11.87 31.64
N LEU L 121 21.24 -10.69 31.01
CA LEU L 121 22.37 -9.78 31.25
C LEU L 121 22.33 -9.23 32.68
N LEU L 122 21.13 -8.89 33.17
CA LEU L 122 20.97 -8.46 34.55
C LEU L 122 21.56 -9.47 35.53
N SER L 123 21.22 -10.74 35.35
CA SER L 123 21.68 -11.80 36.24
C SER L 123 23.16 -12.13 36.05
N ALA L 124 23.77 -11.62 34.98
CA ALA L 124 25.18 -11.87 34.70
C ALA L 124 26.13 -10.86 35.36
N GLY L 125 25.60 -9.81 35.96
CA GLY L 125 26.45 -8.86 36.66
C GLY L 125 27.26 -9.52 37.76
N GLU L 126 28.34 -8.85 38.17
CA GLU L 126 29.21 -9.38 39.21
C GLU L 126 28.38 -9.80 40.41
N LYS L 127 28.56 -11.04 40.85
CA LYS L 127 27.72 -11.53 41.95
C LYS L 127 27.97 -10.71 43.22
N GLY L 128 26.88 -10.32 43.89
CA GLY L 128 26.91 -9.35 44.95
C GLY L 128 26.63 -7.92 44.50
N LYS L 129 26.68 -7.65 43.20
CA LYS L 129 26.52 -6.29 42.69
C LYS L 129 25.43 -6.24 41.61
N ARG L 130 24.43 -7.12 41.72
CA ARG L 130 23.27 -7.17 40.84
C ARG L 130 22.07 -6.62 41.59
N PHE L 131 21.48 -5.55 41.07
CA PHE L 131 20.45 -4.83 41.79
C PHE L 131 19.21 -4.67 40.93
N ALA L 132 18.08 -4.46 41.59
CA ALA L 132 16.88 -4.01 40.91
C ALA L 132 16.24 -2.92 41.74
N LEU L 133 15.61 -1.98 41.08
CA LEU L 133 14.77 -1.03 41.78
C LEU L 133 13.45 -1.71 42.19
N PRO L 134 12.75 -1.17 43.19
CA PRO L 134 11.69 -1.96 43.86
C PRO L 134 10.57 -2.40 42.94
N ASN L 135 10.23 -1.61 41.93
CA ASN L 135 9.10 -1.90 41.06
C ASN L 135 9.53 -2.37 39.67
N SER L 136 10.77 -2.83 39.54
CA SER L 136 11.22 -3.46 38.32
C SER L 136 10.44 -4.73 38.07
N ARG L 137 10.43 -5.15 36.81
CA ARG L 137 9.81 -6.41 36.43
C ARG L 137 10.85 -7.21 35.67
N ILE L 138 10.98 -8.48 36.03
CA ILE L 138 11.89 -9.41 35.38
C ILE L 138 11.03 -10.46 34.70
N MET L 139 11.48 -10.94 33.54
CA MET L 139 10.80 -12.06 32.88
C MET L 139 11.86 -12.93 32.25
N ILE L 140 11.73 -14.24 32.41
CA ILE L 140 12.64 -15.22 31.79
C ILE L 140 11.78 -16.19 30.99
N HIS L 141 12.34 -16.74 29.93
CA HIS L 141 11.62 -17.71 29.08
C HIS L 141 12.62 -18.38 28.14
N GLN L 142 12.15 -19.43 27.47
CA GLN L 142 13.01 -20.12 26.53
C GLN L 142 13.13 -19.33 25.24
N PRO L 143 14.13 -19.63 24.42
CA PRO L 143 14.28 -18.87 23.17
C PRO L 143 13.06 -19.03 22.29
N LEU L 144 12.76 -17.98 21.53
CA LEU L 144 11.74 -18.05 20.50
C LEU L 144 12.30 -17.39 19.26
N ILE L 145 11.81 -17.81 18.10
CA ILE L 145 12.20 -17.20 16.84
C ILE L 145 10.95 -16.70 16.15
N SER L 146 11.09 -15.56 15.48
CA SER L 146 10.00 -14.93 14.71
C SER L 146 9.14 -15.91 13.92
N GLY L 150 11.73 -20.61 5.96
CA GLY L 150 12.02 -22.02 6.10
C GLY L 150 13.11 -22.55 5.19
N GLY L 151 12.87 -23.71 4.60
CA GLY L 151 13.82 -24.32 3.69
C GLY L 151 13.56 -25.82 3.61
N GLN L 152 14.61 -26.56 3.25
CA GLN L 152 14.53 -28.01 3.16
C GLN L 152 14.53 -28.61 4.56
N ALA L 153 13.94 -29.81 4.66
CA ALA L 153 13.92 -30.52 5.93
C ALA L 153 15.32 -30.63 6.51
N SER L 154 16.32 -30.89 5.66
CA SER L 154 17.70 -30.95 6.13
C SER L 154 18.13 -29.67 6.83
N ASP L 155 17.78 -28.52 6.26
CA ASP L 155 18.18 -27.25 6.86
C ASP L 155 17.42 -26.96 8.14
N ILE L 156 16.13 -27.31 8.17
CA ILE L 156 15.31 -27.10 9.37
C ILE L 156 15.84 -27.95 10.51
N GLU L 157 16.24 -29.18 10.20
CA GLU L 157 16.87 -30.03 11.21
C GLU L 157 18.13 -29.38 11.79
N ILE L 158 18.99 -28.86 10.91
CA ILE L 158 20.24 -28.23 11.37
C ILE L 158 19.94 -27.05 12.28
N HIS L 159 19.01 -26.18 11.86
CA HIS L 159 18.71 -24.99 12.65
C HIS L 159 17.93 -25.31 13.91
N ALA L 160 17.11 -26.35 13.87
CA ALA L 160 16.41 -26.77 15.09
C ALA L 160 17.39 -27.30 16.11
N ARG L 161 18.38 -28.10 15.69
CA ARG L 161 19.38 -28.59 16.62
C ARG L 161 20.15 -27.42 17.23
N GLU L 162 20.49 -26.42 16.41
CA GLU L 162 21.22 -25.26 16.90
C GLU L 162 20.37 -24.46 17.88
N LEU L 163 19.07 -24.32 17.61
CA LEU L 163 18.19 -23.64 18.56
C LEU L 163 18.09 -24.40 19.88
N LEU L 164 18.08 -25.74 19.83
CA LEU L 164 18.00 -26.50 21.08
C LEU L 164 19.30 -26.42 21.88
N LYS L 165 20.45 -26.35 21.19
CA LYS L 165 21.72 -26.12 21.87
C LYS L 165 21.75 -24.76 22.55
N ILE L 166 21.27 -23.73 21.86
CA ILE L 166 21.16 -22.40 22.46
C ILE L 166 20.28 -22.48 23.71
N LYS L 167 19.12 -23.13 23.58
CA LYS L 167 18.21 -23.27 24.71
C LYS L 167 18.91 -23.93 25.90
N GLU L 168 19.65 -25.01 25.65
CA GLU L 168 20.33 -25.69 26.74
C GLU L 168 21.43 -24.82 27.34
N LYS L 169 22.25 -24.19 26.50
CA LYS L 169 23.35 -23.39 27.00
C LYS L 169 22.83 -22.22 27.83
N LEU L 170 21.75 -21.57 27.37
CA LEU L 170 21.21 -20.45 28.13
C LEU L 170 20.65 -20.90 29.47
N ASN L 171 20.00 -22.07 29.53
CA ASN L 171 19.52 -22.59 30.81
C ASN L 171 20.69 -22.90 31.73
N ARG L 172 21.76 -23.47 31.17
CA ARG L 172 22.92 -23.82 31.95
C ARG L 172 23.59 -22.57 32.52
N LEU L 173 23.79 -21.56 31.67
CA LEU L 173 24.40 -20.33 32.18
C LEU L 173 23.48 -19.64 33.19
N MET L 174 22.18 -19.58 32.88
CA MET L 174 21.24 -18.95 33.80
C MET L 174 21.20 -19.68 35.14
N ALA L 175 21.24 -21.02 35.11
CA ALA L 175 21.27 -21.78 36.35
C ALA L 175 22.49 -21.40 37.18
N LYS L 176 23.63 -21.24 36.52
CA LYS L 176 24.83 -20.80 37.19
C LYS L 176 24.66 -19.41 37.79
N HIS L 177 24.11 -18.46 37.02
CA HIS L 177 23.87 -17.11 37.55
C HIS L 177 22.98 -17.13 38.78
N CYS L 178 21.95 -17.95 38.77
CA CYS L 178 20.93 -17.93 39.82
C CYS L 178 21.24 -18.86 40.98
N ASP L 179 22.33 -19.61 40.94
CA ASP L 179 22.65 -20.56 41.99
C ASP L 179 21.49 -21.55 42.18
N ARG L 180 21.01 -22.08 41.06
CA ARG L 180 19.89 -23.02 41.02
C ARG L 180 20.25 -24.20 40.14
N ASP L 181 19.40 -25.22 40.22
CA ASP L 181 19.58 -26.41 39.39
C ASP L 181 19.21 -26.11 37.95
N LEU L 182 19.92 -26.77 37.05
CA LEU L 182 19.55 -26.71 35.64
C LEU L 182 18.09 -27.12 35.45
N ALA L 183 17.64 -28.11 36.22
CA ALA L 183 16.26 -28.58 36.10
C ALA L 183 15.27 -27.48 36.48
N ASP L 184 15.60 -26.67 37.49
CA ASP L 184 14.75 -25.53 37.84
C ASP L 184 14.60 -24.58 36.68
N LEU L 185 15.72 -24.19 36.06
CA LEU L 185 15.66 -23.22 34.96
C LEU L 185 14.89 -23.79 33.77
N GLU L 186 15.09 -25.07 33.45
CA GLU L 186 14.36 -25.68 32.35
C GLU L 186 12.86 -25.64 32.60
N ARG L 187 12.44 -26.04 33.80
CA ARG L 187 11.04 -26.00 34.14
C ARG L 187 10.52 -24.56 34.19
N ASP L 188 11.32 -23.63 34.72
CA ASP L 188 10.78 -22.30 35.00
C ASP L 188 10.83 -21.36 33.81
N THR L 189 11.46 -21.76 32.72
CA THR L 189 11.49 -20.95 31.49
C THR L 189 10.68 -21.58 30.36
N ASP L 190 9.95 -22.66 30.63
CA ASP L 190 9.18 -23.30 29.56
C ASP L 190 8.16 -22.35 28.96
N ARG L 191 7.56 -21.50 29.81
CA ARG L 191 6.71 -20.41 29.35
C ARG L 191 7.12 -19.12 30.07
N ASP L 192 6.60 -18.00 29.58
CA ASP L 192 6.92 -16.70 30.18
C ASP L 192 6.78 -16.73 31.69
N ASN L 193 7.84 -16.33 32.40
CA ASN L 193 7.89 -16.37 33.86
C ASN L 193 8.20 -14.96 34.34
N PHE L 194 7.17 -14.24 34.76
CA PHE L 194 7.34 -12.90 35.28
C PHE L 194 7.70 -12.94 36.76
N MET L 195 8.60 -12.06 37.16
CA MET L 195 8.98 -11.96 38.56
C MET L 195 9.06 -10.51 39.00
N SER L 196 8.52 -10.24 40.19
CA SER L 196 8.81 -8.97 40.83
C SER L 196 10.28 -8.93 41.23
N ALA L 197 10.73 -7.74 41.64
CA ALA L 197 12.10 -7.58 42.10
C ALA L 197 12.40 -8.52 43.27
N GLU L 198 11.49 -8.56 44.25
CA GLU L 198 11.66 -9.45 45.38
C GLU L 198 11.72 -10.89 44.94
N GLU L 199 10.83 -11.27 44.01
CA GLU L 199 10.83 -12.63 43.51
C GLU L 199 12.14 -12.93 42.78
N ALA L 200 12.64 -11.97 42.00
CA ALA L 200 13.92 -12.17 41.31
C ALA L 200 15.06 -12.33 42.31
N LYS L 201 15.04 -11.56 43.40
CA LYS L 201 16.05 -11.73 44.44
C LYS L 201 15.98 -13.11 45.08
N GLU L 202 14.76 -13.54 45.45
CA GLU L 202 14.59 -14.88 46.04
C GLU L 202 14.99 -15.97 45.05
N TYR L 203 14.72 -15.77 43.74
CA TYR L 203 15.11 -16.75 42.74
C TYR L 203 16.62 -16.86 42.58
N GLY L 204 17.37 -15.79 42.90
CA GLY L 204 18.79 -15.75 42.71
C GLY L 204 19.26 -14.97 41.51
N LEU L 205 18.36 -14.27 40.84
CA LEU L 205 18.70 -13.54 39.62
C LEU L 205 19.39 -12.22 39.93
N ILE L 206 19.05 -11.59 41.05
CA ILE L 206 19.68 -10.37 41.53
C ILE L 206 20.11 -10.61 42.96
N ASP L 207 20.93 -9.70 43.49
CA ASP L 207 21.38 -9.84 44.87
C ASP L 207 20.59 -9.00 45.85
N GLN L 208 20.26 -7.75 45.51
CA GLN L 208 19.58 -6.87 46.44
C GLN L 208 18.66 -5.94 45.70
N ILE L 209 17.61 -5.51 46.40
CA ILE L 209 16.71 -4.47 45.92
C ILE L 209 17.12 -3.15 46.55
N LEU L 210 17.27 -2.11 45.73
CA LEU L 210 17.66 -0.79 46.22
C LEU L 210 16.45 0.14 46.17
N GLU L 211 15.98 0.58 47.34
CA GLU L 211 14.92 1.59 47.40
C GLU L 211 15.51 2.99 47.30
N ASN L 212 16.64 3.21 47.96
CA ASN L 212 17.40 4.46 47.90
C ASN L 212 18.83 4.08 48.29
N ARG L 213 19.72 5.07 48.39
CA ARG L 213 21.10 4.68 48.66
C ARG L 213 21.36 4.26 50.10
N ALA L 214 20.34 4.17 50.94
CA ALA L 214 20.60 3.66 52.28
C ALA L 214 20.50 2.16 52.33
N SER L 215 19.70 1.55 51.46
CA SER L 215 19.64 0.10 51.36
C SER L 215 20.78 -0.40 50.45
N LEU M 21 22.51 9.09 20.59
CA LEU M 21 22.73 7.93 19.73
C LEU M 21 24.12 7.33 20.00
N VAL M 22 25.18 8.11 19.79
CA VAL M 22 26.55 7.66 20.00
C VAL M 22 27.21 8.54 21.07
N PRO M 23 27.66 7.98 22.20
CA PRO M 23 28.28 8.83 23.22
C PRO M 23 29.60 9.44 22.75
N THR M 24 29.95 10.54 23.41
CA THR M 24 31.12 11.36 23.13
C THR M 24 32.12 11.26 24.28
N VAL M 25 33.40 11.22 23.97
CA VAL M 25 34.43 11.29 24.98
C VAL M 25 35.45 12.37 24.58
N PHE M 36 35.49 13.15 20.78
CA PHE M 36 35.39 12.02 19.87
C PHE M 36 34.16 11.17 20.17
N ASP M 37 33.54 10.56 19.14
CA ASP M 37 32.51 9.57 19.46
C ASP M 37 33.17 8.29 19.96
N ILE M 38 32.35 7.39 20.50
CA ILE M 38 32.90 6.24 21.22
C ILE M 38 33.70 5.35 20.28
N TYR M 39 33.27 5.21 19.02
CA TYR M 39 33.97 4.35 18.08
C TYR M 39 35.28 4.98 17.61
N SER M 40 35.30 6.30 17.39
CA SER M 40 36.58 6.95 17.10
C SER M 40 37.54 6.89 18.28
N ARG M 41 37.01 6.96 19.52
CA ARG M 41 37.87 6.81 20.69
C ARG M 41 38.50 5.43 20.75
N LEU M 42 37.73 4.38 20.43
CA LEU M 42 38.31 3.03 20.41
C LEU M 42 39.25 2.82 19.24
N LEU M 43 39.05 3.56 18.15
CA LEU M 43 39.98 3.53 17.02
C LEU M 43 41.38 4.00 17.46
N LYS M 44 41.45 4.85 18.48
CA LYS M 44 42.73 5.22 19.09
C LYS M 44 43.41 4.05 19.77
N GLU M 45 42.64 3.04 20.20
CA GLU M 45 43.18 1.78 20.69
C GLU M 45 43.40 0.78 19.59
N ARG M 46 43.22 1.19 18.33
CA ARG M 46 43.38 0.36 17.15
C ARG M 46 42.32 -0.74 17.09
N ILE M 47 41.13 -0.46 17.62
CA ILE M 47 39.98 -1.37 17.55
C ILE M 47 39.05 -0.95 16.42
N VAL M 48 38.75 -1.89 15.53
CA VAL M 48 37.82 -1.70 14.42
C VAL M 48 36.71 -2.73 14.56
N PHE M 49 35.46 -2.29 14.43
CA PHE M 49 34.31 -3.17 14.54
C PHE M 49 33.73 -3.46 13.15
N LEU M 50 33.32 -4.69 12.94
CA LEU M 50 32.41 -5.05 11.85
C LEU M 50 31.18 -5.59 12.53
N VAL M 51 30.07 -4.85 12.46
CA VAL M 51 28.86 -5.21 13.18
C VAL M 51 27.70 -5.28 12.19
N GLY M 52 27.01 -6.41 12.17
CA GLY M 52 25.87 -6.57 11.31
C GLY M 52 26.26 -6.97 9.89
N PRO M 53 25.29 -6.92 8.99
CA PRO M 53 25.48 -7.43 7.62
C PRO M 53 26.59 -6.72 6.89
N VAL M 54 27.36 -7.49 6.11
CA VAL M 54 28.47 -6.94 5.35
C VAL M 54 27.90 -6.35 4.06
N THR M 55 27.95 -5.03 3.93
CA THR M 55 27.55 -4.36 2.71
C THR M 55 28.76 -3.65 2.13
N ASP M 56 28.64 -3.17 0.89
CA ASP M 56 29.69 -2.36 0.28
C ASP M 56 30.05 -1.21 1.20
N GLU M 57 29.02 -0.54 1.72
CA GLU M 57 29.23 0.63 2.53
C GLU M 57 29.85 0.26 3.88
N SER M 58 29.36 -0.79 4.52
CA SER M 58 29.90 -1.14 5.82
C SER M 58 31.29 -1.75 5.69
N ALA M 59 31.52 -2.51 4.61
CA ALA M 59 32.85 -3.08 4.39
C ALA M 59 33.86 -1.97 4.09
N ASN M 60 33.47 -1.03 3.24
CA ASN M 60 34.42 0.02 2.90
C ASN M 60 34.73 0.89 4.10
N LEU M 61 33.78 1.05 5.03
CA LEU M 61 34.11 1.77 6.26
C LEU M 61 35.19 1.03 7.05
N VAL M 62 35.11 -0.30 7.10
CA VAL M 62 36.17 -1.07 7.72
C VAL M 62 37.49 -0.88 6.97
N VAL M 63 37.44 -0.97 5.64
CA VAL M 63 38.64 -0.77 4.82
C VAL M 63 39.28 0.56 5.15
N ALA M 64 38.47 1.63 5.22
CA ALA M 64 39.02 2.95 5.48
C ALA M 64 39.71 3.00 6.85
N GLN M 65 39.11 2.37 7.87
CA GLN M 65 39.71 2.35 9.19
C GLN M 65 41.02 1.57 9.20
N LEU M 66 41.06 0.47 8.45
CA LEU M 66 42.30 -0.30 8.37
C LEU M 66 43.40 0.53 7.74
N LEU M 67 43.10 1.22 6.63
CA LEU M 67 44.11 2.06 5.99
C LEU M 67 44.54 3.20 6.92
N PHE M 68 43.57 3.81 7.64
CA PHE M 68 43.92 4.89 8.57
C PHE M 68 44.86 4.41 9.67
N LEU M 69 44.56 3.26 10.27
CA LEU M 69 45.40 2.76 11.35
C LEU M 69 46.78 2.40 10.85
N GLU M 70 46.86 1.86 9.63
CA GLU M 70 48.17 1.60 9.04
C GLU M 70 48.98 2.89 8.88
N SER M 71 48.34 3.96 8.38
CA SER M 71 49.04 5.23 8.24
C SER M 71 49.43 5.80 9.60
N GLU M 72 48.59 5.58 10.61
CA GLU M 72 48.86 6.07 11.94
C GLU M 72 50.09 5.38 12.52
N ASN M 73 50.21 4.06 12.34
CA ASN M 73 51.37 3.27 12.77
C ASN M 73 51.34 1.94 12.03
N PRO M 74 52.19 1.76 11.01
CA PRO M 74 52.15 0.52 10.23
C PRO M 74 52.70 -0.68 10.96
N ASP M 75 53.21 -0.48 12.16
CA ASP M 75 53.95 -1.51 12.86
C ASP M 75 53.19 -2.08 14.05
N LYS M 76 52.10 -1.45 14.46
CA LYS M 76 51.33 -1.90 15.62
C LYS M 76 50.15 -2.77 15.17
N ASP M 77 49.86 -3.82 15.94
CA ASP M 77 48.74 -4.71 15.64
C ASP M 77 47.42 -3.94 15.59
N ILE M 78 46.49 -4.44 14.77
CA ILE M 78 45.12 -3.92 14.73
C ILE M 78 44.19 -5.00 15.31
N PHE M 79 43.16 -4.58 16.04
CA PHE M 79 42.21 -5.51 16.66
C PHE M 79 40.85 -5.37 15.99
N PHE M 80 40.46 -6.39 15.24
CA PHE M 80 39.29 -6.38 14.37
C PHE M 80 38.22 -7.26 15.02
N TYR M 81 37.23 -6.62 15.64
CA TYR M 81 36.16 -7.31 16.36
C TYR M 81 34.98 -7.53 15.43
N ILE M 82 34.55 -8.79 15.32
CA ILE M 82 33.55 -9.19 14.32
C ILE M 82 32.32 -9.74 15.03
N ASN M 83 31.17 -9.10 14.80
CA ASN M 83 29.85 -9.60 15.20
C ASN M 83 28.97 -9.43 13.98
N SER M 84 28.96 -10.42 13.10
CA SER M 84 28.30 -10.23 11.81
C SER M 84 27.68 -11.52 11.34
N PRO M 85 26.51 -11.45 10.73
CA PRO M 85 25.90 -12.63 10.11
C PRO M 85 26.39 -12.92 8.68
N GLY M 86 27.34 -12.15 8.16
CA GLY M 86 27.74 -12.32 6.78
C GLY M 86 27.15 -11.26 5.89
N GLY M 87 27.15 -11.53 4.59
CA GLY M 87 26.62 -10.56 3.66
C GLY M 87 27.26 -10.72 2.29
N SER M 88 27.56 -9.58 1.67
CA SER M 88 28.08 -9.55 0.31
C SER M 88 29.47 -10.15 0.24
N VAL M 89 29.66 -11.09 -0.69
CA VAL M 89 30.96 -11.71 -0.86
C VAL M 89 31.98 -10.70 -1.36
N THR M 90 31.63 -9.91 -2.39
CA THR M 90 32.64 -8.98 -2.89
C THR M 90 32.93 -7.89 -1.86
N ALA M 91 31.92 -7.43 -1.13
CA ALA M 91 32.20 -6.47 -0.06
C ALA M 91 33.14 -7.09 0.99
N GLY M 92 32.89 -8.36 1.35
CA GLY M 92 33.76 -9.05 2.28
C GLY M 92 35.18 -9.23 1.77
N MET M 93 35.33 -9.50 0.48
CA MET M 93 36.67 -9.62 -0.10
C MET M 93 37.46 -8.33 -0.02
N SER M 94 36.77 -7.18 -0.08
CA SER M 94 37.50 -5.92 0.04
C SER M 94 38.13 -5.79 1.43
N ILE M 95 37.44 -6.27 2.47
CA ILE M 95 38.06 -6.30 3.79
C ILE M 95 39.19 -7.32 3.82
N TYR M 96 38.91 -8.53 3.35
CA TYR M 96 39.88 -9.61 3.37
C TYR M 96 41.21 -9.19 2.72
N ASP M 97 41.16 -8.68 1.49
CA ASP M 97 42.38 -8.30 0.79
C ASP M 97 43.08 -7.11 1.46
N THR M 98 42.32 -6.18 2.02
CA THR M 98 42.93 -5.08 2.73
C THR M 98 43.64 -5.58 3.99
N MET M 99 43.00 -6.52 4.72
CA MET M 99 43.68 -7.12 5.87
C MET M 99 45.01 -7.71 5.47
N ASN M 100 45.06 -8.42 4.33
CA ASN M 100 46.32 -9.05 3.93
C ASN M 100 47.32 -8.04 3.35
N PHE M 101 46.81 -6.93 2.80
CA PHE M 101 47.65 -5.95 2.13
C PHE M 101 48.40 -5.09 3.13
N ILE M 102 47.71 -4.60 4.16
CA ILE M 102 48.34 -3.64 5.05
C ILE M 102 49.44 -4.30 5.86
N LYS M 103 50.37 -3.45 6.35
CA LYS M 103 51.52 -3.94 7.09
C LYS M 103 51.15 -4.49 8.47
N PRO M 104 50.31 -3.82 9.27
CA PRO M 104 50.05 -4.32 10.62
C PRO M 104 49.42 -5.71 10.59
N ASP M 105 49.76 -6.53 11.59
CA ASP M 105 48.99 -7.74 11.84
C ASP M 105 47.57 -7.35 12.21
N VAL M 106 46.59 -8.03 11.64
CA VAL M 106 45.19 -7.79 12.00
C VAL M 106 44.72 -8.98 12.81
N SER M 107 44.64 -8.78 14.13
CA SER M 107 44.06 -9.76 15.04
C SER M 107 42.54 -9.69 14.94
N THR M 108 41.89 -10.85 14.94
CA THR M 108 40.44 -10.91 14.84
C THR M 108 39.86 -11.48 16.12
N LEU M 109 38.67 -10.98 16.47
CA LEU M 109 37.96 -11.46 17.64
C LEU M 109 36.49 -11.63 17.28
N CYS M 110 35.96 -12.82 17.50
CA CYS M 110 34.53 -13.04 17.33
C CYS M 110 33.83 -12.73 18.65
N LEU M 111 32.88 -11.78 18.61
CA LEU M 111 31.97 -11.58 19.73
C LEU M 111 30.54 -11.66 19.20
N GLY M 112 29.69 -12.38 19.91
CA GLY M 112 28.35 -12.65 19.43
C GLY M 112 28.39 -13.75 18.38
N GLN M 113 28.62 -13.39 17.12
CA GLN M 113 28.69 -14.40 16.08
C GLN M 113 29.55 -13.91 14.93
N ALA M 114 30.14 -14.87 14.22
CA ALA M 114 30.78 -14.63 12.92
C ALA M 114 30.27 -15.75 12.03
N ALA M 115 29.33 -15.42 11.16
CA ALA M 115 28.71 -16.41 10.28
C ALA M 115 28.94 -16.02 8.82
N SER M 116 29.20 -17.03 7.99
CA SER M 116 29.38 -16.87 6.53
C SER M 116 30.56 -15.93 6.29
N MET M 117 30.40 -14.79 5.59
CA MET M 117 31.53 -13.90 5.38
C MET M 117 32.16 -13.41 6.68
N GLY M 118 31.36 -13.29 7.74
CA GLY M 118 31.93 -12.97 9.04
C GLY M 118 32.88 -14.05 9.52
N ALA M 119 32.52 -15.31 9.34
CA ALA M 119 33.42 -16.40 9.70
C ALA M 119 34.65 -16.42 8.80
N PHE M 120 34.47 -16.12 7.52
CA PHE M 120 35.61 -16.02 6.61
C PHE M 120 36.61 -14.97 7.11
N LEU M 121 36.12 -13.78 7.43
CA LEU M 121 36.99 -12.71 7.89
C LEU M 121 37.61 -13.04 9.24
N LEU M 122 36.83 -13.66 10.13
CA LEU M 122 37.39 -14.09 11.42
C LEU M 122 38.60 -14.99 11.21
N SER M 123 38.44 -15.99 10.35
CA SER M 123 39.50 -16.97 10.07
C SER M 123 40.66 -16.36 9.30
N ALA M 124 40.53 -15.15 8.76
CA ALA M 124 41.59 -14.50 8.00
C ALA M 124 42.53 -13.68 8.85
N GLY M 125 42.23 -13.51 10.13
CA GLY M 125 43.14 -12.77 11.00
C GLY M 125 44.52 -13.41 11.03
N GLU M 126 45.50 -12.60 11.43
CA GLU M 126 46.87 -13.10 11.53
C GLU M 126 46.91 -14.40 12.31
N LYS M 127 47.50 -15.44 11.72
CA LYS M 127 47.49 -16.74 12.39
C LYS M 127 48.24 -16.63 13.72
N GLY M 128 47.66 -17.23 14.75
CA GLY M 128 48.11 -17.02 16.10
C GLY M 128 47.38 -15.93 16.84
N LYS M 129 46.67 -15.06 16.12
CA LYS M 129 45.98 -13.90 16.70
C LYS M 129 44.49 -13.86 16.32
N ARG M 130 43.89 -15.03 16.13
CA ARG M 130 42.45 -15.16 15.88
C ARG M 130 41.76 -15.69 17.13
N PHE M 131 40.80 -14.92 17.67
CA PHE M 131 40.22 -15.24 18.95
C PHE M 131 38.69 -15.30 18.88
N ALA M 132 38.12 -15.99 19.86
CA ALA M 132 36.68 -15.93 20.09
C ALA M 132 36.39 -15.82 21.57
N LEU M 133 35.33 -15.10 21.89
CA LEU M 133 34.82 -15.11 23.24
C LEU M 133 34.06 -16.43 23.46
N PRO M 134 33.89 -16.85 24.73
CA PRO M 134 33.50 -18.26 25.00
C PRO M 134 32.16 -18.66 24.42
N ASN M 135 31.21 -17.75 24.34
CA ASN M 135 29.86 -18.08 23.88
C ASN M 135 29.60 -17.54 22.48
N SER M 136 30.67 -17.24 21.76
CA SER M 136 30.54 -16.86 20.36
C SER M 136 30.03 -18.03 19.56
N ARG M 137 29.42 -17.76 18.42
CA ARG M 137 29.10 -18.86 17.54
C ARG M 137 29.59 -18.54 16.13
N ILE M 138 30.13 -19.58 15.50
CA ILE M 138 30.64 -19.51 14.14
C ILE M 138 29.68 -20.32 13.29
N MET M 139 29.52 -19.89 12.04
CA MET M 139 28.77 -20.68 11.08
C MET M 139 29.41 -20.50 9.72
N ILE M 140 29.56 -21.60 9.01
CA ILE M 140 30.11 -21.59 7.66
C ILE M 140 29.13 -22.31 6.75
N HIS M 141 29.11 -21.91 5.48
CA HIS M 141 28.22 -22.56 4.51
C HIS M 141 28.64 -22.12 3.11
N GLN M 142 28.04 -22.74 2.11
CA GLN M 142 28.35 -22.37 0.74
C GLN M 142 27.61 -21.09 0.35
N PRO M 143 28.03 -20.43 -0.74
CA PRO M 143 27.39 -19.16 -1.10
C PRO M 143 25.90 -19.39 -1.37
N LEU M 144 25.14 -18.33 -1.14
CA LEU M 144 23.70 -18.30 -1.31
C LEU M 144 23.33 -17.08 -2.14
N ILE M 145 22.19 -17.15 -2.83
CA ILE M 145 21.68 -16.01 -3.56
C ILE M 145 20.29 -15.70 -3.04
N SER M 146 20.03 -14.43 -2.73
CA SER M 146 18.72 -13.98 -2.33
C SER M 146 18.14 -12.94 -3.29
N GLY M 150 16.26 -12.52 -12.91
CA GLY M 150 16.21 -13.65 -13.83
C GLY M 150 16.88 -13.33 -15.13
N GLY M 151 16.22 -13.68 -16.22
CA GLY M 151 16.71 -13.31 -17.52
C GLY M 151 16.82 -14.51 -18.43
N GLN M 152 17.65 -14.37 -19.45
CA GLN M 152 17.82 -15.41 -20.42
C GLN M 152 18.67 -16.54 -19.87
N ALA M 153 18.45 -17.73 -20.42
CA ALA M 153 19.22 -18.90 -20.02
C ALA M 153 20.70 -18.64 -20.16
N SER M 154 21.12 -17.95 -21.24
CA SER M 154 22.52 -17.61 -21.41
C SER M 154 23.06 -16.81 -20.22
N ASP M 155 22.29 -15.84 -19.74
CA ASP M 155 22.73 -15.00 -18.61
C ASP M 155 22.74 -15.80 -17.32
N ILE M 156 21.74 -16.66 -17.13
CA ILE M 156 21.66 -17.50 -15.95
C ILE M 156 22.84 -18.47 -15.92
N GLU M 157 23.22 -19.01 -17.07
CA GLU M 157 24.40 -19.86 -17.13
C GLU M 157 25.65 -19.10 -16.70
N ILE M 158 25.81 -17.86 -17.18
CA ILE M 158 26.99 -17.06 -16.84
C ILE M 158 27.06 -16.83 -15.33
N HIS M 159 25.94 -16.47 -14.73
CA HIS M 159 25.96 -16.15 -13.31
C HIS M 159 26.07 -17.39 -12.44
N ALA M 160 25.50 -18.51 -12.88
CA ALA M 160 25.68 -19.77 -12.16
C ALA M 160 27.14 -20.18 -12.18
N ARG M 161 27.80 -20.04 -13.33
CA ARG M 161 29.22 -20.37 -13.43
C ARG M 161 30.04 -19.49 -12.49
N GLU M 162 29.73 -18.19 -12.42
CA GLU M 162 30.45 -17.29 -11.53
C GLU M 162 30.20 -17.64 -10.07
N LEU M 163 28.96 -18.02 -9.74
CA LEU M 163 28.68 -18.42 -8.36
C LEU M 163 29.46 -19.66 -7.95
N LEU M 164 29.61 -20.62 -8.87
CA LEU M 164 30.34 -21.85 -8.58
C LEU M 164 31.83 -21.59 -8.43
N LYS M 165 32.37 -20.65 -9.21
CA LYS M 165 33.76 -20.22 -9.01
C LYS M 165 33.95 -19.57 -7.65
N ILE M 166 33.02 -18.70 -7.25
CA ILE M 166 33.06 -18.11 -5.92
C ILE M 166 33.07 -19.21 -4.85
N LYS M 167 32.18 -20.19 -5.01
CA LYS M 167 32.10 -21.31 -4.06
C LYS M 167 33.43 -22.05 -3.96
N GLU M 168 34.04 -22.37 -5.10
CA GLU M 168 35.32 -23.09 -5.06
C GLU M 168 36.43 -22.23 -4.46
N LYS M 169 36.51 -20.95 -4.84
CA LYS M 169 37.56 -20.09 -4.30
C LYS M 169 37.42 -19.98 -2.79
N LEU M 170 36.20 -19.80 -2.30
CA LEU M 170 36.00 -19.63 -0.86
C LEU M 170 36.36 -20.91 -0.11
N ASN M 171 36.04 -22.07 -0.67
CA ASN M 171 36.46 -23.31 -0.02
C ASN M 171 37.98 -23.44 0.04
N ARG M 172 38.66 -23.11 -1.06
CA ARG M 172 40.12 -23.20 -1.09
C ARG M 172 40.74 -22.23 -0.09
N LEU M 173 40.24 -21.00 -0.06
CA LEU M 173 40.78 -20.02 0.86
C LEU M 173 40.47 -20.38 2.31
N MET M 174 39.25 -20.85 2.59
CA MET M 174 38.94 -21.27 3.94
C MET M 174 39.84 -22.44 4.36
N ALA M 175 40.06 -23.39 3.44
CA ALA M 175 40.93 -24.51 3.77
C ALA M 175 42.33 -24.04 4.13
N LYS M 176 42.83 -23.03 3.40
CA LYS M 176 44.12 -22.42 3.76
C LYS M 176 44.09 -21.77 5.13
N HIS M 177 43.05 -20.98 5.41
CA HIS M 177 42.92 -20.36 6.73
C HIS M 177 42.90 -21.39 7.84
N CYS M 178 42.17 -22.48 7.65
CA CYS M 178 41.93 -23.48 8.68
C CYS M 178 43.00 -24.56 8.69
N ASP M 179 43.96 -24.51 7.77
CA ASP M 179 44.99 -25.54 7.65
C ASP M 179 44.37 -26.92 7.54
N ARG M 180 43.38 -27.06 6.65
CA ARG M 180 42.65 -28.31 6.46
C ARG M 180 42.63 -28.69 5.00
N ASP M 181 42.19 -29.92 4.76
CA ASP M 181 42.04 -30.39 3.40
C ASP M 181 40.86 -29.67 2.77
N LEU M 182 41.00 -29.39 1.47
CA LEU M 182 39.88 -28.81 0.73
C LEU M 182 38.64 -29.69 0.81
N ALA M 183 38.82 -31.01 0.73
CA ALA M 183 37.67 -31.91 0.76
C ALA M 183 36.87 -31.75 2.04
N ASP M 184 37.54 -31.46 3.15
CA ASP M 184 36.83 -31.18 4.40
C ASP M 184 35.92 -29.98 4.25
N LEU M 185 36.45 -28.86 3.72
CA LEU M 185 35.65 -27.65 3.61
C LEU M 185 34.47 -27.83 2.67
N GLU M 186 34.68 -28.54 1.55
CA GLU M 186 33.59 -28.80 0.62
C GLU M 186 32.47 -29.59 1.31
N ARG M 187 32.85 -30.64 2.05
CA ARG M 187 31.86 -31.42 2.79
C ARG M 187 31.17 -30.57 3.86
N ASP M 188 31.94 -29.78 4.60
CA ASP M 188 31.44 -29.16 5.81
C ASP M 188 30.73 -27.83 5.58
N THR M 189 30.71 -27.34 4.34
CA THR M 189 29.97 -26.12 4.03
C THR M 189 28.76 -26.40 3.16
N ASP M 190 28.49 -27.67 2.87
CA ASP M 190 27.40 -28.00 1.96
C ASP M 190 26.06 -27.50 2.49
N ARG M 191 25.87 -27.57 3.82
CA ARG M 191 24.75 -26.89 4.46
C ARG M 191 25.28 -26.12 5.65
N ASP M 192 24.41 -25.30 6.25
CA ASP M 192 24.79 -24.48 7.40
C ASP M 192 25.50 -25.33 8.44
N ASN M 193 26.68 -24.87 8.85
CA ASN M 193 27.50 -25.62 9.78
C ASN M 193 27.82 -24.70 10.97
N PHE M 194 27.05 -24.86 12.05
CA PHE M 194 27.27 -24.06 13.24
C PHE M 194 28.37 -24.67 14.10
N MET M 195 29.20 -23.82 14.69
CA MET M 195 30.27 -24.27 15.55
C MET M 195 30.31 -23.42 16.82
N SER M 196 30.52 -24.08 17.95
CA SER M 196 30.89 -23.37 19.17
C SER M 196 32.31 -22.81 19.02
N ALA M 197 32.72 -21.98 19.98
CA ALA M 197 34.10 -21.49 19.96
C ALA M 197 35.11 -22.64 20.01
N GLU M 198 34.88 -23.61 20.90
CA GLU M 198 35.79 -24.75 20.97
C GLU M 198 35.81 -25.53 19.67
N GLU M 199 34.63 -25.77 19.08
CA GLU M 199 34.60 -26.45 17.79
C GLU M 199 35.35 -25.65 16.73
N ALA M 200 35.15 -24.33 16.71
CA ALA M 200 35.85 -23.50 15.73
C ALA M 200 37.36 -23.53 15.94
N LYS M 201 37.80 -23.61 17.20
CA LYS M 201 39.23 -23.75 17.47
C LYS M 201 39.75 -25.07 16.94
N GLU M 202 39.02 -26.17 17.20
CA GLU M 202 39.44 -27.46 16.67
C GLU M 202 39.44 -27.46 15.14
N TYR M 203 38.50 -26.76 14.52
CA TYR M 203 38.43 -26.77 13.08
C TYR M 203 39.61 -26.05 12.44
N GLY M 204 40.23 -25.13 13.14
CA GLY M 204 41.30 -24.31 12.59
C GLY M 204 40.87 -22.90 12.24
N LEU M 205 39.65 -22.50 12.57
CA LEU M 205 39.19 -21.16 12.22
C LEU M 205 39.73 -20.11 13.17
N ILE M 206 39.90 -20.45 14.44
CA ILE M 206 40.50 -19.53 15.41
C ILE M 206 41.64 -20.26 16.09
N ASP M 207 42.44 -19.49 16.82
CA ASP M 207 43.58 -20.00 17.55
C ASP M 207 43.30 -20.21 19.03
N GLN M 208 42.53 -19.32 19.64
CA GLN M 208 42.34 -19.36 21.09
C GLN M 208 40.97 -18.81 21.46
N ILE M 209 40.41 -19.33 22.55
CA ILE M 209 39.21 -18.79 23.18
C ILE M 209 39.64 -17.99 24.40
N LEU M 210 39.16 -16.76 24.50
CA LEU M 210 39.52 -15.85 25.58
C LEU M 210 38.35 -15.74 26.52
N GLU M 211 38.55 -16.19 27.76
CA GLU M 211 37.58 -16.02 28.83
C GLU M 211 37.68 -14.62 29.43
N ASN M 212 38.91 -14.18 29.66
CA ASN M 212 39.21 -12.86 30.21
C ASN M 212 40.63 -12.53 29.75
N ARG M 213 41.18 -11.42 30.24
CA ARG M 213 42.51 -11.02 29.77
C ARG M 213 43.65 -11.82 30.36
N ALA M 214 43.38 -12.84 31.15
CA ALA M 214 44.42 -13.72 31.67
C ALA M 214 44.63 -14.96 30.82
N SER M 215 43.76 -15.22 29.85
CA SER M 215 43.81 -16.47 29.08
C SER M 215 45.09 -16.59 28.24
N ASP N 37 36.03 13.10 10.14
CA ASP N 37 35.61 11.73 9.79
C ASP N 37 36.69 11.01 9.01
N ILE N 38 36.50 9.69 8.88
CA ILE N 38 37.53 8.80 8.34
C ILE N 38 37.81 9.10 6.86
N TYR N 39 36.77 9.44 6.08
CA TYR N 39 37.00 9.66 4.66
C TYR N 39 37.68 10.99 4.38
N SER N 40 37.33 12.04 5.14
CA SER N 40 38.06 13.30 5.01
C SER N 40 39.52 13.15 5.40
N ARG N 41 39.80 12.32 6.41
CA ARG N 41 41.19 12.06 6.78
C ARG N 41 41.94 11.37 5.65
N LEU N 42 41.33 10.36 5.01
CA LEU N 42 42.02 9.68 3.92
C LEU N 42 42.14 10.56 2.68
N LEU N 43 41.21 11.51 2.51
CA LEU N 43 41.33 12.47 1.45
C LEU N 43 42.59 13.31 1.62
N LYS N 44 43.04 13.52 2.86
CA LYS N 44 44.33 14.18 3.09
C LYS N 44 45.49 13.34 2.57
N GLU N 45 45.31 12.02 2.44
CA GLU N 45 46.30 11.19 1.80
C GLU N 45 46.08 11.06 0.30
N ARG N 46 45.18 11.87 -0.26
CA ARG N 46 44.84 11.87 -1.69
C ARG N 46 44.14 10.56 -2.10
N ILE N 47 43.42 9.95 -1.18
CA ILE N 47 42.62 8.76 -1.46
C ILE N 47 41.17 9.17 -1.66
N VAL N 48 40.61 8.78 -2.80
CA VAL N 48 39.22 9.04 -3.15
C VAL N 48 38.55 7.69 -3.36
N PHE N 49 37.37 7.48 -2.75
CA PHE N 49 36.63 6.24 -2.92
C PHE N 49 35.44 6.44 -3.83
N LEU N 50 35.19 5.44 -4.67
CA LEU N 50 33.91 5.23 -5.36
C LEU N 50 33.34 3.92 -4.84
N VAL N 51 32.27 3.98 -4.07
CA VAL N 51 31.69 2.79 -3.45
C VAL N 51 30.20 2.72 -3.77
N GLY N 52 29.75 1.59 -4.31
CA GLY N 52 28.35 1.41 -4.62
C GLY N 52 28.00 2.01 -5.96
N PRO N 53 26.70 2.11 -6.25
CA PRO N 53 26.25 2.52 -7.58
C PRO N 53 26.75 3.91 -7.97
N VAL N 54 27.04 4.07 -9.26
CA VAL N 54 27.45 5.35 -9.83
C VAL N 54 26.17 6.09 -10.20
N THR N 55 25.92 7.19 -9.51
CA THR N 55 24.78 8.06 -9.76
C THR N 55 25.33 9.45 -10.01
N ASP N 56 24.45 10.37 -10.41
CA ASP N 56 24.89 11.76 -10.55
C ASP N 56 25.52 12.27 -9.26
N GLU N 57 24.91 11.94 -8.13
CA GLU N 57 25.36 12.44 -6.83
C GLU N 57 26.68 11.79 -6.42
N SER N 58 26.80 10.46 -6.54
CA SER N 58 28.04 9.82 -6.10
C SER N 58 29.18 10.13 -7.06
N ALA N 59 28.88 10.22 -8.36
CA ALA N 59 29.92 10.56 -9.33
C ALA N 59 30.42 11.99 -9.15
N ASN N 60 29.52 12.93 -8.93
CA ASN N 60 29.98 14.32 -8.78
C ASN N 60 30.75 14.52 -7.49
N LEU N 61 30.41 13.76 -6.45
CA LEU N 61 31.22 13.80 -5.23
C LEU N 61 32.65 13.38 -5.54
N VAL N 62 32.82 12.36 -6.37
CA VAL N 62 34.16 11.96 -6.81
C VAL N 62 34.79 13.10 -7.61
N VAL N 63 34.04 13.69 -8.55
CA VAL N 63 34.56 14.81 -9.33
C VAL N 63 35.05 15.92 -8.41
N ALA N 64 34.22 16.31 -7.44
CA ALA N 64 34.58 17.39 -6.53
C ALA N 64 35.89 17.08 -5.80
N GLN N 65 36.03 15.83 -5.32
CA GLN N 65 37.26 15.45 -4.63
C GLN N 65 38.46 15.48 -5.56
N LEU N 66 38.30 15.02 -6.81
CA LEU N 66 39.41 15.07 -7.75
C LEU N 66 39.83 16.51 -8.02
N LEU N 67 38.88 17.40 -8.25
CA LEU N 67 39.22 18.80 -8.47
C LEU N 67 39.88 19.40 -7.23
N PHE N 68 39.34 19.08 -6.04
CA PHE N 68 39.92 19.58 -4.81
C PHE N 68 41.38 19.14 -4.67
N LEU N 69 41.65 17.86 -4.89
CA LEU N 69 43.02 17.37 -4.74
C LEU N 69 43.95 18.00 -5.76
N GLU N 70 43.49 18.18 -7.01
CA GLU N 70 44.34 18.88 -7.98
C GLU N 70 44.65 20.29 -7.50
N SER N 71 43.64 20.99 -6.97
CA SER N 71 43.86 22.34 -6.47
C SER N 71 44.84 22.36 -5.30
N GLU N 72 44.80 21.35 -4.42
CA GLU N 72 45.74 21.29 -3.32
C GLU N 72 47.15 21.05 -3.81
N ASN N 73 47.30 20.18 -4.79
CA ASN N 73 48.62 19.90 -5.37
C ASN N 73 48.42 19.29 -6.76
N PRO N 74 48.72 20.05 -7.82
CA PRO N 74 48.42 19.55 -9.19
C PRO N 74 49.39 18.49 -9.67
N ASP N 75 50.45 18.18 -8.93
CA ASP N 75 51.50 17.30 -9.44
C ASP N 75 51.53 15.92 -8.79
N LYS N 76 50.88 15.76 -7.66
CA LYS N 76 50.99 14.53 -6.89
C LYS N 76 49.92 13.55 -7.31
N ASP N 77 50.28 12.28 -7.37
CA ASP N 77 49.31 11.25 -7.72
C ASP N 77 48.07 11.29 -6.84
N ILE N 78 46.94 10.89 -7.43
CA ILE N 78 45.70 10.64 -6.71
C ILE N 78 45.42 9.15 -6.76
N PHE N 79 44.90 8.61 -5.64
CA PHE N 79 44.62 7.18 -5.53
C PHE N 79 43.12 6.98 -5.45
N PHE N 80 42.55 6.39 -6.51
CA PHE N 80 41.12 6.27 -6.72
C PHE N 80 40.74 4.80 -6.47
N TYR N 81 40.14 4.52 -5.30
CA TYR N 81 39.78 3.17 -4.91
C TYR N 81 38.34 2.90 -5.33
N ILE N 82 38.12 1.81 -6.06
CA ILE N 82 36.84 1.52 -6.69
C ILE N 82 36.27 0.23 -6.14
N ASN N 83 35.09 0.29 -5.53
CA ASN N 83 34.29 -0.88 -5.18
C ASN N 83 32.86 -0.58 -5.62
N SER N 84 32.55 -0.92 -6.88
CA SER N 84 31.28 -0.46 -7.43
C SER N 84 30.68 -1.47 -8.39
N PRO N 85 29.36 -1.63 -8.38
CA PRO N 85 28.67 -2.46 -9.39
C PRO N 85 28.34 -1.74 -10.68
N GLY N 86 28.71 -0.48 -10.84
CA GLY N 86 28.37 0.28 -12.02
C GLY N 86 27.22 1.25 -11.78
N GLY N 87 26.59 1.68 -12.87
CA GLY N 87 25.48 2.60 -12.79
C GLY N 87 25.38 3.46 -14.06
N SER N 88 25.04 4.72 -13.83
CA SER N 88 24.76 5.65 -14.92
C SER N 88 25.98 5.92 -15.79
N VAL N 89 25.78 5.80 -17.11
CA VAL N 89 26.88 6.03 -18.05
C VAL N 89 27.33 7.48 -18.01
N THR N 90 26.38 8.44 -18.07
CA THR N 90 26.80 9.84 -18.10
C THR N 90 27.46 10.25 -16.79
N ALA N 91 26.97 9.74 -15.66
CA ALA N 91 27.62 10.03 -14.39
C ALA N 91 29.04 9.49 -14.38
N GLY N 92 29.23 8.27 -14.86
CA GLY N 92 30.57 7.71 -14.95
C GLY N 92 31.48 8.51 -15.87
N MET N 93 30.94 9.01 -16.98
CA MET N 93 31.77 9.81 -17.88
C MET N 93 32.22 11.11 -17.22
N SER N 94 31.42 11.68 -16.32
CA SER N 94 31.89 12.88 -15.64
C SER N 94 33.14 12.59 -14.81
N ILE N 95 33.18 11.43 -14.17
CA ILE N 95 34.40 11.02 -13.47
C ILE N 95 35.53 10.79 -14.47
N TYR N 96 35.24 10.02 -15.52
CA TYR N 96 36.23 9.66 -16.54
C TYR N 96 36.89 10.88 -17.16
N ASP N 97 36.08 11.83 -17.63
CA ASP N 97 36.63 13.03 -18.24
C ASP N 97 37.37 13.88 -17.20
N THR N 98 36.92 13.88 -15.95
CA THR N 98 37.66 14.63 -14.93
C THR N 98 39.00 13.96 -14.64
N MET N 99 39.04 12.62 -14.57
CA MET N 99 40.31 11.92 -14.40
C MET N 99 41.32 12.32 -15.48
N ASN N 100 40.88 12.37 -16.72
CA ASN N 100 41.78 12.71 -17.83
C ASN N 100 42.07 14.19 -17.90
N PHE N 101 41.16 15.03 -17.39
CA PHE N 101 41.32 16.48 -17.48
C PHE N 101 42.35 17.00 -16.48
N ILE N 102 42.28 16.56 -15.21
CA ILE N 102 43.14 17.15 -14.18
C ILE N 102 44.59 16.77 -14.42
N LYS N 103 45.51 17.57 -13.86
CA LYS N 103 46.93 17.36 -14.10
C LYS N 103 47.47 16.11 -13.38
N PRO N 104 47.12 15.85 -12.11
CA PRO N 104 47.69 14.67 -11.42
C PRO N 104 47.36 13.37 -12.12
N ASP N 105 48.30 12.42 -12.08
CA ASP N 105 47.96 11.04 -12.40
C ASP N 105 46.92 10.53 -11.42
N VAL N 106 45.91 9.84 -11.94
CA VAL N 106 44.92 9.12 -11.12
C VAL N 106 45.22 7.63 -11.19
N SER N 107 45.77 7.10 -10.12
CA SER N 107 45.97 5.67 -9.96
C SER N 107 44.65 5.03 -9.54
N THR N 108 44.33 3.88 -10.09
CA THR N 108 43.07 3.22 -9.71
C THR N 108 43.39 1.90 -9.01
N LEU N 109 42.50 1.50 -8.10
CA LEU N 109 42.63 0.25 -7.38
C LEU N 109 41.25 -0.38 -7.26
N CYS N 110 41.12 -1.63 -7.70
CA CYS N 110 39.89 -2.39 -7.52
C CYS N 110 39.95 -3.13 -6.19
N LEU N 111 39.00 -2.86 -5.31
CA LEU N 111 38.82 -3.65 -4.10
C LEU N 111 37.37 -4.14 -4.07
N GLY N 112 37.19 -5.42 -3.78
CA GLY N 112 35.87 -5.97 -3.86
C GLY N 112 35.48 -6.20 -5.30
N GLN N 113 34.89 -5.20 -5.97
CA GLN N 113 34.56 -5.40 -7.37
C GLN N 113 34.54 -4.08 -8.13
N ALA N 114 34.76 -4.20 -9.44
CA ALA N 114 34.57 -3.09 -10.36
C ALA N 114 33.83 -3.67 -11.56
N ALA N 115 32.52 -3.40 -11.64
CA ALA N 115 31.67 -3.94 -12.70
C ALA N 115 31.08 -2.82 -13.55
N SER N 116 30.97 -3.07 -14.85
CA SER N 116 30.34 -2.16 -15.79
C SER N 116 31.07 -0.84 -15.71
N MET N 117 30.39 0.29 -15.44
CA MET N 117 31.06 1.58 -15.35
C MET N 117 32.19 1.56 -14.32
N GLY N 118 32.06 0.74 -13.27
CA GLY N 118 33.17 0.61 -12.32
C GLY N 118 34.43 0.04 -12.96
N ALA N 119 34.27 -0.99 -13.79
CA ALA N 119 35.40 -1.54 -14.52
C ALA N 119 35.91 -0.55 -15.56
N PHE N 120 35.02 0.23 -16.18
CA PHE N 120 35.45 1.26 -17.11
C PHE N 120 36.39 2.25 -16.44
N LEU N 121 35.99 2.76 -15.27
CA LEU N 121 36.83 3.72 -14.54
C LEU N 121 38.13 3.07 -14.05
N LEU N 122 38.06 1.83 -13.57
CA LEU N 122 39.28 1.12 -13.17
C LEU N 122 40.30 1.12 -14.32
N SER N 123 39.86 0.75 -15.53
CA SER N 123 40.74 0.63 -16.67
C SER N 123 41.22 1.98 -17.17
N ALA N 124 40.57 3.06 -16.76
CA ALA N 124 40.91 4.42 -17.18
C ALA N 124 42.00 5.04 -16.33
N GLY N 125 42.40 4.39 -15.25
CA GLY N 125 43.47 4.92 -14.44
C GLY N 125 44.72 5.13 -15.27
N GLU N 126 45.62 5.97 -14.76
CA GLU N 126 46.87 6.23 -15.45
C GLU N 126 47.57 4.92 -15.78
N LYS N 127 47.93 4.71 -17.05
CA LYS N 127 48.49 3.41 -17.43
C LYS N 127 49.81 3.12 -16.72
N GLY N 128 49.93 1.89 -16.22
CA GLY N 128 50.99 1.54 -15.31
C GLY N 128 50.61 1.68 -13.85
N LYS N 129 49.53 2.40 -13.56
CA LYS N 129 49.12 2.66 -12.18
C LYS N 129 47.68 2.19 -11.94
N ARG N 130 47.25 1.15 -12.66
CA ARG N 130 45.94 0.53 -12.48
C ARG N 130 46.13 -0.80 -11.78
N PHE N 131 45.50 -0.98 -10.61
CA PHE N 131 45.75 -2.12 -9.75
C PHE N 131 44.45 -2.83 -9.33
N ALA N 132 44.59 -4.09 -8.95
CA ALA N 132 43.51 -4.80 -8.31
C ALA N 132 44.07 -5.58 -7.14
N LEU N 133 43.27 -5.73 -6.09
CA LEU N 133 43.64 -6.62 -5.01
C LEU N 133 43.40 -8.07 -5.44
N PRO N 134 44.06 -9.04 -4.79
CA PRO N 134 44.09 -10.39 -5.37
C PRO N 134 42.72 -11.05 -5.57
N ASN N 135 41.74 -10.81 -4.71
CA ASN N 135 40.46 -11.49 -4.88
C ASN N 135 39.36 -10.55 -5.35
N SER N 136 39.73 -9.39 -5.87
CA SER N 136 38.72 -8.55 -6.48
C SER N 136 38.23 -9.19 -7.77
N ARG N 137 37.07 -8.76 -8.23
CA ARG N 137 36.58 -9.24 -9.50
C ARG N 137 36.17 -8.08 -10.40
N ILE N 138 36.33 -8.29 -11.70
CA ILE N 138 35.94 -7.35 -12.74
C ILE N 138 34.80 -7.94 -13.54
N MET N 139 33.92 -7.06 -14.03
CA MET N 139 32.93 -7.55 -14.97
C MET N 139 32.64 -6.47 -16.00
N ILE N 140 32.57 -6.87 -17.26
CA ILE N 140 32.27 -5.92 -18.32
C ILE N 140 31.07 -6.42 -19.10
N HIS N 141 30.31 -5.47 -19.66
CA HIS N 141 29.14 -5.87 -20.43
C HIS N 141 28.66 -4.64 -21.21
N GLN N 142 27.70 -4.88 -22.10
CA GLN N 142 27.17 -3.80 -22.90
C GLN N 142 26.15 -2.99 -22.10
N PRO N 143 25.81 -1.80 -22.58
CA PRO N 143 24.86 -0.95 -21.84
C PRO N 143 23.52 -1.63 -21.64
N LEU N 144 22.89 -1.26 -20.53
CA LEU N 144 21.58 -1.72 -20.08
C LEU N 144 20.72 -0.51 -19.82
N ILE N 145 19.41 -0.67 -19.96
CA ILE N 145 18.46 0.35 -19.54
C ILE N 145 17.42 -0.31 -18.65
N SER N 146 16.98 0.41 -17.62
CA SER N 146 16.11 -0.18 -16.60
C SER N 146 14.67 -0.32 -17.11
N GLY N 147 14.00 0.82 -17.33
CA GLY N 147 12.62 0.81 -17.75
C GLY N 147 12.38 0.20 -19.12
N LEU N 149 9.95 7.07 -19.45
CA LEU N 149 9.65 5.83 -20.15
C LEU N 149 8.60 6.00 -21.24
N GLY N 150 8.55 5.04 -22.15
CA GLY N 150 7.55 5.03 -23.21
C GLY N 150 7.76 6.11 -24.25
N GLY N 151 6.94 6.04 -25.28
CA GLY N 151 6.83 7.12 -26.24
C GLY N 151 6.49 6.58 -27.60
N GLN N 152 6.49 7.50 -28.56
CA GLN N 152 6.20 7.16 -29.94
C GLN N 152 7.38 6.41 -30.55
N ALA N 153 7.09 5.62 -31.58
CA ALA N 153 8.14 4.90 -32.28
C ALA N 153 9.28 5.83 -32.70
N SER N 154 8.96 7.06 -33.15
CA SER N 154 10.00 8.02 -33.51
C SER N 154 10.95 8.29 -32.33
N ASP N 155 10.40 8.44 -31.12
CA ASP N 155 11.23 8.72 -29.96
C ASP N 155 12.04 7.50 -29.55
N ILE N 156 11.43 6.33 -29.63
CA ILE N 156 12.14 5.10 -29.28
C ILE N 156 13.30 4.90 -30.24
N GLU N 157 13.11 5.20 -31.53
CA GLU N 157 14.21 5.11 -32.48
C GLU N 157 15.34 6.04 -32.10
N ILE N 158 15.00 7.28 -31.75
CA ILE N 158 16.02 8.25 -31.38
C ILE N 158 16.84 7.71 -30.22
N HIS N 159 16.16 7.18 -29.20
CA HIS N 159 16.87 6.74 -28.00
C HIS N 159 17.62 5.45 -28.22
N ALA N 160 17.08 4.54 -29.03
CA ALA N 160 17.83 3.34 -29.36
C ALA N 160 19.11 3.69 -30.11
N ARG N 161 19.03 4.63 -31.05
CA ARG N 161 20.24 5.02 -31.78
C ARG N 161 21.28 5.59 -30.83
N GLU N 162 20.85 6.41 -29.87
CA GLU N 162 21.78 7.00 -28.91
C GLU N 162 22.42 5.94 -28.03
N LEU N 163 21.63 4.92 -27.64
CA LEU N 163 22.17 3.83 -26.85
C LEU N 163 23.19 3.04 -27.65
N LEU N 164 22.94 2.86 -28.95
CA LEU N 164 23.91 2.13 -29.76
C LEU N 164 25.20 2.93 -29.94
N LYS N 165 25.10 4.24 -30.09
CA LYS N 165 26.30 5.08 -30.13
C LYS N 165 27.07 5.00 -28.82
N ILE N 166 26.36 5.02 -27.69
CA ILE N 166 27.00 4.84 -26.40
C ILE N 166 27.72 3.50 -26.35
N LYS N 167 27.05 2.44 -26.79
CA LYS N 167 27.65 1.12 -26.77
C LYS N 167 28.98 1.11 -27.53
N GLU N 168 28.98 1.65 -28.75
CA GLU N 168 30.20 1.66 -29.56
C GLU N 168 31.28 2.55 -28.96
N LYS N 169 30.91 3.74 -28.48
CA LYS N 169 31.92 4.60 -27.88
C LYS N 169 32.60 3.92 -26.69
N LEU N 170 31.81 3.27 -25.82
CA LEU N 170 32.38 2.60 -24.66
C LEU N 170 33.28 1.43 -25.08
N ASN N 171 32.88 0.68 -26.10
CA ASN N 171 33.74 -0.38 -26.61
C ASN N 171 35.04 0.18 -27.17
N ARG N 172 34.96 1.31 -27.89
CA ARG N 172 36.16 1.94 -28.46
C ARG N 172 37.09 2.46 -27.38
N LEU N 173 36.53 3.16 -26.38
CA LEU N 173 37.35 3.66 -25.28
C LEU N 173 37.93 2.51 -24.45
N MET N 174 37.13 1.47 -24.19
CA MET N 174 37.60 0.33 -23.41
C MET N 174 38.73 -0.39 -24.14
N ALA N 175 38.59 -0.55 -25.45
CA ALA N 175 39.65 -1.15 -26.24
C ALA N 175 40.94 -0.34 -26.15
N LYS N 176 40.84 0.98 -26.18
CA LYS N 176 42.02 1.82 -26.04
C LYS N 176 42.67 1.63 -24.67
N HIS N 177 41.88 1.66 -23.60
CA HIS N 177 42.41 1.43 -22.25
C HIS N 177 43.13 0.09 -22.14
N CYS N 178 42.55 -0.94 -22.73
CA CYS N 178 43.05 -2.30 -22.56
C CYS N 178 44.10 -2.68 -23.58
N ASP N 179 44.41 -1.78 -24.51
CA ASP N 179 45.33 -2.04 -25.61
C ASP N 179 44.86 -3.26 -26.39
N ARG N 180 43.58 -3.27 -26.72
CA ARG N 180 42.88 -4.36 -27.40
C ARG N 180 42.09 -3.78 -28.56
N ASP N 181 41.56 -4.67 -29.40
CA ASP N 181 40.74 -4.23 -30.51
C ASP N 181 39.28 -4.01 -30.13
N LEU N 182 38.67 -3.04 -30.80
CA LEU N 182 37.24 -2.82 -30.68
C LEU N 182 36.42 -4.09 -30.89
N ALA N 183 36.77 -4.89 -31.91
CA ALA N 183 35.99 -6.11 -32.17
C ALA N 183 36.08 -7.08 -30.99
N ASP N 184 37.24 -7.13 -30.34
CA ASP N 184 37.39 -7.95 -29.13
C ASP N 184 36.44 -7.49 -28.04
N LEU N 185 36.40 -6.19 -27.77
CA LEU N 185 35.53 -5.67 -26.72
C LEU N 185 34.07 -5.94 -27.04
N GLU N 186 33.69 -5.77 -28.31
CA GLU N 186 32.32 -6.07 -28.74
C GLU N 186 31.97 -7.52 -28.45
N ARG N 187 32.87 -8.43 -28.84
CA ARG N 187 32.62 -9.85 -28.61
C ARG N 187 32.55 -10.16 -27.11
N ASP N 188 33.42 -9.55 -26.31
CA ASP N 188 33.57 -9.95 -24.91
C ASP N 188 32.62 -9.23 -23.96
N THR N 189 31.86 -8.25 -24.43
CA THR N 189 30.88 -7.54 -23.61
C THR N 189 29.45 -7.84 -24.03
N ASP N 190 29.25 -8.78 -24.96
CA ASP N 190 27.89 -9.03 -25.44
C ASP N 190 26.98 -9.48 -24.29
N ARG N 191 27.52 -10.28 -23.37
CA ARG N 191 26.85 -10.62 -22.12
C ARG N 191 27.84 -10.40 -20.99
N ASP N 192 27.33 -10.47 -19.75
CA ASP N 192 28.18 -10.26 -18.58
C ASP N 192 29.44 -11.12 -18.64
N ASN N 193 30.60 -10.47 -18.49
CA ASN N 193 31.89 -11.17 -18.60
C ASN N 193 32.65 -10.91 -17.29
N PHE N 194 32.62 -11.90 -16.39
CA PHE N 194 33.33 -11.79 -15.12
C PHE N 194 34.79 -12.19 -15.30
N MET N 195 35.68 -11.45 -14.62
CA MET N 195 37.11 -11.73 -14.68
C MET N 195 37.72 -11.69 -13.30
N SER N 196 38.58 -12.68 -13.03
CA SER N 196 39.43 -12.61 -11.86
C SER N 196 40.44 -11.48 -12.06
N ALA N 197 41.20 -11.19 -11.02
CA ALA N 197 42.23 -10.16 -11.13
C ALA N 197 43.25 -10.53 -12.20
N GLU N 198 43.73 -11.79 -12.18
CA GLU N 198 44.72 -12.22 -13.18
C GLU N 198 44.14 -12.17 -14.60
N GLU N 199 42.87 -12.57 -14.77
CA GLU N 199 42.26 -12.45 -16.09
C GLU N 199 42.16 -10.99 -16.51
N ALA N 200 41.82 -10.10 -15.57
CA ALA N 200 41.72 -8.68 -15.88
C ALA N 200 43.08 -8.12 -16.26
N LYS N 201 44.15 -8.57 -15.60
CA LYS N 201 45.49 -8.14 -15.97
C LYS N 201 45.86 -8.64 -17.36
N GLU N 202 45.60 -9.92 -17.63
CA GLU N 202 45.85 -10.44 -18.97
C GLU N 202 45.01 -9.72 -20.02
N TYR N 203 43.77 -9.36 -19.68
CA TYR N 203 42.94 -8.66 -20.65
C TYR N 203 43.50 -7.27 -20.97
N GLY N 204 44.20 -6.65 -20.04
CA GLY N 204 44.67 -5.28 -20.21
C GLY N 204 43.91 -4.23 -19.44
N LEU N 205 42.95 -4.61 -18.59
CA LEU N 205 42.18 -3.63 -17.84
C LEU N 205 42.99 -3.04 -16.69
N ILE N 206 43.90 -3.83 -16.11
CA ILE N 206 44.77 -3.37 -15.04
C ILE N 206 46.20 -3.74 -15.40
N ASP N 207 47.13 -3.13 -14.66
CA ASP N 207 48.55 -3.34 -14.84
C ASP N 207 49.13 -4.35 -13.85
N GLN N 208 48.74 -4.32 -12.58
CA GLN N 208 49.37 -5.21 -11.60
C GLN N 208 48.33 -5.63 -10.57
N ILE N 209 48.52 -6.83 -10.05
CA ILE N 209 47.76 -7.32 -8.91
C ILE N 209 48.64 -7.13 -7.68
N LEU N 210 48.10 -6.47 -6.67
CA LEU N 210 48.85 -6.15 -5.46
C LEU N 210 48.37 -7.02 -4.30
N GLU N 211 49.23 -7.94 -3.85
CA GLU N 211 49.00 -8.65 -2.61
C GLU N 211 49.37 -7.77 -1.42
N ASN N 212 50.47 -7.02 -1.55
CA ASN N 212 50.91 -6.02 -0.57
C ASN N 212 51.82 -5.06 -1.32
N ARG N 213 52.48 -4.16 -0.59
CA ARG N 213 53.30 -3.17 -1.30
C ARG N 213 54.57 -3.75 -1.90
N ALA N 214 54.86 -5.04 -1.73
CA ALA N 214 56.03 -5.62 -2.36
C ALA N 214 55.71 -6.21 -3.73
N SER N 215 54.44 -6.34 -4.10
CA SER N 215 54.09 -6.75 -5.45
C SER N 215 54.59 -5.75 -6.49
C02 A1BMH O . 5.70 -29.46 1.00
C03 A1BMH O . 4.47 -30.30 1.35
C04 A1BMH O . 3.66 -29.89 2.63
C06 A1BMH O . 3.12 -30.27 5.10
C07 A1BMH O . 3.88 -30.85 6.29
C08 A1BMH O . 3.86 -30.24 7.69
C10 A1BMH O . 5.17 -29.59 9.77
C11 A1BMH O . 4.77 -28.15 9.64
C15 A1BMH O . 1.72 -30.91 5.02
C16 A1BMH O . 0.56 -29.91 4.85
C17 A1BMH O . -0.47 -29.82 6.02
C18 A1BMH O . -1.61 -28.83 5.65
C19 A1BMH O . -1.87 -27.61 6.55
C21 A1BMH O . 5.31 -28.41 -0.05
C22 A1BMH O . 4.51 -27.32 0.70
C23 A1BMH O . 3.36 -26.72 -0.11
C24 A1BMH O . 2.57 -25.70 0.70
C25 A1BMH O . 2.36 -24.36 -0.01
N01 A1BMH O . 6.86 -30.23 0.58
N05 A1BMH O . 3.86 -30.57 3.89
N09 A1BMH O . 5.11 -30.16 8.45
O12 A1BMH O . 4.78 -27.40 10.59
O13 A1BMH O . 4.41 -27.65 8.58
O14 A1BMH O . 2.88 -29.89 8.16
O20 A1BMH O . 2.90 -29.06 2.57
C02 A1BMH P . -7.63 -22.87 18.25
C03 A1BMH P . -8.76 -22.48 19.19
C04 A1BMH P . -9.75 -21.36 18.79
C06 A1BMH P . -11.49 -19.63 19.77
C07 A1BMH P . -12.43 -19.75 20.98
C08 A1BMH P . -12.99 -18.55 21.78
C10 A1BMH P . -12.63 -16.86 23.75
C11 A1BMH P . -12.32 -15.59 22.98
C15 A1BMH P . -12.33 -19.82 18.49
C16 A1BMH P . -13.87 -19.73 18.77
C17 A1BMH P . -14.66 -18.74 17.89
C18 A1BMH P . -15.83 -18.03 18.56
C19 A1BMH P . -15.99 -16.60 18.10
C21 A1BMH P . -7.99 -22.78 16.75
C22 A1BMH P . -7.13 -23.81 15.92
C23 A1BMH P . -6.29 -23.13 14.85
C24 A1BMH P . -4.81 -23.50 14.88
C25 A1BMH P . -3.94 -22.41 14.21
N01 A1BMH P . -7.39 -24.23 18.50
N05 A1BMH P . -10.49 -20.67 19.89
N09 A1BMH P . -12.23 -17.99 22.91
O12 A1BMH P . -12.16 -15.65 21.74
O13 A1BMH P . -12.22 -14.52 23.57
O14 A1BMH P . -14.04 -18.12 21.54
O20 A1BMH P . -9.89 -21.10 17.66
C02 A1BMH Q . -22.71 -3.94 20.24
C03 A1BMH Q . -23.92 -3.08 19.88
C04 A1BMH Q . -23.80 -2.22 18.57
C06 A1BMH Q . -24.46 0.09 17.49
C07 A1BMH Q . -25.50 1.17 17.87
C08 A1BMH Q . -25.77 2.51 17.12
C10 A1BMH Q . -25.97 5.06 17.25
C11 A1BMH Q . -24.80 5.38 16.34
C15 A1BMH Q . -24.87 -0.61 16.18
C16 A1BMH Q . -23.65 -0.85 15.25
C17 A1BMH Q . -23.58 0.13 14.03
C18 A1BMH Q . -22.14 0.68 13.79
C19 A1BMH Q . -21.66 0.48 12.34
C21 A1BMH Q . -22.56 -5.24 19.39
C22 A1BMH Q . -21.12 -5.61 18.88
C23 A1BMH Q . -20.55 -6.92 19.49
C24 A1BMH Q . -19.04 -7.11 19.17
C25 A1BMH Q . -18.19 -7.72 20.32
N01 A1BMH Q . -22.96 -4.40 21.58
N05 A1BMH Q . -24.43 -0.86 18.59
N09 A1BMH Q . -25.72 3.78 17.89
O12 A1BMH Q . -24.04 4.44 15.99
O13 A1BMH Q . -24.61 6.56 15.93
O14 A1BMH Q . -26.05 2.55 15.97
O20 A1BMH Q . -23.24 -2.69 17.63
C02 A1BMH R . -0.18 1.79 -30.34
C03 A1BMH R . 0.95 1.10 -31.09
C04 A1BMH R . 1.52 -0.11 -30.32
C06 A1BMH R . 2.67 -2.34 -30.12
C07 A1BMH R . 3.76 -3.10 -30.85
C08 A1BMH R . 4.53 -4.27 -30.20
C10 A1BMH R . 6.36 -5.19 -28.83
C11 A1BMH R . 7.84 -4.91 -28.87
C15 A1BMH R . 1.53 -3.33 -29.92
C16 A1BMH R . 0.41 -2.82 -29.01
C17 A1BMH R . 0.25 -3.69 -27.73
C18 A1BMH R . 0.50 -2.95 -26.41
C19 A1BMH R . 1.87 -2.25 -26.34
C21 A1BMH R . -1.10 0.71 -29.70
C22 A1BMH R . -1.32 0.83 -28.17
C23 A1BMH R . -1.98 2.15 -27.76
C24 A1BMH R . -3.04 2.71 -28.70
C25 A1BMH R . -3.22 4.24 -28.51
N01 A1BMH R . -0.94 2.53 -31.26
N05 A1BMH R . 2.20 -1.24 -30.94
N09 A1BMH R . 5.71 -4.03 -29.37
O12 A1BMH R . 8.46 -4.90 -27.82
O13 A1BMH R . 8.40 -4.63 -29.95
O14 A1BMH R . 4.19 -5.37 -30.40
O20 A1BMH R . 1.41 -0.13 -29.16
C02 A1BMH S . -2.59 2.29 30.45
C03 A1BMH S . -1.93 0.97 30.94
C04 A1BMH S . -0.82 0.23 30.16
C06 A1BMH S . 0.60 -1.93 29.96
C07 A1BMH S . 0.60 -3.32 30.63
C08 A1BMH S . 1.73 -4.37 30.38
C10 A1BMH S . 2.47 -6.63 29.47
C11 A1BMH S . 1.86 -8.04 29.51
C15 A1BMH S . 2.01 -1.30 30.06
C16 A1BMH S . 2.40 -0.40 28.86
C17 A1BMH S . 3.38 -1.03 27.83
C18 A1BMH S . 3.41 -0.23 26.50
C19 A1BMH S . 4.16 -0.98 25.37
C21 A1BMH S . -2.05 2.96 29.15
C22 A1BMH S . -2.39 4.49 29.18
C23 A1BMH S . -2.90 5.06 27.85
C24 A1BMH S . -4.38 4.71 27.61
C25 A1BMH S . -5.28 5.96 27.43
N01 A1BMH S . -2.42 3.26 31.49
N05 A1BMH S . -0.44 -1.13 30.62
N09 A1BMH S . 1.42 -5.64 29.69
O12 A1BMH S . 2.10 -8.83 28.56
O13 A1BMH S . 1.12 -8.39 30.47
O14 A1BMH S . 2.83 -4.18 30.79
O20 A1BMH S . -0.27 0.73 29.23
#